data_9LRJ
#
_entry.id   9LRJ
#
_cell.length_a   87.716
_cell.length_b   171.782
_cell.length_c   153.378
_cell.angle_alpha   90.00
_cell.angle_beta   93.35
_cell.angle_gamma   90.00
#
_symmetry.space_group_name_H-M   'P 1 21 1'
#
loop_
_entity.id
_entity.type
_entity.pdbx_description
1 polymer Glycosyltransferase
2 non-polymer "URIDINE-5'-DIPHOSPHATE-2-DEOXY-2-FLUORO-ALPHA-D-GLUCOSE"
3 non-polymer 7-hydroxy-6-methoxy-2H-1-benzopyran-2-one
#
_entity_poly.entity_id   1
_entity_poly.type   'polypeptide(L)'
_entity_poly.pdbx_seq_one_letter_code
;GPLGSSQLHVAIVSSPGMGHLIPVLVLGNRLATHHNIKITILAITTTSSSAETEFLKKTTLTNEEKTIEIIPVPSVDISH
LINSSTKIFTQLRLLVREALPKIHSTIASMTHRPDALIVDIFCTQILPIAEEFNISKYTYHPTTAWTLALAIYCQVFDKE
IEGEYVELKEPLKIPGCKALRPDDVVDPLLDRSDQQYEEYVKLGKEYTDFDGILINTWEDLEPETINALRYNEKLRLLLK
VPVFPIGPLRRKVETTLNDEVIQWLDKQNNESVLFVSFGSGGTLSTKQMTELAWGLELSQQKFVWVVRPPSDGDADSAYL
NSAGKDTRDMSEYLPEGFLTRTKDMGLVVPMWANQVEILSHSSVGGFLTHCGWNSTVESLTNGVPMIAWPLHAEQKMNAA
MLTEELGVAIRPAVLPTKKLVKREEIQGMVRILMQTKEGKRIKEKAKKLKKSAENALSDGGSSYNSICELVKDIRSREL
;
_entity_poly.pdbx_strand_id   A,B,C,D,E,F,G
#
loop_
_chem_comp.id
_chem_comp.type
_chem_comp.name
_chem_comp.formula
T83 non-polymer 7-hydroxy-6-methoxy-2H-1-benzopyran-2-one 'C10 H8 O4'
U2F non-polymer URIDINE-5'-DIPHOSPHATE-2-DEOXY-2-FLUORO-ALPHA-D-GLUCOSE 'C15 H23 F N2 O16 P2'
#
# COMPACT_ATOMS: atom_id res chain seq x y z
N LEU A 8 23.98 -63.63 -1.86
CA LEU A 8 24.49 -62.38 -2.40
C LEU A 8 23.39 -61.40 -2.76
N HIS A 9 23.75 -60.11 -2.70
CA HIS A 9 22.91 -59.01 -3.09
C HIS A 9 23.56 -58.29 -4.27
N VAL A 10 22.83 -58.12 -5.37
CA VAL A 10 23.27 -57.25 -6.44
C VAL A 10 22.19 -56.22 -6.71
N ALA A 11 22.61 -54.98 -7.01
CA ALA A 11 21.70 -53.92 -7.40
C ALA A 11 21.94 -53.57 -8.87
N ILE A 12 20.89 -53.65 -9.69
CA ILE A 12 21.02 -53.37 -11.11
C ILE A 12 20.35 -52.03 -11.42
N VAL A 13 21.08 -51.18 -12.15
CA VAL A 13 20.60 -49.84 -12.46
C VAL A 13 20.08 -49.78 -13.89
N SER A 14 18.84 -49.31 -14.04
CA SER A 14 18.19 -49.17 -15.34
C SER A 14 18.04 -47.71 -15.73
N SER A 15 18.13 -47.43 -17.04
CA SER A 15 17.92 -46.10 -17.58
C SER A 15 16.42 -45.84 -17.75
N PRO A 16 15.97 -44.65 -18.21
CA PRO A 16 14.56 -44.27 -18.14
C PRO A 16 13.53 -45.00 -19.00
N GLY A 17 13.78 -45.28 -20.29
CA GLY A 17 12.76 -45.89 -21.14
C GLY A 17 12.56 -47.39 -20.95
N MET A 18 11.34 -47.84 -21.24
CA MET A 18 10.94 -49.24 -21.18
C MET A 18 11.95 -50.16 -21.87
N GLY A 19 12.43 -49.72 -23.05
CA GLY A 19 13.40 -50.49 -23.81
C GLY A 19 14.69 -50.80 -23.06
N HIS A 20 14.98 -49.99 -22.03
CA HIS A 20 16.14 -50.18 -21.16
C HIS A 20 15.79 -50.84 -19.84
N LEU A 21 14.52 -50.74 -19.42
CA LEU A 21 14.04 -51.33 -18.18
C LEU A 21 13.88 -52.85 -18.32
N ILE A 22 13.20 -53.27 -19.40
CA ILE A 22 12.85 -54.67 -19.56
C ILE A 22 14.09 -55.56 -19.58
N PRO A 23 15.14 -55.24 -20.35
CA PRO A 23 16.34 -56.06 -20.38
C PRO A 23 17.00 -56.23 -19.00
N VAL A 24 16.90 -55.17 -18.19
CA VAL A 24 17.44 -55.20 -16.85
C VAL A 24 16.60 -56.13 -15.97
N LEU A 25 15.28 -56.09 -16.18
CA LEU A 25 14.38 -57.00 -15.49
C LEU A 25 14.66 -58.45 -15.82
N VAL A 26 14.92 -58.74 -17.10
CA VAL A 26 15.12 -60.11 -17.54
C VAL A 26 16.41 -60.63 -16.93
N LEU A 27 17.42 -59.75 -16.81
CA LEU A 27 18.67 -60.11 -16.16
C LEU A 27 18.42 -60.42 -14.68
N GLY A 28 17.72 -59.49 -14.01
CA GLY A 28 17.35 -59.67 -12.62
C GLY A 28 16.64 -60.99 -12.36
N ASN A 29 15.61 -61.28 -13.16
CA ASN A 29 14.83 -62.49 -13.02
C ASN A 29 15.69 -63.74 -13.23
N ARG A 30 16.55 -63.70 -14.24
CA ARG A 30 17.46 -64.79 -14.54
C ARG A 30 18.36 -65.11 -13.34
N LEU A 31 19.04 -64.07 -12.83
CA LEU A 31 19.95 -64.23 -11.71
C LEU A 31 19.21 -64.75 -10.48
N ALA A 32 18.07 -64.14 -10.19
CA ALA A 32 17.30 -64.46 -8.99
C ALA A 32 16.84 -65.91 -8.99
N THR A 33 16.20 -66.31 -10.09
CA THR A 33 15.67 -67.66 -10.24
C THR A 33 16.79 -68.70 -10.30
N HIS A 34 17.66 -68.57 -11.29
CA HIS A 34 18.68 -69.61 -11.54
C HIS A 34 19.89 -69.50 -10.62
N HIS A 35 20.10 -68.40 -9.93
CA HIS A 35 21.36 -68.32 -9.14
C HIS A 35 21.10 -67.89 -7.70
N ASN A 36 19.84 -67.94 -7.24
CA ASN A 36 19.50 -67.63 -5.81
C ASN A 36 20.15 -66.36 -5.28
N ILE A 37 20.45 -65.39 -6.15
CA ILE A 37 21.22 -64.19 -5.72
C ILE A 37 20.10 -63.13 -5.59
N LYS A 38 19.94 -62.56 -4.39
CA LYS A 38 18.93 -61.50 -4.15
C LYS A 38 19.17 -60.25 -5.00
N ILE A 39 18.17 -59.77 -5.72
CA ILE A 39 18.49 -58.64 -6.65
C ILE A 39 17.55 -57.45 -6.37
N THR A 40 18.00 -56.24 -6.72
CA THR A 40 17.18 -55.03 -6.56
C THR A 40 17.46 -54.15 -7.74
N ILE A 41 16.41 -53.69 -8.44
CA ILE A 41 16.61 -52.90 -9.68
C ILE A 41 16.34 -51.42 -9.37
N LEU A 42 17.34 -50.58 -9.54
CA LEU A 42 17.14 -49.12 -9.33
C LEU A 42 16.74 -48.55 -10.69
N ALA A 43 15.45 -48.31 -10.89
CA ALA A 43 14.95 -47.87 -12.18
C ALA A 43 14.85 -46.35 -12.19
N ILE A 44 15.66 -45.72 -13.06
CA ILE A 44 15.61 -44.26 -13.16
C ILE A 44 14.40 -43.94 -14.02
N THR A 45 13.51 -43.08 -13.49
CA THR A 45 12.27 -42.75 -14.18
C THR A 45 12.42 -41.39 -14.84
N THR A 46 11.38 -40.99 -15.58
CA THR A 46 11.45 -39.74 -16.37
C THR A 46 10.91 -38.61 -15.54
N THR A 47 10.17 -38.92 -14.48
CA THR A 47 9.57 -37.88 -13.65
C THR A 47 8.92 -36.89 -14.58
N SER A 48 8.13 -37.37 -15.54
CA SER A 48 7.49 -36.49 -16.55
C SER A 48 6.50 -37.30 -17.37
N SER A 49 7.01 -38.13 -18.29
CA SER A 49 6.11 -38.89 -19.19
C SER A 49 5.64 -40.02 -18.26
N SER A 50 6.54 -40.90 -17.79
CA SER A 50 6.16 -41.93 -16.80
C SER A 50 5.14 -42.92 -17.39
N ALA A 51 5.31 -43.31 -18.64
CA ALA A 51 4.42 -44.34 -19.24
C ALA A 51 4.96 -45.73 -18.90
N GLU A 52 5.96 -45.78 -18.00
CA GLU A 52 6.51 -47.07 -17.53
C GLU A 52 6.29 -47.12 -16.03
N THR A 53 5.86 -46.00 -15.44
CA THR A 53 5.66 -45.95 -13.98
C THR A 53 4.42 -46.73 -13.63
N GLU A 54 3.49 -46.89 -14.57
CA GLU A 54 2.32 -47.76 -14.28
C GLU A 54 2.81 -49.21 -14.31
N PHE A 55 3.79 -49.51 -15.15
CA PHE A 55 4.37 -50.88 -15.17
C PHE A 55 5.00 -51.11 -13.81
N LEU A 56 5.54 -50.04 -13.20
CA LEU A 56 6.08 -50.16 -11.83
C LEU A 56 4.93 -50.61 -10.92
N LYS A 57 3.78 -49.93 -10.99
CA LYS A 57 2.63 -50.40 -10.18
C LYS A 57 2.40 -51.90 -10.46
N LYS A 58 2.25 -52.27 -11.73
CA LYS A 58 1.95 -53.69 -12.06
C LYS A 58 3.02 -54.59 -11.42
N THR A 59 4.28 -54.14 -11.40
CA THR A 59 5.36 -54.98 -10.86
C THR A 59 5.40 -54.83 -9.35
N THR A 60 4.82 -53.78 -8.77
CA THR A 60 4.75 -53.69 -7.29
C THR A 60 3.88 -54.78 -6.73
N LEU A 61 3.26 -55.59 -7.59
CA LEU A 61 2.29 -56.60 -7.09
C LEU A 61 2.88 -58.01 -6.89
N THR A 62 3.71 -58.49 -7.81
CA THR A 62 4.16 -59.91 -7.69
C THR A 62 5.62 -60.12 -7.26
N ASN A 63 6.29 -59.07 -6.77
CA ASN A 63 7.72 -59.15 -6.36
C ASN A 63 7.99 -60.46 -5.60
N GLU A 64 9.09 -61.14 -5.94
CA GLU A 64 9.40 -62.45 -5.29
C GLU A 64 10.07 -62.20 -3.93
N THR A 67 13.99 -60.58 -3.42
CA THR A 67 14.51 -60.43 -4.80
C THR A 67 13.45 -59.73 -5.62
N ILE A 68 13.69 -59.51 -6.92
CA ILE A 68 12.69 -58.72 -7.69
C ILE A 68 12.17 -57.56 -6.85
N GLU A 69 13.06 -56.82 -6.18
CA GLU A 69 12.57 -55.62 -5.46
C GLU A 69 12.88 -54.38 -6.31
N ILE A 70 11.85 -53.65 -6.72
CA ILE A 70 12.07 -52.50 -7.58
C ILE A 70 12.11 -51.24 -6.72
N ILE A 71 13.12 -50.41 -6.96
CA ILE A 71 13.23 -49.10 -6.35
C ILE A 71 13.15 -48.06 -7.47
N PRO A 72 12.04 -47.29 -7.55
CA PRO A 72 11.98 -46.17 -8.46
C PRO A 72 12.88 -45.01 -8.00
N VAL A 73 13.60 -44.42 -8.95
CA VAL A 73 14.41 -43.25 -8.67
C VAL A 73 13.93 -42.13 -9.59
N PRO A 74 13.41 -41.01 -9.04
CA PRO A 74 12.95 -39.91 -9.88
C PRO A 74 14.08 -39.15 -10.57
N SER A 75 13.85 -38.74 -11.82
CA SER A 75 14.75 -37.83 -12.51
C SER A 75 14.37 -36.39 -12.21
N VAL A 76 14.99 -35.45 -12.95
CA VAL A 76 14.62 -34.05 -12.95
C VAL A 76 14.01 -33.72 -14.31
N ASP A 77 13.40 -32.52 -14.43
CA ASP A 77 13.10 -31.90 -15.70
C ASP A 77 14.36 -31.27 -16.32
N ILE A 78 14.76 -31.78 -17.49
CA ILE A 78 16.03 -31.41 -18.11
C ILE A 78 15.87 -30.52 -19.34
N SER A 79 14.66 -29.98 -19.59
CA SER A 79 14.42 -29.11 -20.71
C SER A 79 15.37 -27.93 -20.82
N HIS A 80 16.09 -27.67 -19.72
CA HIS A 80 17.06 -26.55 -19.67
C HIS A 80 18.41 -26.97 -20.23
N LEU A 81 18.60 -28.27 -20.44
CA LEU A 81 19.93 -28.75 -20.90
C LEU A 81 19.79 -29.35 -22.30
N ILE A 82 18.59 -29.30 -22.87
CA ILE A 82 18.37 -29.93 -24.20
C ILE A 82 17.78 -28.90 -25.19
N ASN A 83 17.66 -29.29 -26.46
CA ASN A 83 17.12 -28.41 -27.53
C ASN A 83 16.57 -29.33 -28.64
N SER A 84 15.57 -28.87 -29.38
CA SER A 84 14.94 -29.68 -30.46
C SER A 84 16.04 -30.51 -31.11
N SER A 85 17.17 -29.89 -31.42
CA SER A 85 18.24 -30.56 -32.14
C SER A 85 19.10 -31.55 -31.36
N THR A 86 19.00 -31.54 -30.02
CA THR A 86 19.74 -32.48 -29.21
C THR A 86 19.21 -33.89 -29.43
N LYS A 87 20.12 -34.86 -29.58
CA LYS A 87 19.75 -36.22 -29.92
C LYS A 87 19.57 -37.11 -28.69
N ILE A 88 18.87 -38.23 -28.90
CA ILE A 88 18.41 -39.07 -27.80
C ILE A 88 19.57 -39.61 -26.96
N PHE A 89 20.66 -40.00 -27.63
CA PHE A 89 21.82 -40.56 -26.93
C PHE A 89 22.28 -39.61 -25.83
N THR A 90 22.51 -38.34 -26.20
CA THR A 90 22.95 -37.33 -25.25
C THR A 90 21.86 -37.06 -24.22
N GLN A 91 20.60 -37.07 -24.66
CA GLN A 91 19.48 -36.89 -23.75
C GLN A 91 19.60 -37.86 -22.58
N LEU A 92 19.70 -39.16 -22.89
CA LEU A 92 19.87 -40.18 -21.88
C LEU A 92 21.06 -39.85 -20.98
N ARG A 93 22.18 -39.53 -21.60
CA ARG A 93 23.40 -39.17 -20.88
C ARG A 93 23.18 -38.07 -19.83
N LEU A 94 22.42 -37.04 -20.20
CA LEU A 94 22.22 -35.90 -19.27
C LEU A 94 21.27 -36.33 -18.17
N LEU A 95 20.17 -36.96 -18.54
CA LEU A 95 19.19 -37.44 -17.54
C LEU A 95 19.88 -38.13 -16.37
N VAL A 96 20.70 -39.13 -16.68
CA VAL A 96 21.41 -39.89 -15.62
C VAL A 96 22.34 -38.86 -14.99
N ARG A 97 23.14 -38.20 -15.80
CA ARG A 97 24.13 -37.30 -15.23
C ARG A 97 23.54 -36.46 -14.09
N GLU A 98 22.35 -35.89 -14.34
CA GLU A 98 21.70 -35.04 -13.35
C GLU A 98 21.00 -35.84 -12.25
N ALA A 99 20.71 -37.12 -12.53
CA ALA A 99 20.14 -38.02 -11.54
C ALA A 99 21.17 -38.54 -10.55
N LEU A 100 22.46 -38.42 -10.90
CA LEU A 100 23.57 -38.87 -10.05
C LEU A 100 23.38 -38.66 -8.54
N PRO A 101 23.03 -37.45 -8.06
CA PRO A 101 22.84 -37.23 -6.62
C PRO A 101 21.76 -38.11 -6.02
N LYS A 102 20.66 -38.29 -6.77
CA LYS A 102 19.54 -39.08 -6.32
C LYS A 102 19.96 -40.55 -6.20
N ILE A 103 20.77 -41.03 -7.15
CA ILE A 103 21.30 -42.39 -7.07
C ILE A 103 22.16 -42.48 -5.81
N HIS A 104 23.06 -41.51 -5.64
CA HIS A 104 23.96 -41.47 -4.49
C HIS A 104 23.17 -41.62 -3.19
N SER A 105 22.08 -40.85 -3.08
CA SER A 105 21.24 -40.91 -1.89
C SER A 105 20.53 -42.25 -1.71
N THR A 106 19.99 -42.81 -2.81
CA THR A 106 19.24 -44.05 -2.74
C THR A 106 20.11 -45.25 -2.34
N ILE A 107 21.35 -45.29 -2.85
CA ILE A 107 22.28 -46.33 -2.44
C ILE A 107 22.69 -46.12 -0.98
N ALA A 108 22.87 -44.86 -0.57
CA ALA A 108 22.92 -44.54 0.85
C ALA A 108 21.47 -44.70 1.34
N SER A 109 21.30 -45.23 2.54
CA SER A 109 19.98 -45.63 3.03
C SER A 109 19.51 -46.96 2.44
N MET A 110 20.42 -47.66 1.74
CA MET A 110 20.23 -49.08 1.45
C MET A 110 20.25 -49.95 2.71
N THR A 111 19.17 -50.70 2.90
CA THR A 111 18.96 -51.51 4.10
C THR A 111 20.04 -52.56 4.35
N HIS A 112 20.35 -53.38 3.34
CA HIS A 112 21.59 -54.15 3.32
C HIS A 112 22.27 -53.58 2.08
N ARG A 113 23.51 -53.11 2.25
CA ARG A 113 24.40 -52.79 1.14
C ARG A 113 24.49 -53.90 0.09
N PRO A 114 24.63 -53.54 -1.21
CA PRO A 114 24.56 -54.49 -2.29
C PRO A 114 25.72 -55.42 -2.49
N ASP A 115 26.94 -54.97 -2.17
CA ASP A 115 28.15 -55.77 -2.50
C ASP A 115 28.54 -55.68 -3.98
N ALA A 116 27.64 -55.20 -4.85
CA ALA A 116 27.93 -55.18 -6.31
C ALA A 116 26.97 -54.20 -7.01
N LEU A 117 27.57 -53.27 -7.80
CA LEU A 117 26.85 -52.23 -8.58
C LEU A 117 26.73 -52.70 -10.01
N ILE A 118 26.05 -51.98 -10.92
CA ILE A 118 25.68 -52.55 -12.16
C ILE A 118 25.28 -51.35 -12.99
N VAL A 119 25.69 -51.29 -14.23
CA VAL A 119 25.25 -50.05 -14.91
C VAL A 119 24.75 -50.45 -16.30
N ASP A 120 23.69 -49.80 -16.77
CA ASP A 120 23.27 -50.06 -18.17
C ASP A 120 24.24 -49.24 -19.04
N ILE A 121 24.25 -49.51 -20.35
CA ILE A 121 25.15 -48.75 -21.27
C ILE A 121 25.13 -47.26 -20.89
N PHE A 122 23.96 -46.72 -20.55
CA PHE A 122 23.84 -45.26 -20.26
C PHE A 122 24.16 -44.93 -18.81
N CYS A 123 24.06 -45.90 -17.90
CA CYS A 123 24.28 -45.53 -16.51
C CYS A 123 25.73 -45.69 -16.08
N THR A 124 26.66 -45.67 -17.04
CA THR A 124 28.08 -45.79 -16.80
C THR A 124 28.67 -44.69 -15.91
N GLN A 125 27.96 -43.56 -15.81
CA GLN A 125 28.54 -42.41 -15.09
C GLN A 125 28.29 -42.59 -13.59
N ILE A 126 27.84 -43.78 -13.19
CA ILE A 126 27.61 -44.06 -11.76
C ILE A 126 28.93 -44.59 -11.18
N LEU A 127 29.84 -45.01 -12.06
CA LEU A 127 31.17 -45.51 -11.61
C LEU A 127 31.64 -44.70 -10.40
N PRO A 128 31.67 -43.36 -10.41
CA PRO A 128 32.03 -42.55 -9.21
C PRO A 128 31.41 -43.09 -7.93
N ILE A 129 30.09 -43.27 -7.89
CA ILE A 129 29.48 -43.65 -6.59
C ILE A 129 29.71 -45.15 -6.28
N ALA A 130 30.16 -45.95 -7.24
CA ALA A 130 30.55 -47.32 -6.94
C ALA A 130 31.92 -47.34 -6.28
N GLU A 131 32.84 -46.51 -6.79
CA GLU A 131 34.17 -46.43 -6.20
C GLU A 131 34.09 -45.87 -4.77
N GLU A 132 33.26 -44.83 -4.55
CA GLU A 132 32.94 -44.36 -3.22
C GLU A 132 32.15 -45.57 -2.70
N PHE A 133 32.13 -45.79 -1.40
CA PHE A 133 31.44 -46.93 -0.80
C PHE A 133 32.05 -48.26 -1.22
N ASN A 134 33.04 -48.22 -2.12
CA ASN A 134 33.89 -49.35 -2.43
C ASN A 134 33.09 -50.62 -2.75
N ILE A 135 32.34 -50.58 -3.86
CA ILE A 135 31.52 -51.70 -4.27
C ILE A 135 31.89 -52.15 -5.67
N SER A 136 31.84 -53.47 -5.88
CA SER A 136 32.07 -54.10 -7.16
C SER A 136 31.16 -53.55 -8.25
N LYS A 137 31.77 -53.22 -9.39
CA LYS A 137 31.11 -52.47 -10.45
C LYS A 137 31.22 -53.19 -11.80
N TYR A 138 30.08 -53.43 -12.48
CA TYR A 138 30.07 -53.99 -13.81
C TYR A 138 29.10 -53.23 -14.72
N THR A 139 29.36 -53.27 -16.03
CA THR A 139 28.42 -52.72 -16.99
C THR A 139 27.73 -53.83 -17.78
N TYR A 140 26.49 -53.56 -18.20
CA TYR A 140 25.72 -54.45 -19.04
C TYR A 140 25.56 -53.82 -20.42
N HIS A 141 26.34 -54.33 -21.38
CA HIS A 141 26.18 -53.98 -22.78
C HIS A 141 25.12 -54.91 -23.39
N PRO A 142 23.86 -54.44 -23.57
CA PRO A 142 22.77 -55.33 -23.95
C PRO A 142 22.58 -55.54 -25.45
N THR A 143 23.68 -55.55 -26.21
CA THR A 143 23.64 -55.92 -27.61
C THR A 143 25.04 -56.40 -28.01
N THR A 144 25.28 -56.51 -29.32
CA THR A 144 26.41 -57.26 -29.84
C THR A 144 27.80 -56.99 -29.30
N ALA A 145 28.65 -58.03 -29.30
CA ALA A 145 30.05 -57.89 -28.95
C ALA A 145 30.75 -56.97 -29.94
N TRP A 146 30.31 -57.03 -31.21
CA TRP A 146 30.89 -56.22 -32.27
C TRP A 146 30.78 -54.73 -31.95
N THR A 147 29.59 -54.30 -31.50
CA THR A 147 29.35 -52.90 -31.18
C THR A 147 30.12 -52.48 -29.94
N LEU A 148 30.32 -53.43 -29.01
CA LEU A 148 31.18 -53.17 -27.86
C LEU A 148 32.60 -52.87 -28.32
N ALA A 149 33.15 -53.77 -29.13
CA ALA A 149 34.48 -53.61 -29.69
C ALA A 149 34.63 -52.26 -30.39
N LEU A 150 33.59 -51.89 -31.17
CA LEU A 150 33.58 -50.60 -31.83
C LEU A 150 33.71 -49.50 -30.80
N ALA A 151 32.79 -49.47 -29.82
CA ALA A 151 32.77 -48.43 -28.81
C ALA A 151 34.12 -48.23 -28.13
N ILE A 152 34.76 -49.33 -27.71
CA ILE A 152 36.01 -49.25 -26.99
C ILE A 152 37.11 -48.74 -27.92
N TYR A 153 37.24 -49.34 -29.12
CA TYR A 153 38.31 -48.96 -30.04
C TYR A 153 38.04 -47.62 -30.75
N CYS A 154 36.88 -47.02 -30.50
CA CYS A 154 36.49 -45.78 -31.14
C CYS A 154 37.40 -44.62 -30.75
N GLN A 155 37.94 -44.69 -29.52
CA GLN A 155 38.87 -43.70 -29.02
C GLN A 155 40.16 -43.63 -29.85
N VAL A 156 40.54 -44.78 -30.43
CA VAL A 156 41.72 -44.85 -31.29
C VAL A 156 41.39 -44.32 -32.69
N PHE A 157 40.26 -44.77 -33.24
CA PHE A 157 39.76 -44.27 -34.51
C PHE A 157 39.67 -42.74 -34.53
N ASP A 158 39.23 -42.17 -33.39
CA ASP A 158 39.14 -40.73 -33.21
C ASP A 158 40.43 -40.02 -33.64
N LYS A 159 41.57 -40.57 -33.21
CA LYS A 159 42.86 -40.00 -33.50
C LYS A 159 43.42 -40.41 -34.85
N GLU A 160 43.13 -41.65 -35.27
CA GLU A 160 43.65 -42.18 -36.52
C GLU A 160 43.00 -41.54 -37.75
N ILE A 161 41.66 -41.38 -37.70
CA ILE A 161 40.96 -40.80 -38.84
C ILE A 161 40.72 -39.32 -38.55
N GLU A 162 40.94 -38.48 -39.58
CA GLU A 162 40.54 -37.09 -39.59
C GLU A 162 39.37 -37.13 -40.56
N GLY A 163 38.52 -36.11 -40.55
CA GLY A 163 37.31 -36.11 -41.36
C GLY A 163 36.22 -37.06 -40.84
N GLU A 164 35.09 -37.06 -41.55
CA GLU A 164 33.89 -37.73 -41.10
C GLU A 164 33.94 -39.19 -41.53
N TYR A 165 33.70 -40.11 -40.58
CA TYR A 165 33.69 -41.55 -40.81
C TYR A 165 32.85 -42.00 -42.01
N VAL A 166 31.70 -41.33 -42.20
CA VAL A 166 30.70 -41.78 -43.16
C VAL A 166 31.13 -41.62 -44.62
N GLU A 167 32.19 -40.84 -44.87
CA GLU A 167 32.63 -40.55 -46.23
C GLU A 167 33.80 -41.40 -46.69
N LEU A 168 34.25 -42.33 -45.83
CA LEU A 168 35.46 -43.11 -46.09
C LEU A 168 35.19 -44.11 -47.22
N LYS A 169 36.23 -44.35 -48.03
CA LYS A 169 36.16 -45.31 -49.13
C LYS A 169 36.62 -46.71 -48.72
N GLU A 170 37.22 -46.79 -47.53
CA GLU A 170 37.73 -48.06 -47.01
C GLU A 170 36.97 -48.42 -45.74
N PRO A 171 36.63 -49.72 -45.52
CA PRO A 171 36.02 -50.14 -44.27
C PRO A 171 36.91 -49.89 -43.05
N LEU A 172 36.26 -49.70 -41.90
CA LEU A 172 36.95 -49.54 -40.63
C LEU A 172 37.34 -50.93 -40.12
N LYS A 173 38.62 -51.09 -39.81
CA LYS A 173 39.17 -52.37 -39.34
C LYS A 173 39.32 -52.33 -37.83
N ILE A 174 38.46 -53.06 -37.13
CA ILE A 174 38.56 -53.19 -35.69
C ILE A 174 39.50 -54.37 -35.42
N PRO A 175 40.56 -54.20 -34.59
CA PRO A 175 41.48 -55.29 -34.35
C PRO A 175 40.73 -56.56 -33.94
N GLY A 176 40.86 -57.61 -34.75
CA GLY A 176 40.26 -58.91 -34.43
C GLY A 176 38.87 -59.09 -34.99
N CYS A 177 38.08 -58.03 -35.00
CA CYS A 177 36.65 -58.19 -35.38
C CYS A 177 36.43 -57.87 -36.87
N LYS A 178 35.19 -57.98 -37.33
CA LYS A 178 34.83 -57.79 -38.76
C LYS A 178 35.14 -56.38 -39.25
N ALA A 179 35.01 -56.18 -40.56
CA ALA A 179 35.28 -54.87 -41.13
C ALA A 179 33.97 -54.11 -41.22
N LEU A 180 33.95 -52.89 -40.67
CA LEU A 180 32.72 -52.11 -40.60
C LEU A 180 32.64 -51.16 -41.80
N ARG A 181 31.65 -51.39 -42.67
CA ARG A 181 31.42 -50.55 -43.82
C ARG A 181 30.92 -49.18 -43.36
N PRO A 182 31.47 -48.07 -43.91
CA PRO A 182 31.18 -46.74 -43.39
C PRO A 182 29.70 -46.42 -43.25
N ASP A 183 28.88 -46.94 -44.18
CA ASP A 183 27.45 -46.68 -44.16
C ASP A 183 26.74 -47.33 -42.98
N ASP A 184 27.29 -48.43 -42.47
CA ASP A 184 26.63 -49.20 -41.41
C ASP A 184 27.10 -48.82 -40.01
N VAL A 185 27.68 -47.62 -39.86
CA VAL A 185 28.12 -47.12 -38.56
C VAL A 185 26.96 -46.79 -37.63
N VAL A 186 27.22 -46.87 -36.32
CA VAL A 186 26.26 -46.49 -35.30
C VAL A 186 25.91 -45.02 -35.43
N ASP A 187 24.70 -44.64 -34.98
CA ASP A 187 24.22 -43.28 -35.10
C ASP A 187 25.20 -42.21 -34.59
N PRO A 188 25.83 -42.38 -33.41
CA PRO A 188 26.78 -41.40 -32.90
C PRO A 188 27.90 -41.01 -33.86
N LEU A 189 28.29 -41.94 -34.75
CA LEU A 189 29.40 -41.70 -35.67
C LEU A 189 28.98 -41.08 -37.00
N LEU A 190 27.69 -40.74 -37.15
CA LEU A 190 27.20 -40.10 -38.36
C LEU A 190 27.71 -38.67 -38.48
N ASP A 191 27.82 -37.97 -37.35
CA ASP A 191 28.32 -36.60 -37.32
C ASP A 191 29.19 -36.39 -36.09
N ARG A 192 30.46 -36.07 -36.34
CA ARG A 192 31.45 -35.87 -35.31
C ARG A 192 31.30 -34.53 -34.61
N SER A 193 30.67 -33.57 -35.30
CA SER A 193 30.42 -32.26 -34.73
C SER A 193 29.25 -32.27 -33.75
N ASP A 194 28.53 -33.38 -33.64
CA ASP A 194 27.38 -33.47 -32.76
C ASP A 194 27.84 -34.05 -31.44
N GLN A 195 27.31 -33.51 -30.34
CA GLN A 195 27.74 -33.82 -28.98
C GLN A 195 27.67 -35.31 -28.63
N GLN A 196 26.77 -36.04 -29.31
CA GLN A 196 26.59 -37.45 -29.04
C GLN A 196 27.84 -38.26 -29.38
N TYR A 197 28.61 -37.78 -30.37
CA TYR A 197 29.88 -38.41 -30.72
C TYR A 197 30.85 -38.39 -29.55
N GLU A 198 31.06 -37.21 -28.97
CA GLU A 198 31.94 -37.04 -27.82
C GLU A 198 31.47 -37.91 -26.65
N GLU A 199 30.15 -37.94 -26.44
CA GLU A 199 29.56 -38.80 -25.42
C GLU A 199 29.86 -40.27 -25.71
N TYR A 200 29.78 -40.64 -26.99
CA TYR A 200 30.02 -42.02 -27.41
C TYR A 200 31.43 -42.47 -27.08
N VAL A 201 32.44 -41.69 -27.50
CA VAL A 201 33.83 -42.05 -27.26
C VAL A 201 34.09 -42.07 -25.76
N LYS A 202 33.47 -41.12 -25.03
CA LYS A 202 33.53 -41.08 -23.58
C LYS A 202 33.00 -42.37 -22.97
N LEU A 203 31.88 -42.87 -23.54
CA LEU A 203 31.27 -44.11 -23.08
C LEU A 203 32.25 -45.27 -23.30
N GLY A 204 32.82 -45.35 -24.50
CA GLY A 204 33.82 -46.35 -24.83
C GLY A 204 34.93 -46.43 -23.77
N LYS A 205 35.41 -45.26 -23.33
CA LYS A 205 36.44 -45.19 -22.30
C LYS A 205 35.92 -45.63 -20.94
N GLU A 206 34.68 -45.24 -20.61
CA GLU A 206 34.10 -45.54 -19.31
C GLU A 206 33.98 -47.05 -19.10
N TYR A 207 33.60 -47.77 -20.16
CA TYR A 207 33.52 -49.22 -20.10
C TYR A 207 34.73 -49.83 -19.39
N THR A 208 35.92 -49.54 -19.94
CA THR A 208 37.15 -50.17 -19.47
C THR A 208 37.43 -49.99 -17.97
N ASP A 209 36.81 -48.96 -17.36
CA ASP A 209 37.03 -48.67 -15.96
C ASP A 209 36.29 -49.60 -15.00
N PHE A 210 35.29 -50.33 -15.51
CA PHE A 210 34.54 -51.27 -14.70
C PHE A 210 35.32 -52.55 -14.45
N ASP A 211 34.82 -53.36 -13.52
CA ASP A 211 35.47 -54.61 -13.12
C ASP A 211 35.11 -55.79 -14.03
N GLY A 212 34.27 -55.54 -15.04
CA GLY A 212 33.84 -56.57 -15.97
C GLY A 212 32.63 -56.13 -16.79
N ILE A 213 32.49 -56.68 -18.00
CA ILE A 213 31.44 -56.25 -18.91
C ILE A 213 30.57 -57.41 -19.36
N LEU A 214 29.28 -57.33 -19.03
CA LEU A 214 28.28 -58.32 -19.43
C LEU A 214 27.81 -57.94 -20.83
N ILE A 215 27.55 -58.95 -21.67
CA ILE A 215 27.07 -58.74 -23.02
C ILE A 215 26.00 -59.79 -23.27
N ASN A 216 24.80 -59.35 -23.67
CA ASN A 216 23.72 -60.27 -23.98
C ASN A 216 23.90 -60.85 -25.39
N THR A 217 25.00 -61.58 -25.59
CA THR A 217 25.19 -62.45 -26.74
C THR A 217 25.67 -63.79 -26.18
N TRP A 218 26.15 -64.67 -27.07
CA TRP A 218 26.81 -65.88 -26.65
C TRP A 218 27.93 -66.28 -27.61
N GLU A 219 28.87 -67.08 -27.10
CA GLU A 219 30.11 -67.38 -27.79
C GLU A 219 29.88 -67.86 -29.22
N ASP A 220 28.94 -68.80 -29.38
CA ASP A 220 28.70 -69.43 -30.67
C ASP A 220 28.22 -68.41 -31.71
N LEU A 221 27.60 -67.32 -31.26
CA LEU A 221 27.14 -66.28 -32.17
C LEU A 221 28.31 -65.48 -32.74
N GLU A 222 29.17 -64.98 -31.84
CA GLU A 222 30.28 -64.12 -32.23
C GLU A 222 31.61 -64.63 -31.67
N PRO A 223 32.09 -65.82 -32.09
CA PRO A 223 33.27 -66.43 -31.47
C PRO A 223 34.55 -65.61 -31.66
N GLU A 224 34.76 -65.11 -32.88
CA GLU A 224 35.96 -64.36 -33.22
C GLU A 224 36.01 -63.04 -32.46
N THR A 225 34.87 -62.33 -32.44
CA THR A 225 34.79 -61.02 -31.82
C THR A 225 35.05 -61.12 -30.31
N ILE A 226 34.45 -62.12 -29.66
CA ILE A 226 34.64 -62.32 -28.23
C ILE A 226 36.09 -62.70 -27.96
N ASN A 227 36.63 -63.62 -28.75
CA ASN A 227 38.03 -64.01 -28.62
C ASN A 227 38.95 -62.81 -28.83
N ALA A 228 38.59 -61.94 -29.78
CA ALA A 228 39.32 -60.69 -29.99
C ALA A 228 39.33 -59.84 -28.73
N LEU A 229 38.14 -59.64 -28.14
CA LEU A 229 38.01 -58.88 -26.90
C LEU A 229 38.87 -59.47 -25.78
N ARG A 230 38.96 -60.80 -25.74
CA ARG A 230 39.72 -61.49 -24.71
C ARG A 230 41.23 -61.45 -24.92
N TYR A 231 41.67 -61.56 -26.18
CA TYR A 231 43.07 -61.86 -26.46
C TYR A 231 43.82 -60.97 -27.46
N ASN A 232 43.10 -60.29 -28.37
CA ASN A 232 43.78 -59.42 -29.32
C ASN A 232 44.63 -58.40 -28.57
N GLU A 233 45.91 -58.31 -28.96
CA GLU A 233 46.87 -57.50 -28.23
C GLU A 233 46.44 -56.03 -28.27
N LYS A 234 46.20 -55.50 -29.46
CA LYS A 234 45.89 -54.05 -29.59
C LYS A 234 44.67 -53.72 -28.74
N LEU A 235 43.69 -54.61 -28.71
CA LEU A 235 42.44 -54.32 -27.97
C LEU A 235 42.73 -54.44 -26.46
N ARG A 236 43.40 -55.51 -26.05
CA ARG A 236 43.68 -55.77 -24.64
C ARG A 236 44.57 -54.69 -24.01
N LEU A 237 45.22 -53.87 -24.85
CA LEU A 237 45.89 -52.68 -24.38
C LEU A 237 44.90 -51.68 -23.79
N LEU A 238 43.65 -51.74 -24.28
CA LEU A 238 42.59 -50.84 -23.84
C LEU A 238 41.67 -51.44 -22.79
N LEU A 239 41.36 -52.74 -22.89
CA LEU A 239 40.28 -53.35 -22.13
C LEU A 239 40.73 -53.76 -20.71
N LYS A 240 41.56 -54.81 -20.61
CA LYS A 240 42.18 -55.24 -19.36
C LYS A 240 41.28 -55.81 -18.26
N VAL A 241 40.01 -56.10 -18.55
CA VAL A 241 39.11 -56.72 -17.58
C VAL A 241 38.27 -57.79 -18.28
N PRO A 242 37.67 -58.77 -17.56
CA PRO A 242 36.92 -59.84 -18.21
C PRO A 242 35.63 -59.40 -18.90
N VAL A 243 35.19 -60.23 -19.86
CA VAL A 243 33.92 -60.08 -20.55
C VAL A 243 33.05 -61.30 -20.22
N PHE A 244 31.73 -61.08 -20.16
CA PHE A 244 30.78 -62.11 -19.77
C PHE A 244 29.63 -62.22 -20.76
N PRO A 245 29.75 -63.05 -21.81
CA PRO A 245 28.62 -63.40 -22.66
C PRO A 245 27.58 -64.25 -21.94
N ILE A 246 26.46 -63.63 -21.56
CA ILE A 246 25.47 -64.26 -20.69
C ILE A 246 24.13 -64.51 -21.37
N GLY A 247 24.04 -64.17 -22.66
CA GLY A 247 22.80 -64.23 -23.41
C GLY A 247 22.59 -65.55 -24.15
N PRO A 248 21.57 -65.67 -25.03
CA PRO A 248 20.59 -64.61 -25.25
C PRO A 248 19.45 -64.60 -24.23
N LEU A 249 19.32 -63.48 -23.50
CA LEU A 249 18.25 -63.31 -22.53
C LEU A 249 17.07 -62.59 -23.19
N ARG A 250 15.86 -62.92 -22.74
CA ARG A 250 14.65 -62.33 -23.30
C ARG A 250 13.45 -62.50 -22.38
N ARG A 251 12.39 -61.73 -22.66
CA ARG A 251 11.14 -61.79 -21.93
C ARG A 251 10.57 -63.20 -21.90
N LYS A 252 9.78 -63.48 -20.87
CA LYS A 252 9.07 -64.75 -20.76
C LYS A 252 7.73 -64.65 -21.50
N VAL A 253 7.23 -65.81 -21.95
CA VAL A 253 5.96 -65.90 -22.64
C VAL A 253 4.84 -65.96 -21.61
N GLU A 254 3.65 -65.44 -21.97
CA GLU A 254 2.52 -65.41 -21.05
C GLU A 254 1.62 -66.04 -22.12
N THR A 255 1.30 -67.33 -21.91
CA THR A 255 0.53 -68.15 -22.85
C THR A 255 -0.93 -67.65 -22.80
N THR A 256 -1.25 -66.79 -23.77
CA THR A 256 -2.33 -65.83 -23.67
C THR A 256 -3.63 -66.32 -24.33
N LEU A 257 -4.74 -65.93 -23.73
CA LEU A 257 -6.04 -66.50 -24.02
C LEU A 257 -7.05 -65.85 -24.96
N ASN A 258 -7.44 -64.60 -24.63
CA ASN A 258 -8.49 -63.89 -25.30
C ASN A 258 -7.78 -62.66 -25.90
N ASP A 259 -6.63 -62.89 -26.54
CA ASP A 259 -6.00 -61.89 -27.38
C ASP A 259 -6.32 -62.29 -28.81
N GLU A 260 -6.99 -61.41 -29.55
CA GLU A 260 -7.54 -61.73 -30.85
C GLU A 260 -6.50 -61.93 -31.95
N VAL A 261 -5.30 -61.39 -31.74
CA VAL A 261 -4.19 -61.59 -32.65
C VAL A 261 -3.83 -63.08 -32.62
N ILE A 262 -3.64 -63.61 -31.42
CA ILE A 262 -3.28 -65.01 -31.24
C ILE A 262 -4.40 -65.92 -31.76
N GLN A 263 -5.66 -65.50 -31.57
CA GLN A 263 -6.79 -66.27 -32.07
C GLN A 263 -6.85 -66.25 -33.60
N TRP A 264 -6.53 -65.10 -34.20
CA TRP A 264 -6.36 -65.01 -35.65
C TRP A 264 -5.29 -65.99 -36.10
N LEU A 265 -4.09 -65.84 -35.51
CA LEU A 265 -2.95 -66.67 -35.83
C LEU A 265 -3.27 -68.17 -35.72
N ASP A 266 -4.08 -68.54 -34.73
CA ASP A 266 -4.48 -69.93 -34.54
C ASP A 266 -5.21 -70.53 -35.74
N LYS A 267 -5.83 -69.67 -36.55
CA LYS A 267 -6.58 -70.12 -37.72
C LYS A 267 -5.72 -70.22 -38.98
N GLN A 268 -4.44 -69.84 -38.88
CA GLN A 268 -3.55 -69.85 -40.02
C GLN A 268 -2.65 -71.09 -40.02
N ASN A 269 -2.02 -71.35 -41.17
CA ASN A 269 -1.13 -72.50 -41.33
C ASN A 269 0.23 -72.21 -40.70
N ASN A 270 1.02 -73.27 -40.53
CA ASN A 270 2.32 -73.15 -39.86
C ASN A 270 3.27 -72.32 -40.72
N GLU A 271 4.07 -71.47 -40.05
CA GLU A 271 5.07 -70.65 -40.68
C GLU A 271 4.56 -69.93 -41.93
N SER A 272 3.34 -69.39 -41.86
CA SER A 272 2.70 -68.76 -43.00
C SER A 272 2.41 -67.27 -42.83
N VAL A 273 2.72 -66.73 -41.64
CA VAL A 273 2.42 -65.35 -41.33
C VAL A 273 3.71 -64.55 -41.20
N LEU A 274 3.72 -63.34 -41.76
CA LEU A 274 4.83 -62.42 -41.61
C LEU A 274 4.47 -61.35 -40.58
N PHE A 275 5.28 -61.28 -39.52
CA PHE A 275 5.11 -60.25 -38.51
C PHE A 275 5.93 -59.03 -38.90
N VAL A 276 5.29 -57.85 -38.91
CA VAL A 276 5.98 -56.60 -39.21
C VAL A 276 5.93 -55.68 -38.00
N SER A 277 7.13 -55.38 -37.45
CA SER A 277 7.25 -54.46 -36.33
C SER A 277 8.58 -53.72 -36.34
N PHE A 278 8.52 -52.42 -36.02
CA PHE A 278 9.70 -51.56 -35.98
C PHE A 278 10.06 -51.16 -34.55
N GLY A 279 9.81 -52.07 -33.59
CA GLY A 279 10.18 -51.89 -32.20
C GLY A 279 9.48 -50.74 -31.51
N SER A 280 9.64 -50.66 -30.19
CA SER A 280 9.15 -49.55 -29.40
C SER A 280 9.69 -48.25 -29.97
N GLY A 281 8.80 -47.36 -30.43
CA GLY A 281 9.19 -46.04 -30.92
C GLY A 281 9.36 -45.90 -32.43
N GLY A 282 9.45 -47.01 -33.17
CA GLY A 282 9.80 -46.95 -34.58
C GLY A 282 8.63 -46.51 -35.46
N THR A 283 8.94 -45.66 -36.44
CA THR A 283 7.96 -45.06 -37.34
C THR A 283 8.58 -44.76 -38.69
N LEU A 284 7.77 -44.95 -39.75
CA LEU A 284 8.19 -44.71 -41.11
C LEU A 284 7.74 -43.35 -41.62
N SER A 285 8.19 -42.99 -42.83
CA SER A 285 7.67 -41.85 -43.55
C SER A 285 6.31 -42.19 -44.15
N THR A 286 5.54 -41.17 -44.51
CA THR A 286 4.26 -41.36 -45.18
C THR A 286 4.43 -42.17 -46.47
N LYS A 287 5.44 -41.77 -47.27
CA LYS A 287 5.71 -42.43 -48.54
C LYS A 287 6.15 -43.88 -48.33
N GLN A 288 7.07 -44.08 -47.38
CA GLN A 288 7.60 -45.40 -47.11
C GLN A 288 6.48 -46.33 -46.61
N MET A 289 5.61 -45.78 -45.76
CA MET A 289 4.54 -46.55 -45.15
C MET A 289 3.51 -46.96 -46.21
N THR A 290 3.20 -46.05 -47.13
CA THR A 290 2.26 -46.36 -48.20
C THR A 290 2.82 -47.45 -49.12
N GLU A 291 4.11 -47.34 -49.46
CA GLU A 291 4.77 -48.34 -50.30
C GLU A 291 4.83 -49.70 -49.60
N LEU A 292 5.07 -49.68 -48.29
CA LEU A 292 5.06 -50.89 -47.48
C LEU A 292 3.69 -51.54 -47.56
N ALA A 293 2.64 -50.77 -47.21
CA ALA A 293 1.27 -51.27 -47.24
C ALA A 293 1.00 -52.02 -48.54
N TRP A 294 1.27 -51.35 -49.67
CA TRP A 294 1.10 -51.98 -50.98
C TRP A 294 1.90 -53.27 -51.09
N GLY A 295 3.19 -53.22 -50.77
CA GLY A 295 4.04 -54.41 -50.77
C GLY A 295 3.39 -55.64 -50.12
N LEU A 296 2.82 -55.45 -48.93
CA LEU A 296 2.17 -56.53 -48.20
C LEU A 296 0.91 -57.04 -48.91
N GLU A 297 0.17 -56.13 -49.54
CA GLU A 297 -1.01 -56.50 -50.29
C GLU A 297 -0.60 -57.37 -51.48
N LEU A 298 0.34 -56.85 -52.29
CA LEU A 298 0.75 -57.48 -53.53
C LEU A 298 1.42 -58.83 -53.30
N SER A 299 2.09 -58.98 -52.15
CA SER A 299 2.71 -60.25 -51.81
C SER A 299 1.72 -61.41 -51.75
N GLN A 300 0.45 -61.10 -51.50
CA GLN A 300 -0.59 -62.10 -51.33
C GLN A 300 -0.24 -63.03 -50.17
N GLN A 301 0.53 -62.51 -49.20
CA GLN A 301 0.98 -63.27 -48.06
C GLN A 301 0.24 -62.80 -46.81
N LYS A 302 0.10 -63.69 -45.83
CA LYS A 302 -0.58 -63.37 -44.59
C LYS A 302 0.37 -62.64 -43.65
N PHE A 303 -0.16 -61.62 -42.95
CA PHE A 303 0.67 -60.79 -42.12
C PHE A 303 -0.02 -60.24 -40.87
N VAL A 304 0.80 -59.90 -39.88
CA VAL A 304 0.39 -59.10 -38.74
C VAL A 304 1.27 -57.85 -38.74
N TRP A 305 0.65 -56.68 -38.90
CA TRP A 305 1.40 -55.43 -39.02
C TRP A 305 1.09 -54.49 -37.85
N VAL A 306 2.07 -54.33 -36.96
CA VAL A 306 2.00 -53.34 -35.90
C VAL A 306 2.26 -51.96 -36.52
N VAL A 307 1.26 -51.08 -36.49
CA VAL A 307 1.35 -49.79 -37.15
C VAL A 307 1.26 -48.64 -36.16
N ARG A 308 2.04 -47.59 -36.42
CA ARG A 308 1.98 -46.32 -35.71
C ARG A 308 1.88 -45.20 -36.73
N PRO A 309 1.47 -43.96 -36.34
CA PRO A 309 1.41 -42.85 -37.28
C PRO A 309 2.76 -42.51 -37.89
N PRO A 310 2.82 -42.13 -39.18
CA PRO A 310 4.09 -41.80 -39.83
C PRO A 310 4.74 -40.54 -39.29
N SER A 311 6.02 -40.35 -39.62
CA SER A 311 6.83 -39.31 -39.02
C SER A 311 7.20 -38.15 -39.95
N ASP A 312 7.89 -38.47 -41.06
CA ASP A 312 8.41 -37.45 -41.95
C ASP A 312 9.47 -36.61 -41.19
N ARG A 328 -5.19 -40.08 -33.71
CA ARG A 328 -5.62 -40.35 -35.11
C ARG A 328 -5.90 -41.85 -35.27
N ASP A 329 -6.70 -42.22 -36.29
CA ASP A 329 -6.99 -43.66 -36.54
C ASP A 329 -6.08 -44.20 -37.65
N MET A 330 -5.65 -45.45 -37.53
CA MET A 330 -4.70 -46.02 -38.50
C MET A 330 -5.42 -46.39 -39.80
N SER A 331 -6.04 -45.43 -40.48
CA SER A 331 -6.69 -45.69 -41.79
C SER A 331 -6.46 -44.46 -42.67
N GLU A 332 -6.12 -43.33 -42.05
CA GLU A 332 -5.90 -42.09 -42.79
C GLU A 332 -4.50 -42.13 -43.41
N TYR A 333 -3.59 -42.89 -42.79
CA TYR A 333 -2.21 -42.95 -43.29
C TYR A 333 -2.06 -44.18 -44.15
N LEU A 334 -3.16 -44.91 -44.36
CA LEU A 334 -3.09 -46.17 -45.12
C LEU A 334 -3.83 -46.02 -46.45
N PRO A 335 -3.47 -46.79 -47.48
CA PRO A 335 -4.15 -46.73 -48.78
C PRO A 335 -5.64 -46.91 -48.57
N GLU A 336 -6.41 -46.12 -49.31
CA GLU A 336 -7.87 -46.19 -49.16
C GLU A 336 -8.31 -47.58 -49.59
N GLY A 337 -9.17 -48.21 -48.78
CA GLY A 337 -9.65 -49.55 -49.11
C GLY A 337 -8.75 -50.67 -48.60
N PHE A 338 -7.53 -50.32 -48.15
CA PHE A 338 -6.56 -51.33 -47.76
C PHE A 338 -7.18 -52.39 -46.85
N LEU A 339 -7.77 -51.94 -45.74
CA LEU A 339 -8.22 -52.83 -44.69
C LEU A 339 -9.31 -53.78 -45.17
N THR A 340 -10.17 -53.32 -46.08
CA THR A 340 -11.22 -54.15 -46.64
C THR A 340 -10.69 -55.11 -47.69
N ARG A 341 -9.68 -54.68 -48.47
CA ARG A 341 -9.06 -55.53 -49.48
C ARG A 341 -8.21 -56.63 -48.82
N THR A 342 -7.50 -56.25 -47.74
CA THR A 342 -6.60 -57.16 -47.04
C THR A 342 -7.27 -57.93 -45.91
N LYS A 343 -8.61 -57.84 -45.83
CA LYS A 343 -9.36 -58.50 -44.78
C LYS A 343 -9.24 -59.98 -45.07
N ASP A 344 -8.96 -60.74 -44.02
CA ASP A 344 -8.80 -62.19 -44.08
C ASP A 344 -7.41 -62.61 -44.54
N MET A 345 -6.60 -61.66 -45.04
CA MET A 345 -5.24 -61.96 -45.44
C MET A 345 -4.25 -61.41 -44.42
N GLY A 346 -4.47 -60.15 -44.02
CA GLY A 346 -3.63 -59.49 -43.03
C GLY A 346 -4.36 -59.16 -41.73
N LEU A 347 -3.62 -58.54 -40.82
CA LEU A 347 -4.16 -58.14 -39.53
C LEU A 347 -3.35 -56.92 -39.07
N VAL A 348 -4.01 -55.75 -39.03
CA VAL A 348 -3.32 -54.51 -38.75
C VAL A 348 -3.62 -54.08 -37.32
N VAL A 349 -2.56 -53.94 -36.52
CA VAL A 349 -2.70 -53.69 -35.10
C VAL A 349 -2.10 -52.33 -34.72
N PRO A 350 -2.85 -51.48 -33.98
CA PRO A 350 -2.38 -50.13 -33.63
C PRO A 350 -1.36 -50.08 -32.51
N MET A 351 -0.30 -49.31 -32.73
CA MET A 351 0.71 -49.04 -31.69
C MET A 351 1.13 -50.45 -31.26
N TRP A 352 0.98 -50.80 -29.99
CA TRP A 352 1.54 -52.09 -29.53
C TRP A 352 0.86 -53.44 -29.65
N ALA A 353 1.67 -54.48 -29.78
CA ALA A 353 1.19 -55.85 -29.81
C ALA A 353 2.14 -56.76 -29.03
N ASN A 354 1.66 -57.94 -28.63
CA ASN A 354 2.45 -58.84 -27.80
C ASN A 354 3.46 -59.64 -28.63
N GLN A 355 4.61 -59.01 -28.89
CA GLN A 355 5.59 -59.48 -29.84
C GLN A 355 6.10 -60.89 -29.50
N VAL A 356 6.46 -61.10 -28.23
CA VAL A 356 7.07 -62.36 -27.81
C VAL A 356 6.09 -63.51 -28.02
N GLU A 357 4.81 -63.27 -27.73
CA GLU A 357 3.77 -64.28 -27.81
C GLU A 357 3.41 -64.57 -29.26
N ILE A 358 3.43 -63.54 -30.11
CA ILE A 358 3.30 -63.72 -31.55
C ILE A 358 4.44 -64.58 -32.09
N LEU A 359 5.68 -64.09 -31.95
CA LEU A 359 6.85 -64.75 -32.48
C LEU A 359 6.99 -66.22 -32.08
N SER A 360 6.48 -66.58 -30.90
CA SER A 360 6.49 -67.96 -30.44
C SER A 360 5.43 -68.82 -31.11
N HIS A 361 4.50 -68.20 -31.84
CA HIS A 361 3.39 -68.92 -32.42
C HIS A 361 3.74 -69.66 -33.70
N SER A 362 3.26 -70.91 -33.79
CA SER A 362 3.56 -71.81 -34.89
C SER A 362 3.29 -71.22 -36.26
N SER A 363 2.23 -70.39 -36.35
CA SER A 363 1.83 -69.81 -37.62
C SER A 363 2.71 -68.65 -38.08
N VAL A 364 3.65 -68.19 -37.25
CA VAL A 364 4.55 -67.11 -37.65
C VAL A 364 5.82 -67.67 -38.29
N GLY A 365 6.07 -67.27 -39.53
CA GLY A 365 7.18 -67.80 -40.31
C GLY A 365 8.10 -66.74 -40.91
N GLY A 366 8.09 -65.53 -40.32
CA GLY A 366 8.95 -64.45 -40.77
C GLY A 366 8.74 -63.15 -39.98
N PHE A 367 9.79 -62.34 -39.93
CA PHE A 367 9.76 -61.10 -39.16
C PHE A 367 10.47 -59.96 -39.90
N LEU A 368 9.69 -59.01 -40.41
CA LEU A 368 10.22 -57.76 -40.91
C LEU A 368 10.50 -56.88 -39.70
N THR A 369 11.79 -56.67 -39.42
CA THR A 369 12.20 -56.03 -38.19
C THR A 369 13.19 -54.90 -38.42
N HIS A 370 13.29 -54.02 -37.42
CA HIS A 370 14.21 -52.90 -37.44
C HIS A 370 15.59 -53.30 -36.91
N CYS A 371 15.68 -54.53 -36.38
CA CYS A 371 16.93 -55.15 -35.94
C CYS A 371 17.42 -54.63 -34.60
N GLY A 372 16.51 -54.10 -33.78
CA GLY A 372 16.78 -53.89 -32.38
C GLY A 372 17.15 -55.22 -31.74
N TRP A 373 18.17 -55.20 -30.86
CA TRP A 373 18.75 -56.44 -30.41
C TRP A 373 17.75 -57.32 -29.66
N ASN A 374 16.82 -56.72 -28.92
CA ASN A 374 15.82 -57.50 -28.21
C ASN A 374 14.84 -58.16 -29.18
N SER A 375 14.39 -57.39 -30.19
CA SER A 375 13.58 -57.95 -31.25
C SER A 375 14.28 -59.15 -31.89
N THR A 376 15.55 -58.95 -32.27
CA THR A 376 16.34 -59.99 -32.93
C THR A 376 16.51 -61.25 -32.07
N VAL A 377 16.82 -61.07 -30.78
CA VAL A 377 16.98 -62.18 -29.87
C VAL A 377 15.66 -62.94 -29.72
N GLU A 378 14.56 -62.18 -29.58
CA GLU A 378 13.23 -62.78 -29.49
C GLU A 378 12.90 -63.59 -30.75
N SER A 379 13.35 -63.12 -31.91
CA SER A 379 13.11 -63.80 -33.17
C SER A 379 14.01 -65.02 -33.37
N LEU A 380 15.29 -64.90 -32.99
CA LEU A 380 16.25 -65.99 -33.16
C LEU A 380 16.00 -67.13 -32.19
N THR A 381 15.67 -66.80 -30.93
CA THR A 381 15.29 -67.83 -29.96
C THR A 381 14.08 -68.64 -30.39
N ASN A 382 13.25 -68.04 -31.25
CA ASN A 382 12.11 -68.70 -31.86
C ASN A 382 12.36 -69.35 -33.23
N GLY A 383 13.52 -69.18 -33.84
CA GLY A 383 13.76 -69.82 -35.12
C GLY A 383 13.09 -69.12 -36.31
N VAL A 384 12.54 -67.92 -36.04
CA VAL A 384 11.99 -67.08 -37.10
C VAL A 384 13.07 -66.31 -37.87
N PRO A 385 13.13 -66.44 -39.21
CA PRO A 385 14.02 -65.63 -40.03
C PRO A 385 13.51 -64.21 -40.21
N MET A 386 14.31 -63.33 -40.85
CA MET A 386 14.01 -61.92 -40.83
C MET A 386 14.23 -61.16 -42.14
N ILE A 387 13.51 -60.04 -42.27
CA ILE A 387 13.84 -59.00 -43.24
C ILE A 387 14.38 -57.80 -42.45
N ALA A 388 15.68 -57.57 -42.58
CA ALA A 388 16.37 -56.53 -41.84
C ALA A 388 16.03 -55.18 -42.44
N TRP A 389 15.70 -54.23 -41.56
CA TRP A 389 15.22 -52.92 -41.94
C TRP A 389 15.72 -51.92 -40.92
N PRO A 390 17.06 -51.67 -40.85
CA PRO A 390 17.63 -50.87 -39.77
C PRO A 390 17.29 -49.39 -39.87
N LEU A 391 17.08 -48.76 -38.71
CA LEU A 391 16.63 -47.37 -38.65
C LEU A 391 17.55 -46.47 -37.82
N HIS A 392 17.87 -46.91 -36.60
CA HIS A 392 18.63 -46.09 -35.66
C HIS A 392 19.62 -46.90 -34.84
N ALA A 393 20.38 -46.22 -33.97
CA ALA A 393 21.32 -46.84 -33.07
C ALA A 393 22.30 -47.76 -33.83
N GLU A 394 22.54 -48.97 -33.30
CA GLU A 394 23.47 -49.91 -33.89
C GLU A 394 22.76 -50.90 -34.82
N GLN A 395 21.50 -50.60 -35.18
CA GLN A 395 20.67 -51.53 -35.93
C GLN A 395 21.29 -51.87 -37.28
N LYS A 396 22.13 -50.98 -37.78
CA LYS A 396 22.75 -51.18 -39.12
C LYS A 396 23.87 -52.20 -38.99
N MET A 397 24.55 -52.18 -37.86
CA MET A 397 25.68 -53.12 -37.63
C MET A 397 25.10 -54.47 -37.21
N ASN A 398 23.82 -54.51 -36.88
CA ASN A 398 23.16 -55.78 -36.49
C ASN A 398 22.58 -56.35 -37.77
N ALA A 399 21.93 -55.52 -38.57
CA ALA A 399 21.43 -55.96 -39.86
C ALA A 399 22.53 -56.58 -40.70
N ALA A 400 23.70 -55.91 -40.74
CA ALA A 400 24.85 -56.43 -41.46
C ALA A 400 25.19 -57.83 -41.00
N MET A 401 25.28 -57.99 -39.66
CA MET A 401 25.65 -59.26 -39.05
C MET A 401 24.64 -60.36 -39.43
N LEU A 402 23.34 -60.05 -39.29
CA LEU A 402 22.29 -61.02 -39.56
C LEU A 402 22.27 -61.50 -41.00
N THR A 403 22.51 -60.58 -41.94
CA THR A 403 22.39 -60.88 -43.36
C THR A 403 23.68 -61.49 -43.93
N GLU A 404 24.80 -60.83 -43.68
CA GLU A 404 26.07 -61.22 -44.27
C GLU A 404 26.63 -62.45 -43.57
N GLU A 405 26.97 -62.30 -42.28
CA GLU A 405 27.69 -63.33 -41.54
C GLU A 405 26.81 -64.52 -41.19
N LEU A 406 25.67 -64.27 -40.56
CA LEU A 406 24.83 -65.32 -39.99
C LEU A 406 23.90 -65.96 -41.02
N GLY A 407 23.49 -65.18 -42.03
CA GLY A 407 22.64 -65.67 -43.10
C GLY A 407 21.24 -66.07 -42.63
N VAL A 408 20.69 -65.30 -41.69
CA VAL A 408 19.36 -65.57 -41.15
C VAL A 408 18.38 -64.44 -41.51
N ALA A 409 18.79 -63.58 -42.45
CA ALA A 409 17.97 -62.44 -42.83
C ALA A 409 18.29 -61.99 -44.26
N ILE A 410 17.32 -61.31 -44.88
CA ILE A 410 17.52 -60.65 -46.16
C ILE A 410 17.26 -59.16 -45.97
N ARG A 411 17.72 -58.35 -46.91
CA ARG A 411 17.61 -56.90 -46.82
C ARG A 411 17.44 -56.28 -48.19
N PRO A 412 17.01 -54.99 -48.28
CA PRO A 412 16.91 -54.32 -49.57
C PRO A 412 18.28 -53.98 -50.15
N ALA A 413 18.33 -53.87 -51.49
CA ALA A 413 19.56 -53.59 -52.21
C ALA A 413 20.29 -52.38 -51.63
N VAL A 414 19.54 -51.30 -51.40
CA VAL A 414 20.04 -50.11 -50.75
C VAL A 414 19.42 -49.98 -49.36
N LEU A 415 20.17 -49.40 -48.42
CA LEU A 415 19.67 -49.18 -47.06
C LEU A 415 18.37 -48.38 -47.11
N PRO A 416 17.34 -48.74 -46.30
CA PRO A 416 16.08 -47.99 -46.28
C PRO A 416 16.25 -46.54 -45.83
N THR A 417 17.14 -46.33 -44.87
CA THR A 417 17.47 -45.00 -44.37
C THR A 417 18.08 -44.07 -45.42
N LYS A 418 18.63 -44.64 -46.50
CA LYS A 418 19.23 -43.85 -47.57
C LYS A 418 18.25 -43.62 -48.72
N LYS A 419 17.44 -44.63 -49.04
CA LYS A 419 16.58 -44.59 -50.22
C LYS A 419 15.24 -45.29 -49.97
N LEU A 420 14.20 -44.79 -50.65
CA LEU A 420 12.86 -45.33 -50.51
C LEU A 420 12.77 -46.73 -51.10
N VAL A 421 12.29 -47.70 -50.29
CA VAL A 421 12.03 -49.05 -50.75
C VAL A 421 10.63 -49.08 -51.35
N LYS A 422 10.54 -49.36 -52.66
CA LYS A 422 9.26 -49.39 -53.35
C LYS A 422 8.54 -50.74 -53.19
N ARG A 423 7.24 -50.72 -53.49
CA ARG A 423 6.35 -51.85 -53.26
C ARG A 423 6.80 -53.16 -53.92
N GLU A 424 7.37 -53.08 -55.12
CA GLU A 424 7.78 -54.28 -55.85
C GLU A 424 8.89 -55.01 -55.10
N GLU A 425 9.86 -54.23 -54.61
CA GLU A 425 10.98 -54.79 -53.86
C GLU A 425 10.46 -55.46 -52.58
N ILE A 426 9.56 -54.79 -51.87
CA ILE A 426 9.00 -55.30 -50.64
C ILE A 426 8.25 -56.61 -50.89
N GLN A 427 7.29 -56.57 -51.81
CA GLN A 427 6.50 -57.75 -52.16
C GLN A 427 7.42 -58.91 -52.58
N GLY A 428 8.53 -58.61 -53.22
CA GLY A 428 9.47 -59.70 -53.52
C GLY A 428 10.05 -60.21 -52.24
N MET A 429 10.73 -59.35 -51.51
CA MET A 429 11.38 -59.76 -50.26
C MET A 429 10.43 -60.68 -49.48
N VAL A 430 9.20 -60.24 -49.28
CA VAL A 430 8.21 -61.03 -48.47
C VAL A 430 7.97 -62.36 -49.18
N ARG A 431 7.85 -62.33 -50.49
CA ARG A 431 7.70 -63.56 -51.24
C ARG A 431 8.90 -64.48 -51.06
N ILE A 432 10.10 -63.93 -51.21
CA ILE A 432 11.33 -64.72 -51.13
C ILE A 432 11.46 -65.40 -49.77
N LEU A 433 10.92 -64.80 -48.71
CA LEU A 433 11.12 -65.39 -47.35
C LEU A 433 10.01 -66.37 -46.98
N MET A 434 8.79 -66.13 -47.43
CA MET A 434 7.66 -66.95 -46.94
C MET A 434 7.15 -67.93 -48.00
N GLN A 435 7.74 -67.95 -49.18
CA GLN A 435 7.31 -68.96 -50.17
C GLN A 435 8.54 -69.72 -50.63
N THR A 436 9.52 -69.06 -51.25
CA THR A 436 10.69 -69.69 -51.89
C THR A 436 11.54 -70.57 -51.02
N LYS A 437 12.30 -71.47 -51.66
CA LYS A 437 13.19 -72.41 -50.96
C LYS A 437 14.33 -71.63 -50.32
N GLU A 438 14.82 -70.58 -50.98
CA GLU A 438 15.82 -69.75 -50.33
C GLU A 438 15.33 -69.38 -48.94
N GLY A 439 14.08 -68.89 -48.87
CA GLY A 439 13.44 -68.56 -47.61
C GLY A 439 13.51 -69.68 -46.57
N LYS A 440 13.23 -70.91 -47.01
CA LYS A 440 13.25 -72.07 -46.14
C LYS A 440 14.67 -72.39 -45.66
N ARG A 441 15.66 -72.16 -46.52
CA ARG A 441 17.06 -72.35 -46.16
C ARG A 441 17.46 -71.38 -45.05
N ILE A 442 17.02 -70.12 -45.18
CA ILE A 442 17.29 -69.10 -44.19
C ILE A 442 16.66 -69.49 -42.85
N LYS A 443 15.39 -69.94 -42.92
CA LYS A 443 14.67 -70.43 -41.76
C LYS A 443 15.45 -71.52 -41.03
N GLU A 444 15.95 -72.50 -41.81
CA GLU A 444 16.69 -73.61 -41.24
C GLU A 444 17.94 -73.14 -40.49
N LYS A 445 18.62 -72.12 -41.03
CA LYS A 445 19.74 -71.52 -40.34
C LYS A 445 19.32 -70.89 -39.01
N ALA A 446 18.18 -70.20 -39.02
CA ALA A 446 17.65 -69.57 -37.81
C ALA A 446 17.33 -70.61 -36.74
N LYS A 447 16.81 -71.77 -37.16
CA LYS A 447 16.56 -72.87 -36.23
C LYS A 447 17.85 -73.38 -35.59
N LYS A 448 18.93 -73.45 -36.38
CA LYS A 448 20.22 -73.87 -35.87
C LYS A 448 20.69 -72.88 -34.80
N LEU A 449 20.59 -71.58 -35.11
CA LEU A 449 20.88 -70.52 -34.15
C LEU A 449 20.08 -70.71 -32.87
N LYS A 450 18.77 -70.97 -33.01
CA LYS A 450 17.91 -71.24 -31.87
C LYS A 450 18.52 -72.33 -30.97
N LYS A 451 18.84 -73.47 -31.58
CA LYS A 451 19.36 -74.62 -30.84
C LYS A 451 20.66 -74.26 -30.11
N SER A 452 21.55 -73.55 -30.79
CA SER A 452 22.82 -73.16 -30.19
C SER A 452 22.62 -72.23 -29.00
N ALA A 453 21.62 -71.34 -29.11
CA ALA A 453 21.25 -70.47 -28.01
C ALA A 453 20.72 -71.27 -26.82
N GLU A 454 19.84 -72.24 -27.09
CA GLU A 454 19.36 -73.14 -26.06
C GLU A 454 20.51 -73.83 -25.32
N ASN A 455 21.44 -74.42 -26.08
CA ASN A 455 22.56 -75.18 -25.48
C ASN A 455 23.33 -74.27 -24.52
N ALA A 456 23.44 -73.00 -24.84
CA ALA A 456 24.06 -72.05 -23.88
C ALA A 456 22.90 -71.60 -23.00
N LEU A 457 23.15 -70.96 -21.87
CA LEU A 457 22.00 -70.66 -20.97
C LEU A 457 21.48 -72.02 -20.46
N SER A 458 22.18 -73.11 -20.77
CA SER A 458 21.81 -74.46 -20.27
C SER A 458 22.93 -74.91 -19.33
N ASP A 459 22.64 -75.86 -18.45
CA ASP A 459 23.72 -76.21 -17.54
C ASP A 459 24.93 -76.69 -18.33
N GLY A 460 26.10 -76.15 -18.00
CA GLY A 460 27.32 -76.47 -18.77
C GLY A 460 27.48 -75.50 -19.93
N GLY A 461 26.40 -74.81 -20.32
CA GLY A 461 26.44 -73.87 -21.46
C GLY A 461 27.37 -72.70 -21.19
N SER A 462 28.11 -72.27 -22.22
CA SER A 462 29.08 -71.15 -22.08
C SER A 462 28.41 -69.95 -21.38
N SER A 463 27.22 -69.56 -21.85
CA SER A 463 26.54 -68.38 -21.28
C SER A 463 26.22 -68.62 -19.80
N TYR A 464 25.69 -69.80 -19.47
CA TYR A 464 25.45 -70.13 -18.04
C TYR A 464 26.80 -70.09 -17.32
N ASN A 465 27.81 -70.74 -17.90
CA ASN A 465 29.14 -70.72 -17.32
C ASN A 465 29.64 -69.30 -17.09
N SER A 466 29.22 -68.37 -17.94
CA SER A 466 29.69 -66.96 -17.84
C SER A 466 29.17 -66.34 -16.56
N ILE A 467 27.90 -66.54 -16.22
CA ILE A 467 27.42 -66.01 -14.93
C ILE A 467 28.19 -66.69 -13.80
N CYS A 468 28.38 -67.99 -13.87
CA CYS A 468 29.06 -68.71 -12.76
C CYS A 468 30.44 -68.09 -12.56
N GLU A 469 31.07 -67.61 -13.63
CA GLU A 469 32.35 -66.92 -13.52
C GLU A 469 32.16 -65.51 -12.97
N LEU A 470 31.03 -64.88 -13.33
CA LEU A 470 30.67 -63.59 -12.75
C LEU A 470 30.51 -63.70 -11.24
N VAL A 471 29.65 -64.64 -10.80
CA VAL A 471 29.41 -64.81 -9.37
C VAL A 471 30.71 -65.13 -8.64
N LYS A 472 31.63 -65.85 -9.29
CA LYS A 472 32.95 -66.12 -8.73
C LYS A 472 33.72 -64.81 -8.57
N ASP A 473 33.70 -63.95 -9.60
CA ASP A 473 34.36 -62.66 -9.52
C ASP A 473 33.80 -61.81 -8.39
N ILE A 474 32.48 -61.83 -8.21
CA ILE A 474 31.84 -61.05 -7.14
C ILE A 474 32.26 -61.50 -5.75
N ARG A 475 32.16 -62.81 -5.47
CA ARG A 475 32.51 -63.36 -4.18
C ARG A 475 33.97 -63.12 -3.84
N SER A 476 34.83 -63.16 -4.87
CA SER A 476 36.25 -62.90 -4.69
C SER A 476 36.53 -61.52 -4.12
N ARG A 477 35.73 -60.53 -4.51
CA ARG A 477 35.90 -59.16 -4.04
C ARG A 477 35.42 -58.95 -2.60
N GLU A 478 34.65 -59.90 -2.08
CA GLU A 478 33.91 -59.70 -0.85
C GLU A 478 34.82 -60.15 0.28
N LEU A 479 35.57 -61.23 0.02
CA LEU A 479 36.39 -61.84 1.05
C LEU A 479 37.55 -60.92 1.42
N SER B 6 25.02 15.47 1.13
CA SER B 6 26.35 14.95 0.81
C SER B 6 26.39 14.40 -0.62
N GLN B 7 27.59 14.00 -1.06
CA GLN B 7 27.80 13.32 -2.34
C GLN B 7 27.22 11.91 -2.31
N LEU B 8 26.77 11.44 -3.49
CA LEU B 8 26.04 10.19 -3.62
C LEU B 8 26.96 8.98 -3.72
N HIS B 9 26.45 7.83 -3.29
CA HIS B 9 27.14 6.56 -3.41
C HIS B 9 26.31 5.65 -4.30
N VAL B 10 26.92 5.16 -5.38
CA VAL B 10 26.27 4.22 -6.27
C VAL B 10 27.18 3.01 -6.42
N ALA B 11 26.54 1.83 -6.51
CA ALA B 11 27.25 0.58 -6.70
C ALA B 11 26.86 0.03 -8.07
N ILE B 12 27.86 -0.25 -8.91
CA ILE B 12 27.61 -0.83 -10.22
C ILE B 12 28.05 -2.28 -10.21
N VAL B 13 27.17 -3.15 -10.70
CA VAL B 13 27.42 -4.59 -10.72
C VAL B 13 27.83 -5.03 -12.12
N SER B 14 28.97 -5.71 -12.21
CA SER B 14 29.52 -6.21 -13.45
C SER B 14 29.39 -7.73 -13.54
N SER B 15 29.17 -8.22 -14.76
CA SER B 15 29.10 -9.65 -15.00
C SER B 15 30.50 -10.25 -15.09
N PRO B 16 30.63 -11.59 -15.08
CA PRO B 16 31.92 -12.21 -15.36
C PRO B 16 32.38 -11.97 -16.79
N GLY B 17 33.67 -11.74 -16.96
CA GLY B 17 34.25 -11.50 -18.26
C GLY B 17 34.65 -10.04 -18.41
N MET B 18 35.92 -9.83 -18.78
CA MET B 18 36.50 -8.51 -18.99
C MET B 18 35.65 -7.68 -19.94
N GLY B 19 35.10 -8.31 -20.98
CA GLY B 19 34.23 -7.65 -21.93
C GLY B 19 33.00 -6.99 -21.31
N HIS B 20 32.60 -7.48 -20.13
CA HIS B 20 31.50 -6.93 -19.36
C HIS B 20 31.95 -6.03 -18.21
N LEU B 21 33.21 -6.18 -17.78
CA LEU B 21 33.78 -5.37 -16.72
C LEU B 21 34.15 -3.98 -17.23
N ILE B 22 34.82 -3.91 -18.38
CA ILE B 22 35.31 -2.65 -18.92
C ILE B 22 34.18 -1.63 -19.13
N PRO B 23 33.04 -2.00 -19.76
CA PRO B 23 31.94 -1.06 -19.96
C PRO B 23 31.39 -0.49 -18.66
N VAL B 24 31.41 -1.32 -17.62
CA VAL B 24 30.95 -0.91 -16.30
C VAL B 24 31.95 0.06 -15.69
N LEU B 25 33.24 -0.18 -15.92
CA LEU B 25 34.28 0.74 -15.49
C LEU B 25 34.16 2.10 -16.17
N VAL B 26 33.84 2.11 -17.46
CA VAL B 26 33.76 3.37 -18.20
C VAL B 26 32.58 4.17 -17.65
N LEU B 27 31.49 3.48 -17.30
CA LEU B 27 30.35 4.13 -16.69
C LEU B 27 30.73 4.72 -15.33
N GLY B 28 31.37 3.90 -14.51
CA GLY B 28 31.87 4.33 -13.22
C GLY B 28 32.74 5.57 -13.30
N ASN B 29 33.73 5.54 -14.20
CA ASN B 29 34.66 6.65 -14.39
C ASN B 29 33.93 7.91 -14.82
N ARG B 30 32.98 7.76 -15.75
CA ARG B 30 32.17 8.87 -16.23
C ARG B 30 31.42 9.54 -15.09
N LEU B 31 30.69 8.75 -14.31
CA LEU B 31 29.90 9.28 -13.20
C LEU B 31 30.79 9.96 -12.18
N ALA B 32 31.88 9.28 -11.81
CA ALA B 32 32.79 9.73 -10.78
C ALA B 32 33.42 11.07 -11.14
N THR B 33 33.99 11.15 -12.34
CA THR B 33 34.66 12.35 -12.83
C THR B 33 33.67 13.49 -13.06
N HIS B 34 32.73 13.27 -13.97
CA HIS B 34 31.90 14.35 -14.49
C HIS B 34 30.76 14.77 -13.57
N HIS B 35 30.29 13.85 -12.71
CA HIS B 35 29.10 14.13 -11.91
C HIS B 35 29.30 14.02 -10.40
N ASN B 36 30.54 13.83 -9.96
CA ASN B 36 30.88 13.90 -8.54
C ASN B 36 30.13 12.89 -7.69
N ILE B 37 30.14 11.63 -8.10
CA ILE B 37 29.44 10.55 -7.36
C ILE B 37 30.49 9.54 -6.90
N LYS B 38 30.42 9.08 -5.65
CA LYS B 38 31.34 8.02 -5.18
C LYS B 38 30.83 6.72 -5.75
N ILE B 39 31.69 5.99 -6.45
CA ILE B 39 31.22 4.77 -7.13
C ILE B 39 31.96 3.57 -6.57
N THR B 40 31.28 2.42 -6.52
CA THR B 40 31.91 1.15 -6.10
C THR B 40 31.50 0.13 -7.12
N ILE B 41 32.43 -0.70 -7.58
CA ILE B 41 32.13 -1.72 -8.57
C ILE B 41 32.10 -3.09 -7.91
N LEU B 42 30.98 -3.81 -8.09
CA LEU B 42 30.88 -5.19 -7.64
C LEU B 42 31.12 -6.05 -8.86
N ALA B 43 32.34 -6.58 -9.01
CA ALA B 43 32.67 -7.39 -10.18
C ALA B 43 32.50 -8.87 -9.87
N ILE B 44 31.56 -9.52 -10.56
CA ILE B 44 31.35 -10.95 -10.39
C ILE B 44 32.48 -11.64 -11.14
N THR B 45 33.18 -12.54 -10.45
CA THR B 45 34.25 -13.32 -11.05
C THR B 45 33.71 -14.69 -11.42
N THR B 46 34.58 -15.51 -12.02
CA THR B 46 34.24 -16.85 -12.45
C THR B 46 35.01 -17.93 -11.70
N THR B 47 36.02 -17.50 -10.92
CA THR B 47 36.93 -18.41 -10.25
C THR B 47 37.68 -19.31 -11.21
N SER B 48 37.87 -18.85 -12.46
CA SER B 48 38.42 -19.63 -13.55
C SER B 48 39.35 -18.82 -14.43
N SER B 49 38.80 -17.77 -15.06
CA SER B 49 39.60 -16.75 -15.73
C SER B 49 40.66 -15.76 -15.26
N SER B 50 41.91 -16.00 -15.67
CA SER B 50 43.04 -15.17 -15.19
C SER B 50 42.77 -13.70 -15.48
N ALA B 51 42.66 -13.35 -16.75
CA ALA B 51 42.28 -11.97 -17.08
C ALA B 51 41.06 -11.66 -16.24
N GLU B 52 41.03 -10.49 -15.59
CA GLU B 52 39.92 -10.12 -14.68
C GLU B 52 40.16 -10.67 -13.28
N THR B 53 41.22 -11.43 -13.09
CA THR B 53 41.40 -11.87 -11.71
C THR B 53 42.73 -11.12 -11.59
N GLU B 54 43.59 -11.30 -12.59
CA GLU B 54 44.88 -10.62 -12.63
C GLU B 54 44.68 -9.11 -12.71
N PHE B 55 43.64 -8.67 -13.40
CA PHE B 55 43.42 -7.22 -13.56
C PHE B 55 43.02 -6.67 -12.24
N LEU B 56 42.06 -7.33 -11.61
CA LEU B 56 41.53 -6.78 -10.35
C LEU B 56 42.66 -6.72 -9.34
N LYS B 57 43.47 -7.77 -9.29
CA LYS B 57 44.60 -7.80 -8.35
C LYS B 57 45.41 -6.52 -8.53
N LYS B 58 45.62 -6.12 -9.78
CA LYS B 58 46.42 -4.90 -10.07
C LYS B 58 45.73 -3.67 -9.50
N THR B 59 44.41 -3.62 -9.53
CA THR B 59 43.72 -2.42 -9.06
C THR B 59 43.90 -2.29 -7.57
N THR B 60 44.14 -3.40 -6.86
CA THR B 60 44.43 -3.26 -5.42
C THR B 60 45.59 -2.33 -5.30
N LEU B 61 46.49 -2.35 -6.27
CA LEU B 61 47.57 -1.34 -6.30
C LEU B 61 46.90 -0.05 -6.78
N THR B 62 46.79 0.96 -5.92
CA THR B 62 46.03 2.17 -6.29
C THR B 62 46.90 3.24 -6.92
N ASN B 63 46.28 4.21 -7.59
CA ASN B 63 46.98 5.36 -8.24
C ASN B 63 46.02 6.53 -8.12
N GLU B 64 46.48 7.80 -8.10
CA GLU B 64 45.57 8.90 -7.82
C GLU B 64 44.80 8.89 -6.50
N GLU B 65 43.54 9.34 -6.53
CA GLU B 65 42.66 9.25 -5.33
C GLU B 65 41.33 8.85 -6.00
N LYS B 66 41.37 7.94 -6.97
CA LYS B 66 40.20 7.53 -7.78
C LYS B 66 38.95 7.23 -6.96
N THR B 67 39.06 6.45 -5.89
CA THR B 67 37.91 6.03 -5.04
C THR B 67 37.02 5.08 -5.79
N ILE B 68 37.18 4.98 -7.13
CA ILE B 68 36.47 3.88 -7.86
C ILE B 68 37.10 2.82 -6.96
N GLU B 69 36.29 1.93 -6.40
CA GLU B 69 36.77 1.05 -5.35
C GLU B 69 36.16 -0.13 -6.08
N ILE B 70 36.98 -1.13 -6.42
CA ILE B 70 36.50 -2.35 -7.04
C ILE B 70 36.46 -3.45 -5.98
N ILE B 71 35.31 -4.12 -5.89
CA ILE B 71 35.11 -5.22 -4.96
C ILE B 71 34.88 -6.48 -5.79
N PRO B 72 35.84 -7.43 -5.78
CA PRO B 72 35.62 -8.73 -6.39
C PRO B 72 34.61 -9.57 -5.60
N VAL B 73 33.71 -10.22 -6.33
CA VAL B 73 32.76 -11.16 -5.73
C VAL B 73 32.98 -12.51 -6.42
N PRO B 74 33.40 -13.56 -5.67
CA PRO B 74 33.61 -14.86 -6.31
C PRO B 74 32.29 -15.54 -6.70
N SER B 75 32.29 -16.23 -7.84
CA SER B 75 31.17 -17.09 -8.19
C SER B 75 31.38 -18.48 -7.61
N VAL B 76 30.44 -19.40 -7.93
CA VAL B 76 30.60 -20.81 -7.66
C VAL B 76 30.79 -21.54 -8.99
N ASP B 77 31.30 -22.78 -8.92
CA ASP B 77 31.51 -23.62 -10.07
C ASP B 77 30.22 -24.31 -10.50
N ILE B 78 29.76 -24.00 -11.72
CA ILE B 78 28.46 -24.46 -12.19
C ILE B 78 28.54 -25.51 -13.29
N SER B 79 29.71 -26.15 -13.46
CA SER B 79 29.90 -27.20 -14.45
C SER B 79 28.84 -28.32 -14.39
N HIS B 80 28.22 -28.49 -13.23
CA HIS B 80 27.17 -29.47 -13.04
C HIS B 80 25.79 -29.07 -13.56
N LEU B 81 25.62 -27.79 -13.92
CA LEU B 81 24.36 -27.29 -14.48
C LEU B 81 24.48 -26.95 -15.97
N ILE B 82 25.59 -27.39 -16.61
CA ILE B 82 25.83 -27.12 -18.01
C ILE B 82 26.41 -28.33 -18.73
N ASN B 83 26.39 -28.27 -20.05
CA ASN B 83 27.04 -29.24 -20.92
C ASN B 83 27.67 -28.47 -22.07
N SER B 84 28.33 -29.22 -22.98
CA SER B 84 29.01 -28.61 -24.13
C SER B 84 28.08 -27.87 -25.08
N SER B 85 26.80 -28.24 -25.08
CA SER B 85 25.80 -27.66 -25.96
C SER B 85 25.10 -26.44 -25.37
N THR B 86 25.26 -26.20 -24.05
CA THR B 86 24.68 -25.03 -23.42
C THR B 86 25.36 -23.77 -23.92
N LYS B 87 24.55 -22.74 -24.22
CA LYS B 87 25.05 -21.53 -24.86
C LYS B 87 25.44 -20.45 -23.86
N ILE B 88 26.28 -19.52 -24.33
CA ILE B 88 26.93 -18.53 -23.47
C ILE B 88 25.92 -17.69 -22.71
N PHE B 89 24.84 -17.28 -23.38
CA PHE B 89 23.83 -16.43 -22.75
C PHE B 89 23.34 -17.05 -21.44
N THR B 90 22.91 -18.32 -21.53
CA THR B 90 22.42 -19.04 -20.38
C THR B 90 23.54 -19.26 -19.36
N GLN B 91 24.76 -19.52 -19.87
CA GLN B 91 25.91 -19.66 -18.99
C GLN B 91 26.02 -18.47 -18.05
N LEU B 92 26.07 -17.27 -18.63
CA LEU B 92 26.13 -16.03 -17.86
C LEU B 92 25.00 -16.00 -16.84
N ARG B 93 23.78 -16.28 -17.32
CA ARG B 93 22.60 -16.29 -16.47
C ARG B 93 22.77 -17.16 -15.23
N LEU B 94 23.29 -18.38 -15.41
CA LEU B 94 23.49 -19.30 -14.31
C LEU B 94 24.62 -18.82 -13.39
N LEU B 95 25.69 -18.30 -13.99
CA LEU B 95 26.83 -17.77 -13.23
C LEU B 95 26.34 -16.75 -12.21
N VAL B 96 25.59 -15.74 -12.69
CA VAL B 96 25.04 -14.72 -11.82
C VAL B 96 24.08 -15.37 -10.82
N ARG B 97 23.17 -16.20 -11.33
CA ARG B 97 22.12 -16.82 -10.51
C ARG B 97 22.68 -17.48 -9.26
N GLU B 98 23.77 -18.24 -9.44
CA GLU B 98 24.37 -18.97 -8.33
C GLU B 98 25.25 -18.07 -7.46
N ALA B 99 25.68 -16.92 -8.02
CA ALA B 99 26.44 -15.94 -7.26
C ALA B 99 25.57 -15.08 -6.34
N LEU B 100 24.25 -15.08 -6.60
CA LEU B 100 23.28 -14.31 -5.83
C LEU B 100 23.55 -14.24 -4.32
N PRO B 101 23.76 -15.37 -3.59
CA PRO B 101 24.03 -15.35 -2.12
C PRO B 101 25.16 -14.38 -1.77
N LYS B 102 26.31 -14.48 -2.46
CA LYS B 102 27.45 -13.64 -2.05
C LYS B 102 27.16 -12.16 -2.32
N ILE B 103 26.64 -11.87 -3.49
CA ILE B 103 26.23 -10.47 -3.76
C ILE B 103 25.52 -9.95 -2.52
N HIS B 104 24.57 -10.72 -2.01
CA HIS B 104 23.82 -10.32 -0.79
C HIS B 104 24.82 -10.11 0.33
N SER B 105 25.51 -11.17 0.73
CA SER B 105 26.52 -11.08 1.80
C SER B 105 27.37 -9.82 1.60
N THR B 106 27.79 -9.53 0.38
CA THR B 106 28.74 -8.40 0.16
C THR B 106 28.03 -7.07 0.29
N ILE B 107 26.79 -6.99 -0.17
CA ILE B 107 26.00 -5.73 -0.02
C ILE B 107 25.69 -5.55 1.46
N ALA B 108 25.52 -6.66 2.19
CA ALA B 108 25.20 -6.59 3.62
C ALA B 108 26.40 -6.10 4.41
N SER B 109 27.55 -6.73 4.19
CA SER B 109 28.75 -6.39 4.94
C SER B 109 29.23 -4.97 4.69
N MET B 110 28.53 -4.23 3.83
CA MET B 110 28.99 -2.95 3.34
C MET B 110 28.83 -1.88 4.42
N THR B 111 29.93 -1.23 4.78
CA THR B 111 29.93 -0.19 5.79
C THR B 111 29.04 1.01 5.47
N HIS B 112 29.25 1.59 4.29
CA HIS B 112 28.39 2.71 3.84
C HIS B 112 27.60 2.14 2.68
N ARG B 113 26.31 1.97 2.88
CA ARG B 113 25.46 1.31 1.88
C ARG B 113 25.24 2.20 0.66
N PRO B 114 24.93 1.60 -0.50
CA PRO B 114 24.68 2.34 -1.73
C PRO B 114 23.36 3.08 -1.76
N ASP B 115 23.34 4.36 -2.13
CA ASP B 115 22.07 5.05 -2.33
C ASP B 115 21.35 4.55 -3.58
N ALA B 116 22.11 3.98 -4.52
CA ALA B 116 21.53 3.34 -5.69
C ALA B 116 22.41 2.19 -6.18
N LEU B 117 21.82 1.32 -6.98
CA LEU B 117 22.49 0.15 -7.51
C LEU B 117 22.18 -0.02 -8.99
N ILE B 118 23.24 0.02 -9.81
CA ILE B 118 23.11 -0.17 -11.24
C ILE B 118 23.69 -1.52 -11.66
N VAL B 119 22.87 -2.30 -12.38
CA VAL B 119 23.24 -3.66 -12.75
C VAL B 119 23.44 -3.76 -14.25
N ASP B 120 24.36 -4.65 -14.64
CA ASP B 120 24.62 -5.02 -16.01
C ASP B 120 23.41 -5.72 -16.64
N ILE B 121 23.41 -5.87 -17.96
CA ILE B 121 22.34 -6.59 -18.66
C ILE B 121 22.13 -8.00 -18.09
N PHE B 122 23.22 -8.69 -17.73
CA PHE B 122 23.12 -10.06 -17.26
C PHE B 122 22.86 -10.17 -15.75
N CYS B 123 23.06 -9.08 -15.02
CA CYS B 123 22.91 -9.11 -13.58
C CYS B 123 21.53 -8.62 -13.13
N THR B 124 20.54 -8.74 -14.02
CA THR B 124 19.17 -8.34 -13.72
C THR B 124 18.53 -9.13 -12.58
N GLN B 125 19.09 -10.29 -12.24
CA GLN B 125 18.54 -11.16 -11.22
C GLN B 125 18.93 -10.73 -9.81
N ILE B 126 19.64 -9.60 -9.70
CA ILE B 126 19.95 -8.98 -8.42
C ILE B 126 18.73 -8.24 -7.86
N LEU B 127 17.79 -7.89 -8.74
CA LEU B 127 16.59 -7.16 -8.37
C LEU B 127 16.01 -7.50 -6.99
N PRO B 128 15.83 -8.79 -6.62
CA PRO B 128 15.30 -9.14 -5.32
C PRO B 128 16.15 -8.56 -4.18
N ILE B 129 17.47 -8.56 -4.37
CA ILE B 129 18.38 -8.08 -3.35
C ILE B 129 18.24 -6.57 -3.19
N ALA B 130 17.95 -5.88 -4.29
CA ALA B 130 17.77 -4.44 -4.27
C ALA B 130 16.47 -4.08 -3.57
N GLU B 131 15.40 -4.85 -3.84
CA GLU B 131 14.13 -4.60 -3.19
C GLU B 131 14.23 -4.87 -1.69
N GLU B 132 14.93 -5.93 -1.30
CA GLU B 132 15.14 -6.23 0.14
C GLU B 132 15.70 -5.12 1.02
N PHE B 133 16.80 -4.50 0.63
CA PHE B 133 17.47 -3.47 1.46
C PHE B 133 16.93 -2.16 0.97
N ASN B 134 15.74 -2.15 0.37
CA ASN B 134 15.11 -0.92 -0.16
C ASN B 134 15.99 0.05 -0.96
N ILE B 135 16.85 -0.49 -1.82
CA ILE B 135 17.69 0.40 -2.68
C ILE B 135 17.15 0.74 -4.07
N SER B 136 17.57 1.88 -4.60
CA SER B 136 17.16 2.30 -5.96
C SER B 136 17.81 1.37 -6.98
N LYS B 137 17.02 0.81 -7.89
CA LYS B 137 17.57 -0.21 -8.81
C LYS B 137 17.47 0.22 -10.27
N TYR B 138 18.57 0.11 -11.02
CA TYR B 138 18.57 0.47 -12.43
C TYR B 138 19.35 -0.57 -13.23
N THR B 139 18.99 -0.77 -14.51
CA THR B 139 19.77 -1.63 -15.37
C THR B 139 20.53 -0.82 -16.42
N TYR B 140 21.66 -1.37 -16.87
CA TYR B 140 22.47 -0.79 -17.92
C TYR B 140 22.42 -1.71 -19.13
N HIS B 141 21.63 -1.31 -20.14
CA HIS B 141 21.61 -1.96 -21.44
C HIS B 141 22.71 -1.33 -22.29
N PRO B 142 23.88 -2.00 -22.45
CA PRO B 142 25.04 -1.38 -23.09
C PRO B 142 25.10 -1.54 -24.61
N THR B 143 23.96 -1.49 -25.28
CA THR B 143 23.91 -1.57 -26.74
C THR B 143 22.68 -0.82 -27.17
N THR B 144 22.35 -0.88 -28.45
CA THR B 144 21.27 -0.04 -28.97
C THR B 144 19.90 -0.16 -28.37
N ALA B 145 19.09 0.90 -28.50
CA ALA B 145 17.75 0.94 -27.92
C ALA B 145 16.82 0.05 -28.73
N TRP B 146 17.13 -0.06 -30.01
CA TRP B 146 16.34 -0.96 -30.83
C TRP B 146 16.28 -2.36 -30.23
N THR B 147 17.45 -2.85 -29.80
CA THR B 147 17.54 -4.17 -29.20
C THR B 147 16.88 -4.23 -27.83
N LEU B 148 16.86 -3.10 -27.12
CA LEU B 148 16.12 -2.98 -25.88
C LEU B 148 14.63 -3.16 -26.16
N ALA B 149 14.12 -2.37 -27.11
CA ALA B 149 12.72 -2.45 -27.52
C ALA B 149 12.35 -3.88 -27.92
N LEU B 150 13.23 -4.54 -28.67
CA LEU B 150 13.03 -5.93 -29.04
C LEU B 150 12.86 -6.76 -27.78
N ALA B 151 13.85 -6.73 -26.90
CA ALA B 151 13.82 -7.61 -25.70
C ALA B 151 12.49 -7.49 -24.96
N ILE B 152 12.06 -6.27 -24.69
CA ILE B 152 10.82 -6.06 -23.87
C ILE B 152 9.61 -6.65 -24.60
N TYR B 153 9.28 -6.18 -25.80
CA TYR B 153 8.08 -6.66 -26.53
C TYR B 153 8.28 -8.09 -26.99
N CYS B 154 9.45 -8.65 -26.73
CA CYS B 154 9.60 -10.04 -27.12
C CYS B 154 8.60 -10.94 -26.40
N GLN B 155 8.18 -10.54 -25.20
CA GLN B 155 7.17 -11.26 -24.43
C GLN B 155 5.83 -11.31 -25.16
N VAL B 156 5.53 -10.28 -25.96
CA VAL B 156 4.31 -10.23 -26.74
C VAL B 156 4.45 -11.08 -28.00
N PHE B 157 5.58 -10.93 -28.69
CA PHE B 157 5.90 -11.76 -29.85
C PHE B 157 5.80 -13.26 -29.52
N ASP B 158 6.26 -13.62 -28.31
CA ASP B 158 6.18 -14.98 -27.82
C ASP B 158 4.78 -15.57 -27.98
N LYS B 159 3.76 -14.78 -27.63
CA LYS B 159 2.37 -15.21 -27.69
C LYS B 159 1.76 -15.04 -29.08
N GLU B 160 2.17 -13.98 -29.80
CA GLU B 160 1.63 -13.69 -31.11
C GLU B 160 2.10 -14.68 -32.18
N ILE B 161 3.39 -15.02 -32.16
CA ILE B 161 3.95 -15.92 -33.16
C ILE B 161 4.03 -17.32 -32.55
N GLU B 162 3.61 -18.33 -33.33
CA GLU B 162 3.63 -19.72 -32.87
C GLU B 162 4.88 -20.46 -33.34
N GLY B 163 5.26 -20.24 -34.61
CA GLY B 163 6.39 -20.93 -35.18
C GLY B 163 7.73 -20.34 -34.73
N GLU B 164 8.80 -20.79 -35.39
CA GLU B 164 10.12 -20.24 -35.20
C GLU B 164 10.29 -18.94 -35.98
N TYR B 165 10.80 -17.91 -35.30
CA TYR B 165 10.93 -16.57 -35.84
C TYR B 165 11.69 -16.50 -37.16
N VAL B 166 12.73 -17.34 -37.29
CA VAL B 166 13.65 -17.28 -38.41
C VAL B 166 13.03 -17.64 -39.76
N GLU B 167 11.86 -18.29 -39.76
CA GLU B 167 11.25 -18.78 -40.98
C GLU B 167 10.12 -17.89 -41.49
N LEU B 168 9.84 -16.82 -40.75
CA LEU B 168 8.75 -15.91 -41.14
C LEU B 168 9.10 -15.31 -42.50
N LYS B 169 8.09 -14.83 -43.20
CA LYS B 169 8.35 -14.17 -44.50
C LYS B 169 8.03 -12.68 -44.32
N GLU B 170 7.45 -12.33 -43.18
CA GLU B 170 7.05 -10.93 -42.93
C GLU B 170 7.95 -10.36 -41.81
N PRO B 171 8.45 -9.12 -41.94
CA PRO B 171 9.23 -8.50 -40.87
C PRO B 171 8.46 -8.41 -39.55
N LEU B 172 9.21 -8.43 -38.44
CA LEU B 172 8.65 -8.23 -37.11
C LEU B 172 8.45 -6.73 -36.92
N LYS B 173 7.23 -6.33 -36.55
CA LYS B 173 6.90 -4.95 -36.29
C LYS B 173 6.92 -4.68 -34.78
N ILE B 174 7.96 -3.98 -34.33
CA ILE B 174 8.03 -3.50 -32.95
C ILE B 174 7.29 -2.17 -32.92
N PRO B 175 6.31 -1.99 -32.00
CA PRO B 175 5.30 -0.94 -32.14
C PRO B 175 5.77 0.39 -32.70
N GLY B 176 6.75 1.05 -32.12
CA GLY B 176 7.10 2.38 -32.67
C GLY B 176 8.45 2.42 -33.35
N CYS B 177 9.14 1.28 -33.41
CA CYS B 177 10.53 1.28 -33.92
C CYS B 177 10.61 0.69 -35.33
N LYS B 178 11.80 0.31 -35.78
CA LYS B 178 12.03 -0.18 -37.16
C LYS B 178 11.54 -1.61 -37.35
N ALA B 179 11.40 -2.04 -38.60
CA ALA B 179 10.90 -3.38 -38.86
C ALA B 179 12.09 -4.34 -38.88
N LEU B 180 12.01 -5.41 -38.09
CA LEU B 180 13.12 -6.34 -37.96
C LEU B 180 12.97 -7.51 -38.92
N ARG B 181 13.89 -7.59 -39.89
CA ARG B 181 13.90 -8.68 -40.86
C ARG B 181 14.27 -9.98 -40.15
N PRO B 182 13.55 -11.10 -40.42
CA PRO B 182 13.74 -12.34 -39.65
C PRO B 182 15.19 -12.81 -39.58
N ASP B 183 15.96 -12.58 -40.64
CA ASP B 183 17.35 -13.02 -40.69
C ASP B 183 18.25 -12.25 -39.72
N ASP B 184 17.87 -11.00 -39.40
CA ASP B 184 18.69 -10.14 -38.56
C ASP B 184 18.34 -10.19 -37.08
N VAL B 185 17.66 -11.25 -36.65
CA VAL B 185 17.28 -11.41 -35.25
C VAL B 185 18.49 -11.72 -34.36
N VAL B 186 18.36 -11.36 -33.07
CA VAL B 186 19.37 -11.65 -32.08
C VAL B 186 19.52 -13.16 -31.91
N ASP B 187 20.71 -13.61 -31.50
CA ASP B 187 21.00 -15.02 -31.35
C ASP B 187 19.97 -15.80 -30.54
N PRO B 188 19.48 -15.31 -29.38
CA PRO B 188 18.48 -16.04 -28.61
C PRO B 188 17.23 -16.45 -29.39
N LEU B 189 16.86 -15.68 -30.42
CA LEU B 189 15.66 -15.96 -31.20
C LEU B 189 15.88 -16.91 -32.38
N LEU B 190 17.10 -17.42 -32.54
CA LEU B 190 17.40 -18.37 -33.61
C LEU B 190 16.72 -19.72 -33.38
N ASP B 191 16.65 -20.14 -32.11
CA ASP B 191 16.03 -21.40 -31.74
C ASP B 191 15.25 -21.23 -30.45
N ARG B 192 13.93 -21.45 -30.53
CA ARG B 192 13.03 -21.28 -29.40
C ARG B 192 13.13 -22.44 -28.41
N SER B 193 13.59 -23.60 -28.90
CA SER B 193 13.74 -24.78 -28.02
C SER B 193 15.02 -24.62 -27.18
N ASP B 194 15.86 -23.66 -27.54
CA ASP B 194 17.12 -23.43 -26.78
C ASP B 194 16.80 -22.59 -25.55
N GLN B 195 17.40 -22.93 -24.40
CA GLN B 195 17.12 -22.22 -23.12
C GLN B 195 17.32 -20.70 -23.29
N GLN B 196 18.34 -20.29 -24.05
CA GLN B 196 18.64 -18.85 -24.22
C GLN B 196 17.34 -18.08 -24.48
N TYR B 197 16.46 -18.62 -25.33
CA TYR B 197 15.19 -17.96 -25.67
C TYR B 197 14.39 -17.66 -24.39
N GLU B 198 14.12 -18.69 -23.59
CA GLU B 198 13.33 -18.49 -22.38
C GLU B 198 14.01 -17.49 -21.45
N GLU B 199 15.34 -17.61 -21.33
CA GLU B 199 16.12 -16.66 -20.54
C GLU B 199 15.99 -15.26 -21.11
N TYR B 200 16.00 -15.16 -22.45
CA TYR B 200 15.91 -13.88 -23.13
C TYR B 200 14.60 -13.16 -22.82
N VAL B 201 13.46 -13.86 -23.00
CA VAL B 201 12.16 -13.27 -22.76
C VAL B 201 12.04 -12.90 -21.27
N LYS B 202 12.59 -13.78 -20.41
CA LYS B 202 12.65 -13.52 -18.98
C LYS B 202 13.40 -12.22 -18.70
N LEU B 203 14.52 -12.01 -19.42
CA LEU B 203 15.31 -10.80 -19.28
C LEU B 203 14.48 -9.58 -19.67
N GLY B 204 13.83 -9.67 -20.83
CA GLY B 204 12.93 -8.63 -21.30
C GLY B 204 11.93 -8.18 -20.24
N LYS B 205 11.34 -9.16 -19.53
CA LYS B 205 10.41 -8.86 -18.45
C LYS B 205 11.09 -8.23 -17.25
N GLU B 206 12.29 -8.72 -16.91
CA GLU B 206 13.02 -8.23 -15.76
C GLU B 206 13.35 -6.76 -15.88
N TYR B 207 13.73 -6.33 -17.09
CA TYR B 207 13.99 -4.92 -17.35
C TYR B 207 12.92 -4.01 -16.74
N THR B 208 11.67 -4.23 -17.12
CA THR B 208 10.57 -3.36 -16.75
C THR B 208 10.42 -3.18 -15.24
N ASP B 209 10.94 -4.14 -14.45
CA ASP B 209 10.80 -4.11 -13.00
C ASP B 209 11.74 -3.11 -12.32
N PHE B 210 12.78 -2.66 -13.03
CA PHE B 210 13.73 -1.71 -12.50
C PHE B 210 13.14 -0.30 -12.49
N ASP B 211 13.82 0.61 -11.78
CA ASP B 211 13.38 1.99 -11.63
C ASP B 211 13.83 2.90 -12.78
N GLY B 212 14.53 2.32 -13.75
CA GLY B 212 15.01 3.06 -14.92
C GLY B 212 16.06 2.29 -15.69
N ILE B 213 16.17 2.56 -16.99
CA ILE B 213 17.05 1.79 -17.86
C ILE B 213 18.02 2.71 -18.61
N LEU B 214 19.32 2.48 -18.41
CA LEU B 214 20.36 3.28 -19.10
C LEU B 214 20.73 2.60 -20.42
N ILE B 215 20.87 3.35 -21.52
CA ILE B 215 21.21 2.78 -22.86
C ILE B 215 22.45 3.49 -23.41
N ASN B 216 23.49 2.75 -23.80
CA ASN B 216 24.75 3.38 -24.31
C ASN B 216 24.39 3.81 -25.72
N THR B 217 23.50 4.79 -25.86
CA THR B 217 23.29 5.33 -27.20
C THR B 217 23.04 6.81 -26.92
N TRP B 218 22.60 7.55 -27.93
CA TRP B 218 22.16 8.93 -27.72
C TRP B 218 21.02 9.29 -28.67
N GLU B 219 20.24 10.30 -28.27
CA GLU B 219 18.99 10.64 -28.92
C GLU B 219 19.15 10.80 -30.44
N ASP B 220 20.18 11.55 -30.86
CA ASP B 220 20.37 11.83 -32.26
C ASP B 220 20.62 10.57 -33.10
N LEU B 221 21.13 9.52 -32.47
CA LEU B 221 21.36 8.26 -33.17
C LEU B 221 20.04 7.54 -33.46
N GLU B 222 19.21 7.37 -32.42
CA GLU B 222 17.95 6.64 -32.54
C GLU B 222 16.76 7.44 -32.02
N PRO B 223 16.40 8.57 -32.66
CA PRO B 223 15.37 9.45 -32.11
C PRO B 223 13.99 8.80 -32.02
N GLU B 224 13.59 8.10 -33.10
CA GLU B 224 12.28 7.47 -33.19
C GLU B 224 12.15 6.35 -32.16
N THR B 225 13.18 5.51 -32.06
CA THR B 225 13.15 4.35 -31.19
C THR B 225 13.06 4.79 -29.73
N ILE B 226 13.84 5.80 -29.35
CA ILE B 226 13.81 6.30 -27.98
C ILE B 226 12.46 6.94 -27.70
N ASN B 227 11.96 7.76 -28.63
CA ASN B 227 10.65 8.36 -28.48
C ASN B 227 9.56 7.30 -28.36
N ALA B 228 9.72 6.21 -29.13
CA ALA B 228 8.82 5.06 -29.02
C ALA B 228 8.82 4.49 -27.61
N LEU B 229 10.02 4.25 -27.07
CA LEU B 229 10.19 3.74 -25.72
C LEU B 229 9.52 4.66 -24.69
N ARG B 230 9.60 5.97 -24.93
CA ARG B 230 9.03 6.95 -24.01
C ARG B 230 7.51 7.08 -24.12
N TYR B 231 6.96 6.99 -25.34
CA TYR B 231 5.59 7.42 -25.58
C TYR B 231 4.65 6.46 -26.31
N ASN B 232 5.18 5.53 -27.11
CA ASN B 232 4.32 4.60 -27.82
C ASN B 232 3.41 3.88 -26.81
N GLU B 233 2.10 3.91 -27.08
CA GLU B 233 1.11 3.39 -26.14
C GLU B 233 1.34 1.91 -25.92
N LYS B 234 1.52 1.14 -27.00
CA LYS B 234 1.71 -0.30 -26.89
C LYS B 234 2.93 -0.63 -26.03
N LEU B 235 4.06 0.03 -26.30
CA LEU B 235 5.28 -0.19 -25.56
C LEU B 235 5.14 0.21 -24.09
N ARG B 236 4.49 1.36 -23.85
CA ARG B 236 4.36 1.90 -22.52
C ARG B 236 3.40 1.11 -21.63
N LEU B 237 2.57 0.25 -22.25
CA LEU B 237 1.79 -0.74 -21.53
C LEU B 237 2.69 -1.75 -20.82
N LEU B 238 3.90 -1.95 -21.37
CA LEU B 238 4.86 -2.88 -20.82
C LEU B 238 5.94 -2.23 -19.95
N LEU B 239 6.39 -1.03 -20.34
CA LEU B 239 7.60 -0.47 -19.76
C LEU B 239 7.31 0.31 -18.47
N LYS B 240 6.67 1.47 -18.58
CA LYS B 240 6.22 2.26 -17.44
C LYS B 240 7.29 2.94 -16.57
N VAL B 241 8.57 2.90 -16.98
CA VAL B 241 9.63 3.54 -16.21
C VAL B 241 10.60 4.24 -17.15
N PRO B 242 11.35 5.28 -16.72
CA PRO B 242 12.13 6.11 -17.64
C PRO B 242 13.31 5.40 -18.30
N VAL B 243 13.74 5.96 -19.43
CA VAL B 243 14.93 5.52 -20.14
C VAL B 243 15.97 6.64 -20.14
N PHE B 244 17.25 6.26 -20.12
CA PHE B 244 18.35 7.20 -20.00
C PHE B 244 19.42 6.93 -21.05
N PRO B 245 19.37 7.61 -22.23
CA PRO B 245 20.47 7.52 -23.22
C PRO B 245 21.68 8.27 -22.70
N ILE B 246 22.72 7.57 -22.24
CA ILE B 246 23.87 8.25 -21.58
C ILE B 246 25.15 8.14 -22.42
N GLY B 247 25.08 7.59 -23.63
CA GLY B 247 26.29 7.36 -24.43
C GLY B 247 26.52 8.40 -25.49
N PRO B 248 27.44 8.19 -26.45
CA PRO B 248 28.21 6.95 -26.51
C PRO B 248 29.44 6.96 -25.60
N LEU B 249 29.49 6.00 -24.67
CA LEU B 249 30.64 5.84 -23.76
C LEU B 249 31.61 4.82 -24.34
N ARG B 250 32.90 5.01 -24.06
CA ARG B 250 33.93 4.08 -24.52
C ARG B 250 35.21 4.20 -23.70
N ARG B 251 36.09 3.19 -23.83
CA ARG B 251 37.38 3.18 -23.18
C ARG B 251 38.19 4.44 -23.50
N LYS B 252 39.10 4.81 -22.58
CA LYS B 252 40.05 5.87 -22.85
C LYS B 252 41.27 5.29 -23.56
N VAL B 253 42.01 6.14 -24.26
CA VAL B 253 43.17 5.66 -25.07
C VAL B 253 44.47 5.75 -24.27
N GLU B 254 45.37 4.77 -24.41
CA GLU B 254 46.70 4.82 -23.75
C GLU B 254 47.74 5.23 -24.80
N THR B 255 48.14 6.50 -24.84
CA THR B 255 49.03 7.00 -25.91
C THR B 255 50.34 6.24 -25.97
N THR B 256 51.12 6.25 -24.89
CA THR B 256 52.47 5.63 -24.92
C THR B 256 52.40 4.31 -25.64
N LEU B 257 53.22 4.10 -26.68
CA LEU B 257 53.09 2.83 -27.45
C LEU B 257 54.37 2.37 -28.16
N ASN B 258 55.21 1.56 -27.49
CA ASN B 258 56.37 0.92 -28.16
C ASN B 258 55.59 -0.21 -28.80
N ASP B 259 54.79 0.12 -29.80
CA ASP B 259 53.85 -0.82 -30.37
C ASP B 259 54.13 -0.68 -31.85
N GLU B 260 54.58 -1.76 -32.49
CA GLU B 260 55.04 -1.72 -33.87
C GLU B 260 53.93 -1.50 -34.90
N VAL B 261 52.69 -1.78 -34.51
CA VAL B 261 51.54 -1.52 -35.35
C VAL B 261 51.43 0.00 -35.52
N ILE B 262 51.45 0.72 -34.40
CA ILE B 262 51.34 2.17 -34.40
C ILE B 262 52.52 2.80 -35.15
N GLN B 263 53.71 2.20 -35.00
CA GLN B 263 54.89 2.69 -35.69
C GLN B 263 54.77 2.47 -37.20
N TRP B 264 54.22 1.31 -37.60
CA TRP B 264 53.90 1.06 -38.99
C TRP B 264 52.93 2.12 -39.50
N LEU B 265 51.81 2.26 -38.79
CA LEU B 265 50.76 3.21 -39.14
C LEU B 265 51.31 4.62 -39.30
N ASP B 266 52.28 5.00 -38.46
CA ASP B 266 52.89 6.32 -38.52
C ASP B 266 53.57 6.61 -39.86
N LYS B 267 53.96 5.55 -40.59
CA LYS B 267 54.63 5.71 -41.87
C LYS B 267 53.65 5.75 -43.05
N GLN B 268 52.36 5.59 -42.77
CA GLN B 268 51.34 5.58 -43.83
C GLN B 268 50.64 6.92 -43.96
N ASN B 269 49.93 7.10 -45.08
CA ASN B 269 49.21 8.32 -45.36
C ASN B 269 47.89 8.37 -44.60
N ASN B 270 47.28 9.57 -44.53
CA ASN B 270 46.07 9.76 -43.77
C ASN B 270 44.91 8.97 -44.37
N GLU B 271 44.09 8.38 -43.49
CA GLU B 271 42.91 7.63 -43.86
C GLU B 271 43.16 6.65 -45.00
N SER B 272 44.30 5.94 -44.95
CA SER B 272 44.69 5.05 -46.03
C SER B 272 44.77 3.58 -45.61
N VAL B 273 44.53 3.29 -44.33
CA VAL B 273 44.65 1.93 -43.82
C VAL B 273 43.28 1.39 -43.43
N LEU B 274 43.03 0.12 -43.76
CA LEU B 274 41.83 -0.57 -43.34
C LEU B 274 42.15 -1.50 -42.17
N PHE B 275 41.49 -1.26 -41.03
CA PHE B 275 41.63 -2.13 -39.87
C PHE B 275 40.60 -3.24 -39.95
N VAL B 276 41.06 -4.49 -39.82
CA VAL B 276 40.19 -5.66 -39.80
C VAL B 276 40.25 -6.36 -38.44
N SER B 277 39.12 -6.36 -37.73
CA SER B 277 39.00 -7.04 -36.45
C SER B 277 37.59 -7.55 -36.20
N PHE B 278 37.50 -8.77 -35.65
CA PHE B 278 36.22 -9.39 -35.35
C PHE B 278 36.00 -9.51 -33.85
N GLY B 279 36.50 -8.51 -33.09
CA GLY B 279 36.34 -8.44 -31.65
C GLY B 279 37.02 -9.60 -30.91
N SER B 280 36.96 -9.53 -29.57
CA SER B 280 37.71 -10.42 -28.71
C SER B 280 37.65 -11.88 -29.14
N GLY B 281 36.44 -12.44 -29.23
CA GLY B 281 36.25 -13.87 -29.43
C GLY B 281 36.01 -14.33 -30.86
N GLY B 282 36.10 -13.41 -31.82
CA GLY B 282 35.67 -13.69 -33.18
C GLY B 282 36.69 -14.51 -33.97
N THR B 283 36.17 -15.48 -34.74
CA THR B 283 36.99 -16.36 -35.56
C THR B 283 36.22 -16.79 -36.81
N LEU B 284 36.95 -16.91 -37.93
CA LEU B 284 36.36 -17.30 -39.21
C LEU B 284 36.57 -18.77 -39.51
N SER B 285 35.93 -19.26 -40.58
CA SER B 285 36.21 -20.57 -41.12
C SER B 285 37.51 -20.52 -41.92
N THR B 286 38.09 -21.69 -42.17
CA THR B 286 39.29 -21.80 -42.99
C THR B 286 39.06 -21.22 -44.37
N LYS B 287 37.93 -21.58 -44.98
CA LYS B 287 37.58 -21.12 -46.32
C LYS B 287 37.33 -19.62 -46.33
N GLN B 288 36.59 -19.13 -45.35
CA GLN B 288 36.25 -17.72 -45.27
C GLN B 288 37.53 -16.89 -45.06
N MET B 289 38.43 -17.41 -44.23
CA MET B 289 39.66 -16.70 -43.90
C MET B 289 40.58 -16.63 -45.12
N THR B 290 40.66 -17.72 -45.88
CA THR B 290 41.47 -17.74 -47.10
C THR B 290 40.93 -16.75 -48.13
N GLU B 291 39.60 -16.72 -48.30
CA GLU B 291 38.97 -15.80 -49.23
C GLU B 291 39.16 -14.34 -48.80
N LEU B 292 39.10 -14.11 -47.49
CA LEU B 292 39.36 -12.79 -46.93
C LEU B 292 40.78 -12.36 -47.27
N ALA B 293 41.76 -13.20 -46.90
CA ALA B 293 43.17 -12.92 -47.16
C ALA B 293 43.35 -12.45 -48.61
N TRP B 294 42.86 -13.26 -49.55
CA TRP B 294 42.94 -12.92 -50.96
C TRP B 294 42.31 -11.56 -51.23
N GLY B 295 41.06 -11.36 -50.78
CA GLY B 295 40.39 -10.07 -50.91
C GLY B 295 41.26 -8.86 -50.58
N LEU B 296 41.95 -8.92 -49.43
CA LEU B 296 42.81 -7.84 -48.99
C LEU B 296 44.03 -7.65 -49.90
N GLU B 297 44.56 -8.76 -50.44
CA GLU B 297 45.67 -8.69 -51.36
C GLU B 297 45.23 -7.99 -52.64
N LEU B 298 44.14 -8.49 -53.23
CA LEU B 298 43.66 -8.03 -54.52
C LEU B 298 43.21 -6.57 -54.47
N SER B 299 42.71 -6.13 -53.31
CA SER B 299 42.31 -4.74 -53.14
C SER B 299 43.43 -3.75 -53.40
N GLN B 300 44.68 -4.20 -53.22
CA GLN B 300 45.85 -3.33 -53.35
C GLN B 300 45.77 -2.18 -52.34
N GLN B 301 45.07 -2.43 -51.22
CA GLN B 301 44.89 -1.42 -50.18
C GLN B 301 45.73 -1.79 -48.96
N LYS B 302 46.09 -0.78 -48.17
CA LYS B 302 46.89 -1.01 -46.97
C LYS B 302 45.99 -1.41 -45.82
N PHE B 303 46.44 -2.37 -45.01
CA PHE B 303 45.62 -2.92 -43.95
C PHE B 303 46.38 -3.35 -42.69
N VAL B 304 45.64 -3.40 -41.58
CA VAL B 304 46.08 -4.06 -40.36
C VAL B 304 45.03 -5.12 -40.05
N TRP B 305 45.44 -6.39 -40.05
CA TRP B 305 44.52 -7.48 -39.85
C TRP B 305 44.85 -8.26 -38.57
N VAL B 306 43.97 -8.11 -37.57
CA VAL B 306 44.04 -8.91 -36.35
C VAL B 306 43.51 -10.31 -36.68
N VAL B 307 44.39 -11.31 -36.58
CA VAL B 307 44.05 -12.67 -37.00
C VAL B 307 44.12 -13.65 -35.83
N ARG B 308 43.20 -14.62 -35.83
CA ARG B 308 43.20 -15.73 -34.90
C ARG B 308 43.10 -17.03 -35.71
N PRO B 309 43.43 -18.21 -35.14
CA PRO B 309 43.27 -19.47 -35.84
C PRO B 309 41.81 -19.74 -36.23
N PRO B 310 41.56 -20.34 -37.42
CA PRO B 310 40.18 -20.56 -37.87
C PRO B 310 39.43 -21.60 -37.02
N SER B 311 38.11 -21.61 -37.15
CA SER B 311 37.27 -22.68 -36.62
C SER B 311 36.21 -23.12 -37.62
N ASP B 312 36.64 -23.79 -38.69
CA ASP B 312 35.71 -24.38 -39.64
C ASP B 312 35.02 -25.55 -38.96
N ARG B 328 49.95 -25.06 -35.76
CA ARG B 328 49.19 -23.86 -36.19
C ARG B 328 49.84 -22.62 -35.57
N ASP B 329 50.92 -22.15 -36.19
CA ASP B 329 51.56 -20.89 -35.73
C ASP B 329 51.67 -19.94 -36.93
N MET B 330 50.57 -19.28 -37.33
CA MET B 330 50.56 -18.23 -38.39
C MET B 330 50.60 -17.99 -39.91
N SER B 331 50.97 -19.02 -40.65
CA SER B 331 51.03 -18.89 -42.12
C SER B 331 50.41 -20.16 -42.69
N GLU B 332 50.25 -21.17 -41.84
CA GLU B 332 49.64 -22.43 -42.29
C GLU B 332 48.18 -22.15 -42.65
N TYR B 333 47.52 -21.28 -41.90
CA TYR B 333 46.07 -21.06 -42.15
C TYR B 333 45.88 -20.04 -43.25
N LEU B 334 46.97 -19.59 -43.87
CA LEU B 334 46.82 -18.52 -44.84
C LEU B 334 47.35 -19.00 -46.19
N PRO B 335 47.08 -18.27 -47.31
CA PRO B 335 47.78 -18.50 -48.57
C PRO B 335 49.30 -18.48 -48.39
N GLU B 336 50.01 -19.47 -48.93
CA GLU B 336 51.39 -19.69 -48.49
C GLU B 336 52.41 -18.55 -48.46
N GLY B 337 52.62 -17.77 -49.54
CA GLY B 337 53.54 -16.66 -49.51
C GLY B 337 52.91 -15.32 -49.11
N PHE B 338 51.70 -15.36 -48.55
CA PHE B 338 50.90 -14.16 -48.33
C PHE B 338 51.73 -13.05 -47.69
N LEU B 339 52.33 -13.37 -46.52
CA LEU B 339 52.98 -12.38 -45.70
C LEU B 339 54.16 -11.71 -46.42
N THR B 340 54.87 -12.48 -47.24
CA THR B 340 55.99 -11.94 -47.99
C THR B 340 55.53 -11.13 -49.20
N ARG B 341 54.42 -11.55 -49.83
CA ARG B 341 53.87 -10.80 -50.96
C ARG B 341 53.22 -9.50 -50.51
N THR B 342 52.53 -9.55 -49.36
CA THR B 342 51.82 -8.40 -48.83
C THR B 342 52.65 -7.53 -47.89
N LYS B 343 53.97 -7.78 -47.85
CA LYS B 343 54.80 -7.20 -46.80
C LYS B 343 54.82 -5.69 -46.56
N ASP B 344 54.92 -4.84 -47.59
CA ASP B 344 54.84 -3.41 -47.37
C ASP B 344 53.48 -2.80 -47.61
N MET B 345 52.47 -3.66 -47.81
CA MET B 345 51.10 -3.24 -48.02
C MET B 345 50.24 -3.45 -46.79
N GLY B 346 50.36 -4.64 -46.19
CA GLY B 346 49.56 -5.01 -45.04
C GLY B 346 50.38 -5.23 -43.78
N LEU B 347 49.68 -5.56 -42.69
CA LEU B 347 50.30 -5.88 -41.43
C LEU B 347 49.37 -6.87 -40.72
N VAL B 348 49.85 -8.10 -40.52
CA VAL B 348 49.05 -9.14 -39.92
C VAL B 348 49.48 -9.33 -38.47
N VAL B 349 48.56 -9.06 -37.54
CA VAL B 349 48.92 -9.08 -36.10
C VAL B 349 48.31 -10.31 -35.43
N PRO B 350 49.12 -11.16 -34.77
CA PRO B 350 48.65 -12.37 -34.10
C PRO B 350 47.71 -12.01 -32.96
N MET B 351 46.44 -12.41 -33.06
CA MET B 351 45.46 -12.18 -31.97
C MET B 351 45.38 -10.70 -31.59
N TRP B 352 45.18 -10.42 -30.30
CA TRP B 352 44.96 -9.05 -29.79
C TRP B 352 45.85 -7.92 -30.32
N ALA B 353 45.24 -6.77 -30.62
CA ALA B 353 45.88 -5.51 -30.95
C ALA B 353 45.13 -4.37 -30.29
N ASN B 354 45.80 -3.22 -30.09
CA ASN B 354 45.22 -2.10 -29.36
C ASN B 354 44.24 -1.30 -30.22
N GLN B 355 42.99 -1.77 -30.24
CA GLN B 355 41.98 -1.29 -31.16
C GLN B 355 41.72 0.20 -31.05
N VAL B 356 41.55 0.69 -29.81
CA VAL B 356 41.18 2.08 -29.58
C VAL B 356 42.28 3.01 -30.08
N GLU B 357 43.53 2.61 -29.85
CA GLU B 357 44.69 3.41 -30.22
C GLU B 357 44.92 3.40 -31.73
N ILE B 358 44.65 2.25 -32.37
CA ILE B 358 44.63 2.17 -33.81
C ILE B 358 43.57 3.09 -34.40
N LEU B 359 42.30 2.84 -34.06
CA LEU B 359 41.18 3.59 -34.61
C LEU B 359 41.31 5.11 -34.49
N SER B 360 41.98 5.58 -33.43
CA SER B 360 42.23 7.00 -33.26
C SER B 360 43.33 7.55 -34.17
N HIS B 361 44.08 6.65 -34.83
CA HIS B 361 45.25 7.06 -35.61
C HIS B 361 44.89 7.62 -36.98
N SER B 362 45.54 8.74 -37.32
CA SER B 362 45.26 9.47 -38.54
C SER B 362 45.28 8.63 -39.81
N SER B 363 46.18 7.63 -39.84
CA SER B 363 46.34 6.78 -41.00
C SER B 363 45.25 5.73 -41.19
N VAL B 364 44.36 5.58 -40.21
CA VAL B 364 43.28 4.60 -40.31
C VAL B 364 42.04 5.23 -40.91
N GLY B 365 41.57 4.69 -42.04
CA GLY B 365 40.46 5.26 -42.79
C GLY B 365 39.34 4.26 -43.09
N GLY B 366 39.23 3.20 -42.28
CA GLY B 366 38.16 2.22 -42.45
C GLY B 366 38.29 1.04 -41.49
N PHE B 367 37.15 0.40 -41.20
CA PHE B 367 37.09 -0.67 -40.22
C PHE B 367 36.15 -1.79 -40.66
N LEU B 368 36.74 -2.93 -41.05
CA LEU B 368 35.98 -4.15 -41.26
C LEU B 368 35.73 -4.75 -39.88
N THR B 369 34.46 -4.70 -39.44
CA THR B 369 34.12 -5.05 -38.08
C THR B 369 32.97 -6.05 -37.98
N HIS B 370 32.87 -6.69 -36.82
CA HIS B 370 31.80 -7.63 -36.53
C HIS B 370 30.57 -6.92 -35.98
N CYS B 371 30.70 -5.63 -35.70
CA CYS B 371 29.61 -4.76 -35.29
C CYS B 371 29.19 -4.94 -33.82
N GLY B 372 30.12 -5.43 -33.00
CA GLY B 372 29.95 -5.34 -31.56
C GLY B 372 29.79 -3.87 -31.17
N TRP B 373 28.89 -3.58 -30.23
CA TRP B 373 28.53 -2.19 -29.97
C TRP B 373 29.72 -1.35 -29.50
N ASN B 374 30.64 -1.95 -28.74
CA ASN B 374 31.81 -1.21 -28.29
C ASN B 374 32.75 -0.91 -29.45
N SER B 375 32.98 -1.90 -30.32
CA SER B 375 33.72 -1.69 -31.56
C SER B 375 33.12 -0.54 -32.36
N THR B 376 31.80 -0.59 -32.57
CA THR B 376 31.10 0.41 -33.35
C THR B 376 31.21 1.81 -32.77
N VAL B 377 31.03 1.92 -31.45
CA VAL B 377 31.11 3.21 -30.77
C VAL B 377 32.54 3.76 -30.87
N GLU B 378 33.53 2.87 -30.68
CA GLU B 378 34.93 3.26 -30.81
C GLU B 378 35.24 3.76 -32.21
N SER B 379 34.61 3.16 -33.23
CA SER B 379 34.80 3.55 -34.61
C SER B 379 34.06 4.83 -34.97
N LEU B 380 32.83 4.99 -34.48
CA LEU B 380 32.02 6.16 -34.79
C LEU B 380 32.53 7.41 -34.08
N THR B 381 32.94 7.28 -32.81
CA THR B 381 33.55 8.39 -32.10
C THR B 381 34.82 8.91 -32.79
N ASN B 382 35.46 8.03 -33.56
CA ASN B 382 36.60 8.40 -34.39
C ASN B 382 36.31 8.83 -35.83
N GLY B 383 35.06 8.72 -36.30
CA GLY B 383 34.77 9.15 -37.65
C GLY B 383 35.20 8.16 -38.73
N VAL B 384 35.62 6.96 -38.28
CA VAL B 384 35.93 5.87 -39.18
C VAL B 384 34.68 5.13 -39.69
N PRO B 385 34.56 5.01 -41.03
CA PRO B 385 33.45 4.26 -41.64
C PRO B 385 33.71 2.78 -41.46
N MET B 386 32.76 1.92 -41.81
CA MET B 386 32.96 0.50 -41.48
C MET B 386 32.43 -0.47 -42.56
N ILE B 387 32.90 -1.72 -42.54
CA ILE B 387 32.32 -2.78 -43.42
C ILE B 387 31.70 -3.78 -42.44
N ALA B 388 30.38 -3.80 -42.35
CA ALA B 388 29.65 -4.58 -41.36
C ALA B 388 29.75 -6.05 -41.72
N TRP B 389 30.05 -6.87 -40.71
CA TRP B 389 30.30 -8.29 -40.86
C TRP B 389 29.79 -8.99 -39.61
N PRO B 390 28.45 -9.01 -39.38
CA PRO B 390 27.91 -9.50 -38.12
C PRO B 390 28.02 -11.01 -37.95
N LEU B 391 28.28 -11.44 -36.70
CA LEU B 391 28.54 -12.84 -36.40
C LEU B 391 27.61 -13.41 -35.33
N HIS B 392 27.50 -12.72 -34.19
CA HIS B 392 26.77 -13.23 -33.04
C HIS B 392 26.00 -12.12 -32.30
N ALA B 393 25.28 -12.51 -31.24
CA ALA B 393 24.51 -11.59 -30.42
C ALA B 393 23.59 -10.71 -31.26
N GLU B 394 23.56 -9.40 -30.98
CA GLU B 394 22.70 -8.47 -31.69
C GLU B 394 23.41 -7.79 -32.86
N GLN B 395 24.57 -8.33 -33.25
CA GLN B 395 25.42 -7.69 -34.24
C GLN B 395 24.72 -7.51 -35.58
N LYS B 396 23.79 -8.40 -35.89
CA LYS B 396 23.06 -8.37 -37.15
C LYS B 396 22.12 -7.16 -37.20
N MET B 397 21.47 -6.88 -36.06
CA MET B 397 20.63 -5.70 -35.93
C MET B 397 21.47 -4.43 -35.97
N ASN B 398 22.66 -4.46 -35.35
CA ASN B 398 23.57 -3.35 -35.38
C ASN B 398 24.05 -3.04 -36.80
N ALA B 399 24.41 -4.11 -37.52
CA ALA B 399 24.83 -4.01 -38.91
C ALA B 399 23.72 -3.39 -39.76
N ALA B 400 22.48 -3.87 -39.56
CA ALA B 400 21.34 -3.32 -40.28
C ALA B 400 21.25 -1.81 -40.06
N MET B 401 21.33 -1.40 -38.80
CA MET B 401 21.22 0.00 -38.42
C MET B 401 22.31 0.84 -39.09
N LEU B 402 23.56 0.36 -39.00
CA LEU B 402 24.70 1.08 -39.55
C LEU B 402 24.62 1.29 -41.06
N THR B 403 24.14 0.26 -41.78
CA THR B 403 24.12 0.27 -43.23
C THR B 403 22.89 0.97 -43.78
N GLU B 404 21.71 0.55 -43.30
CA GLU B 404 20.45 1.04 -43.84
C GLU B 404 20.15 2.45 -43.36
N GLU B 405 19.96 2.59 -42.04
CA GLU B 405 19.50 3.84 -41.45
C GLU B 405 20.57 4.93 -41.45
N LEU B 406 21.73 4.60 -40.89
CA LEU B 406 22.76 5.60 -40.63
C LEU B 406 23.65 5.88 -41.83
N GLY B 407 23.82 4.87 -42.70
CA GLY B 407 24.61 5.02 -43.91
C GLY B 407 26.09 5.30 -43.63
N VAL B 408 26.64 4.62 -42.62
CA VAL B 408 28.04 4.79 -42.24
C VAL B 408 28.81 3.49 -42.46
N ALA B 409 28.19 2.54 -43.16
CA ALA B 409 28.79 1.23 -43.37
C ALA B 409 28.23 0.58 -44.63
N ILE B 410 29.02 -0.35 -45.20
CA ILE B 410 28.56 -1.19 -46.29
C ILE B 410 28.67 -2.63 -45.84
N ARG B 411 28.00 -3.54 -46.57
CA ARG B 411 27.94 -4.94 -46.20
C ARG B 411 27.86 -5.83 -47.45
N PRO B 412 28.08 -7.16 -47.31
CA PRO B 412 27.91 -8.06 -48.44
C PRO B 412 26.44 -8.28 -48.79
N ALA B 413 26.18 -8.61 -50.07
CA ALA B 413 24.83 -8.84 -50.56
C ALA B 413 24.05 -9.79 -49.66
N VAL B 414 24.70 -10.92 -49.32
CA VAL B 414 24.16 -11.90 -48.39
C VAL B 414 24.93 -11.84 -47.08
N LEU B 415 24.26 -12.14 -45.96
CA LEU B 415 24.91 -12.21 -44.67
C LEU B 415 26.09 -13.18 -44.72
N PRO B 416 27.24 -12.84 -44.10
CA PRO B 416 28.38 -13.76 -44.07
C PRO B 416 28.09 -15.06 -43.31
N THR B 417 27.29 -14.95 -42.23
CA THR B 417 26.88 -16.11 -41.45
C THR B 417 26.01 -17.10 -42.22
N LYS B 418 25.39 -16.65 -43.33
CA LYS B 418 24.57 -17.51 -44.15
C LYS B 418 25.34 -18.11 -45.33
N LYS B 419 26.24 -17.32 -45.93
CA LYS B 419 26.93 -17.71 -47.14
C LYS B 419 28.37 -17.21 -47.19
N LEU B 420 29.25 -17.97 -47.85
CA LEU B 420 30.65 -17.63 -47.98
C LEU B 420 30.84 -16.38 -48.84
N VAL B 421 31.55 -15.40 -48.29
CA VAL B 421 31.87 -14.16 -48.99
C VAL B 421 33.17 -14.39 -49.74
N LYS B 422 33.12 -14.35 -51.08
CA LYS B 422 34.27 -14.64 -51.90
C LYS B 422 35.17 -13.41 -52.11
N ARG B 423 36.41 -13.68 -52.53
CA ARG B 423 37.46 -12.68 -52.64
C ARG B 423 37.11 -11.46 -53.47
N GLU B 424 36.37 -11.66 -54.57
CA GLU B 424 36.05 -10.55 -55.48
C GLU B 424 35.15 -9.55 -54.78
N GLU B 425 34.14 -10.06 -54.06
CA GLU B 425 33.22 -9.22 -53.32
C GLU B 425 33.97 -8.42 -52.26
N ILE B 426 34.85 -9.10 -51.51
CA ILE B 426 35.62 -8.47 -50.46
C ILE B 426 36.50 -7.35 -51.03
N GLN B 427 37.33 -7.70 -52.02
CA GLN B 427 38.22 -6.73 -52.67
C GLN B 427 37.43 -5.54 -53.18
N GLY B 428 36.26 -5.79 -53.74
CA GLY B 428 35.52 -4.61 -54.19
C GLY B 428 35.18 -3.74 -53.01
N MET B 429 34.72 -4.33 -51.93
CA MET B 429 34.29 -3.53 -50.76
C MET B 429 35.48 -2.71 -50.27
N VAL B 430 36.55 -3.38 -49.92
CA VAL B 430 37.76 -2.67 -49.41
C VAL B 430 38.16 -1.64 -50.47
N ARG B 431 37.73 -1.81 -51.71
CA ARG B 431 38.00 -0.76 -52.68
C ARG B 431 36.98 0.36 -52.59
N ILE B 432 35.70 0.04 -52.60
CA ILE B 432 34.67 1.12 -52.64
C ILE B 432 34.85 2.02 -51.42
N LEU B 433 34.91 1.46 -50.22
CA LEU B 433 35.25 2.27 -49.04
C LEU B 433 36.76 2.38 -49.14
N MET B 434 37.36 3.49 -48.71
CA MET B 434 38.85 3.60 -48.66
C MET B 434 39.44 3.95 -50.04
N GLN B 435 38.65 3.92 -51.12
CA GLN B 435 39.18 4.33 -52.44
C GLN B 435 38.16 5.23 -53.14
N THR B 436 37.02 4.70 -53.57
CA THR B 436 35.94 5.54 -54.16
C THR B 436 35.14 6.65 -53.57
N LYS B 437 34.68 7.58 -54.38
CA LYS B 437 33.99 8.76 -53.86
C LYS B 437 32.86 8.37 -52.92
N GLU B 438 32.13 7.32 -53.27
CA GLU B 438 31.10 6.77 -52.39
C GLU B 438 31.68 6.57 -51.00
N GLY B 439 32.82 5.88 -50.94
CA GLY B 439 33.56 5.67 -49.70
C GLY B 439 33.78 6.94 -48.88
N LYS B 440 34.19 8.01 -49.57
CA LYS B 440 34.43 9.29 -48.92
C LYS B 440 33.12 9.91 -48.39
N ARG B 441 32.03 9.63 -49.07
CA ARG B 441 30.73 10.21 -48.64
C ARG B 441 30.30 9.55 -47.34
N ILE B 442 30.71 8.30 -47.15
CA ILE B 442 30.35 7.54 -45.92
C ILE B 442 31.27 8.07 -44.81
N LYS B 443 32.57 8.16 -45.07
CA LYS B 443 33.46 8.77 -44.06
C LYS B 443 32.82 10.09 -43.62
N GLU B 444 32.29 10.88 -44.54
CA GLU B 444 31.78 12.18 -44.14
C GLU B 444 30.56 12.04 -43.24
N LYS B 445 29.68 11.07 -43.52
CA LYS B 445 28.56 10.80 -42.65
C LYS B 445 29.02 10.34 -41.26
N ALA B 446 30.04 9.47 -41.22
CA ALA B 446 30.60 9.01 -39.97
C ALA B 446 31.18 10.14 -39.13
N LYS B 447 31.82 11.12 -39.80
CA LYS B 447 32.30 12.31 -39.12
C LYS B 447 31.17 13.12 -38.52
N LYS B 448 30.04 13.23 -39.22
CA LYS B 448 28.88 13.93 -38.71
C LYS B 448 28.38 13.23 -37.43
N LEU B 449 28.26 11.91 -37.50
CA LEU B 449 27.93 11.09 -36.33
C LEU B 449 28.87 11.39 -35.18
N LYS B 450 30.18 11.40 -35.46
CA LYS B 450 31.18 11.74 -34.45
C LYS B 450 30.83 13.05 -33.75
N LYS B 451 30.62 14.09 -34.55
CA LYS B 451 30.35 15.42 -34.02
C LYS B 451 29.10 15.44 -33.15
N SER B 452 28.03 14.77 -33.61
CA SER B 452 26.79 14.71 -32.87
C SER B 452 26.97 13.99 -31.53
N ALA B 453 27.81 12.94 -31.53
CA ALA B 453 28.15 12.24 -30.31
C ALA B 453 28.90 13.14 -29.34
N GLU B 454 29.89 13.88 -29.84
CA GLU B 454 30.61 14.88 -29.06
C GLU B 454 29.63 15.87 -28.40
N ASN B 455 28.66 16.33 -29.17
CA ASN B 455 27.70 17.32 -28.71
C ASN B 455 26.72 16.75 -27.68
N ALA B 456 26.48 15.44 -27.74
CA ALA B 456 25.68 14.78 -26.73
C ALA B 456 26.34 14.70 -25.35
N LEU B 457 27.61 14.32 -25.30
CA LEU B 457 28.32 14.19 -24.04
C LEU B 457 28.83 15.52 -23.47
N SER B 458 28.65 16.60 -24.22
CA SER B 458 29.07 17.93 -23.77
C SER B 458 28.04 18.47 -22.78
N ASP B 459 28.46 19.45 -21.98
CA ASP B 459 27.55 20.12 -21.06
C ASP B 459 26.33 20.63 -21.83
N GLY B 460 25.14 20.36 -21.30
CA GLY B 460 23.90 20.76 -21.99
C GLY B 460 23.50 19.75 -23.04
N GLY B 461 24.28 18.67 -23.20
CA GLY B 461 23.99 17.67 -24.25
C GLY B 461 23.02 16.60 -23.78
N SER B 462 22.36 15.93 -24.73
CA SER B 462 21.35 14.88 -24.39
C SER B 462 21.90 13.92 -23.33
N SER B 463 22.99 13.21 -23.64
CA SER B 463 23.56 12.22 -22.70
C SER B 463 23.87 12.90 -21.36
N TYR B 464 24.66 13.97 -21.40
CA TYR B 464 24.98 14.73 -20.17
C TYR B 464 23.69 14.98 -19.40
N ASN B 465 22.66 15.46 -20.11
CA ASN B 465 21.39 15.77 -19.46
C ASN B 465 20.71 14.51 -18.93
N SER B 466 20.76 13.40 -19.69
CA SER B 466 20.18 12.14 -19.24
C SER B 466 20.75 11.69 -17.91
N ILE B 467 22.07 11.83 -17.74
CA ILE B 467 22.70 11.49 -16.48
C ILE B 467 22.18 12.36 -15.35
N CYS B 468 22.07 13.67 -15.59
CA CYS B 468 21.55 14.59 -14.58
C CYS B 468 20.12 14.24 -14.18
N GLU B 469 19.31 13.78 -15.15
CA GLU B 469 17.95 13.34 -14.84
C GLU B 469 17.96 12.06 -14.03
N LEU B 470 18.97 11.20 -14.29
CA LEU B 470 19.16 10.01 -13.48
C LEU B 470 19.47 10.41 -12.03
N VAL B 471 20.47 11.26 -11.82
CA VAL B 471 20.84 11.69 -10.48
C VAL B 471 19.66 12.35 -9.79
N LYS B 472 18.80 13.05 -10.55
CA LYS B 472 17.58 13.61 -9.98
C LYS B 472 16.64 12.50 -9.52
N ASP B 473 16.53 11.42 -10.28
CA ASP B 473 15.61 10.31 -9.90
C ASP B 473 16.11 9.61 -8.66
N ILE B 474 17.42 9.55 -8.47
CA ILE B 474 17.99 8.82 -7.32
C ILE B 474 17.66 9.59 -6.06
N ARG B 475 18.13 10.83 -5.97
CA ARG B 475 17.90 11.62 -4.74
C ARG B 475 16.40 11.69 -4.46
N SER B 476 15.60 11.80 -5.50
CA SER B 476 14.18 11.80 -5.22
C SER B 476 13.76 10.62 -4.35
N ARG B 477 14.41 9.47 -4.55
CA ARG B 477 14.08 8.27 -3.80
C ARG B 477 14.63 8.28 -2.37
N GLU B 478 15.53 9.22 -2.06
CA GLU B 478 15.98 9.42 -0.69
C GLU B 478 14.93 10.27 0.04
N LEU B 479 14.37 11.24 -0.67
CA LEU B 479 13.39 12.17 -0.11
C LEU B 479 12.40 11.45 0.81
N SER C 6 5.50 -24.36 -13.90
CA SER C 6 5.06 -23.42 -14.93
C SER C 6 3.73 -22.75 -14.57
N GLN C 7 3.34 -21.76 -15.39
CA GLN C 7 2.21 -20.89 -15.07
C GLN C 7 0.89 -21.63 -15.28
N LEU C 8 -0.14 -21.23 -14.51
CA LEU C 8 -1.44 -21.88 -14.55
C LEU C 8 -2.32 -21.37 -15.69
N HIS C 9 -3.22 -22.26 -16.14
CA HIS C 9 -4.30 -21.87 -17.03
C HIS C 9 -5.62 -22.08 -16.30
N VAL C 10 -6.42 -21.01 -16.20
CA VAL C 10 -7.75 -21.10 -15.61
C VAL C 10 -8.76 -20.57 -16.61
N ALA C 11 -9.93 -21.21 -16.63
CA ALA C 11 -11.03 -20.78 -17.49
C ALA C 11 -12.17 -20.29 -16.61
N ILE C 12 -12.62 -19.06 -16.86
CA ILE C 12 -13.72 -18.49 -16.08
C ILE C 12 -14.97 -18.42 -16.97
N VAL C 13 -16.08 -18.91 -16.43
CA VAL C 13 -17.33 -18.97 -17.19
C VAL C 13 -18.25 -17.84 -16.72
N SER C 14 -18.72 -17.05 -17.69
CA SER C 14 -19.64 -15.95 -17.46
C SER C 14 -21.03 -16.27 -17.97
N SER C 15 -22.05 -15.74 -17.28
CA SER C 15 -23.43 -15.90 -17.69
C SER C 15 -23.77 -14.90 -18.79
N PRO C 16 -24.95 -15.02 -19.45
CA PRO C 16 -25.41 -13.99 -20.36
C PRO C 16 -25.72 -12.68 -19.64
N GLY C 17 -25.37 -11.58 -20.28
CA GLY C 17 -25.64 -10.26 -19.71
C GLY C 17 -24.33 -9.60 -19.27
N MET C 18 -24.11 -8.39 -19.77
CA MET C 18 -22.96 -7.56 -19.45
C MET C 18 -22.73 -7.46 -17.95
N GLY C 19 -23.83 -7.31 -17.19
CA GLY C 19 -23.76 -7.23 -15.74
C GLY C 19 -23.09 -8.43 -15.08
N HIS C 20 -23.08 -9.57 -15.78
CA HIS C 20 -22.42 -10.79 -15.33
C HIS C 20 -21.06 -11.02 -15.97
N LEU C 21 -20.84 -10.40 -17.14
CA LEU C 21 -19.58 -10.51 -17.86
C LEU C 21 -18.49 -9.65 -17.22
N ILE C 22 -18.82 -8.39 -16.90
CA ILE C 22 -17.84 -7.45 -16.37
C ILE C 22 -17.19 -7.96 -15.09
N PRO C 23 -17.95 -8.45 -14.08
CA PRO C 23 -17.36 -8.96 -12.85
C PRO C 23 -16.38 -10.11 -13.09
N VAL C 24 -16.68 -10.93 -14.10
CA VAL C 24 -15.82 -12.04 -14.46
C VAL C 24 -14.53 -11.51 -15.10
N LEU C 25 -14.66 -10.45 -15.91
CA LEU C 25 -13.50 -9.79 -16.49
C LEU C 25 -12.59 -9.19 -15.42
N VAL C 26 -13.19 -8.58 -14.38
CA VAL C 26 -12.38 -7.94 -13.35
C VAL C 26 -11.63 -9.00 -12.57
N LEU C 27 -12.25 -10.17 -12.38
CA LEU C 27 -11.58 -11.30 -11.74
C LEU C 27 -10.42 -11.76 -12.61
N GLY C 28 -10.70 -11.98 -13.90
CA GLY C 28 -9.69 -12.37 -14.86
C GLY C 28 -8.48 -11.43 -14.86
N ASN C 29 -8.75 -10.13 -14.94
CA ASN C 29 -7.70 -9.12 -14.97
C ASN C 29 -6.86 -9.16 -13.69
N ARG C 30 -7.54 -9.27 -12.54
CA ARG C 30 -6.88 -9.36 -11.25
C ARG C 30 -5.90 -10.54 -11.22
N LEU C 31 -6.40 -11.74 -11.56
CA LEU C 31 -5.59 -12.94 -11.52
C LEU C 31 -4.40 -12.83 -12.46
N ALA C 32 -4.69 -12.39 -13.69
CA ALA C 32 -3.70 -12.31 -14.75
C ALA C 32 -2.55 -11.37 -14.38
N THR C 33 -2.92 -10.15 -13.96
CA THR C 33 -1.94 -9.13 -13.60
C THR C 33 -1.17 -9.52 -12.33
N HIS C 34 -1.90 -9.66 -11.23
CA HIS C 34 -1.29 -9.74 -9.90
C HIS C 34 -0.71 -11.12 -9.56
N HIS C 35 -1.26 -12.18 -10.15
CA HIS C 35 -0.85 -13.52 -9.80
C HIS C 35 -0.28 -14.37 -10.92
N ASN C 36 -0.06 -13.77 -12.10
CA ASN C 36 0.64 -14.43 -13.19
C ASN C 36 -0.03 -15.72 -13.64
N ILE C 37 -1.35 -15.67 -13.88
CA ILE C 37 -2.09 -16.76 -14.47
C ILE C 37 -2.53 -16.36 -15.88
N LYS C 38 -2.42 -17.30 -16.83
CA LYS C 38 -3.03 -17.13 -18.14
C LYS C 38 -4.49 -17.57 -18.06
N ILE C 39 -5.38 -16.70 -18.53
CA ILE C 39 -6.83 -16.89 -18.37
C ILE C 39 -7.54 -16.96 -19.70
N THR C 40 -8.64 -17.70 -19.72
CA THR C 40 -9.59 -17.73 -20.82
C THR C 40 -11.00 -17.55 -20.27
N ILE C 41 -11.73 -16.57 -20.81
CA ILE C 41 -13.10 -16.33 -20.39
C ILE C 41 -14.07 -16.96 -21.39
N LEU C 42 -14.96 -17.82 -20.87
CA LEU C 42 -16.01 -18.41 -21.67
C LEU C 42 -17.27 -17.61 -21.38
N ALA C 43 -17.61 -16.67 -22.28
CA ALA C 43 -18.77 -15.83 -22.08
C ALA C 43 -19.99 -16.39 -22.81
N ILE C 44 -21.06 -16.68 -22.06
CA ILE C 44 -22.32 -17.18 -22.70
C ILE C 44 -23.09 -15.98 -23.26
N THR C 45 -23.57 -16.10 -24.50
CA THR C 45 -24.31 -15.00 -25.14
C THR C 45 -25.65 -15.51 -25.61
N THR C 46 -26.67 -14.66 -25.56
CA THR C 46 -28.02 -15.05 -25.99
C THR C 46 -28.09 -14.96 -27.49
N THR C 47 -28.97 -15.73 -28.12
CA THR C 47 -29.16 -15.59 -29.57
C THR C 47 -29.44 -14.13 -29.84
N SER C 48 -30.13 -13.47 -28.90
CA SER C 48 -30.39 -12.01 -29.02
C SER C 48 -29.53 -11.26 -27.99
N SER C 49 -28.26 -11.65 -27.81
CA SER C 49 -27.41 -10.81 -26.94
C SER C 49 -27.55 -9.48 -27.68
N SER C 50 -27.89 -8.40 -26.98
CA SER C 50 -28.18 -7.12 -27.67
C SER C 50 -26.96 -6.22 -27.41
N ALA C 51 -26.27 -6.40 -26.29
CA ALA C 51 -25.03 -5.63 -26.03
C ALA C 51 -23.72 -6.39 -25.89
N GLU C 52 -23.78 -7.52 -25.20
CA GLU C 52 -22.56 -8.37 -25.08
C GLU C 52 -21.92 -8.39 -26.47
N THR C 53 -22.70 -8.75 -27.49
CA THR C 53 -22.18 -8.80 -28.87
C THR C 53 -21.34 -7.59 -29.12
N GLU C 54 -21.95 -6.41 -29.07
CA GLU C 54 -21.21 -5.15 -29.38
C GLU C 54 -19.94 -5.07 -28.51
N PHE C 55 -20.10 -5.15 -27.19
CA PHE C 55 -18.91 -5.08 -26.31
C PHE C 55 -17.92 -6.10 -26.77
N LEU C 56 -18.39 -7.33 -27.00
CA LEU C 56 -17.46 -8.42 -27.34
C LEU C 56 -16.79 -8.18 -28.71
N LYS C 57 -17.09 -7.06 -29.39
CA LYS C 57 -16.37 -6.74 -30.65
C LYS C 57 -15.05 -6.03 -30.27
N LYS C 58 -15.00 -5.28 -29.15
CA LYS C 58 -13.78 -4.54 -28.66
C LYS C 58 -12.61 -5.50 -28.90
N THR C 59 -11.65 -5.15 -29.79
CA THR C 59 -10.60 -6.07 -30.27
C THR C 59 -11.81 -6.95 -30.48
N THR C 60 -11.65 -8.25 -30.23
CA THR C 60 -12.76 -9.22 -30.41
C THR C 60 -12.40 -9.75 -29.04
N LEU C 61 -11.44 -10.70 -29.00
CA LEU C 61 -10.87 -11.19 -27.70
C LEU C 61 -9.93 -10.04 -27.36
N THR C 62 -10.36 -9.15 -26.48
CA THR C 62 -9.68 -7.85 -26.31
C THR C 62 -8.51 -8.43 -25.57
N ASN C 63 -7.36 -8.58 -26.23
CA ASN C 63 -6.15 -9.05 -25.53
C ASN C 63 -5.07 -7.97 -25.55
N GLU C 64 -4.25 -7.90 -24.51
CA GLU C 64 -3.15 -6.95 -24.43
C GLU C 64 -1.90 -7.82 -24.58
N GLU C 65 -1.52 -8.52 -23.51
CA GLU C 65 -0.39 -9.44 -23.51
C GLU C 65 -0.83 -10.87 -23.82
N LYS C 66 -1.99 -11.04 -24.47
CA LYS C 66 -2.61 -12.33 -24.74
C LYS C 66 -2.70 -13.27 -23.53
N THR C 67 -2.76 -12.66 -22.34
CA THR C 67 -2.89 -13.36 -21.07
C THR C 67 -4.34 -13.54 -20.59
N ILE C 68 -5.23 -12.63 -21.05
CA ILE C 68 -6.66 -12.89 -21.05
C ILE C 68 -7.09 -13.00 -22.51
N GLU C 69 -7.96 -13.98 -22.76
CA GLU C 69 -8.54 -14.20 -24.08
C GLU C 69 -10.00 -14.58 -23.86
N ILE C 70 -10.89 -13.86 -24.56
CA ILE C 70 -12.32 -14.04 -24.38
C ILE C 70 -12.89 -14.87 -25.53
N ILE C 71 -13.66 -15.89 -25.15
CA ILE C 71 -14.25 -16.82 -26.11
C ILE C 71 -15.76 -16.71 -25.94
N PRO C 72 -16.46 -16.14 -26.95
CA PRO C 72 -17.91 -16.16 -26.97
C PRO C 72 -18.47 -17.54 -27.23
N VAL C 73 -19.49 -17.92 -26.45
CA VAL C 73 -20.16 -19.19 -26.61
C VAL C 73 -21.64 -18.91 -26.86
N PRO C 74 -22.20 -19.31 -28.02
CA PRO C 74 -23.61 -19.08 -28.28
C PRO C 74 -24.53 -19.92 -27.40
N SER C 75 -25.65 -19.34 -26.98
CA SER C 75 -26.70 -20.09 -26.29
C SER C 75 -27.68 -20.65 -27.32
N VAL C 76 -28.80 -21.22 -26.82
CA VAL C 76 -29.95 -21.52 -27.66
C VAL C 76 -31.07 -20.54 -27.29
N ASP C 77 -32.05 -20.40 -28.19
CA ASP C 77 -33.25 -19.60 -27.93
C ASP C 77 -34.26 -20.43 -27.15
N ILE C 78 -34.57 -19.98 -25.92
CA ILE C 78 -35.37 -20.76 -24.99
C ILE C 78 -36.78 -20.20 -24.77
N SER C 79 -37.24 -19.31 -25.65
CA SER C 79 -38.59 -18.76 -25.59
C SER C 79 -39.69 -19.82 -25.46
N HIS C 80 -39.40 -21.04 -25.91
CA HIS C 80 -40.32 -22.16 -25.82
C HIS C 80 -40.44 -22.80 -24.43
N LEU C 81 -39.52 -22.47 -23.52
CA LEU C 81 -39.52 -23.02 -22.17
C LEU C 81 -39.87 -21.96 -21.13
N ILE C 82 -40.36 -20.79 -21.58
CA ILE C 82 -40.71 -19.70 -20.70
C ILE C 82 -42.00 -19.02 -21.13
N ASN C 83 -42.54 -18.19 -20.23
CA ASN C 83 -43.71 -17.38 -20.48
C ASN C 83 -43.49 -16.01 -19.82
N SER C 84 -44.48 -15.12 -19.94
CA SER C 84 -44.39 -13.77 -19.40
C SER C 84 -44.22 -13.73 -17.88
N SER C 85 -44.68 -14.79 -17.20
CA SER C 85 -44.64 -14.86 -15.75
C SER C 85 -43.36 -15.50 -15.21
N THR C 86 -42.56 -16.12 -16.08
CA THR C 86 -41.29 -16.70 -15.66
C THR C 86 -40.33 -15.58 -15.27
N LYS C 87 -39.63 -15.77 -14.15
CA LYS C 87 -38.78 -14.73 -13.58
C LYS C 87 -37.33 -14.85 -14.03
N ILE C 88 -36.58 -13.74 -13.89
CA ILE C 88 -35.25 -13.62 -14.44
C ILE C 88 -34.29 -14.69 -13.90
N PHE C 89 -34.39 -15.00 -12.60
CA PHE C 89 -33.50 -15.98 -12.00
C PHE C 89 -33.55 -17.30 -12.78
N THR C 90 -34.78 -17.81 -12.97
CA THR C 90 -34.99 -19.05 -13.70
C THR C 90 -34.57 -18.89 -15.16
N GLN C 91 -34.84 -17.71 -15.73
CA GLN C 91 -34.42 -17.43 -17.10
C GLN C 91 -32.93 -17.72 -17.26
N LEU C 92 -32.10 -17.10 -16.41
CA LEU C 92 -30.66 -17.33 -16.43
C LEU C 92 -30.37 -18.82 -16.33
N ARG C 93 -31.02 -19.49 -15.36
CA ARG C 93 -30.85 -20.90 -15.15
C ARG C 93 -31.07 -21.74 -16.41
N LEU C 94 -32.15 -21.44 -17.14
CA LEU C 94 -32.47 -22.17 -18.36
C LEU C 94 -31.47 -21.83 -19.48
N LEU C 95 -31.10 -20.55 -19.57
CA LEU C 95 -30.13 -20.11 -20.56
C LEU C 95 -28.86 -20.94 -20.47
N VAL C 96 -28.28 -21.01 -19.27
CA VAL C 96 -27.10 -21.81 -19.03
C VAL C 96 -27.39 -23.28 -19.31
N ARG C 97 -28.50 -23.78 -18.75
CA ARG C 97 -28.86 -25.19 -18.84
C ARG C 97 -28.83 -25.69 -20.28
N GLU C 98 -29.42 -24.91 -21.19
CA GLU C 98 -29.48 -25.29 -22.60
C GLU C 98 -28.18 -25.01 -23.34
N ALA C 99 -27.33 -24.14 -22.78
CA ALA C 99 -26.01 -23.89 -23.33
C ALA C 99 -25.00 -24.99 -22.98
N LEU C 100 -25.32 -25.81 -21.98
CA LEU C 100 -24.47 -26.91 -21.54
C LEU C 100 -23.73 -27.67 -22.64
N PRO C 101 -24.40 -28.14 -23.72
CA PRO C 101 -23.71 -28.86 -24.80
C PRO C 101 -22.63 -28.02 -25.47
N LYS C 102 -22.93 -26.75 -25.70
CA LYS C 102 -21.96 -25.87 -26.41
C LYS C 102 -20.71 -25.69 -25.56
N ILE C 103 -20.88 -25.58 -24.25
CA ILE C 103 -19.70 -25.48 -23.34
C ILE C 103 -18.96 -26.82 -23.45
N HIS C 104 -19.70 -27.92 -23.31
CA HIS C 104 -19.04 -29.21 -23.45
C HIS C 104 -18.16 -29.24 -24.69
N SER C 105 -18.69 -28.76 -25.83
CA SER C 105 -17.94 -28.74 -27.07
C SER C 105 -16.75 -27.79 -27.03
N THR C 106 -16.93 -26.59 -26.46
CA THR C 106 -15.83 -25.60 -26.46
C THR C 106 -14.72 -26.10 -25.57
N ILE C 107 -15.04 -26.54 -24.36
CA ILE C 107 -14.00 -26.99 -23.39
C ILE C 107 -13.33 -28.25 -23.95
N ALA C 108 -13.93 -28.89 -24.95
CA ALA C 108 -13.25 -30.04 -25.57
C ALA C 108 -12.30 -29.53 -26.65
N SER C 109 -12.79 -28.69 -27.55
CA SER C 109 -11.99 -28.17 -28.65
C SER C 109 -10.70 -27.49 -28.15
N MET C 110 -10.62 -27.24 -26.84
CA MET C 110 -9.57 -26.45 -26.24
C MET C 110 -8.17 -27.01 -26.52
N THR C 111 -7.32 -26.18 -27.13
CA THR C 111 -5.94 -26.53 -27.43
C THR C 111 -5.10 -26.90 -26.19
N HIS C 112 -5.12 -26.02 -25.20
CA HIS C 112 -4.31 -26.14 -24.00
C HIS C 112 -5.32 -26.17 -22.84
N ARG C 113 -5.56 -27.38 -22.31
CA ARG C 113 -6.61 -27.60 -21.33
C ARG C 113 -6.48 -26.69 -20.11
N PRO C 114 -7.61 -26.23 -19.52
CA PRO C 114 -7.56 -25.47 -18.28
C PRO C 114 -7.27 -26.33 -17.05
N ASP C 115 -6.27 -25.91 -16.25
CA ASP C 115 -5.92 -26.61 -15.03
C ASP C 115 -7.02 -26.43 -13.97
N ALA C 116 -7.82 -25.37 -14.10
CA ALA C 116 -8.97 -25.16 -13.24
C ALA C 116 -10.06 -24.40 -13.97
N LEU C 117 -11.28 -24.45 -13.42
CA LEU C 117 -12.45 -23.85 -14.02
C LEU C 117 -13.24 -23.12 -12.94
N ILE C 118 -13.40 -21.81 -13.11
CA ILE C 118 -14.22 -21.01 -12.21
C ILE C 118 -15.53 -20.60 -12.88
N VAL C 119 -16.65 -20.89 -12.20
CA VAL C 119 -17.97 -20.63 -12.75
C VAL C 119 -18.65 -19.52 -11.95
N ASP C 120 -19.47 -18.74 -12.66
CA ASP C 120 -20.22 -17.68 -12.01
C ASP C 120 -21.39 -18.31 -11.22
N ILE C 121 -22.08 -17.47 -10.43
CA ILE C 121 -23.18 -17.94 -9.59
C ILE C 121 -24.23 -18.72 -10.37
N PHE C 122 -24.54 -18.27 -11.58
CA PHE C 122 -25.59 -18.88 -12.39
C PHE C 122 -25.10 -20.07 -13.22
N CYS C 123 -23.77 -20.20 -13.39
CA CYS C 123 -23.22 -21.25 -14.21
C CYS C 123 -22.84 -22.48 -13.40
N THR C 124 -23.46 -22.65 -12.24
CA THR C 124 -23.21 -23.81 -11.38
C THR C 124 -23.54 -25.17 -12.02
N GLN C 125 -24.36 -25.16 -13.07
CA GLN C 125 -24.80 -26.39 -13.70
C GLN C 125 -23.77 -26.94 -14.69
N ILE C 126 -22.58 -26.33 -14.70
CA ILE C 126 -21.47 -26.81 -15.57
C ILE C 126 -20.70 -27.88 -14.78
N LEU C 127 -20.93 -27.95 -13.47
CA LEU C 127 -20.27 -28.98 -12.61
C LEU C 127 -20.08 -30.30 -13.37
N PRO C 128 -21.15 -30.95 -13.91
CA PRO C 128 -20.96 -32.25 -14.53
C PRO C 128 -19.85 -32.25 -15.56
N ILE C 129 -19.74 -31.14 -16.32
CA ILE C 129 -18.75 -31.04 -17.37
C ILE C 129 -17.35 -30.95 -16.78
N ALA C 130 -17.25 -30.32 -15.60
CA ALA C 130 -15.97 -30.18 -14.92
C ALA C 130 -15.53 -31.54 -14.36
N GLU C 131 -16.47 -32.29 -13.79
CA GLU C 131 -16.16 -33.60 -13.26
C GLU C 131 -15.75 -34.55 -14.38
N GLU C 132 -16.46 -34.50 -15.53
CA GLU C 132 -16.10 -35.30 -16.70
C GLU C 132 -14.65 -35.17 -17.19
N PHE C 133 -14.26 -33.98 -17.65
CA PHE C 133 -12.91 -33.80 -18.18
C PHE C 133 -11.89 -33.77 -17.03
N ASN C 134 -12.36 -34.12 -15.82
CA ASN C 134 -11.56 -34.13 -14.61
C ASN C 134 -10.75 -32.85 -14.41
N ILE C 135 -11.46 -31.74 -14.21
CA ILE C 135 -10.82 -30.45 -13.97
C ILE C 135 -11.27 -29.87 -12.62
N SER C 136 -10.35 -29.18 -11.95
CA SER C 136 -10.67 -28.53 -10.68
C SER C 136 -11.74 -27.46 -10.87
N LYS C 137 -12.74 -27.45 -9.97
CA LYS C 137 -13.96 -26.67 -10.16
C LYS C 137 -14.25 -25.77 -8.96
N TYR C 138 -14.54 -24.49 -9.23
CA TYR C 138 -14.83 -23.52 -8.19
C TYR C 138 -15.98 -22.61 -8.63
N THR C 139 -16.74 -22.11 -7.66
CA THR C 139 -17.77 -21.13 -7.96
C THR C 139 -17.38 -19.74 -7.45
N TYR C 140 -17.86 -18.71 -8.15
CA TYR C 140 -17.66 -17.32 -7.76
C TYR C 140 -19.01 -16.74 -7.33
N HIS C 141 -19.19 -16.61 -6.02
CA HIS C 141 -20.31 -15.89 -5.45
C HIS C 141 -19.96 -14.41 -5.36
N PRO C 142 -20.43 -13.56 -6.30
CA PRO C 142 -19.96 -12.17 -6.40
C PRO C 142 -20.74 -11.18 -5.55
N THR C 143 -21.22 -11.60 -4.37
CA THR C 143 -21.76 -10.67 -3.38
C THR C 143 -21.57 -11.30 -2.00
N THR C 144 -22.29 -10.78 -1.00
CA THR C 144 -21.98 -11.05 0.40
C THR C 144 -21.87 -12.49 0.86
N ALA C 145 -21.02 -12.72 1.89
CA ALA C 145 -20.93 -14.02 2.51
C ALA C 145 -22.26 -14.40 3.17
N TRP C 146 -22.98 -13.39 3.66
CA TRP C 146 -24.25 -13.59 4.32
C TRP C 146 -25.26 -14.26 3.39
N THR C 147 -25.33 -13.77 2.14
CA THR C 147 -26.26 -14.31 1.16
C THR C 147 -25.85 -15.70 0.71
N LEU C 148 -24.53 -15.98 0.73
CA LEU C 148 -24.04 -17.33 0.47
C LEU C 148 -24.54 -18.27 1.54
N ALA C 149 -24.30 -17.90 2.80
CA ALA C 149 -24.78 -18.67 3.95
C ALA C 149 -26.28 -18.95 3.86
N LEU C 150 -27.07 -17.95 3.47
CA LEU C 150 -28.52 -18.19 3.29
C LEU C 150 -28.71 -19.31 2.27
N ALA C 151 -28.33 -19.05 1.02
CA ALA C 151 -28.53 -20.04 -0.06
C ALA C 151 -28.22 -21.45 0.44
N ILE C 152 -27.07 -21.63 1.08
CA ILE C 152 -26.67 -23.02 1.46
C ILE C 152 -27.63 -23.58 2.54
N TYR C 153 -27.99 -22.80 3.55
CA TYR C 153 -28.85 -23.32 4.64
C TYR C 153 -30.29 -23.29 4.19
N CYS C 154 -30.52 -22.69 3.04
CA CYS C 154 -31.90 -22.56 2.60
C CYS C 154 -32.57 -23.92 2.45
N GLN C 155 -31.78 -24.95 2.12
CA GLN C 155 -32.26 -26.31 2.00
C GLN C 155 -32.82 -26.85 3.33
N VAL C 156 -32.27 -26.36 4.45
CA VAL C 156 -32.73 -26.75 5.77
C VAL C 156 -34.00 -25.98 6.13
N PHE C 157 -33.98 -24.67 5.90
CA PHE C 157 -35.15 -23.83 6.10
C PHE C 157 -36.37 -24.37 5.37
N ASP C 158 -36.13 -24.87 4.14
CA ASP C 158 -37.16 -25.48 3.32
C ASP C 158 -37.99 -26.51 4.10
N LYS C 159 -37.28 -27.37 4.85
CA LYS C 159 -37.91 -28.43 5.61
C LYS C 159 -38.41 -27.96 6.97
N GLU C 160 -37.70 -27.04 7.61
CA GLU C 160 -38.08 -26.64 8.98
C GLU C 160 -39.23 -25.64 8.98
N ILE C 161 -39.29 -24.77 7.98
CA ILE C 161 -40.46 -23.84 7.90
C ILE C 161 -41.52 -24.50 7.02
N GLU C 162 -42.78 -24.19 7.27
CA GLU C 162 -43.86 -24.86 6.51
C GLU C 162 -44.55 -23.84 5.61
N GLY C 163 -44.71 -22.63 6.11
CA GLY C 163 -45.45 -21.62 5.32
C GLY C 163 -44.53 -20.74 4.52
N GLU C 164 -45.05 -19.61 4.07
CA GLU C 164 -44.26 -18.68 3.29
C GLU C 164 -43.39 -17.81 4.20
N TYR C 165 -42.10 -17.73 3.86
CA TYR C 165 -41.09 -17.01 4.63
C TYR C 165 -41.48 -15.57 4.98
N VAL C 166 -42.13 -14.90 4.02
CA VAL C 166 -42.38 -13.47 4.12
C VAL C 166 -43.38 -13.09 5.20
N GLU C 167 -44.16 -14.05 5.70
CA GLU C 167 -45.23 -13.78 6.66
C GLU C 167 -44.84 -14.10 8.10
N LEU C 168 -43.59 -14.49 8.32
CA LEU C 168 -43.10 -14.87 9.64
C LEU C 168 -43.04 -13.63 10.54
N LYS C 169 -43.33 -13.84 11.83
CA LYS C 169 -43.18 -12.82 12.86
C LYS C 169 -41.80 -12.86 13.50
N GLU C 170 -41.05 -13.93 13.22
CA GLU C 170 -39.75 -14.17 13.85
C GLU C 170 -38.68 -14.13 12.78
N PRO C 171 -37.51 -13.50 13.04
CA PRO C 171 -36.40 -13.53 12.09
C PRO C 171 -35.87 -14.93 11.81
N LEU C 172 -35.32 -15.10 10.60
CA LEU C 172 -34.71 -16.38 10.21
C LEU C 172 -33.29 -16.38 10.74
N LYS C 173 -32.97 -17.34 11.59
CA LYS C 173 -31.63 -17.35 12.23
C LYS C 173 -30.72 -18.34 11.50
N ILE C 174 -29.92 -17.85 10.57
CA ILE C 174 -28.92 -18.75 9.91
C ILE C 174 -27.86 -19.02 10.98
N PRO C 175 -27.34 -20.25 11.12
CA PRO C 175 -26.27 -20.56 12.08
C PRO C 175 -25.19 -19.48 12.10
N GLY C 176 -24.88 -18.93 13.27
CA GLY C 176 -23.76 -17.98 13.37
C GLY C 176 -24.08 -16.62 12.77
N CYS C 177 -24.47 -16.58 11.50
CA CYS C 177 -24.74 -15.30 10.81
C CYS C 177 -25.87 -14.49 11.46
N LYS C 178 -26.04 -13.23 11.05
CA LYS C 178 -27.06 -12.33 11.64
C LYS C 178 -28.48 -12.88 11.51
N ALA C 179 -29.45 -12.24 12.18
CA ALA C 179 -30.86 -12.67 12.00
C ALA C 179 -31.42 -11.96 10.79
N LEU C 180 -32.01 -12.72 9.88
CA LEU C 180 -32.58 -12.15 8.67
C LEU C 180 -34.06 -11.83 8.89
N ARG C 181 -34.41 -10.54 8.89
CA ARG C 181 -35.78 -10.09 9.01
C ARG C 181 -36.59 -10.53 7.79
N PRO C 182 -37.81 -11.08 7.97
CA PRO C 182 -38.56 -11.66 6.86
C PRO C 182 -38.73 -10.75 5.65
N ASP C 183 -38.85 -9.43 5.90
CA ASP C 183 -39.03 -8.46 4.84
C ASP C 183 -37.80 -8.31 3.95
N ASP C 184 -36.61 -8.58 4.50
CA ASP C 184 -35.36 -8.36 3.79
C ASP C 184 -34.83 -9.61 3.08
N VAL C 185 -35.72 -10.59 2.82
CA VAL C 185 -35.33 -11.80 2.13
C VAL C 185 -35.03 -11.56 0.65
N VAL C 186 -34.19 -12.43 0.08
CA VAL C 186 -33.87 -12.39 -1.34
C VAL C 186 -35.12 -12.66 -2.17
N ASP C 187 -35.13 -12.14 -3.41
CA ASP C 187 -36.29 -12.27 -4.28
C ASP C 187 -36.83 -13.69 -4.41
N PRO C 188 -35.98 -14.72 -4.62
CA PRO C 188 -36.45 -16.10 -4.74
C PRO C 188 -37.35 -16.58 -3.60
N LEU C 189 -37.15 -16.03 -2.39
CA LEU C 189 -37.89 -16.47 -1.22
C LEU C 189 -39.19 -15.71 -0.99
N LEU C 190 -39.56 -14.80 -1.92
CA LEU C 190 -40.80 -14.05 -1.81
C LEU C 190 -42.02 -14.96 -2.04
N ASP C 191 -41.89 -15.91 -2.96
CA ASP C 191 -42.96 -16.85 -3.26
C ASP C 191 -42.37 -18.25 -3.48
N ARG C 192 -42.78 -19.19 -2.63
CA ARG C 192 -42.30 -20.56 -2.68
C ARG C 192 -42.94 -21.36 -3.82
N SER C 193 -44.12 -20.91 -4.26
CA SER C 193 -44.81 -21.55 -5.35
C SER C 193 -44.21 -21.21 -6.71
N ASP C 194 -43.26 -20.26 -6.75
CA ASP C 194 -42.64 -19.83 -7.99
C ASP C 194 -41.38 -20.66 -8.21
N GLN C 195 -41.15 -21.06 -9.47
CA GLN C 195 -40.08 -21.98 -9.83
C GLN C 195 -38.69 -21.51 -9.44
N GLN C 196 -38.52 -20.19 -9.30
CA GLN C 196 -37.24 -19.62 -8.95
C GLN C 196 -36.80 -20.04 -7.55
N TYR C 197 -37.77 -20.28 -6.66
CA TYR C 197 -37.49 -20.78 -5.32
C TYR C 197 -36.79 -22.13 -5.37
N GLU C 198 -37.37 -23.08 -6.12
CA GLU C 198 -36.80 -24.41 -6.26
C GLU C 198 -35.41 -24.32 -6.90
N GLU C 199 -35.27 -23.44 -7.89
CA GLU C 199 -33.97 -23.21 -8.51
C GLU C 199 -32.97 -22.67 -7.49
N TYR C 200 -33.45 -21.78 -6.61
CA TYR C 200 -32.60 -21.18 -5.59
C TYR C 200 -32.04 -22.22 -4.63
N VAL C 201 -32.91 -23.06 -4.06
CA VAL C 201 -32.48 -24.09 -3.11
C VAL C 201 -31.54 -25.06 -3.83
N LYS C 202 -31.86 -25.37 -5.10
CA LYS C 202 -31.01 -26.20 -5.93
C LYS C 202 -29.63 -25.59 -6.08
N LEU C 203 -29.58 -24.27 -6.26
CA LEU C 203 -28.32 -23.55 -6.37
C LEU C 203 -27.51 -23.70 -5.07
N GLY C 204 -28.18 -23.45 -3.94
CA GLY C 204 -27.59 -23.63 -2.63
C GLY C 204 -26.89 -24.97 -2.48
N LYS C 205 -27.55 -26.05 -2.94
CA LYS C 205 -26.98 -27.38 -2.89
C LYS C 205 -25.80 -27.54 -3.84
N GLU C 206 -25.91 -26.96 -5.05
CA GLU C 206 -24.88 -27.08 -6.05
C GLU C 206 -23.56 -26.49 -5.58
N TYR C 207 -23.63 -25.35 -4.89
CA TYR C 207 -22.43 -24.73 -4.31
C TYR C 207 -21.53 -25.76 -3.63
N THR C 208 -22.09 -26.48 -2.66
CA THR C 208 -21.32 -27.38 -1.82
C THR C 208 -20.54 -28.44 -2.61
N ASP C 209 -20.98 -28.74 -3.83
CA ASP C 209 -20.35 -29.77 -4.65
C ASP C 209 -19.04 -29.33 -5.29
N PHE C 210 -18.77 -28.02 -5.33
CA PHE C 210 -17.55 -27.50 -5.90
C PHE C 210 -16.37 -27.70 -4.94
N ASP C 211 -15.16 -27.48 -5.46
CA ASP C 211 -13.93 -27.66 -4.70
C ASP C 211 -13.54 -26.43 -3.88
N GLY C 212 -14.36 -25.37 -3.96
CA GLY C 212 -14.13 -24.15 -3.21
C GLY C 212 -14.99 -23.01 -3.73
N ILE C 213 -15.28 -22.05 -2.86
CA ILE C 213 -16.20 -20.96 -3.19
C ILE C 213 -15.55 -19.60 -2.96
N LEU C 214 -15.48 -18.79 -4.02
CA LEU C 214 -14.89 -17.44 -3.94
C LEU C 214 -16.00 -16.44 -3.61
N ILE C 215 -15.68 -15.44 -2.79
CA ILE C 215 -16.70 -14.43 -2.40
C ILE C 215 -16.08 -13.03 -2.52
N ASN C 216 -16.69 -12.16 -3.30
CA ASN C 216 -16.16 -10.77 -3.49
C ASN C 216 -16.53 -10.12 -2.16
N THR C 217 -15.81 -10.41 -1.08
CA THR C 217 -16.01 -9.68 0.15
C THR C 217 -14.61 -9.79 0.75
N TRP C 218 -14.45 -9.32 1.99
CA TRP C 218 -13.21 -9.54 2.72
C TRP C 218 -13.47 -9.70 4.22
N GLU C 219 -12.51 -10.35 4.90
CA GLU C 219 -12.70 -10.79 6.28
C GLU C 219 -13.17 -9.66 7.18
N ASP C 220 -12.53 -8.50 7.10
CA ASP C 220 -12.83 -7.38 7.98
C ASP C 220 -14.27 -6.89 7.82
N LEU C 221 -14.87 -7.12 6.64
CA LEU C 221 -16.25 -6.72 6.42
C LEU C 221 -17.22 -7.63 7.16
N GLU C 222 -17.06 -8.95 6.97
CA GLU C 222 -17.95 -9.95 7.54
C GLU C 222 -17.20 -11.01 8.34
N PRO C 223 -16.52 -10.67 9.45
CA PRO C 223 -15.65 -11.62 10.13
C PRO C 223 -16.40 -12.83 10.71
N GLU C 224 -17.53 -12.55 11.37
CA GLU C 224 -18.34 -13.59 12.00
C GLU C 224 -18.94 -14.54 10.97
N THR C 225 -19.48 -13.97 9.88
CA THR C 225 -20.15 -14.75 8.86
C THR C 225 -19.17 -15.70 8.17
N ILE C 226 -17.98 -15.20 7.85
CA ILE C 226 -16.96 -16.01 7.20
C ILE C 226 -16.49 -17.10 8.17
N ASN C 227 -16.24 -16.71 9.43
CA ASN C 227 -15.84 -17.69 10.44
C ASN C 227 -16.93 -18.74 10.63
N ALA C 228 -18.20 -18.32 10.56
CA ALA C 228 -19.32 -19.24 10.60
C ALA C 228 -19.25 -20.26 9.47
N LEU C 229 -19.05 -19.77 8.25
CA LEU C 229 -18.90 -20.62 7.08
C LEU C 229 -17.76 -21.63 7.25
N ARG C 230 -16.68 -21.19 7.89
CA ARG C 230 -15.52 -22.04 8.09
C ARG C 230 -15.69 -23.07 9.21
N TYR C 231 -16.37 -22.68 10.29
CA TYR C 231 -16.30 -23.45 11.53
C TYR C 231 -17.60 -23.83 12.23
N ASN C 232 -18.68 -23.07 12.00
CA ASN C 232 -19.95 -23.40 12.62
C ASN C 232 -20.32 -24.85 12.29
N GLU C 233 -20.32 -25.63 13.35
CA GLU C 233 -20.54 -27.05 13.07
C GLU C 233 -21.89 -27.22 12.42
N LYS C 234 -22.78 -26.27 12.38
CA LYS C 234 -24.04 -26.57 11.63
C LYS C 234 -24.01 -26.30 10.13
N LEU C 235 -23.27 -25.28 9.75
CA LEU C 235 -23.09 -24.99 8.31
C LEU C 235 -22.03 -25.96 7.80
N ARG C 236 -21.13 -26.43 8.67
CA ARG C 236 -20.09 -27.28 8.13
C ARG C 236 -20.56 -28.72 7.88
N LEU C 237 -21.73 -29.08 8.45
CA LEU C 237 -22.40 -30.32 8.09
C LEU C 237 -22.84 -30.29 6.62
N LEU C 238 -23.08 -29.07 6.10
CA LEU C 238 -23.52 -28.88 4.72
C LEU C 238 -22.40 -28.53 3.75
N LEU C 239 -21.44 -27.71 4.21
CA LEU C 239 -20.49 -27.08 3.29
C LEU C 239 -19.29 -27.99 2.95
N LYS C 240 -18.45 -28.28 3.94
CA LYS C 240 -17.36 -29.27 3.76
C LYS C 240 -16.40 -28.92 2.61
N VAL C 241 -16.10 -27.64 2.39
CA VAL C 241 -15.13 -27.24 1.33
C VAL C 241 -14.59 -25.84 1.66
N PRO C 242 -13.41 -25.42 1.17
CA PRO C 242 -12.81 -24.12 1.55
C PRO C 242 -13.60 -22.92 1.04
N VAL C 243 -13.42 -21.76 1.67
CA VAL C 243 -14.06 -20.51 1.18
C VAL C 243 -12.92 -19.54 0.87
N PHE C 244 -13.13 -18.60 -0.04
CA PHE C 244 -12.07 -17.68 -0.43
C PHE C 244 -12.57 -16.25 -0.55
N PRO C 245 -12.41 -15.39 0.49
CA PRO C 245 -12.72 -13.95 0.40
C PRO C 245 -11.64 -13.27 -0.41
N ILE C 246 -11.91 -12.89 -1.65
CA ILE C 246 -10.83 -12.35 -2.54
C ILE C 246 -11.06 -10.88 -2.89
N GLY C 247 -12.09 -10.25 -2.36
CA GLY C 247 -12.40 -8.86 -2.76
C GLY C 247 -12.00 -7.85 -1.71
N PRO C 248 -12.43 -6.57 -1.81
CA PRO C 248 -13.41 -6.16 -2.80
C PRO C 248 -12.81 -5.84 -4.16
N LEU C 249 -13.26 -6.57 -5.19
CA LEU C 249 -12.82 -6.36 -6.56
C LEU C 249 -13.78 -5.42 -7.28
N ARG C 250 -13.25 -4.61 -8.20
CA ARG C 250 -14.04 -3.60 -8.89
C ARG C 250 -13.37 -3.12 -10.17
N ARG C 251 -14.18 -2.57 -11.07
CA ARG C 251 -13.72 -2.10 -12.36
C ARG C 251 -12.61 -1.06 -12.22
N LYS C 252 -11.74 -0.99 -13.23
CA LYS C 252 -10.72 0.05 -13.29
C LYS C 252 -11.31 1.29 -13.96
N VAL C 253 -10.81 2.46 -13.60
CA VAL C 253 -11.35 3.74 -14.14
C VAL C 253 -10.69 4.05 -15.49
N GLU C 254 -11.36 4.84 -16.35
CA GLU C 254 -10.81 5.18 -17.69
C GLU C 254 -11.07 6.67 -17.98
N THR C 255 -10.02 7.43 -18.27
CA THR C 255 -10.21 8.85 -18.64
C THR C 255 -11.17 8.92 -19.79
N THR C 256 -12.37 9.46 -19.55
CA THR C 256 -13.39 9.58 -20.62
C THR C 256 -13.17 10.90 -21.32
N LEU C 257 -12.46 11.83 -20.69
CA LEU C 257 -12.07 13.12 -21.33
C LEU C 257 -13.08 14.24 -21.62
N ASN C 258 -14.12 13.95 -22.43
CA ASN C 258 -14.98 15.02 -22.90
C ASN C 258 -16.35 14.57 -22.42
N ASP C 259 -16.43 14.23 -21.13
CA ASP C 259 -17.69 13.83 -20.53
C ASP C 259 -18.15 14.99 -19.67
N GLU C 260 -19.33 15.54 -20.00
CA GLU C 260 -19.81 16.78 -19.43
C GLU C 260 -20.22 16.66 -17.97
N VAL C 261 -20.49 15.43 -17.52
CA VAL C 261 -20.79 15.17 -16.12
C VAL C 261 -19.54 15.49 -15.30
N ILE C 262 -18.41 14.92 -15.72
CA ILE C 262 -17.15 15.11 -15.03
C ILE C 262 -16.75 16.59 -15.07
N GLN C 263 -17.02 17.25 -16.20
CA GLN C 263 -16.70 18.67 -16.34
C GLN C 263 -17.58 19.51 -15.40
N TRP C 264 -18.85 19.14 -15.29
CA TRP C 264 -19.74 19.77 -14.32
C TRP C 264 -19.18 19.57 -12.91
N LEU C 265 -18.94 18.31 -12.56
CA LEU C 265 -18.43 17.95 -11.25
C LEU C 265 -17.15 18.73 -10.90
N ASP C 266 -16.29 18.95 -11.90
CA ASP C 266 -15.05 19.69 -11.70
C ASP C 266 -15.27 21.12 -11.18
N LYS C 267 -16.46 21.68 -11.45
CA LYS C 267 -16.77 23.03 -11.02
C LYS C 267 -17.41 23.10 -9.63
N GLN C 268 -17.64 21.93 -9.01
CA GLN C 268 -18.28 21.86 -7.71
C GLN C 268 -17.26 21.68 -6.59
N ASN C 269 -17.71 21.92 -5.35
CA ASN C 269 -16.86 21.78 -4.18
C ASN C 269 -16.72 20.32 -3.77
N ASN C 270 -15.75 20.05 -2.91
CA ASN C 270 -15.44 18.69 -2.50
C ASN C 270 -16.60 18.09 -1.70
N GLU C 271 -16.88 16.80 -1.96
CA GLU C 271 -17.90 16.05 -1.28
C GLU C 271 -19.23 16.81 -1.15
N SER C 272 -19.63 17.49 -2.23
CA SER C 272 -20.83 18.32 -2.22
C SER C 272 -21.93 17.85 -3.15
N VAL C 273 -21.68 16.77 -3.92
CA VAL C 273 -22.63 16.29 -4.89
C VAL C 273 -23.18 14.93 -4.46
N LEU C 274 -24.49 14.74 -4.65
CA LEU C 274 -25.12 13.45 -4.43
C LEU C 274 -25.37 12.74 -5.75
N PHE C 275 -24.78 11.56 -5.91
CA PHE C 275 -25.01 10.76 -7.10
C PHE C 275 -26.21 9.84 -6.86
N VAL C 276 -27.17 9.86 -7.79
CA VAL C 276 -28.34 9.00 -7.73
C VAL C 276 -28.36 8.03 -8.90
N SER C 277 -28.25 6.72 -8.59
CA SER C 277 -28.32 5.68 -9.60
C SER C 277 -28.90 4.39 -9.04
N PHE C 278 -29.77 3.74 -9.84
CA PHE C 278 -30.41 2.49 -9.45
C PHE C 278 -29.89 1.31 -10.27
N GLY C 279 -28.61 1.36 -10.65
CA GLY C 279 -27.97 0.28 -11.39
C GLY C 279 -28.57 0.06 -12.78
N SER C 280 -27.93 -0.81 -13.57
CA SER C 280 -28.25 -0.99 -14.97
C SER C 280 -29.76 -1.09 -15.25
N GLY C 281 -30.43 -2.05 -14.60
CA GLY C 281 -31.82 -2.35 -14.91
C GLY C 281 -32.87 -1.79 -13.95
N GLY C 282 -32.49 -0.80 -13.14
CA GLY C 282 -33.38 -0.28 -12.11
C GLY C 282 -34.32 0.79 -12.65
N THR C 283 -35.58 0.74 -12.20
CA THR C 283 -36.60 1.69 -12.65
C THR C 283 -37.63 1.95 -11.56
N LEU C 284 -38.06 3.21 -11.44
CA LEU C 284 -39.05 3.62 -10.45
C LEU C 284 -40.45 3.72 -11.05
N SER C 285 -41.45 3.88 -10.17
CA SER C 285 -42.79 4.20 -10.60
C SER C 285 -42.87 5.68 -10.95
N THR C 286 -43.91 6.05 -11.69
CA THR C 286 -44.16 7.45 -12.04
C THR C 286 -44.29 8.30 -10.79
N LYS C 287 -45.06 7.82 -9.81
CA LYS C 287 -45.30 8.53 -8.58
C LYS C 287 -44.02 8.64 -7.76
N GLN C 288 -43.28 7.54 -7.65
CA GLN C 288 -42.05 7.52 -6.88
C GLN C 288 -41.02 8.46 -7.50
N MET C 289 -40.96 8.47 -8.84
CA MET C 289 -39.99 9.28 -9.55
C MET C 289 -40.29 10.76 -9.40
N THR C 290 -41.58 11.13 -9.44
CA THR C 290 -41.98 12.51 -9.26
C THR C 290 -41.65 12.99 -7.84
N GLU C 291 -41.93 12.14 -6.84
CA GLU C 291 -41.62 12.47 -5.46
C GLU C 291 -40.11 12.58 -5.23
N LEU C 292 -39.34 11.73 -5.89
CA LEU C 292 -37.90 11.79 -5.84
C LEU C 292 -37.43 13.13 -6.39
N ALA C 293 -37.85 13.43 -7.62
CA ALA C 293 -37.48 14.68 -8.28
C ALA C 293 -37.65 15.86 -7.31
N TRP C 294 -38.87 15.98 -6.74
CA TRP C 294 -39.15 17.02 -5.78
C TRP C 294 -38.17 16.98 -4.61
N GLY C 295 -38.01 15.81 -3.99
CA GLY C 295 -37.04 15.63 -2.90
C GLY C 295 -35.68 16.28 -3.16
N LEU C 296 -35.12 16.02 -4.36
CA LEU C 296 -33.82 16.57 -4.73
C LEU C 296 -33.85 18.09 -4.88
N GLU C 297 -34.97 18.62 -5.38
CA GLU C 297 -35.14 20.05 -5.50
C GLU C 297 -35.14 20.70 -4.12
N LEU C 298 -36.03 20.18 -3.25
CA LEU C 298 -36.26 20.76 -1.93
C LEU C 298 -35.03 20.66 -1.04
N SER C 299 -34.21 19.62 -1.24
CA SER C 299 -32.99 19.46 -0.49
C SER C 299 -32.03 20.63 -0.64
N GLN C 300 -32.15 21.37 -1.76
CA GLN C 300 -31.25 22.47 -2.07
C GLN C 300 -29.81 21.96 -2.16
N GLN C 301 -29.65 20.67 -2.49
CA GLN C 301 -28.33 20.05 -2.58
C GLN C 301 -27.98 19.78 -4.03
N LYS C 302 -26.68 19.72 -4.34
CA LYS C 302 -26.23 19.48 -5.69
C LYS C 302 -26.24 17.97 -5.98
N PHE C 303 -26.65 17.60 -7.19
CA PHE C 303 -26.81 16.20 -7.54
C PHE C 303 -26.53 15.86 -9.00
N VAL C 304 -26.21 14.59 -9.23
CA VAL C 304 -26.17 13.98 -10.54
C VAL C 304 -27.16 12.82 -10.51
N TRP C 305 -28.20 12.90 -11.34
CA TRP C 305 -29.25 11.89 -11.31
C TRP C 305 -29.33 11.15 -12.65
N VAL C 306 -28.92 9.88 -12.64
CA VAL C 306 -29.09 9.00 -13.79
C VAL C 306 -30.55 8.58 -13.84
N VAL C 307 -31.26 8.97 -14.90
CA VAL C 307 -32.69 8.75 -15.00
C VAL C 307 -33.03 7.86 -16.19
N ARG C 308 -34.04 6.99 -16.00
CA ARG C 308 -34.61 6.18 -17.06
C ARG C 308 -36.13 6.36 -17.03
N PRO C 309 -36.88 5.98 -18.10
CA PRO C 309 -38.33 6.07 -18.08
C PRO C 309 -38.96 5.21 -16.97
N PRO C 310 -40.04 5.68 -16.31
CA PRO C 310 -40.66 4.92 -15.22
C PRO C 310 -41.33 3.64 -15.69
N SER C 311 -41.64 2.75 -14.74
CA SER C 311 -42.18 1.43 -15.02
C SER C 311 -43.19 1.22 -13.89
N ASP C 312 -44.43 1.61 -14.12
CA ASP C 312 -45.53 1.12 -13.28
C ASP C 312 -45.66 -0.41 -13.55
N THR C 327 -34.46 9.76 -27.68
CA THR C 327 -35.00 11.07 -27.32
C THR C 327 -36.50 10.98 -27.06
N ARG C 328 -36.86 10.15 -26.06
CA ARG C 328 -38.15 10.21 -25.41
C ARG C 328 -37.83 11.11 -24.21
N ASP C 329 -38.02 12.42 -24.39
CA ASP C 329 -37.27 13.40 -23.62
C ASP C 329 -37.63 13.25 -22.14
N MET C 330 -36.62 13.10 -21.29
CA MET C 330 -36.85 12.96 -19.83
C MET C 330 -37.90 13.91 -19.25
N SER C 331 -37.98 15.13 -19.77
CA SER C 331 -38.85 16.15 -19.22
C SER C 331 -40.28 15.62 -19.10
N GLU C 332 -40.70 14.79 -20.06
CA GLU C 332 -42.06 14.25 -20.06
C GLU C 332 -42.53 13.62 -18.75
N TYR C 333 -41.65 12.83 -18.11
CA TYR C 333 -42.05 12.10 -16.90
C TYR C 333 -41.57 12.76 -15.61
N LEU C 334 -41.16 14.03 -15.69
CA LEU C 334 -40.75 14.76 -14.49
C LEU C 334 -41.65 15.97 -14.26
N PRO C 335 -41.63 16.59 -13.05
CA PRO C 335 -42.33 17.84 -12.83
C PRO C 335 -41.99 18.92 -13.85
N GLU C 336 -43.03 19.53 -14.43
CA GLU C 336 -42.81 20.56 -15.43
C GLU C 336 -42.04 21.69 -14.76
N GLY C 337 -41.00 22.16 -15.45
CA GLY C 337 -40.15 23.23 -14.97
C GLY C 337 -38.92 22.73 -14.21
N PHE C 338 -38.91 21.44 -13.83
CA PHE C 338 -37.85 20.90 -13.00
C PHE C 338 -36.46 21.33 -13.48
N LEU C 339 -36.18 21.04 -14.75
CA LEU C 339 -34.84 21.19 -15.30
C LEU C 339 -34.37 22.66 -15.27
N THR C 340 -35.32 23.59 -15.47
CA THR C 340 -35.00 25.01 -15.44
C THR C 340 -34.86 25.52 -14.01
N ARG C 341 -35.65 24.97 -13.08
CA ARG C 341 -35.55 25.35 -11.67
C ARG C 341 -34.28 24.80 -11.05
N THR C 342 -33.92 23.57 -11.42
CA THR C 342 -32.75 22.89 -10.86
C THR C 342 -31.46 23.12 -11.64
N LYS C 343 -31.51 24.07 -12.59
CA LYS C 343 -30.38 24.37 -13.44
C LYS C 343 -29.33 24.98 -12.52
N ASP C 344 -28.10 24.51 -12.67
CA ASP C 344 -26.95 24.93 -11.90
C ASP C 344 -26.87 24.30 -10.51
N MET C 345 -27.91 23.58 -10.10
CA MET C 345 -27.91 22.88 -8.82
C MET C 345 -27.76 21.38 -9.05
N GLY C 346 -28.54 20.85 -10.00
CA GLY C 346 -28.48 19.44 -10.34
C GLY C 346 -28.00 19.18 -11.76
N LEU C 347 -27.95 17.89 -12.10
CA LEU C 347 -27.52 17.47 -13.43
C LEU C 347 -28.19 16.13 -13.73
N VAL C 348 -29.12 16.14 -14.70
CA VAL C 348 -29.95 14.98 -14.96
C VAL C 348 -29.45 14.30 -16.23
N VAL C 349 -29.06 13.02 -16.11
CA VAL C 349 -28.42 12.30 -17.18
C VAL C 349 -29.27 11.12 -17.62
N PRO C 350 -29.63 11.02 -18.91
CA PRO C 350 -30.51 9.95 -19.40
C PRO C 350 -30.91 8.48 -19.39
N MET C 351 -29.92 7.61 -19.60
CA MET C 351 -30.12 6.15 -19.48
C MET C 351 -28.87 5.83 -18.67
N TRP C 352 -27.68 6.15 -19.18
CA TRP C 352 -26.49 5.69 -18.45
C TRP C 352 -25.44 6.76 -18.22
N ALA C 353 -24.58 6.54 -17.22
CA ALA C 353 -23.48 7.45 -16.92
C ALA C 353 -22.32 6.66 -16.31
N ASN C 354 -21.11 7.22 -16.36
CA ASN C 354 -19.92 6.48 -15.98
C ASN C 354 -19.71 6.51 -14.45
N GLN C 355 -20.37 5.54 -13.79
CA GLN C 355 -20.50 5.61 -12.34
C GLN C 355 -19.16 5.48 -11.63
N VAL C 356 -18.23 4.63 -12.10
CA VAL C 356 -16.96 4.45 -11.41
C VAL C 356 -16.15 5.74 -11.43
N GLU C 357 -16.20 6.45 -12.56
CA GLU C 357 -15.44 7.67 -12.74
C GLU C 357 -16.06 8.83 -11.96
N ILE C 358 -17.40 8.85 -11.88
CA ILE C 358 -18.10 9.77 -11.01
C ILE C 358 -17.71 9.56 -9.55
N LEU C 359 -18.00 8.36 -9.03
CA LEU C 359 -17.77 8.03 -7.63
C LEU C 359 -16.35 8.30 -7.15
N SER C 360 -15.38 8.19 -8.04
CA SER C 360 -13.99 8.50 -7.71
C SER C 360 -13.71 10.00 -7.64
N HIS C 361 -14.66 10.83 -8.09
CA HIS C 361 -14.43 12.25 -8.18
C HIS C 361 -14.59 12.98 -6.84
N SER C 362 -13.65 13.88 -6.57
CA SER C 362 -13.57 14.61 -5.31
C SER C 362 -14.87 15.32 -4.92
N SER C 363 -15.60 15.80 -5.92
CA SER C 363 -16.83 16.54 -5.66
C SER C 363 -18.03 15.68 -5.29
N VAL C 364 -17.89 14.34 -5.38
CA VAL C 364 -18.98 13.45 -5.02
C VAL C 364 -18.90 13.05 -3.55
N GLY C 365 -19.95 13.35 -2.78
CA GLY C 365 -19.96 13.13 -1.36
C GLY C 365 -21.16 12.34 -0.84
N GLY C 366 -21.79 11.55 -1.72
CA GLY C 366 -22.91 10.70 -1.34
C GLY C 366 -23.51 9.94 -2.52
N PHE C 367 -24.13 8.79 -2.23
CA PHE C 367 -24.66 7.91 -3.26
C PHE C 367 -26.00 7.31 -2.85
N LEU C 368 -27.08 7.78 -3.50
CA LEU C 368 -28.38 7.15 -3.38
C LEU C 368 -28.35 5.96 -4.33
N THR C 369 -28.34 4.75 -3.75
CA THR C 369 -28.11 3.53 -4.52
C THR C 369 -29.14 2.45 -4.25
N HIS C 370 -29.22 1.50 -5.17
CA HIS C 370 -30.12 0.36 -5.05
C HIS C 370 -29.46 -0.78 -4.29
N CYS C 371 -28.16 -0.64 -4.00
CA CYS C 371 -27.40 -1.55 -3.16
C CYS C 371 -27.00 -2.84 -3.88
N GLY C 372 -26.93 -2.77 -5.23
CA GLY C 372 -26.24 -3.80 -5.99
C GLY C 372 -24.80 -3.90 -5.50
N TRP C 373 -24.29 -5.13 -5.37
CA TRP C 373 -23.02 -5.31 -4.68
C TRP C 373 -21.88 -4.60 -5.39
N ASN C 374 -21.92 -4.52 -6.72
CA ASN C 374 -20.88 -3.84 -7.48
C ASN C 374 -20.95 -2.33 -7.24
N SER C 375 -22.16 -1.76 -7.27
CA SER C 375 -22.36 -0.37 -6.91
C SER C 375 -21.79 -0.09 -5.52
N THR C 376 -22.16 -0.92 -4.54
CA THR C 376 -21.73 -0.74 -3.16
C THR C 376 -20.21 -0.82 -3.00
N VAL C 377 -19.58 -1.80 -3.64
CA VAL C 377 -18.14 -1.95 -3.58
C VAL C 377 -17.45 -0.75 -4.21
N GLU C 378 -17.98 -0.30 -5.35
CA GLU C 378 -17.46 0.89 -6.02
C GLU C 378 -17.57 2.13 -5.13
N SER C 379 -18.65 2.22 -4.34
CA SER C 379 -18.86 3.33 -3.43
C SER C 379 -17.99 3.25 -2.17
N LEU C 380 -17.86 2.04 -1.61
CA LEU C 380 -17.08 1.85 -0.39
C LEU C 380 -15.58 1.97 -0.64
N THR C 381 -15.09 1.43 -1.75
CA THR C 381 -13.69 1.60 -2.13
C THR C 381 -13.31 3.06 -2.32
N ASN C 382 -14.30 3.90 -2.62
CA ASN C 382 -14.16 5.34 -2.68
C ASN C 382 -14.67 5.71 -1.29
N GLY C 383 -14.55 6.95 -0.84
CA GLY C 383 -14.97 7.25 0.53
C GLY C 383 -16.48 7.32 0.76
N VAL C 384 -17.31 6.95 -0.23
CA VAL C 384 -18.63 7.55 -0.36
C VAL C 384 -19.68 6.84 0.47
N PRO C 385 -20.39 7.55 1.38
CA PRO C 385 -21.53 6.99 2.09
C PRO C 385 -22.77 6.88 1.22
N MET C 386 -23.83 6.26 1.74
CA MET C 386 -24.96 5.89 0.90
C MET C 386 -26.35 6.10 1.50
N ILE C 387 -27.33 6.26 0.60
CA ILE C 387 -28.74 6.09 0.93
C ILE C 387 -29.23 4.81 0.28
N ALA C 388 -29.46 3.78 1.11
CA ALA C 388 -29.85 2.47 0.65
C ALA C 388 -31.30 2.50 0.19
N TRP C 389 -31.54 1.91 -0.98
CA TRP C 389 -32.82 1.96 -1.66
C TRP C 389 -32.98 0.63 -2.40
N PRO C 390 -33.12 -0.51 -1.68
CA PRO C 390 -33.09 -1.82 -2.31
C PRO C 390 -34.33 -2.12 -3.15
N LEU C 391 -34.14 -2.82 -4.27
CA LEU C 391 -35.21 -3.07 -5.23
C LEU C 391 -35.41 -4.55 -5.54
N HIS C 392 -34.32 -5.26 -5.88
CA HIS C 392 -34.40 -6.65 -6.31
C HIS C 392 -33.24 -7.49 -5.81
N ALA C 393 -33.26 -8.79 -6.15
CA ALA C 393 -32.22 -9.73 -5.76
C ALA C 393 -31.95 -9.69 -4.25
N GLU C 394 -30.67 -9.67 -3.86
CA GLU C 394 -30.28 -9.66 -2.46
C GLU C 394 -30.05 -8.25 -1.91
N GLN C 395 -30.52 -7.24 -2.66
CA GLN C 395 -30.23 -5.86 -2.34
C GLN C 395 -30.76 -5.47 -0.97
N LYS C 396 -31.85 -6.11 -0.53
CA LYS C 396 -32.47 -5.82 0.76
C LYS C 396 -31.56 -6.26 1.90
N MET C 397 -30.94 -7.44 1.75
CA MET C 397 -29.96 -7.92 2.71
C MET C 397 -28.71 -7.05 2.72
N ASN C 398 -28.30 -6.59 1.53
CA ASN C 398 -27.16 -5.68 1.42
C ASN C 398 -27.43 -4.36 2.12
N ALA C 399 -28.62 -3.81 1.89
CA ALA C 399 -29.06 -2.59 2.54
C ALA C 399 -29.06 -2.74 4.05
N ALA C 400 -29.61 -3.86 4.54
CA ALA C 400 -29.61 -4.16 5.96
C ALA C 400 -28.18 -4.09 6.52
N MET C 401 -27.26 -4.77 5.84
CA MET C 401 -25.87 -4.86 6.27
C MET C 401 -25.24 -3.47 6.33
N LEU C 402 -25.43 -2.67 5.27
CA LEU C 402 -24.83 -1.35 5.18
C LEU C 402 -25.32 -0.39 6.26
N THR C 403 -26.61 -0.46 6.59
CA THR C 403 -27.24 0.46 7.53
C THR C 403 -27.05 0.02 8.97
N GLU C 404 -27.41 -1.23 9.26
CA GLU C 404 -27.42 -1.75 10.62
C GLU C 404 -26.00 -2.03 11.11
N GLU C 405 -25.34 -3.00 10.48
CA GLU C 405 -24.04 -3.49 10.94
C GLU C 405 -22.91 -2.48 10.70
N LEU C 406 -22.77 -2.04 9.45
CA LEU C 406 -21.61 -1.28 9.03
C LEU C 406 -21.73 0.21 9.32
N GLY C 407 -22.97 0.72 9.33
CA GLY C 407 -23.23 2.12 9.62
C GLY C 407 -22.65 3.08 8.60
N VAL C 408 -22.72 2.70 7.32
CA VAL C 408 -22.19 3.51 6.23
C VAL C 408 -23.31 3.99 5.31
N ALA C 409 -24.56 3.82 5.76
CA ALA C 409 -25.71 4.17 4.95
C ALA C 409 -26.93 4.47 5.82
N ILE C 410 -27.85 5.26 5.26
CA ILE C 410 -29.14 5.50 5.88
C ILE C 410 -30.22 5.00 4.91
N ARG C 411 -31.44 4.83 5.43
CA ARG C 411 -32.54 4.27 4.65
C ARG C 411 -33.87 4.86 5.10
N PRO C 412 -34.96 4.70 4.29
CA PRO C 412 -36.27 5.17 4.72
C PRO C 412 -36.86 4.31 5.82
N ALA C 413 -37.76 4.90 6.62
CA ALA C 413 -38.41 4.22 7.72
C ALA C 413 -38.99 2.88 7.30
N VAL C 414 -39.72 2.90 6.17
CA VAL C 414 -40.27 1.70 5.56
C VAL C 414 -39.53 1.41 4.27
N LEU C 415 -39.44 0.12 3.90
CA LEU C 415 -38.84 -0.28 2.64
C LEU C 415 -39.52 0.44 1.47
N PRO C 416 -38.81 0.83 0.40
CA PRO C 416 -39.48 1.45 -0.77
C PRO C 416 -40.24 0.44 -1.62
N THR C 417 -39.96 -0.85 -1.45
CA THR C 417 -40.61 -1.92 -2.24
C THR C 417 -41.92 -2.24 -1.60
N LYS C 418 -42.36 -1.41 -0.68
CA LYS C 418 -43.58 -1.71 0.09
C LYS C 418 -44.38 -0.44 0.28
N LYS C 419 -43.69 0.68 0.35
CA LYS C 419 -44.42 1.92 0.47
C LYS C 419 -43.72 3.08 -0.25
N LEU C 420 -44.55 4.00 -0.77
CA LEU C 420 -44.06 5.18 -1.45
C LEU C 420 -43.31 6.11 -0.48
N VAL C 421 -42.04 6.36 -0.78
CA VAL C 421 -41.21 7.30 0.02
C VAL C 421 -41.55 8.70 -0.50
N LYS C 422 -41.94 9.62 0.36
CA LYS C 422 -42.40 10.92 -0.17
C LYS C 422 -41.27 11.94 -0.21
N ARG C 423 -41.53 13.11 -0.80
CA ARG C 423 -40.45 14.10 -1.00
C ARG C 423 -39.86 14.54 0.33
N GLU C 424 -40.71 14.78 1.32
CA GLU C 424 -40.17 15.32 2.56
C GLU C 424 -39.13 14.36 3.14
N GLU C 425 -39.46 13.06 3.11
CA GLU C 425 -38.54 12.04 3.62
C GLU C 425 -37.24 12.05 2.82
N ILE C 426 -37.38 12.12 1.49
CA ILE C 426 -36.22 12.12 0.59
C ILE C 426 -35.33 13.32 0.86
N GLN C 427 -35.93 14.52 0.79
CA GLN C 427 -35.21 15.77 1.02
C GLN C 427 -34.53 15.73 2.39
N GLY C 428 -35.15 15.11 3.37
CA GLY C 428 -34.46 14.96 4.65
C GLY C 428 -33.28 14.03 4.48
N MET C 429 -33.49 12.88 3.87
CA MET C 429 -32.40 11.88 3.76
C MET C 429 -31.20 12.50 3.07
N VAL C 430 -31.42 13.24 2.00
CA VAL C 430 -30.35 13.88 1.25
C VAL C 430 -29.70 14.96 2.12
N ARG C 431 -30.52 15.66 2.90
CA ARG C 431 -30.00 16.68 3.80
C ARG C 431 -29.13 16.05 4.90
N ILE C 432 -29.66 15.00 5.53
CA ILE C 432 -28.97 14.35 6.63
C ILE C 432 -27.60 13.82 6.21
N LEU C 433 -27.53 13.26 5.00
CA LEU C 433 -26.27 12.73 4.50
C LEU C 433 -25.30 13.81 4.04
N MET C 434 -25.76 14.76 3.21
CA MET C 434 -24.86 15.68 2.54
C MET C 434 -24.44 16.87 3.40
N GLN C 435 -25.10 17.10 4.54
CA GLN C 435 -24.86 18.32 5.31
C GLN C 435 -24.81 18.23 6.83
N THR C 436 -25.58 17.33 7.44
CA THR C 436 -25.57 17.20 8.90
C THR C 436 -24.33 16.49 9.41
N LYS C 437 -24.03 16.72 10.69
CA LYS C 437 -22.90 16.08 11.36
C LYS C 437 -23.00 14.56 11.31
N GLU C 438 -24.22 14.04 11.52
CA GLU C 438 -24.47 12.62 11.41
C GLU C 438 -23.92 12.13 10.08
N GLY C 439 -24.29 12.83 9.00
CA GLY C 439 -23.80 12.51 7.66
C GLY C 439 -22.28 12.39 7.57
N LYS C 440 -21.57 13.33 8.21
CA LYS C 440 -20.12 13.34 8.21
C LYS C 440 -19.55 12.16 9.00
N ARG C 441 -20.25 11.77 10.07
CA ARG C 441 -19.85 10.60 10.86
C ARG C 441 -19.95 9.33 10.00
N ILE C 442 -21.03 9.23 9.23
CA ILE C 442 -21.25 8.09 8.35
C ILE C 442 -20.14 8.04 7.29
N LYS C 443 -19.85 9.20 6.70
CA LYS C 443 -18.77 9.35 5.74
C LYS C 443 -17.45 8.82 6.30
N GLU C 444 -17.13 9.25 7.52
CA GLU C 444 -15.88 8.84 8.16
C GLU C 444 -15.79 7.33 8.33
N LYS C 445 -16.92 6.69 8.66
CA LYS C 445 -16.97 5.24 8.73
C LYS C 445 -16.68 4.60 7.37
N ALA C 446 -17.26 5.18 6.30
CA ALA C 446 -17.04 4.70 4.95
C ALA C 446 -15.57 4.79 4.53
N LYS C 447 -14.89 5.86 4.97
CA LYS C 447 -13.46 6.01 4.74
C LYS C 447 -12.66 4.91 5.44
N LYS C 448 -13.07 4.56 6.66
CA LYS C 448 -12.41 3.49 7.40
C LYS C 448 -12.56 2.17 6.64
N LEU C 449 -13.79 1.88 6.17
CA LEU C 449 -14.06 0.74 5.33
C LEU C 449 -13.13 0.73 4.11
N LYS C 450 -13.02 1.89 3.44
CA LYS C 450 -12.12 2.04 2.30
C LYS C 450 -10.71 1.54 2.65
N LYS C 451 -10.17 2.08 3.74
CA LYS C 451 -8.81 1.78 4.16
C LYS C 451 -8.64 0.29 4.43
N SER C 452 -9.61 -0.31 5.12
CA SER C 452 -9.56 -1.73 5.44
C SER C 452 -9.58 -2.60 4.18
N ALA C 453 -10.37 -2.16 3.19
CA ALA C 453 -10.42 -2.81 1.90
C ALA C 453 -9.06 -2.75 1.19
N GLU C 454 -8.44 -1.55 1.18
CA GLU C 454 -7.10 -1.38 0.65
C GLU C 454 -6.11 -2.35 1.30
N ASN C 455 -6.16 -2.45 2.63
CA ASN C 455 -5.18 -3.29 3.37
C ASN C 455 -5.35 -4.74 2.93
N ALA C 456 -6.58 -5.16 2.67
CA ALA C 456 -6.77 -6.51 2.08
C ALA C 456 -6.53 -6.29 0.60
N LEU C 457 -6.44 -7.32 -0.21
CA LEU C 457 -6.14 -7.01 -1.64
C LEU C 457 -4.80 -6.27 -1.67
N SER C 458 -3.95 -6.49 -0.66
CA SER C 458 -2.62 -5.85 -0.59
C SER C 458 -1.63 -6.92 -0.13
N ASP C 459 -0.37 -6.82 -0.58
CA ASP C 459 0.57 -7.91 -0.24
C ASP C 459 0.44 -8.24 1.25
N GLY C 460 0.22 -9.49 1.57
CA GLY C 460 0.06 -9.93 2.96
C GLY C 460 -1.36 -9.79 3.49
N GLY C 461 -2.25 -9.19 2.69
CA GLY C 461 -3.64 -8.94 3.14
C GLY C 461 -4.53 -10.16 2.97
N SER C 462 -5.62 -10.23 3.75
CA SER C 462 -6.54 -11.41 3.70
C SER C 462 -6.88 -11.77 2.24
N SER C 463 -7.50 -10.85 1.50
CA SER C 463 -7.91 -11.14 0.10
C SER C 463 -6.70 -11.66 -0.69
N TYR C 464 -5.62 -10.88 -0.73
CA TYR C 464 -4.39 -11.32 -1.43
C TYR C 464 -4.05 -12.74 -0.97
N ASN C 465 -4.05 -12.96 0.35
CA ASN C 465 -3.71 -14.27 0.89
C ASN C 465 -4.71 -15.35 0.45
N SER C 466 -5.97 -14.97 0.33
CA SER C 466 -7.00 -15.98 -0.04
C SER C 466 -6.70 -16.53 -1.43
N ILE C 467 -6.31 -15.67 -2.36
CA ILE C 467 -6.05 -16.11 -3.76
C ILE C 467 -4.85 -17.06 -3.71
N CYS C 468 -3.84 -16.69 -2.95
CA CYS C 468 -2.62 -17.53 -2.90
C CYS C 468 -3.03 -18.90 -2.34
N GLU C 469 -3.95 -18.92 -1.39
CA GLU C 469 -4.43 -20.21 -0.89
C GLU C 469 -5.23 -20.94 -1.96
N LEU C 470 -5.95 -20.17 -2.80
CA LEU C 470 -6.65 -20.75 -3.94
C LEU C 470 -5.63 -21.39 -4.89
N VAL C 471 -4.62 -20.62 -5.32
CA VAL C 471 -3.62 -21.14 -6.24
C VAL C 471 -2.92 -22.36 -5.65
N LYS C 472 -2.75 -22.39 -4.31
CA LYS C 472 -2.20 -23.56 -3.64
C LYS C 472 -3.15 -24.75 -3.80
N ASP C 473 -4.45 -24.54 -3.63
CA ASP C 473 -5.43 -25.65 -3.83
C ASP C 473 -5.31 -26.17 -5.25
N ILE C 474 -5.28 -25.26 -6.22
CA ILE C 474 -5.25 -25.70 -7.64
C ILE C 474 -4.05 -26.59 -8.00
N ARG C 475 -2.86 -26.19 -7.58
CA ARG C 475 -1.68 -26.98 -7.99
C ARG C 475 -1.86 -28.29 -7.22
N SER C 476 -2.26 -28.24 -5.95
CA SER C 476 -2.37 -29.47 -5.21
C SER C 476 -3.12 -30.56 -5.98
N ARG C 477 -4.13 -30.14 -6.76
CA ARG C 477 -4.93 -31.08 -7.53
C ARG C 477 -4.23 -31.59 -8.79
N GLU C 478 -3.11 -30.96 -9.17
CA GLU C 478 -2.31 -31.44 -10.29
C GLU C 478 -1.54 -32.72 -10.00
N LEU C 479 -2.14 -33.85 -10.35
CA LEU C 479 -1.53 -35.17 -10.23
C LEU C 479 -2.22 -36.14 -11.21
N SER D 6 -55.87 -1.41 29.04
CA SER D 6 -55.92 -0.22 28.20
C SER D 6 -54.79 0.76 28.54
N GLN D 7 -54.63 1.78 27.68
CA GLN D 7 -53.50 2.69 27.76
C GLN D 7 -53.69 3.68 28.91
N LEU D 8 -52.57 4.16 29.49
CA LEU D 8 -52.57 5.19 30.52
C LEU D 8 -52.77 6.59 29.95
N HIS D 9 -53.34 7.46 30.79
CA HIS D 9 -53.49 8.87 30.50
C HIS D 9 -52.68 9.68 31.50
N VAL D 10 -51.77 10.51 30.99
CA VAL D 10 -50.99 11.41 31.82
C VAL D 10 -51.18 12.83 31.32
N ALA D 11 -51.23 13.79 32.26
CA ALA D 11 -51.37 15.18 31.93
C ALA D 11 -50.11 15.90 32.39
N ILE D 12 -49.45 16.59 31.46
CA ILE D 12 -48.22 17.31 31.79
C ILE D 12 -48.52 18.81 31.76
N VAL D 13 -48.11 19.50 32.83
CA VAL D 13 -48.38 20.93 32.96
C VAL D 13 -47.11 21.71 32.66
N SER D 14 -47.20 22.67 31.74
CA SER D 14 -46.09 23.54 31.37
C SER D 14 -46.28 24.95 31.90
N SER D 15 -45.17 25.58 32.28
CA SER D 15 -45.20 26.97 32.73
C SER D 15 -45.22 27.90 31.52
N PRO D 16 -45.47 29.22 31.73
CA PRO D 16 -45.26 30.19 30.68
C PRO D 16 -43.79 30.32 30.32
N GLY D 17 -43.55 30.50 29.03
CA GLY D 17 -42.20 30.67 28.51
C GLY D 17 -41.78 29.44 27.73
N MET D 18 -41.35 29.68 26.48
CA MET D 18 -40.91 28.65 25.56
C MET D 18 -39.90 27.71 26.19
N GLY D 19 -38.96 28.29 26.96
CA GLY D 19 -37.93 27.52 27.64
C GLY D 19 -38.46 26.45 28.60
N HIS D 20 -39.72 26.64 29.04
CA HIS D 20 -40.40 25.69 29.90
C HIS D 20 -41.40 24.81 29.15
N LEU D 21 -41.85 25.28 27.99
CA LEU D 21 -42.81 24.56 27.15
C LEU D 21 -42.14 23.42 26.40
N ILE D 22 -41.02 23.72 25.74
CA ILE D 22 -40.35 22.77 24.87
C ILE D 22 -39.95 21.51 25.61
N PRO D 23 -39.30 21.59 26.81
CA PRO D 23 -38.90 20.39 27.53
C PRO D 23 -40.07 19.49 27.87
N VAL D 24 -41.22 20.11 28.15
CA VAL D 24 -42.43 19.40 28.50
C VAL D 24 -42.97 18.69 27.26
N LEU D 25 -42.87 19.36 26.10
CA LEU D 25 -43.27 18.76 24.83
C LEU D 25 -42.42 17.54 24.49
N VAL D 26 -41.11 17.64 24.73
CA VAL D 26 -40.21 16.55 24.37
C VAL D 26 -40.52 15.35 25.26
N LEU D 27 -40.86 15.61 26.52
CA LEU D 27 -41.25 14.53 27.43
C LEU D 27 -42.54 13.88 26.94
N GLY D 28 -43.54 14.71 26.64
CA GLY D 28 -44.80 14.23 26.10
C GLY D 28 -44.62 13.33 24.89
N ASN D 29 -43.84 13.83 23.91
CA ASN D 29 -43.60 13.10 22.68
C ASN D 29 -42.91 11.76 22.93
N ARG D 30 -41.91 11.80 23.82
CA ARG D 30 -41.17 10.61 24.20
C ARG D 30 -42.07 9.55 24.77
N LEU D 31 -42.87 9.92 25.77
CA LEU D 31 -43.77 8.98 26.44
C LEU D 31 -44.76 8.40 25.44
N ALA D 32 -45.39 9.30 24.65
CA ALA D 32 -46.43 8.93 23.72
C ALA D 32 -45.94 7.91 22.70
N THR D 33 -44.83 8.26 22.03
CA THR D 33 -44.25 7.43 20.99
C THR D 33 -43.71 6.11 21.55
N HIS D 34 -42.72 6.22 22.44
CA HIS D 34 -41.90 5.09 22.83
C HIS D 34 -42.56 4.20 23.87
N HIS D 35 -43.42 4.75 24.71
CA HIS D 35 -43.96 3.96 25.85
C HIS D 35 -45.50 3.87 25.80
N ASN D 36 -46.12 4.19 24.67
CA ASN D 36 -47.59 4.05 24.50
C ASN D 36 -48.52 4.69 25.53
N ILE D 37 -48.29 5.95 25.88
CA ILE D 37 -49.23 6.67 26.79
C ILE D 37 -50.02 7.76 26.06
N LYS D 38 -51.28 7.98 26.43
CA LYS D 38 -52.06 9.10 25.84
C LYS D 38 -51.75 10.32 26.71
N ILE D 39 -51.14 11.37 26.13
CA ILE D 39 -50.72 12.52 26.96
C ILE D 39 -51.53 13.76 26.61
N THR D 40 -51.77 14.64 27.58
CA THR D 40 -52.45 15.91 27.35
C THR D 40 -51.57 16.97 27.96
N ILE D 41 -51.27 18.01 27.19
CA ILE D 41 -50.32 19.06 27.70
C ILE D 41 -51.11 20.29 28.09
N LEU D 42 -51.09 20.63 29.37
CA LEU D 42 -51.74 21.84 29.83
C LEU D 42 -50.69 22.94 29.80
N ALA D 43 -50.69 23.76 28.75
CA ALA D 43 -49.66 24.77 28.58
C ALA D 43 -50.15 26.12 29.07
N ILE D 44 -49.56 26.64 30.15
CA ILE D 44 -49.95 27.94 30.67
C ILE D 44 -49.32 28.98 29.77
N THR D 45 -50.14 29.88 29.21
CA THR D 45 -49.66 30.96 28.37
C THR D 45 -49.69 32.22 29.23
N THR D 46 -49.18 33.30 28.62
CA THR D 46 -49.31 34.65 29.16
C THR D 46 -50.03 35.46 28.08
N THR D 47 -50.54 36.63 28.46
CA THR D 47 -51.21 37.51 27.52
C THR D 47 -50.19 38.05 26.53
N SER D 48 -50.43 37.78 25.24
CA SER D 48 -49.71 38.35 24.12
C SER D 48 -48.19 38.21 24.07
N SER D 49 -47.58 37.25 24.75
CA SER D 49 -46.13 37.23 24.89
C SER D 49 -45.73 36.33 23.70
N SER D 50 -45.00 36.92 22.76
CA SER D 50 -44.97 36.43 21.39
C SER D 50 -44.52 34.98 21.33
N ALA D 51 -43.34 34.70 21.89
CA ALA D 51 -42.58 33.50 21.56
C ALA D 51 -43.49 32.28 21.44
N GLU D 52 -44.14 31.99 22.57
CA GLU D 52 -44.98 30.81 22.72
C GLU D 52 -46.25 30.91 21.88
N THR D 53 -46.92 32.07 21.97
CA THR D 53 -48.17 32.26 21.25
C THR D 53 -48.00 32.06 19.75
N GLU D 54 -46.96 32.69 19.19
CA GLU D 54 -46.65 32.56 17.78
C GLU D 54 -46.29 31.12 17.44
N PHE D 55 -45.62 30.44 18.38
CA PHE D 55 -45.24 29.04 18.20
C PHE D 55 -46.47 28.13 18.19
N LEU D 56 -47.37 28.35 19.16
CA LEU D 56 -48.60 27.58 19.24
C LEU D 56 -49.46 27.81 18.00
N LYS D 57 -49.51 29.05 17.51
CA LYS D 57 -50.14 29.33 16.22
C LYS D 57 -49.19 28.63 15.26
N LYS D 58 -49.75 28.06 14.20
CA LYS D 58 -49.02 27.20 13.28
C LYS D 58 -48.29 26.01 13.94
N THR D 59 -48.90 25.44 14.99
CA THR D 59 -48.57 24.12 15.49
C THR D 59 -49.94 23.49 15.54
N THR D 60 -50.16 22.41 14.78
CA THR D 60 -51.26 21.49 15.06
C THR D 60 -51.12 21.03 16.52
N LEU D 61 -52.20 21.20 17.30
CA LEU D 61 -52.12 20.89 18.75
C LEU D 61 -52.79 19.54 19.05
N THR D 62 -52.86 18.69 18.05
CA THR D 62 -53.38 17.34 18.27
C THR D 62 -52.29 16.49 17.68
N ASN D 63 -52.51 15.21 17.43
CA ASN D 63 -51.33 14.44 16.95
C ASN D 63 -51.50 13.59 15.70
N GLU D 64 -52.68 13.63 15.07
CA GLU D 64 -52.93 12.71 13.93
C GLU D 64 -53.16 11.31 14.50
N GLU D 65 -52.28 10.84 15.39
CA GLU D 65 -52.49 9.54 16.06
C GLU D 65 -53.36 9.76 17.30
N LYS D 66 -53.71 11.00 17.61
CA LYS D 66 -54.58 11.36 18.72
C LYS D 66 -54.07 10.91 20.11
N THR D 67 -52.75 10.73 20.21
CA THR D 67 -52.09 10.38 21.46
C THR D 67 -51.51 11.60 22.18
N ILE D 68 -51.26 12.69 21.45
CA ILE D 68 -50.90 13.95 22.08
C ILE D 68 -51.97 14.98 21.75
N GLU D 69 -52.35 15.76 22.76
CA GLU D 69 -53.25 16.87 22.58
C GLU D 69 -52.73 17.98 23.48
N ILE D 70 -52.62 19.19 22.92
CA ILE D 70 -52.22 20.36 23.69
C ILE D 70 -53.45 21.19 24.01
N ILE D 71 -53.57 21.58 25.29
CA ILE D 71 -54.62 22.47 25.74
C ILE D 71 -53.95 23.75 26.24
N PRO D 72 -54.10 24.87 25.50
CA PRO D 72 -53.57 26.17 25.97
C PRO D 72 -54.42 26.71 27.09
N VAL D 73 -53.77 27.05 28.20
CA VAL D 73 -54.51 27.70 29.33
C VAL D 73 -54.11 29.18 29.27
N PRO D 74 -55.02 30.07 28.88
CA PRO D 74 -54.69 31.50 28.67
C PRO D 74 -54.00 32.13 29.88
N SER D 75 -54.44 31.83 31.10
CA SER D 75 -53.89 32.44 32.34
C SER D 75 -54.57 33.80 32.61
N VAL D 76 -54.11 34.53 33.63
CA VAL D 76 -54.77 35.82 34.00
C VAL D 76 -53.75 36.96 33.98
N ASP D 77 -54.22 38.22 34.02
CA ASP D 77 -53.31 39.39 34.07
C ASP D 77 -52.98 39.66 35.53
N ILE D 78 -51.69 39.64 35.87
CA ILE D 78 -51.30 39.79 37.29
C ILE D 78 -50.62 41.16 37.49
N SER D 79 -50.68 42.04 36.48
CA SER D 79 -49.97 43.30 36.64
C SER D 79 -50.30 44.05 37.93
N HIS D 80 -51.47 43.77 38.50
CA HIS D 80 -51.89 44.40 39.76
C HIS D 80 -51.31 43.76 41.01
N LEU D 81 -50.63 42.61 40.88
CA LEU D 81 -49.96 41.97 42.00
C LEU D 81 -48.43 42.04 41.90
N ILE D 82 -47.93 42.88 40.99
CA ILE D 82 -46.50 43.04 40.80
C ILE D 82 -46.13 44.51 40.58
N ASN D 83 -44.83 44.78 40.63
CA ASN D 83 -44.29 46.11 40.41
C ASN D 83 -43.02 45.97 39.56
N SER D 84 -42.40 47.11 39.24
CA SER D 84 -41.22 47.16 38.41
C SER D 84 -40.02 46.42 38.99
N SER D 85 -40.00 46.29 40.33
CA SER D 85 -38.90 45.66 41.04
C SER D 85 -39.07 44.16 41.23
N THR D 86 -40.28 43.64 41.00
CA THR D 86 -40.54 42.22 41.20
C THR D 86 -39.81 41.41 40.13
N LYS D 87 -39.16 40.32 40.53
CA LYS D 87 -38.32 39.55 39.64
C LYS D 87 -39.04 38.37 39.01
N ILE D 88 -38.42 37.85 37.93
CA ILE D 88 -39.05 36.89 37.03
C ILE D 88 -39.48 35.63 37.78
N PHE D 89 -38.65 35.14 38.70
CA PHE D 89 -38.95 33.90 39.41
C PHE D 89 -40.33 34.00 40.08
N THR D 90 -40.52 35.08 40.85
CA THR D 90 -41.78 35.32 41.55
C THR D 90 -42.90 35.55 40.54
N GLN D 91 -42.59 36.26 39.45
CA GLN D 91 -43.56 36.48 38.39
C GLN D 91 -44.19 35.16 37.96
N LEU D 92 -43.33 34.21 37.56
CA LEU D 92 -43.78 32.88 37.16
C LEU D 92 -44.66 32.28 38.26
N ARG D 93 -44.17 32.33 39.50
CA ARG D 93 -44.90 31.80 40.64
C ARG D 93 -46.32 32.34 40.75
N LEU D 94 -46.48 33.67 40.58
CA LEU D 94 -47.79 34.30 40.65
C LEU D 94 -48.65 33.93 39.45
N LEU D 95 -48.03 33.88 38.27
CA LEU D 95 -48.72 33.51 37.03
C LEU D 95 -49.42 32.17 37.21
N VAL D 96 -48.67 31.15 37.66
CA VAL D 96 -49.24 29.84 37.92
C VAL D 96 -50.28 29.94 39.03
N ARG D 97 -49.91 30.61 40.14
CA ARG D 97 -50.76 30.71 41.32
C ARG D 97 -52.17 31.17 40.96
N GLU D 98 -52.27 32.20 40.12
CA GLU D 98 -53.56 32.76 39.76
C GLU D 98 -54.26 31.93 38.66
N ALA D 99 -53.49 31.11 37.95
CA ALA D 99 -54.06 30.20 36.97
C ALA D 99 -54.69 28.95 37.60
N LEU D 100 -54.29 28.67 38.85
CA LEU D 100 -54.77 27.49 39.58
C LEU D 100 -56.25 27.15 39.38
N PRO D 101 -57.20 28.11 39.55
CA PRO D 101 -58.61 27.79 39.39
C PRO D 101 -58.95 27.29 37.99
N LYS D 102 -58.28 27.85 36.99
CA LYS D 102 -58.57 27.46 35.59
C LYS D 102 -58.13 26.01 35.39
N ILE D 103 -56.93 25.69 35.85
CA ILE D 103 -56.45 24.28 35.72
C ILE D 103 -57.51 23.39 36.38
N HIS D 104 -57.83 23.68 37.64
CA HIS D 104 -58.86 22.89 38.36
C HIS D 104 -60.05 22.68 37.44
N SER D 105 -60.61 23.78 36.93
CA SER D 105 -61.80 23.64 36.11
C SER D 105 -61.57 22.77 34.88
N THR D 106 -60.43 22.95 34.20
CA THR D 106 -60.15 22.23 32.97
C THR D 106 -59.99 20.73 33.18
N ILE D 107 -59.33 20.36 34.31
CA ILE D 107 -59.21 18.95 34.65
C ILE D 107 -60.56 18.39 35.06
N ALA D 108 -61.36 19.19 35.77
CA ALA D 108 -62.78 18.89 35.95
C ALA D 108 -63.39 19.24 34.60
N SER D 109 -64.34 18.44 34.13
CA SER D 109 -64.86 18.56 32.78
C SER D 109 -63.95 17.89 31.74
N MET D 110 -62.95 17.17 32.24
CA MET D 110 -62.17 16.29 31.35
C MET D 110 -62.90 14.95 31.37
N THR D 111 -63.50 14.54 30.27
CA THR D 111 -64.32 13.29 30.24
C THR D 111 -63.44 12.08 30.35
N HIS D 112 -62.12 12.25 30.40
CA HIS D 112 -61.23 11.09 30.65
C HIS D 112 -60.10 11.61 31.53
N ARG D 113 -60.36 11.62 32.83
CA ARG D 113 -59.39 12.20 33.78
C ARG D 113 -58.02 11.52 33.68
N PRO D 114 -56.95 12.22 34.08
CA PRO D 114 -55.59 11.71 34.02
C PRO D 114 -55.22 10.78 35.17
N ASP D 115 -54.66 9.62 34.84
CA ASP D 115 -54.19 8.66 35.83
C ASP D 115 -52.96 9.17 36.58
N ALA D 116 -52.24 10.10 35.96
CA ALA D 116 -51.12 10.77 36.62
C ALA D 116 -50.97 12.19 36.11
N LEU D 117 -50.27 13.01 36.89
CA LEU D 117 -50.08 14.41 36.58
C LEU D 117 -48.63 14.80 36.82
N ILE D 118 -47.97 15.25 35.74
CA ILE D 118 -46.60 15.73 35.84
C ILE D 118 -46.53 17.24 35.68
N VAL D 119 -45.89 17.90 36.65
CA VAL D 119 -45.86 19.36 36.70
C VAL D 119 -44.45 19.86 36.49
N ASP D 120 -44.35 21.02 35.86
CA ASP D 120 -43.11 21.75 35.68
C ASP D 120 -42.52 22.23 37.00
N ILE D 121 -41.27 22.67 37.01
CA ILE D 121 -40.63 23.22 38.19
C ILE D 121 -41.47 24.33 38.84
N PHE D 122 -42.08 25.19 38.02
CA PHE D 122 -42.82 26.32 38.55
C PHE D 122 -44.27 25.99 38.88
N CYS D 123 -44.77 24.87 38.37
CA CYS D 123 -46.16 24.50 38.55
C CYS D 123 -46.34 23.57 39.75
N THR D 124 -45.40 23.62 40.71
CA THR D 124 -45.47 22.81 41.92
C THR D 124 -46.68 23.10 42.80
N GLN D 125 -47.31 24.24 42.57
CA GLN D 125 -48.48 24.64 43.38
C GLN D 125 -49.76 23.99 42.85
N ILE D 126 -49.64 22.92 42.07
CA ILE D 126 -50.84 22.17 41.58
C ILE D 126 -51.05 20.99 42.53
N LEU D 127 -50.04 20.70 43.35
CA LEU D 127 -50.16 19.62 44.36
C LEU D 127 -51.57 19.59 44.95
N PRO D 128 -52.14 20.69 45.50
CA PRO D 128 -53.45 20.56 46.12
C PRO D 128 -54.49 19.96 45.17
N ILE D 129 -54.41 20.34 43.89
CA ILE D 129 -55.37 19.87 42.90
C ILE D 129 -55.17 18.39 42.64
N ALA D 130 -53.91 17.94 42.71
CA ALA D 130 -53.57 16.54 42.51
C ALA D 130 -54.05 15.70 43.68
N GLU D 131 -53.89 16.22 44.90
CA GLU D 131 -54.37 15.51 46.08
C GLU D 131 -55.89 15.42 46.07
N GLU D 132 -56.58 16.51 45.69
CA GLU D 132 -58.04 16.49 45.54
C GLU D 132 -58.63 15.38 44.67
N PHE D 133 -58.33 15.37 43.36
CA PHE D 133 -58.89 14.34 42.49
C PHE D 133 -58.24 12.98 42.76
N ASN D 134 -57.35 12.96 43.76
CA ASN D 134 -56.61 11.71 44.09
C ASN D 134 -55.85 11.23 42.86
N ILE D 135 -54.99 12.09 42.31
CA ILE D 135 -54.24 11.75 41.05
C ILE D 135 -52.76 11.65 41.42
N SER D 136 -52.03 10.71 40.80
CA SER D 136 -50.59 10.55 41.09
C SER D 136 -49.89 11.85 40.70
N LYS D 137 -48.84 12.24 41.41
CA LYS D 137 -48.26 13.56 41.20
C LYS D 137 -46.73 13.50 41.12
N TYR D 138 -46.16 14.13 40.08
CA TYR D 138 -44.71 14.15 39.90
C TYR D 138 -44.25 15.52 39.44
N THR D 139 -43.02 15.91 39.79
CA THR D 139 -42.45 17.14 39.27
C THR D 139 -41.35 16.85 38.25
N TYR D 140 -41.20 17.77 37.29
CA TYR D 140 -40.17 17.71 36.26
C TYR D 140 -39.19 18.86 36.51
N HIS D 141 -38.02 18.52 37.07
CA HIS D 141 -36.91 19.45 37.19
C HIS D 141 -36.09 19.40 35.90
N PRO D 142 -36.24 20.38 34.97
CA PRO D 142 -35.63 20.29 33.62
C PRO D 142 -34.22 20.82 33.57
N THR D 143 -33.45 20.63 34.64
CA THR D 143 -32.03 21.05 34.57
C THR D 143 -31.21 20.14 35.44
N THR D 144 -29.98 20.53 35.76
CA THR D 144 -29.06 19.61 36.46
C THR D 144 -29.46 19.12 37.84
N ALA D 145 -29.07 17.89 38.16
CA ALA D 145 -29.31 17.27 39.45
C ALA D 145 -28.71 18.12 40.57
N TRP D 146 -27.59 18.78 40.25
CA TRP D 146 -26.90 19.63 41.20
C TRP D 146 -27.81 20.75 41.73
N THR D 147 -28.52 21.41 40.80
CA THR D 147 -29.41 22.50 41.15
C THR D 147 -30.64 22.00 41.91
N LEU D 148 -31.05 20.75 41.63
CA LEU D 148 -32.11 20.13 42.39
C LEU D 148 -31.66 19.97 43.84
N ALA D 149 -30.50 19.35 44.03
CA ALA D 149 -29.92 19.15 45.34
C ALA D 149 -29.80 20.47 46.10
N LEU D 150 -29.36 21.52 45.40
CA LEU D 150 -29.28 22.85 45.98
C LEU D 150 -30.67 23.25 46.50
N ALA D 151 -31.66 23.25 45.60
CA ALA D 151 -33.01 23.69 45.93
C ALA D 151 -33.56 23.02 47.19
N ILE D 152 -33.42 21.68 47.26
CA ILE D 152 -33.98 20.92 48.36
C ILE D 152 -33.23 21.25 49.65
N TYR D 153 -31.89 21.21 49.60
CA TYR D 153 -31.08 21.44 50.79
C TYR D 153 -30.98 22.92 51.18
N CYS D 154 -31.61 23.80 50.38
CA CYS D 154 -31.55 25.23 50.62
C CYS D 154 -32.26 25.62 51.91
N GLN D 155 -33.27 24.83 52.29
CA GLN D 155 -33.99 25.04 53.53
C GLN D 155 -33.10 24.88 54.76
N VAL D 156 -32.07 24.02 54.65
CA VAL D 156 -31.11 23.83 55.72
C VAL D 156 -30.08 24.96 55.75
N PHE D 157 -29.56 25.31 54.57
CA PHE D 157 -28.67 26.45 54.41
C PHE D 157 -29.26 27.73 55.00
N ASP D 158 -30.57 27.90 54.81
CA ASP D 158 -31.32 29.02 55.36
C ASP D 158 -31.04 29.22 56.84
N LYS D 159 -31.03 28.11 57.59
CA LYS D 159 -30.76 28.15 59.03
C LYS D 159 -29.28 28.16 59.39
N GLU D 160 -28.48 27.44 58.59
CA GLU D 160 -27.06 27.30 58.87
C GLU D 160 -26.28 28.60 58.62
N ILE D 161 -26.58 29.28 57.50
CA ILE D 161 -25.93 30.54 57.18
C ILE D 161 -26.81 31.69 57.64
N GLU D 162 -26.19 32.70 58.27
CA GLU D 162 -26.91 33.86 58.78
C GLU D 162 -26.85 35.04 57.80
N GLY D 163 -25.67 35.28 57.21
CA GLY D 163 -25.48 36.38 56.30
C GLY D 163 -26.08 36.11 54.92
N GLU D 164 -25.82 37.02 53.98
CA GLU D 164 -26.20 36.85 52.59
C GLU D 164 -25.15 35.98 51.87
N TYR D 165 -25.65 34.95 51.16
CA TYR D 165 -24.83 33.90 50.59
C TYR D 165 -23.69 34.40 49.71
N VAL D 166 -23.95 35.47 48.95
CA VAL D 166 -23.03 35.95 47.93
C VAL D 166 -21.71 36.51 48.48
N GLU D 167 -21.69 36.79 49.78
CA GLU D 167 -20.44 37.28 50.42
C GLU D 167 -20.05 36.25 51.49
N LEU D 168 -19.39 35.16 51.09
CA LEU D 168 -19.12 34.08 52.08
C LEU D 168 -17.63 33.76 52.18
N LYS D 169 -16.93 33.69 51.04
CA LYS D 169 -15.47 33.34 51.01
C LYS D 169 -15.28 31.84 51.23
N GLU D 170 -16.31 31.16 51.74
CA GLU D 170 -16.23 29.69 51.93
C GLU D 170 -17.28 29.03 51.02
N PRO D 171 -16.98 27.89 50.40
CA PRO D 171 -17.91 27.23 49.45
C PRO D 171 -19.08 26.59 50.16
N LEU D 172 -20.26 26.63 49.55
CA LEU D 172 -21.39 25.91 50.13
C LEU D 172 -21.19 24.42 49.88
N LYS D 173 -21.25 23.63 50.96
CA LYS D 173 -21.15 22.19 50.89
C LYS D 173 -22.54 21.56 50.91
N ILE D 174 -22.97 21.06 49.75
CA ILE D 174 -24.20 20.29 49.64
C ILE D 174 -23.83 18.85 49.95
N PRO D 175 -24.53 18.17 50.88
CA PRO D 175 -24.03 16.96 51.53
C PRO D 175 -23.24 16.00 50.65
N GLY D 176 -23.76 15.56 49.52
CA GLY D 176 -22.93 14.59 48.76
C GLY D 176 -22.47 15.15 47.44
N CYS D 177 -22.98 16.32 47.06
CA CYS D 177 -22.73 16.88 45.73
C CYS D 177 -21.48 17.79 45.74
N LYS D 178 -21.26 18.58 44.69
CA LYS D 178 -20.02 19.39 44.53
C LYS D 178 -20.08 20.69 45.34
N ALA D 179 -18.94 21.35 45.53
CA ALA D 179 -18.92 22.53 46.38
C ALA D 179 -19.31 23.74 45.54
N LEU D 180 -20.30 24.50 46.01
CA LEU D 180 -20.83 25.62 45.24
C LEU D 180 -20.15 26.91 45.66
N ARG D 181 -19.40 27.50 44.72
CA ARG D 181 -18.71 28.76 44.94
C ARG D 181 -19.73 29.87 45.05
N PRO D 182 -19.62 30.78 46.05
CA PRO D 182 -20.65 31.78 46.30
C PRO D 182 -21.07 32.59 45.07
N ASP D 183 -20.11 32.88 44.18
CA ASP D 183 -20.40 33.66 42.98
C ASP D 183 -21.31 32.94 41.99
N ASP D 184 -21.27 31.60 42.00
CA ASP D 184 -22.01 30.82 41.02
C ASP D 184 -23.39 30.37 41.51
N VAL D 185 -23.93 31.06 42.53
CA VAL D 185 -25.24 30.74 43.06
C VAL D 185 -26.36 31.12 42.09
N VAL D 186 -27.50 30.40 42.21
CA VAL D 186 -28.69 30.68 41.44
C VAL D 186 -29.22 32.08 41.77
N ASP D 187 -29.91 32.70 40.81
CA ASP D 187 -30.41 34.05 40.99
C ASP D 187 -31.19 34.29 42.29
N PRO D 188 -32.12 33.40 42.69
CA PRO D 188 -32.87 33.58 43.94
C PRO D 188 -32.00 33.82 45.19
N LEU D 189 -30.78 33.29 45.20
CA LEU D 189 -29.90 33.41 46.36
C LEU D 189 -29.00 34.64 46.34
N LEU D 190 -29.19 35.52 45.34
CA LEU D 190 -28.42 36.75 45.27
C LEU D 190 -28.81 37.74 46.36
N ASP D 191 -30.11 37.78 46.71
CA ASP D 191 -30.61 38.66 47.75
C ASP D 191 -31.69 37.94 48.55
N ARG D 192 -31.43 37.77 49.86
CA ARG D 192 -32.34 37.05 50.73
C ARG D 192 -33.55 37.89 51.14
N SER D 193 -33.39 39.22 51.04
CA SER D 193 -34.48 40.13 51.36
C SER D 193 -35.53 40.20 50.25
N ASP D 194 -35.25 39.57 49.10
CA ASP D 194 -36.14 39.63 47.95
C ASP D 194 -37.05 38.41 48.00
N GLN D 195 -38.33 38.60 47.68
CA GLN D 195 -39.31 37.56 47.92
C GLN D 195 -39.11 36.30 47.08
N GLN D 196 -38.31 36.40 46.02
CA GLN D 196 -37.97 35.24 45.20
C GLN D 196 -37.18 34.20 46.00
N TYR D 197 -36.40 34.65 46.98
CA TYR D 197 -35.67 33.75 47.86
C TYR D 197 -36.62 32.86 48.65
N GLU D 198 -37.61 33.47 49.30
CA GLU D 198 -38.61 32.74 50.07
C GLU D 198 -39.39 31.78 49.16
N GLU D 199 -39.72 32.22 47.94
CA GLU D 199 -40.35 31.37 46.97
C GLU D 199 -39.46 30.18 46.62
N TYR D 200 -38.15 30.45 46.50
CA TYR D 200 -37.19 29.41 46.15
C TYR D 200 -37.14 28.30 47.20
N VAL D 201 -36.97 28.68 48.47
CA VAL D 201 -36.88 27.70 49.56
C VAL D 201 -38.22 26.95 49.64
N LYS D 202 -39.32 27.68 49.44
CA LYS D 202 -40.65 27.09 49.38
C LYS D 202 -40.73 26.04 48.28
N LEU D 203 -40.14 26.33 47.12
CA LEU D 203 -40.11 25.40 46.01
C LEU D 203 -39.35 24.13 46.41
N GLY D 204 -38.16 24.33 47.00
CA GLY D 204 -37.36 23.24 47.51
C GLY D 204 -38.17 22.27 48.38
N LYS D 205 -39.00 22.83 49.27
CA LYS D 205 -39.86 22.04 50.13
C LYS D 205 -40.98 21.34 49.37
N GLU D 206 -41.56 22.04 48.38
CA GLU D 206 -42.67 21.51 47.61
C GLU D 206 -42.26 20.25 46.85
N TYR D 207 -41.04 20.26 46.29
CA TYR D 207 -40.51 19.09 45.61
C TYR D 207 -40.79 17.80 46.38
N THR D 208 -40.29 17.76 47.62
CA THR D 208 -40.34 16.55 48.42
C THR D 208 -41.73 15.97 48.62
N ASP D 209 -42.78 16.79 48.44
CA ASP D 209 -44.15 16.36 48.63
C ASP D 209 -44.69 15.50 47.49
N PHE D 210 -44.04 15.56 46.33
CA PHE D 210 -44.48 14.79 45.17
C PHE D 210 -44.10 13.32 45.30
N ASP D 211 -44.68 12.50 44.41
CA ASP D 211 -44.48 11.06 44.41
C ASP D 211 -43.23 10.62 43.64
N GLY D 212 -42.50 11.59 43.08
CA GLY D 212 -41.27 11.31 42.34
C GLY D 212 -40.84 12.52 41.53
N ILE D 213 -39.53 12.62 41.28
CA ILE D 213 -38.95 13.80 40.64
C ILE D 213 -38.15 13.42 39.41
N LEU D 214 -38.62 13.88 38.24
CA LEU D 214 -37.97 13.67 36.96
C LEU D 214 -36.90 14.75 36.80
N ILE D 215 -35.77 14.39 36.20
CA ILE D 215 -34.67 15.33 36.00
C ILE D 215 -34.13 15.04 34.61
N ASN D 216 -34.06 16.08 33.76
CA ASN D 216 -33.52 15.92 32.43
C ASN D 216 -31.99 15.97 32.44
N THR D 217 -31.39 15.00 33.15
CA THR D 217 -29.97 14.68 33.03
C THR D 217 -29.87 13.18 32.85
N TRP D 218 -28.64 12.64 32.97
CA TRP D 218 -28.46 11.20 33.00
C TRP D 218 -27.29 10.81 33.89
N GLU D 219 -27.32 9.55 34.36
CA GLU D 219 -26.42 9.08 35.40
C GLU D 219 -24.96 9.39 35.10
N ASP D 220 -24.53 9.08 33.86
CA ASP D 220 -23.14 9.24 33.48
C ASP D 220 -22.67 10.68 33.56
N LEU D 221 -23.60 11.64 33.45
CA LEU D 221 -23.26 13.05 33.53
C LEU D 221 -22.93 13.44 34.98
N GLU D 222 -23.84 13.11 35.90
CA GLU D 222 -23.72 13.49 37.30
C GLU D 222 -23.85 12.28 38.23
N PRO D 223 -22.93 11.30 38.20
CA PRO D 223 -23.12 10.05 38.96
C PRO D 223 -23.16 10.26 40.47
N GLU D 224 -22.23 11.07 40.98
CA GLU D 224 -22.11 11.32 42.41
C GLU D 224 -23.34 12.06 42.95
N THR D 225 -23.77 13.09 42.22
CA THR D 225 -24.88 13.93 42.63
C THR D 225 -26.18 13.13 42.70
N ILE D 226 -26.42 12.29 41.67
CA ILE D 226 -27.61 11.46 41.65
C ILE D 226 -27.55 10.43 42.77
N ASN D 227 -26.39 9.78 42.93
CA ASN D 227 -26.20 8.84 44.02
C ASN D 227 -26.42 9.51 45.38
N ALA D 228 -25.96 10.76 45.50
CA ALA D 228 -26.20 11.55 46.70
C ALA D 228 -27.70 11.72 46.96
N LEU D 229 -28.44 12.11 45.93
CA LEU D 229 -29.89 12.27 46.01
C LEU D 229 -30.56 10.96 46.45
N ARG D 230 -30.03 9.83 45.98
CA ARG D 230 -30.61 8.53 46.28
C ARG D 230 -30.26 8.03 47.68
N TYR D 231 -29.03 8.29 48.14
CA TYR D 231 -28.50 7.58 49.30
C TYR D 231 -27.89 8.41 50.44
N ASN D 232 -27.41 9.63 50.15
CA ASN D 232 -26.84 10.46 51.20
C ASN D 232 -27.84 10.61 52.34
N GLU D 233 -27.38 10.32 53.56
CA GLU D 233 -28.26 10.27 54.71
C GLU D 233 -28.86 11.65 54.95
N LYS D 234 -28.03 12.70 54.93
CA LYS D 234 -28.49 14.05 55.17
C LYS D 234 -29.60 14.44 54.18
N LEU D 235 -29.34 14.20 52.88
CA LEU D 235 -30.29 14.55 51.83
C LEU D 235 -31.58 13.72 51.95
N ARG D 236 -31.44 12.43 52.26
CA ARG D 236 -32.58 11.53 52.31
C ARG D 236 -33.47 11.76 53.51
N LEU D 237 -32.97 12.50 54.51
CA LEU D 237 -33.80 12.99 55.59
C LEU D 237 -34.85 13.97 55.07
N LEU D 238 -34.54 14.63 53.95
CA LEU D 238 -35.42 15.63 53.35
C LEU D 238 -36.25 15.07 52.19
N LEU D 239 -35.66 14.20 51.36
CA LEU D 239 -36.25 13.83 50.09
C LEU D 239 -37.30 12.72 50.21
N LYS D 240 -36.85 11.49 50.49
CA LYS D 240 -37.74 10.36 50.78
C LYS D 240 -38.59 9.79 49.65
N VAL D 241 -38.36 10.23 48.40
CA VAL D 241 -39.14 9.75 47.26
C VAL D 241 -38.19 9.54 46.06
N PRO D 242 -38.52 8.69 45.07
CA PRO D 242 -37.57 8.36 44.01
C PRO D 242 -37.25 9.51 43.05
N VAL D 243 -36.08 9.39 42.41
CA VAL D 243 -35.64 10.33 41.38
C VAL D 243 -35.51 9.59 40.05
N PHE D 244 -35.79 10.30 38.96
CA PHE D 244 -35.83 9.70 37.63
C PHE D 244 -35.01 10.52 36.62
N PRO D 245 -33.70 10.24 36.47
CA PRO D 245 -32.91 10.79 35.38
C PRO D 245 -33.32 10.24 34.02
N ILE D 246 -34.04 11.06 33.25
CA ILE D 246 -34.68 10.61 32.02
C ILE D 246 -34.10 11.25 30.75
N GLY D 247 -33.08 12.10 30.93
CA GLY D 247 -32.52 12.88 29.85
C GLY D 247 -31.33 12.22 29.16
N PRO D 248 -30.62 12.93 28.25
CA PRO D 248 -30.96 14.29 27.86
C PRO D 248 -32.02 14.36 26.76
N LEU D 249 -33.16 15.00 27.06
CA LEU D 249 -34.23 15.18 26.10
C LEU D 249 -34.08 16.53 25.39
N ARG D 250 -34.47 16.58 24.12
CA ARG D 250 -34.40 17.80 23.33
C ARG D 250 -35.32 17.74 22.11
N ARG D 251 -35.57 18.92 21.51
CA ARG D 251 -36.40 19.03 20.32
C ARG D 251 -35.88 18.13 19.21
N LYS D 252 -36.79 17.71 18.31
CA LYS D 252 -36.37 17.04 17.08
C LYS D 252 -36.11 18.09 16.02
N VAL D 253 -35.24 17.76 15.05
CA VAL D 253 -34.87 18.69 13.99
C VAL D 253 -35.91 18.61 12.87
N GLU D 254 -36.10 19.72 12.17
CA GLU D 254 -36.99 19.79 11.03
C GLU D 254 -36.19 20.31 9.85
N THR D 255 -35.99 19.49 8.81
CA THR D 255 -35.39 19.96 7.57
C THR D 255 -36.37 21.09 7.23
N THR D 256 -35.85 22.31 7.06
CA THR D 256 -36.67 23.49 6.84
C THR D 256 -35.99 24.17 5.65
N LEU D 257 -36.80 24.88 4.85
CA LEU D 257 -36.36 25.53 3.63
C LEU D 257 -35.86 26.97 3.46
N ASN D 258 -36.59 27.95 4.02
CA ASN D 258 -36.53 29.34 3.58
C ASN D 258 -35.89 30.09 4.75
N ASP D 259 -34.77 29.56 5.24
CA ASP D 259 -33.99 30.27 6.24
C ASP D 259 -32.83 31.02 5.59
N GLU D 260 -31.97 30.30 4.86
CA GLU D 260 -30.79 30.87 4.24
C GLU D 260 -29.59 30.99 5.17
N VAL D 261 -29.81 30.87 6.49
CA VAL D 261 -28.71 30.60 7.42
C VAL D 261 -28.17 29.21 7.09
N ILE D 262 -29.05 28.22 6.98
CA ILE D 262 -28.66 26.86 6.65
C ILE D 262 -27.98 26.81 5.28
N GLN D 263 -28.48 27.61 4.32
CA GLN D 263 -27.87 27.67 3.01
C GLN D 263 -26.49 28.30 3.04
N TRP D 264 -26.32 29.33 3.87
CA TRP D 264 -25.01 29.90 4.14
C TRP D 264 -24.09 28.83 4.70
N LEU D 265 -24.53 28.20 5.80
CA LEU D 265 -23.77 27.17 6.46
C LEU D 265 -23.34 26.05 5.51
N ASP D 266 -24.22 25.71 4.55
CA ASP D 266 -23.93 24.67 3.57
C ASP D 266 -22.70 24.99 2.71
N LYS D 267 -22.35 26.27 2.59
CA LYS D 267 -21.21 26.68 1.79
C LYS D 267 -19.91 26.76 2.59
N GLN D 268 -19.98 26.48 3.90
CA GLN D 268 -18.81 26.54 4.76
C GLN D 268 -18.21 25.16 5.01
N ASN D 269 -16.98 25.15 5.52
CA ASN D 269 -16.25 23.91 5.80
C ASN D 269 -16.75 23.30 7.11
N ASN D 270 -16.40 22.03 7.33
CA ASN D 270 -16.86 21.29 8.50
C ASN D 270 -16.29 21.91 9.78
N GLU D 271 -17.12 21.95 10.82
CA GLU D 271 -16.76 22.45 12.13
C GLU D 271 -15.95 23.75 12.09
N SER D 272 -16.40 24.68 11.22
CA SER D 272 -15.68 25.94 11.03
C SER D 272 -16.47 27.18 11.42
N VAL D 273 -17.72 27.01 11.86
CA VAL D 273 -18.58 28.12 12.19
C VAL D 273 -18.85 28.14 13.69
N LEU D 274 -18.81 29.35 14.28
CA LEU D 274 -19.18 29.54 15.67
C LEU D 274 -20.58 30.13 15.77
N PHE D 275 -21.48 29.39 16.43
CA PHE D 275 -22.82 29.88 16.67
C PHE D 275 -22.84 30.66 17.98
N VAL D 276 -23.38 31.89 17.94
CA VAL D 276 -23.53 32.71 19.11
C VAL D 276 -25.01 32.97 19.40
N SER D 277 -25.48 32.48 20.55
CA SER D 277 -26.85 32.70 20.99
C SER D 277 -26.97 32.74 22.51
N PHE D 278 -27.77 33.69 23.00
CA PHE D 278 -28.00 33.86 24.43
C PHE D 278 -29.42 33.46 24.84
N GLY D 279 -29.97 32.45 24.14
CA GLY D 279 -31.27 31.89 24.47
C GLY D 279 -32.44 32.86 24.40
N SER D 280 -33.65 32.36 24.68
CA SER D 280 -34.88 33.08 24.40
C SER D 280 -34.85 34.55 24.85
N GLY D 281 -34.60 34.78 26.14
CA GLY D 281 -34.73 36.10 26.73
C GLY D 281 -33.44 36.89 26.89
N GLY D 282 -32.33 36.41 26.31
CA GLY D 282 -31.02 36.97 26.57
C GLY D 282 -30.76 38.27 25.82
N THR D 283 -30.14 39.22 26.52
CA THR D 283 -29.66 40.46 25.96
C THR D 283 -28.41 40.96 26.70
N LEU D 284 -27.50 41.58 25.95
CA LEU D 284 -26.28 42.15 26.50
C LEU D 284 -26.43 43.65 26.72
N SER D 285 -25.42 44.26 27.36
CA SER D 285 -25.30 45.71 27.42
C SER D 285 -24.78 46.23 26.08
N THR D 286 -24.97 47.53 25.85
CA THR D 286 -24.45 48.19 24.67
C THR D 286 -22.95 48.02 24.55
N LYS D 287 -22.24 48.25 25.66
CA LYS D 287 -20.80 48.14 25.70
C LYS D 287 -20.34 46.70 25.47
N GLN D 288 -21.00 45.76 26.16
CA GLN D 288 -20.65 44.35 26.04
C GLN D 288 -20.88 43.87 24.61
N MET D 289 -21.97 44.33 23.99
CA MET D 289 -22.35 43.89 22.66
C MET D 289 -21.36 44.43 21.62
N THR D 290 -20.93 45.69 21.80
CA THR D 290 -19.94 46.28 20.91
C THR D 290 -18.61 45.54 21.00
N GLU D 291 -18.17 45.22 22.23
CA GLU D 291 -16.94 44.49 22.44
C GLU D 291 -17.01 43.08 21.86
N LEU D 292 -18.19 42.45 21.99
CA LEU D 292 -18.43 41.14 21.41
C LEU D 292 -18.27 41.23 19.89
N ALA D 293 -19.02 42.14 19.27
CA ALA D 293 -18.97 42.34 17.83
C ALA D 293 -17.51 42.38 17.35
N TRP D 294 -16.72 43.27 17.96
CA TRP D 294 -15.31 43.39 17.63
C TRP D 294 -14.59 42.05 17.80
N GLY D 295 -14.74 41.40 18.96
CA GLY D 295 -14.17 40.08 19.20
C GLY D 295 -14.33 39.10 18.04
N LEU D 296 -15.57 39.01 17.52
CA LEU D 296 -15.87 38.12 16.41
C LEU D 296 -15.17 38.53 15.10
N GLU D 297 -15.04 39.85 14.89
CA GLU D 297 -14.33 40.35 13.73
C GLU D 297 -12.86 39.97 13.81
N LEU D 298 -12.23 40.31 14.95
CA LEU D 298 -10.80 40.14 15.14
C LEU D 298 -10.38 38.67 15.13
N SER D 299 -11.29 37.79 15.58
CA SER D 299 -11.03 36.37 15.56
C SER D 299 -10.74 35.81 14.17
N GLN D 300 -11.22 36.51 13.13
CA GLN D 300 -11.08 36.08 11.76
C GLN D 300 -11.76 34.71 11.57
N GLN D 301 -12.76 34.43 12.41
CA GLN D 301 -13.47 33.16 12.37
C GLN D 301 -14.87 33.37 11.80
N LYS D 302 -15.43 32.31 11.20
CA LYS D 302 -16.76 32.37 10.63
C LYS D 302 -17.79 32.15 11.74
N PHE D 303 -18.90 32.90 11.67
CA PHE D 303 -19.89 32.87 12.73
C PHE D 303 -21.32 33.10 12.26
N VAL D 304 -22.26 32.61 13.08
CA VAL D 304 -23.67 32.97 12.99
C VAL D 304 -24.04 33.57 14.34
N TRP D 305 -24.44 34.84 14.34
CA TRP D 305 -24.75 35.55 15.57
C TRP D 305 -26.22 35.95 15.63
N VAL D 306 -26.98 35.29 16.52
CA VAL D 306 -28.34 35.67 16.82
C VAL D 306 -28.29 36.91 17.73
N VAL D 307 -28.81 38.02 17.22
CA VAL D 307 -28.71 39.30 17.92
C VAL D 307 -30.08 39.85 18.29
N ARG D 308 -30.17 40.47 19.46
CA ARG D 308 -31.32 41.23 19.90
C ARG D 308 -30.87 42.62 20.33
N PRO D 309 -31.77 43.62 20.46
CA PRO D 309 -31.38 44.94 20.94
C PRO D 309 -30.80 44.90 22.36
N PRO D 310 -29.77 45.72 22.67
CA PRO D 310 -29.15 45.70 23.99
C PRO D 310 -30.08 46.21 25.10
N SER D 311 -29.71 45.91 26.35
CA SER D 311 -30.61 45.95 27.50
C SER D 311 -29.99 46.70 28.68
N ASP D 312 -29.83 48.01 28.55
CA ASP D 312 -29.09 48.78 29.54
C ASP D 312 -29.99 48.95 30.74
N THR D 327 -37.51 44.64 16.13
CA THR D 327 -36.37 44.16 15.33
C THR D 327 -35.50 45.33 14.98
N ARG D 328 -35.99 46.55 15.24
CA ARG D 328 -35.20 47.79 14.99
C ARG D 328 -34.45 47.76 13.65
N ASP D 329 -33.14 48.01 13.68
CA ASP D 329 -32.30 47.93 12.44
C ASP D 329 -30.95 47.52 13.02
N MET D 330 -30.64 46.23 12.97
CA MET D 330 -29.48 45.79 13.73
C MET D 330 -28.34 46.81 13.70
N SER D 331 -27.98 47.26 12.48
CA SER D 331 -26.82 48.10 12.27
C SER D 331 -26.70 49.31 13.21
N GLU D 332 -27.82 49.73 13.79
CA GLU D 332 -27.80 50.89 14.68
C GLU D 332 -27.00 50.66 15.95
N TYR D 333 -27.12 49.46 16.54
CA TYR D 333 -26.47 49.17 17.82
C TYR D 333 -25.18 48.36 17.68
N LEU D 334 -24.61 48.35 16.46
CA LEU D 334 -23.36 47.66 16.20
C LEU D 334 -22.30 48.66 15.78
N PRO D 335 -21.00 48.32 15.81
CA PRO D 335 -19.91 49.27 15.60
C PRO D 335 -20.55 49.68 14.28
N GLU D 336 -20.20 50.82 13.68
CA GLU D 336 -20.51 51.04 12.27
C GLU D 336 -20.50 50.37 10.87
N GLY D 337 -19.33 50.02 10.33
CA GLY D 337 -19.23 49.25 9.10
C GLY D 337 -19.16 47.74 9.32
N PHE D 338 -19.55 47.29 10.52
CA PHE D 338 -19.39 45.89 10.90
C PHE D 338 -19.86 44.94 9.79
N LEU D 339 -21.12 45.11 9.37
CA LEU D 339 -21.76 44.18 8.47
C LEU D 339 -21.06 44.09 7.13
N THR D 340 -20.52 45.22 6.65
CA THR D 340 -19.78 45.25 5.39
C THR D 340 -18.38 44.67 5.54
N ARG D 341 -17.75 44.89 6.70
CA ARG D 341 -16.42 44.34 6.97
C ARG D 341 -16.49 42.82 7.18
N THR D 342 -17.54 42.36 7.87
CA THR D 342 -17.71 40.97 8.21
C THR D 342 -18.51 40.18 7.17
N LYS D 343 -18.75 40.81 6.01
CA LYS D 343 -19.52 40.20 4.95
C LYS D 343 -18.65 39.05 4.44
N ASP D 344 -19.30 37.90 4.25
CA ASP D 344 -18.66 36.68 3.76
C ASP D 344 -17.95 35.90 4.87
N MET D 345 -17.79 36.52 6.06
CA MET D 345 -17.12 35.86 7.17
C MET D 345 -18.15 35.46 8.22
N GLY D 346 -19.05 36.40 8.56
CA GLY D 346 -20.10 36.16 9.53
C GLY D 346 -21.49 36.21 8.94
N LEU D 347 -22.49 36.01 9.80
CA LEU D 347 -23.89 36.11 9.46
C LEU D 347 -24.62 36.56 10.71
N VAL D 348 -25.24 37.74 10.65
CA VAL D 348 -25.97 38.29 11.79
C VAL D 348 -27.47 38.09 11.57
N VAL D 349 -28.10 37.31 12.46
CA VAL D 349 -29.53 36.98 12.32
C VAL D 349 -30.30 37.63 13.47
N PRO D 350 -31.44 38.29 13.22
CA PRO D 350 -32.15 39.04 14.28
C PRO D 350 -33.16 38.22 15.07
N MET D 351 -33.26 38.52 16.36
CA MET D 351 -34.28 37.89 17.24
C MET D 351 -34.00 36.39 17.09
N TRP D 352 -34.98 35.62 16.63
CA TRP D 352 -34.83 34.15 16.61
C TRP D 352 -34.10 33.48 15.48
N ALA D 353 -33.74 32.22 15.68
CA ALA D 353 -33.11 31.40 14.62
C ALA D 353 -33.49 29.95 14.91
N ASN D 354 -33.19 29.05 13.99
CA ASN D 354 -33.46 27.64 14.24
C ASN D 354 -32.26 26.92 14.86
N GLN D 355 -32.15 27.03 16.18
CA GLN D 355 -30.96 26.62 16.91
C GLN D 355 -30.64 25.14 16.73
N VAL D 356 -31.66 24.28 16.85
CA VAL D 356 -31.44 22.84 16.80
C VAL D 356 -30.92 22.42 15.42
N GLU D 357 -31.45 23.05 14.37
CA GLU D 357 -31.09 22.73 13.00
C GLU D 357 -29.70 23.25 12.67
N ILE D 358 -29.34 24.43 13.22
CA ILE D 358 -27.99 24.94 13.13
C ILE D 358 -27.00 23.98 13.80
N LEU D 359 -27.18 23.76 15.11
CA LEU D 359 -26.27 22.95 15.90
C LEU D 359 -26.01 21.55 15.33
N SER D 360 -27.01 20.99 14.65
CA SER D 360 -26.86 19.69 14.00
C SER D 360 -26.04 19.75 12.71
N HIS D 361 -25.78 20.96 12.21
CA HIS D 361 -25.15 21.13 10.91
C HIS D 361 -23.65 20.92 10.93
N SER D 362 -23.14 20.16 9.94
CA SER D 362 -21.74 19.79 9.85
C SER D 362 -20.76 20.96 9.96
N SER D 363 -21.16 22.11 9.42
CA SER D 363 -20.30 23.27 9.41
C SER D 363 -20.20 24.01 10.74
N VAL D 364 -21.01 23.63 11.73
CA VAL D 364 -20.98 24.27 13.03
C VAL D 364 -20.02 23.54 13.97
N GLY D 365 -18.99 24.26 14.46
CA GLY D 365 -17.94 23.67 15.28
C GLY D 365 -17.71 24.37 16.62
N GLY D 366 -18.73 25.09 17.11
CA GLY D 366 -18.65 25.75 18.41
C GLY D 366 -19.88 26.57 18.74
N PHE D 367 -20.11 26.77 20.05
CA PHE D 367 -21.30 27.46 20.52
C PHE D 367 -20.99 28.38 21.71
N LEU D 368 -21.02 29.70 21.45
CA LEU D 368 -21.00 30.68 22.52
C LEU D 368 -22.42 30.76 23.07
N THR D 369 -22.59 30.25 24.30
CA THR D 369 -23.92 30.09 24.86
C THR D 369 -24.05 30.68 26.27
N HIS D 370 -25.30 30.93 26.67
CA HIS D 370 -25.61 31.45 27.99
C HIS D 370 -25.76 30.32 29.01
N CYS D 371 -25.74 29.07 28.51
CA CYS D 371 -25.74 27.87 29.33
C CYS D 371 -27.11 27.53 29.91
N GLY D 372 -28.18 28.00 29.25
CA GLY D 372 -29.50 27.46 29.46
C GLY D 372 -29.48 25.96 29.17
N TRP D 373 -30.15 25.19 30.03
CA TRP D 373 -29.93 23.75 30.00
C TRP D 373 -30.38 23.13 28.68
N ASN D 374 -31.43 23.67 28.05
CA ASN D 374 -31.87 23.15 26.77
C ASN D 374 -30.85 23.46 25.67
N SER D 375 -30.32 24.69 25.66
CA SER D 375 -29.23 25.04 24.77
C SER D 375 -28.06 24.06 24.92
N THR D 376 -27.65 23.85 26.17
CA THR D 376 -26.51 22.98 26.47
C THR D 376 -26.75 21.53 26.03
N VAL D 377 -27.94 20.99 26.30
CA VAL D 377 -28.28 19.64 25.91
C VAL D 377 -28.29 19.52 24.38
N GLU D 378 -28.86 20.52 23.71
CA GLU D 378 -28.88 20.56 22.26
C GLU D 378 -27.45 20.58 21.68
N SER D 379 -26.53 21.27 22.37
CA SER D 379 -25.14 21.34 21.95
C SER D 379 -24.36 20.06 22.25
N LEU D 380 -24.59 19.47 23.42
CA LEU D 380 -23.88 18.27 23.83
C LEU D 380 -24.32 17.03 23.05
N THR D 381 -25.63 16.91 22.81
CA THR D 381 -26.14 15.83 21.98
C THR D 381 -25.58 15.86 20.56
N ASN D 382 -25.17 17.04 20.12
CA ASN D 382 -24.46 17.25 18.87
C ASN D 382 -23.02 17.26 19.38
N GLY D 383 -22.02 17.25 18.52
CA GLY D 383 -20.65 17.17 19.03
C GLY D 383 -20.10 18.46 19.66
N VAL D 384 -20.92 19.49 19.84
CA VAL D 384 -20.43 20.86 19.80
C VAL D 384 -19.90 21.34 21.15
N PRO D 385 -18.63 21.79 21.22
CA PRO D 385 -18.09 22.41 22.43
C PRO D 385 -18.60 23.84 22.61
N MET D 386 -18.28 24.46 23.75
CA MET D 386 -18.94 25.70 24.12
C MET D 386 -18.04 26.77 24.74
N ILE D 387 -18.53 28.01 24.72
CA ILE D 387 -17.96 29.15 25.48
C ILE D 387 -19.10 29.44 26.44
N ALA D 388 -18.88 29.57 27.75
CA ALA D 388 -19.98 29.56 28.76
C ALA D 388 -20.86 30.80 29.01
N TRP D 389 -20.38 32.02 29.19
CA TRP D 389 -21.25 33.23 29.32
C TRP D 389 -22.59 33.07 30.07
N PRO D 390 -22.65 32.62 31.33
CA PRO D 390 -23.89 32.58 32.10
C PRO D 390 -24.44 33.96 32.44
N LEU D 391 -25.78 34.08 32.44
CA LEU D 391 -26.45 35.36 32.64
C LEU D 391 -27.44 35.36 33.80
N HIS D 392 -28.38 34.40 33.78
CA HIS D 392 -29.42 34.33 34.79
C HIS D 392 -29.76 32.91 35.25
N ALA D 393 -30.71 32.80 36.18
CA ALA D 393 -31.17 31.52 36.70
C ALA D 393 -29.99 30.69 37.23
N GLU D 394 -29.96 29.40 36.87
CA GLU D 394 -28.92 28.49 37.34
C GLU D 394 -27.76 28.37 36.35
N GLN D 395 -27.70 29.30 35.39
CA GLN D 395 -26.76 29.20 34.29
C GLN D 395 -25.31 29.22 34.78
N LYS D 396 -25.06 29.88 35.92
CA LYS D 396 -23.73 29.98 36.48
C LYS D 396 -23.25 28.63 36.99
N MET D 397 -24.15 27.88 37.64
CA MET D 397 -23.87 26.53 38.08
C MET D 397 -23.66 25.59 36.89
N ASN D 398 -24.47 25.79 35.83
CA ASN D 398 -24.33 25.01 34.61
C ASN D 398 -22.98 25.25 33.94
N ALA D 399 -22.60 26.53 33.86
CA ALA D 399 -21.31 26.92 33.31
C ALA D 399 -20.17 26.29 34.11
N ALA D 400 -20.26 26.35 35.44
CA ALA D 400 -19.27 25.74 36.30
C ALA D 400 -19.09 24.26 35.94
N MET D 401 -20.23 23.55 35.84
CA MET D 401 -20.23 22.13 35.55
C MET D 401 -19.56 21.83 34.21
N LEU D 402 -19.95 22.59 33.17
CA LEU D 402 -19.43 22.38 31.83
C LEU D 402 -17.93 22.60 31.72
N THR D 403 -17.41 23.61 32.42
CA THR D 403 -16.01 24.01 32.32
C THR D 403 -15.12 23.19 33.24
N GLU D 404 -15.49 23.14 34.53
CA GLU D 404 -14.67 22.51 35.54
C GLU D 404 -14.74 20.99 35.45
N GLU D 405 -15.93 20.42 35.70
CA GLU D 405 -16.11 18.98 35.80
C GLU D 405 -15.99 18.28 34.44
N LEU D 406 -16.80 18.74 33.47
CA LEU D 406 -16.97 18.02 32.21
C LEU D 406 -15.88 18.34 31.19
N GLY D 407 -15.33 19.56 31.26
CA GLY D 407 -14.26 19.99 30.37
C GLY D 407 -14.69 20.07 28.91
N VAL D 408 -15.92 20.55 28.67
CA VAL D 408 -16.47 20.66 27.33
C VAL D 408 -16.71 22.12 26.96
N ALA D 409 -16.18 23.03 27.78
CA ALA D 409 -16.41 24.45 27.59
C ALA D 409 -15.29 25.28 28.20
N ILE D 410 -15.11 26.49 27.65
CA ILE D 410 -14.17 27.46 28.20
C ILE D 410 -14.97 28.70 28.59
N ARG D 411 -14.37 29.55 29.43
CA ARG D 411 -15.06 30.71 29.97
C ARG D 411 -14.09 31.87 30.18
N PRO D 412 -14.60 33.10 30.40
CA PRO D 412 -13.72 34.22 30.71
C PRO D 412 -13.17 34.15 32.12
N ALA D 413 -12.01 34.77 32.34
CA ALA D 413 -11.34 34.78 33.62
C ALA D 413 -12.28 35.16 34.75
N VAL D 414 -13.02 36.26 34.54
CA VAL D 414 -14.05 36.72 35.45
C VAL D 414 -15.42 36.50 34.84
N LEU D 415 -16.44 36.26 35.69
CA LEU D 415 -17.81 36.12 35.23
C LEU D 415 -18.22 37.33 34.39
N PRO D 416 -18.93 37.14 33.25
CA PRO D 416 -19.37 38.27 32.44
C PRO D 416 -20.35 39.18 33.16
N THR D 417 -21.23 38.57 33.98
CA THR D 417 -22.20 39.30 34.78
C THR D 417 -21.56 40.23 35.82
N LYS D 418 -20.29 39.97 36.18
CA LYS D 418 -19.58 40.80 37.15
C LYS D 418 -18.74 41.88 36.48
N LYS D 419 -18.11 41.55 35.34
CA LYS D 419 -17.19 42.44 34.67
C LYS D 419 -17.26 42.34 33.15
N LEU D 420 -17.00 43.46 32.49
CA LEU D 420 -17.08 43.53 31.03
C LEU D 420 -15.95 42.71 30.39
N VAL D 421 -16.32 41.79 29.49
CA VAL D 421 -15.39 41.02 28.70
C VAL D 421 -15.01 41.85 27.48
N LYS D 422 -13.72 42.20 27.36
CA LYS D 422 -13.21 43.00 26.27
C LYS D 422 -12.90 42.16 25.03
N ARG D 423 -12.79 42.84 23.88
CA ARG D 423 -12.65 42.21 22.58
C ARG D 423 -11.48 41.24 22.46
N GLU D 424 -10.35 41.55 23.11
CA GLU D 424 -9.15 40.72 23.00
C GLU D 424 -9.42 39.36 23.63
N GLU D 425 -10.05 39.36 24.80
CA GLU D 425 -10.38 38.13 25.50
C GLU D 425 -11.32 37.27 24.66
N ILE D 426 -12.35 37.91 24.09
CA ILE D 426 -13.33 37.22 23.28
C ILE D 426 -12.66 36.59 22.05
N GLN D 427 -11.96 37.41 21.27
CA GLN D 427 -11.27 36.95 20.07
C GLN D 427 -10.32 35.80 20.42
N GLY D 428 -9.66 35.90 21.58
CA GLY D 428 -8.86 34.80 22.09
C GLY D 428 -9.68 33.53 22.25
N MET D 429 -10.78 33.63 23.02
CA MET D 429 -11.64 32.50 23.30
C MET D 429 -12.12 31.82 22.02
N VAL D 430 -12.64 32.62 21.09
CA VAL D 430 -13.15 32.09 19.83
C VAL D 430 -12.01 31.43 19.06
N ARG D 431 -10.81 32.01 19.14
CA ARG D 431 -9.65 31.41 18.49
C ARG D 431 -9.29 30.08 19.14
N ILE D 432 -9.20 30.06 20.48
CA ILE D 432 -8.80 28.88 21.21
C ILE D 432 -9.75 27.71 20.93
N LEU D 433 -11.05 27.99 20.85
CA LEU D 433 -12.02 26.94 20.60
C LEU D 433 -12.05 26.49 19.13
N MET D 434 -12.12 27.44 18.19
CA MET D 434 -12.40 27.11 16.81
C MET D 434 -11.17 26.67 16.01
N GLN D 435 -9.96 26.87 16.56
CA GLN D 435 -8.75 26.61 15.78
C GLN D 435 -7.57 25.94 16.48
N THR D 436 -7.39 26.15 17.78
CA THR D 436 -6.26 25.57 18.49
C THR D 436 -6.50 24.08 18.80
N LYS D 437 -5.40 23.36 19.02
CA LYS D 437 -5.46 21.94 19.36
C LYS D 437 -6.24 21.74 20.66
N GLU D 438 -6.04 22.62 21.63
CA GLU D 438 -6.81 22.59 22.87
C GLU D 438 -8.30 22.53 22.53
N GLY D 439 -8.73 23.42 21.64
CA GLY D 439 -10.11 23.44 21.15
C GLY D 439 -10.60 22.08 20.65
N LYS D 440 -9.75 21.40 19.88
CA LYS D 440 -10.08 20.09 19.33
C LYS D 440 -10.19 19.04 20.43
N ARG D 441 -9.35 19.16 21.47
CA ARG D 441 -9.42 18.27 22.62
C ARG D 441 -10.76 18.42 23.34
N ILE D 442 -11.20 19.68 23.51
CA ILE D 442 -12.48 19.97 24.15
C ILE D 442 -13.60 19.37 23.32
N LYS D 443 -13.55 19.58 22.00
CA LYS D 443 -14.50 19.00 21.08
C LYS D 443 -14.61 17.49 21.23
N GLU D 444 -13.46 16.82 21.30
CA GLU D 444 -13.43 15.37 21.45
C GLU D 444 -14.12 14.91 22.73
N LYS D 445 -13.94 15.67 23.82
CA LYS D 445 -14.66 15.39 25.05
C LYS D 445 -16.17 15.53 24.87
N ALA D 446 -16.60 16.57 24.14
CA ALA D 446 -18.01 16.78 23.85
C ALA D 446 -18.62 15.64 23.06
N LYS D 447 -17.83 15.08 22.12
CA LYS D 447 -18.26 13.90 21.37
C LYS D 447 -18.46 12.69 22.28
N LYS D 448 -17.56 12.52 23.26
CA LYS D 448 -17.69 11.44 24.23
C LYS D 448 -18.98 11.59 25.02
N LEU D 449 -19.25 12.81 25.49
CA LEU D 449 -20.51 13.14 26.16
C LEU D 449 -21.69 12.75 25.28
N LYS D 450 -21.64 13.16 24.00
CA LYS D 450 -22.67 12.80 23.03
C LYS D 450 -22.95 11.30 23.06
N LYS D 451 -21.89 10.50 22.91
CA LYS D 451 -22.01 9.06 22.84
C LYS D 451 -22.64 8.49 24.10
N SER D 452 -22.20 8.98 25.26
CA SER D 452 -22.74 8.50 26.53
C SER D 452 -24.23 8.84 26.67
N ALA D 453 -24.62 10.00 26.16
CA ALA D 453 -26.01 10.40 26.13
C ALA D 453 -26.83 9.47 25.24
N GLU D 454 -26.30 9.17 24.04
CA GLU D 454 -26.91 8.20 23.14
C GLU D 454 -27.14 6.86 23.84
N ASN D 455 -26.15 6.40 24.60
CA ASN D 455 -26.21 5.12 25.28
C ASN D 455 -27.20 5.12 26.44
N ALA D 456 -27.44 6.30 27.03
CA ALA D 456 -28.46 6.42 28.04
C ALA D 456 -29.90 6.28 27.52
N LEU D 457 -30.21 6.94 26.40
CA LEU D 457 -31.56 6.91 25.84
C LEU D 457 -31.85 5.67 25.01
N SER D 458 -30.84 4.81 24.83
CA SER D 458 -31.00 3.57 24.08
C SER D 458 -31.68 2.53 24.96
N ASP D 459 -32.29 1.52 24.34
CA ASP D 459 -32.90 0.43 25.08
C ASP D 459 -31.88 -0.16 26.05
N GLY D 460 -32.33 -0.37 27.30
CA GLY D 460 -31.47 -0.85 28.38
C GLY D 460 -30.61 0.22 29.02
N GLY D 461 -30.67 1.44 28.49
CA GLY D 461 -29.86 2.55 29.03
C GLY D 461 -30.50 3.17 30.27
N SER D 462 -29.69 3.78 31.14
CA SER D 462 -30.21 4.37 32.41
C SER D 462 -31.47 5.19 32.16
N SER D 463 -31.40 6.20 31.29
CA SER D 463 -32.55 7.09 31.06
C SER D 463 -33.77 6.27 30.60
N TYR D 464 -33.60 5.48 29.55
CA TYR D 464 -34.71 4.61 29.07
C TYR D 464 -35.25 3.83 30.25
N ASN D 465 -34.35 3.27 31.07
CA ASN D 465 -34.76 2.48 32.22
C ASN D 465 -35.51 3.33 33.25
N SER D 466 -35.03 4.55 33.49
CA SER D 466 -35.69 5.46 34.41
C SER D 466 -37.15 5.71 34.04
N ILE D 467 -37.42 5.88 32.73
CA ILE D 467 -38.78 6.06 32.27
C ILE D 467 -39.63 4.83 32.58
N CYS D 468 -39.08 3.64 32.30
CA CYS D 468 -39.79 2.40 32.56
C CYS D 468 -40.12 2.25 34.04
N GLU D 469 -39.20 2.68 34.92
CA GLU D 469 -39.44 2.64 36.36
C GLU D 469 -40.53 3.64 36.74
N LEU D 470 -40.57 4.78 36.03
CA LEU D 470 -41.63 5.77 36.22
C LEU D 470 -42.99 5.14 35.89
N VAL D 471 -43.10 4.57 34.68
CA VAL D 471 -44.35 3.98 34.23
C VAL D 471 -44.78 2.86 35.19
N LYS D 472 -43.80 2.14 35.76
CA LYS D 472 -44.09 1.13 36.77
C LYS D 472 -44.69 1.78 38.01
N ASP D 473 -44.23 2.97 38.39
CA ASP D 473 -44.70 3.63 39.64
C ASP D 473 -46.09 4.22 39.46
N ILE D 474 -46.62 4.24 38.24
CA ILE D 474 -47.91 4.94 38.02
C ILE D 474 -49.00 3.87 37.93
N ARG D 475 -48.66 2.77 37.27
CA ARG D 475 -49.64 1.66 37.21
C ARG D 475 -49.72 1.10 38.63
N SER D 476 -48.61 1.15 39.37
CA SER D 476 -48.73 0.65 40.73
C SER D 476 -49.77 1.40 41.54
N ARG D 477 -49.90 2.71 41.28
CA ARG D 477 -50.84 3.54 42.01
C ARG D 477 -52.28 3.35 41.54
N GLU D 478 -52.50 2.69 40.39
CA GLU D 478 -53.82 2.42 39.89
C GLU D 478 -54.59 1.35 40.67
N LEU D 479 -55.90 1.57 40.84
CA LEU D 479 -56.71 0.93 41.88
C LEU D 479 -56.27 1.47 43.26
N SER E 6 -13.90 10.04 -40.76
CA SER E 6 -14.13 11.10 -41.74
C SER E 6 -13.40 12.39 -41.36
N GLN E 7 -13.40 13.38 -42.27
CA GLN E 7 -12.55 14.54 -42.19
C GLN E 7 -13.06 15.51 -41.12
N LEU E 8 -12.12 16.23 -40.47
CA LEU E 8 -12.42 17.03 -39.29
C LEU E 8 -12.85 18.43 -39.70
N HIS E 9 -13.64 19.08 -38.83
CA HIS E 9 -13.92 20.49 -38.93
C HIS E 9 -13.34 21.18 -37.70
N VAL E 10 -12.49 22.19 -37.92
CA VAL E 10 -11.99 23.03 -36.83
C VAL E 10 -12.29 24.48 -37.13
N ALA E 11 -12.60 25.25 -36.08
CA ALA E 11 -12.85 26.67 -36.19
C ALA E 11 -11.75 27.41 -35.43
N ILE E 12 -11.06 28.32 -36.13
CA ILE E 12 -10.00 29.08 -35.49
C ILE E 12 -10.47 30.53 -35.33
N VAL E 13 -10.28 31.06 -34.12
CA VAL E 13 -10.70 32.42 -33.82
C VAL E 13 -9.48 33.35 -33.80
N SER E 14 -9.55 34.44 -34.55
CA SER E 14 -8.50 35.46 -34.59
C SER E 14 -8.93 36.74 -33.88
N SER E 15 -7.97 37.42 -33.25
CA SER E 15 -8.22 38.72 -32.64
C SER E 15 -8.14 39.82 -33.71
N PRO E 16 -8.42 41.11 -33.37
CA PRO E 16 -8.51 42.16 -34.37
C PRO E 16 -7.27 42.57 -35.13
N GLY E 17 -6.06 42.70 -34.54
CA GLY E 17 -4.91 43.17 -35.28
C GLY E 17 -4.26 42.17 -36.23
N MET E 18 -3.68 42.69 -37.33
CA MET E 18 -3.05 41.88 -38.36
C MET E 18 -2.03 40.90 -37.76
N GLY E 19 -1.28 41.38 -36.77
CA GLY E 19 -0.29 40.57 -36.07
C GLY E 19 -0.86 39.30 -35.44
N HIS E 20 -2.17 39.31 -35.17
CA HIS E 20 -2.88 38.16 -34.64
C HIS E 20 -3.66 37.37 -35.70
N LEU E 21 -3.98 38.05 -36.81
CA LEU E 21 -4.72 37.45 -37.90
C LEU E 21 -3.86 36.51 -38.74
N ILE E 22 -2.69 37.02 -39.13
CA ILE E 22 -1.80 36.29 -40.03
C ILE E 22 -1.42 34.93 -39.45
N PRO E 23 -0.97 34.83 -38.18
CA PRO E 23 -0.57 33.55 -37.61
C PRO E 23 -1.69 32.54 -37.61
N VAL E 24 -2.93 33.01 -37.44
CA VAL E 24 -4.09 32.14 -37.44
C VAL E 24 -4.35 31.63 -38.85
N LEU E 25 -4.14 32.52 -39.85
CA LEU E 25 -4.26 32.11 -41.24
C LEU E 25 -3.23 31.04 -41.62
N VAL E 26 -2.00 31.21 -41.14
CA VAL E 26 -0.93 30.28 -41.51
C VAL E 26 -1.24 28.92 -40.89
N LEU E 27 -1.81 28.92 -39.69
CA LEU E 27 -2.21 27.68 -39.04
C LEU E 27 -3.32 27.02 -39.84
N GLY E 28 -4.35 27.79 -40.18
CA GLY E 28 -5.45 27.31 -40.99
C GLY E 28 -4.97 26.65 -42.29
N ASN E 29 -4.12 27.38 -43.02
CA ASN E 29 -3.60 26.91 -44.29
C ASN E 29 -2.80 25.61 -44.13
N ARG E 30 -1.96 25.58 -43.09
CA ARG E 30 -1.15 24.42 -42.77
C ARG E 30 -2.01 23.18 -42.55
N LEU E 31 -3.01 23.30 -41.66
CA LEU E 31 -3.88 22.19 -41.31
C LEU E 31 -4.63 21.71 -42.55
N ALA E 32 -5.20 22.68 -43.28
CA ALA E 32 -6.05 22.38 -44.42
C ALA E 32 -5.29 21.61 -45.49
N THR E 33 -4.13 22.16 -45.89
CA THR E 33 -3.31 21.58 -46.93
C THR E 33 -2.71 20.24 -46.50
N HIS E 34 -1.88 20.28 -45.43
CA HIS E 34 -1.03 19.16 -45.09
C HIS E 34 -1.75 18.04 -44.34
N HIS E 35 -2.87 18.35 -43.68
CA HIS E 35 -3.50 17.32 -42.79
C HIS E 35 -5.00 17.07 -43.02
N ASN E 36 -5.52 17.30 -44.23
CA ASN E 36 -6.94 17.00 -44.55
C ASN E 36 -8.10 17.47 -43.68
N ILE E 37 -8.07 18.74 -43.25
CA ILE E 37 -9.03 19.26 -42.26
C ILE E 37 -9.73 20.48 -42.88
N LYS E 38 -11.06 20.48 -42.94
CA LYS E 38 -11.80 21.68 -43.41
C LYS E 38 -11.74 22.73 -42.31
N ILE E 39 -11.43 23.98 -42.67
CA ILE E 39 -11.22 25.00 -41.61
C ILE E 39 -12.20 26.18 -41.81
N THR E 40 -12.57 26.84 -40.72
CA THR E 40 -13.41 28.04 -40.80
C THR E 40 -12.75 29.05 -39.88
N ILE E 41 -12.40 30.23 -40.39
CA ILE E 41 -11.65 31.21 -39.57
C ILE E 41 -12.57 32.36 -39.15
N LEU E 42 -12.77 32.52 -37.84
CA LEU E 42 -13.60 33.59 -37.33
C LEU E 42 -12.66 34.75 -37.02
N ALA E 43 -12.58 35.73 -37.92
CA ALA E 43 -11.71 36.88 -37.70
C ALA E 43 -12.47 38.04 -37.09
N ILE E 44 -12.10 38.42 -35.85
CA ILE E 44 -12.72 39.55 -35.20
C ILE E 44 -12.11 40.81 -35.82
N THR E 45 -12.97 41.74 -36.24
CA THR E 45 -12.49 42.98 -36.90
C THR E 45 -12.53 44.12 -35.92
N THR E 46 -12.19 45.34 -36.36
CA THR E 46 -12.10 46.49 -35.47
C THR E 46 -13.08 47.54 -35.92
N THR E 47 -13.67 47.35 -37.10
CA THR E 47 -14.63 48.32 -37.70
C THR E 47 -13.92 49.49 -38.36
N SER E 48 -12.61 49.66 -38.11
CA SER E 48 -11.89 50.82 -38.66
C SER E 48 -10.46 50.56 -39.17
N SER E 49 -9.58 50.02 -38.31
CA SER E 49 -8.17 49.88 -38.62
C SER E 49 -7.94 49.27 -40.00
N SER E 50 -7.33 50.11 -40.84
CA SER E 50 -7.21 49.85 -42.26
C SER E 50 -6.61 48.46 -42.52
N ALA E 51 -5.43 48.21 -41.94
CA ALA E 51 -4.58 47.11 -42.35
C ALA E 51 -5.26 45.77 -42.67
N GLU E 52 -6.09 45.34 -41.73
CA GLU E 52 -6.82 44.09 -41.81
C GLU E 52 -8.03 44.24 -42.75
N THR E 53 -8.81 45.31 -42.54
CA THR E 53 -10.02 45.53 -43.32
C THR E 53 -9.71 45.60 -44.81
N GLU E 54 -8.69 46.40 -45.18
CA GLU E 54 -8.27 46.52 -46.56
C GLU E 54 -7.75 45.19 -47.09
N PHE E 55 -7.10 44.41 -46.22
CA PHE E 55 -6.59 43.10 -46.59
C PHE E 55 -7.72 42.12 -46.85
N LEU E 56 -8.73 42.12 -45.96
CA LEU E 56 -9.88 41.25 -46.13
C LEU E 56 -10.64 41.64 -47.40
N LYS E 57 -10.75 42.93 -47.68
CA LYS E 57 -11.45 43.38 -48.88
C LYS E 57 -10.77 42.83 -50.12
N LYS E 58 -9.45 42.95 -50.19
CA LYS E 58 -8.70 42.47 -51.35
C LYS E 58 -8.83 40.97 -51.59
N THR E 59 -8.94 40.16 -50.52
CA THR E 59 -8.73 38.73 -50.64
C THR E 59 -10.06 37.98 -50.59
N THR E 60 -10.29 37.10 -51.58
CA THR E 60 -11.35 36.11 -51.53
C THR E 60 -11.30 35.34 -50.21
N LEU E 61 -12.47 35.24 -49.57
CA LEU E 61 -12.63 34.61 -48.27
C LEU E 61 -13.01 33.13 -48.34
N THR E 62 -13.14 32.60 -49.56
CA THR E 62 -13.34 31.19 -49.81
C THR E 62 -12.24 30.67 -50.72
N ASN E 63 -11.82 29.43 -50.46
CA ASN E 63 -10.71 28.81 -51.21
C ASN E 63 -11.25 28.18 -52.49
N GLU E 64 -10.38 27.72 -53.37
CA GLU E 64 -10.88 27.00 -54.57
C GLU E 64 -11.22 25.59 -54.13
N GLU E 65 -10.55 25.11 -53.07
CA GLU E 65 -10.76 23.72 -52.62
C GLU E 65 -11.79 23.69 -51.48
N LYS E 66 -12.45 24.82 -51.19
CA LYS E 66 -13.51 24.76 -50.20
C LYS E 66 -13.13 24.14 -48.86
N THR E 67 -11.82 24.18 -48.55
CA THR E 67 -11.31 23.70 -47.27
C THR E 67 -11.08 24.83 -46.28
N ILE E 68 -10.91 26.05 -46.76
CA ILE E 68 -10.78 27.22 -45.90
C ILE E 68 -11.92 28.17 -46.27
N GLU E 69 -12.53 28.75 -45.22
CA GLU E 69 -13.51 29.79 -45.38
C GLU E 69 -13.24 30.77 -44.24
N ILE E 70 -13.18 32.06 -44.61
CA ILE E 70 -12.99 33.12 -43.63
C ILE E 70 -14.34 33.80 -43.37
N ILE E 71 -14.67 33.94 -42.08
CA ILE E 71 -15.89 34.62 -41.66
C ILE E 71 -15.46 35.85 -40.87
N PRO E 72 -15.66 37.07 -41.42
CA PRO E 72 -15.47 38.28 -40.64
C PRO E 72 -16.56 38.46 -39.59
N VAL E 73 -16.15 38.85 -38.39
CA VAL E 73 -17.08 39.17 -37.31
C VAL E 73 -16.81 40.61 -36.90
N PRO E 74 -17.80 41.53 -37.06
CA PRO E 74 -17.57 42.92 -36.70
C PRO E 74 -17.50 43.13 -35.17
N SER E 75 -16.63 44.04 -34.75
CA SER E 75 -16.66 44.48 -33.35
C SER E 75 -17.60 45.67 -33.19
N VAL E 76 -17.50 46.33 -32.04
CA VAL E 76 -18.34 47.53 -31.77
C VAL E 76 -17.43 48.66 -31.28
N ASP E 77 -17.94 49.89 -31.16
CA ASP E 77 -17.12 50.97 -30.58
C ASP E 77 -17.15 50.80 -29.06
N ILE E 78 -15.97 50.78 -28.45
CA ILE E 78 -15.88 50.56 -26.97
C ILE E 78 -15.39 51.88 -26.33
N SER E 79 -15.22 52.93 -27.14
CA SER E 79 -14.80 54.25 -26.60
C SER E 79 -15.46 54.52 -25.24
N HIS E 80 -16.76 54.26 -25.13
CA HIS E 80 -17.50 54.57 -23.88
C HIS E 80 -16.92 53.79 -22.70
N LEU E 81 -16.20 52.70 -22.96
CA LEU E 81 -15.74 51.81 -21.86
C LEU E 81 -14.23 51.96 -21.69
N ILE E 82 -13.62 52.89 -22.43
CA ILE E 82 -12.14 53.07 -22.37
C ILE E 82 -11.78 54.54 -22.18
N ASN E 83 -10.50 54.83 -21.96
CA ASN E 83 -10.01 56.22 -21.82
C ASN E 83 -8.63 56.33 -22.47
N SER E 84 -8.17 57.56 -22.70
CA SER E 84 -6.84 57.76 -23.35
C SER E 84 -5.77 56.96 -22.60
N SER E 85 -5.97 56.73 -21.30
CA SER E 85 -4.96 56.04 -20.52
C SER E 85 -5.09 54.53 -20.50
N THR E 86 -6.23 53.99 -20.95
CA THR E 86 -6.42 52.55 -21.03
C THR E 86 -5.51 51.97 -22.10
N LYS E 87 -4.83 50.85 -21.78
CA LYS E 87 -3.79 50.30 -22.64
C LYS E 87 -4.31 49.23 -23.59
N ILE E 88 -3.50 48.95 -24.62
CA ILE E 88 -3.90 48.11 -25.74
C ILE E 88 -4.31 46.71 -25.29
N PHE E 89 -3.59 46.13 -24.31
CA PHE E 89 -3.90 44.78 -23.87
C PHE E 89 -5.35 44.67 -23.44
N THR E 90 -5.76 45.58 -22.55
CA THR E 90 -7.14 45.61 -22.07
C THR E 90 -8.11 45.95 -23.21
N GLN E 91 -7.69 46.84 -24.10
CA GLN E 91 -8.49 47.17 -25.27
C GLN E 91 -8.91 45.90 -26.00
N LEU E 92 -7.91 45.09 -26.39
CA LEU E 92 -8.17 43.82 -27.06
C LEU E 92 -9.15 42.99 -26.24
N ARG E 93 -8.87 42.87 -24.94
CA ARG E 93 -9.72 42.12 -24.03
C ARG E 93 -11.19 42.53 -24.09
N LEU E 94 -11.45 43.84 -24.08
CA LEU E 94 -12.81 44.36 -24.15
C LEU E 94 -13.42 44.11 -25.53
N LEU E 95 -12.62 44.31 -26.59
CA LEU E 95 -13.07 44.07 -27.95
C LEU E 95 -13.64 42.67 -28.10
N VAL E 96 -12.86 41.68 -27.69
CA VAL E 96 -13.31 40.28 -27.73
C VAL E 96 -14.52 40.11 -26.82
N ARG E 97 -14.42 40.63 -25.58
CA ARG E 97 -15.45 40.45 -24.56
C ARG E 97 -16.82 40.83 -25.09
N GLU E 98 -16.90 41.99 -25.76
CA GLU E 98 -18.16 42.49 -26.28
C GLU E 98 -18.58 41.79 -27.58
N ALA E 99 -17.61 41.17 -28.27
CA ALA E 99 -17.90 40.38 -29.46
C ALA E 99 -18.47 38.99 -29.13
N LEU E 100 -18.27 38.54 -27.88
CA LEU E 100 -18.73 37.24 -27.43
C LEU E 100 -20.10 36.80 -27.94
N PRO E 101 -21.18 37.63 -27.83
CA PRO E 101 -22.49 37.23 -28.30
C PRO E 101 -22.52 36.94 -29.80
N LYS E 102 -21.83 37.77 -30.56
CA LYS E 102 -21.80 37.60 -32.04
C LYS E 102 -21.07 36.30 -32.35
N ILE E 103 -19.90 36.12 -31.74
CA ILE E 103 -19.17 34.84 -31.94
C ILE E 103 -20.17 33.71 -31.68
N HIS E 104 -20.81 33.71 -30.52
CA HIS E 104 -21.81 32.66 -30.19
C HIS E 104 -22.76 32.48 -31.37
N SER E 105 -23.54 33.51 -31.65
CA SER E 105 -24.54 33.41 -32.71
C SER E 105 -23.98 32.76 -33.99
N THR E 106 -22.75 33.12 -34.36
CA THR E 106 -22.18 32.61 -35.62
C THR E 106 -21.91 31.13 -35.47
N ILE E 107 -21.40 30.70 -34.33
CA ILE E 107 -21.03 29.26 -34.18
C ILE E 107 -22.31 28.42 -34.21
N ALA E 108 -23.42 28.99 -33.75
CA ALA E 108 -24.71 28.26 -33.77
C ALA E 108 -25.23 28.23 -35.21
N SER E 109 -25.18 29.39 -35.87
CA SER E 109 -25.70 29.48 -37.26
C SER E 109 -24.99 28.44 -38.11
N MET E 110 -23.84 27.95 -37.65
CA MET E 110 -23.07 27.05 -38.49
C MET E 110 -23.70 25.72 -38.89
N THR E 111 -23.70 25.42 -40.18
CA THR E 111 -24.22 24.10 -40.59
C THR E 111 -23.35 23.02 -39.97
N HIS E 112 -22.07 22.98 -40.30
CA HIS E 112 -21.18 21.89 -39.78
C HIS E 112 -20.57 22.34 -38.46
N ARG E 113 -21.09 21.82 -37.35
CA ARG E 113 -20.60 22.20 -36.00
C ARG E 113 -19.11 21.84 -35.91
N PRO E 114 -18.26 22.73 -35.37
CA PRO E 114 -16.81 22.45 -35.22
C PRO E 114 -16.58 21.22 -34.36
N ASP E 115 -15.67 20.34 -34.77
CA ASP E 115 -15.25 19.22 -33.88
C ASP E 115 -14.12 19.69 -32.98
N ALA E 116 -13.76 20.97 -33.06
CA ALA E 116 -12.68 21.55 -32.23
C ALA E 116 -12.69 23.05 -32.46
N LEU E 117 -12.08 23.80 -31.55
CA LEU E 117 -12.11 25.27 -31.65
C LEU E 117 -10.82 25.89 -31.10
N ILE E 118 -9.93 26.33 -31.97
CA ILE E 118 -8.66 26.96 -31.54
C ILE E 118 -8.89 28.46 -31.41
N VAL E 119 -8.28 29.10 -30.41
CA VAL E 119 -8.57 30.54 -30.16
C VAL E 119 -7.26 31.30 -29.98
N ASP E 120 -7.30 32.60 -30.24
CA ASP E 120 -6.08 33.44 -30.18
C ASP E 120 -5.78 33.72 -28.71
N ILE E 121 -4.53 34.06 -28.42
CA ILE E 121 -4.15 34.39 -27.05
C ILE E 121 -5.16 35.35 -26.40
N PHE E 122 -5.71 36.29 -27.17
CA PHE E 122 -6.64 37.26 -26.61
C PHE E 122 -8.09 36.79 -26.59
N CYS E 123 -8.39 35.73 -27.34
CA CYS E 123 -9.75 35.23 -27.43
C CYS E 123 -10.02 34.09 -26.46
N THR E 124 -9.26 34.05 -25.36
CA THR E 124 -9.43 33.04 -24.33
C THR E 124 -10.78 33.06 -23.63
N GLN E 125 -11.51 34.16 -23.76
CA GLN E 125 -12.79 34.35 -23.10
C GLN E 125 -13.93 33.67 -23.87
N ILE E 126 -13.59 32.97 -24.95
CA ILE E 126 -14.54 32.14 -25.70
C ILE E 126 -14.81 30.83 -24.96
N LEU E 127 -13.89 30.44 -24.06
CA LEU E 127 -13.99 29.21 -23.29
C LEU E 127 -15.42 28.81 -22.89
N PRO E 128 -16.24 29.70 -22.31
CA PRO E 128 -17.61 29.34 -21.96
C PRO E 128 -18.42 28.83 -23.14
N ILE E 129 -18.19 29.43 -24.31
CA ILE E 129 -18.92 29.07 -25.52
C ILE E 129 -18.51 27.67 -25.98
N ALA E 130 -17.23 27.33 -25.76
CA ALA E 130 -16.71 26.02 -26.13
C ALA E 130 -17.27 24.94 -25.20
N GLU E 131 -17.35 25.26 -23.89
CA GLU E 131 -17.91 24.32 -22.94
C GLU E 131 -19.39 24.09 -23.24
N GLU E 132 -20.14 25.15 -23.56
CA GLU E 132 -21.54 25.03 -23.95
C GLU E 132 -21.86 24.04 -25.08
N PHE E 133 -21.36 24.30 -26.30
CA PHE E 133 -21.61 23.40 -27.42
C PHE E 133 -20.89 22.06 -27.24
N ASN E 134 -20.26 21.88 -26.08
CA ASN E 134 -19.41 20.74 -25.78
C ASN E 134 -18.40 20.43 -26.90
N ILE E 135 -17.47 21.37 -27.14
CA ILE E 135 -16.47 21.22 -28.18
C ILE E 135 -15.07 21.30 -27.57
N SER E 136 -14.15 20.53 -28.17
CA SER E 136 -12.75 20.56 -27.81
C SER E 136 -12.15 21.95 -28.01
N LYS E 137 -11.41 22.41 -27.00
CA LYS E 137 -10.97 23.80 -26.91
C LYS E 137 -9.45 23.90 -26.73
N TYR E 138 -8.80 24.75 -27.54
CA TYR E 138 -7.36 24.92 -27.49
C TYR E 138 -7.01 26.39 -27.65
N THR E 139 -5.88 26.81 -27.05
CA THR E 139 -5.40 28.16 -27.27
C THR E 139 -4.14 28.12 -28.14
N TYR E 140 -3.95 29.21 -28.92
CA TYR E 140 -2.79 29.41 -29.76
C TYR E 140 -1.99 30.57 -29.19
N HIS E 141 -0.90 30.25 -28.49
CA HIS E 141 0.07 31.23 -28.06
C HIS E 141 1.07 31.47 -29.18
N PRO E 142 0.94 32.49 -30.07
CA PRO E 142 1.81 32.60 -31.26
C PRO E 142 3.14 33.26 -30.97
N THR E 143 3.74 33.01 -29.80
CA THR E 143 5.09 33.58 -29.58
C THR E 143 5.86 32.63 -28.70
N THR E 144 6.98 33.06 -28.14
CA THR E 144 7.87 32.12 -27.42
C THR E 144 7.32 31.35 -26.25
N ALA E 145 7.80 30.12 -26.05
CA ALA E 145 7.47 29.30 -24.90
C ALA E 145 7.80 30.02 -23.60
N TRP E 146 8.87 30.80 -23.63
CA TRP E 146 9.33 31.54 -22.46
C TRP E 146 8.24 32.49 -21.95
N THR E 147 7.61 33.22 -22.87
CA THR E 147 6.56 34.16 -22.51
C THR E 147 5.30 33.46 -22.04
N LEU E 148 5.06 32.24 -22.55
CA LEU E 148 3.97 31.41 -22.07
C LEU E 148 4.22 31.07 -20.60
N ALA E 149 5.42 30.53 -20.33
CA ALA E 149 5.82 30.17 -18.98
C ALA E 149 5.68 31.36 -18.03
N LEU E 150 6.10 32.55 -18.49
CA LEU E 150 5.94 33.75 -17.71
C LEU E 150 4.47 33.95 -17.37
N ALA E 151 3.60 34.03 -18.37
CA ALA E 151 2.19 34.34 -18.07
C ALA E 151 1.61 33.37 -17.04
N ILE E 152 1.88 32.08 -17.21
CA ILE E 152 1.24 31.08 -16.32
C ILE E 152 1.76 31.28 -14.89
N TYR E 153 3.07 31.36 -14.69
CA TYR E 153 3.64 31.48 -13.32
C TYR E 153 3.40 32.88 -12.79
N CYS E 154 2.93 33.78 -13.63
CA CYS E 154 2.78 35.15 -13.18
C CYS E 154 1.84 35.25 -11.97
N GLN E 155 0.87 34.32 -11.91
CA GLN E 155 -0.06 34.25 -10.79
C GLN E 155 0.64 33.96 -9.47
N VAL E 156 1.76 33.25 -9.52
CA VAL E 156 2.55 32.95 -8.34
C VAL E 156 3.42 34.15 -7.96
N PHE E 157 4.09 34.74 -8.96
CA PHE E 157 4.85 35.96 -8.78
C PHE E 157 4.02 37.05 -8.12
N ASP E 158 2.74 37.16 -8.53
CA ASP E 158 1.79 38.10 -7.95
C ASP E 158 1.78 38.05 -6.44
N LYS E 159 1.78 36.84 -5.88
CA LYS E 159 1.75 36.64 -4.43
C LYS E 159 3.14 36.70 -3.79
N GLU E 160 4.15 36.24 -4.51
CA GLU E 160 5.51 36.16 -3.98
C GLU E 160 6.16 37.53 -3.87
N ILE E 161 5.98 38.38 -4.90
CA ILE E 161 6.52 39.73 -4.88
C ILE E 161 5.44 40.68 -4.41
N GLU E 162 5.82 41.64 -3.54
CA GLU E 162 4.90 42.68 -3.09
C GLU E 162 5.06 43.97 -3.90
N GLY E 163 6.31 44.36 -4.16
CA GLY E 163 6.61 45.57 -4.89
C GLY E 163 6.34 45.44 -6.39
N GLU E 164 6.62 46.55 -7.11
CA GLU E 164 6.44 46.58 -8.54
C GLU E 164 7.66 46.01 -9.25
N TYR E 165 7.42 45.09 -10.19
CA TYR E 165 8.42 44.23 -10.79
C TYR E 165 9.63 44.97 -11.36
N VAL E 166 9.39 46.14 -11.95
CA VAL E 166 10.42 46.86 -12.70
C VAL E 166 11.55 47.40 -11.82
N GLU E 167 11.34 47.48 -10.50
CA GLU E 167 12.33 48.07 -9.60
C GLU E 167 13.18 47.04 -8.87
N LEU E 168 12.96 45.75 -9.16
CA LEU E 168 13.59 44.66 -8.44
C LEU E 168 15.06 44.59 -8.85
N LYS E 169 15.93 44.24 -7.91
CA LYS E 169 17.38 44.20 -8.19
C LYS E 169 17.82 42.74 -8.36
N GLU E 170 16.87 41.87 -8.71
CA GLU E 170 17.18 40.44 -8.85
C GLU E 170 16.40 39.90 -10.06
N PRO E 171 17.03 39.13 -10.97
CA PRO E 171 16.36 38.58 -12.15
C PRO E 171 15.19 37.71 -11.73
N LEU E 172 14.02 37.98 -12.31
CA LEU E 172 12.82 37.15 -12.04
C LEU E 172 13.14 35.71 -12.47
N LYS E 173 13.25 34.80 -11.51
CA LYS E 173 13.51 33.39 -11.85
C LYS E 173 12.18 32.70 -12.12
N ILE E 174 12.06 32.04 -13.27
CA ILE E 174 10.82 31.28 -13.60
C ILE E 174 11.20 29.80 -13.57
N PRO E 175 10.48 28.94 -12.83
CA PRO E 175 10.84 27.52 -12.69
C PRO E 175 11.21 26.92 -14.04
N GLY E 176 12.37 26.26 -14.11
CA GLY E 176 12.77 25.56 -15.33
C GLY E 176 13.39 26.47 -16.37
N CYS E 177 12.74 27.59 -16.66
CA CYS E 177 13.23 28.46 -17.77
C CYS E 177 14.33 29.39 -17.26
N LYS E 178 14.65 30.43 -18.02
CA LYS E 178 15.79 31.28 -17.63
C LYS E 178 15.42 32.48 -16.77
N ALA E 179 16.40 33.34 -16.50
CA ALA E 179 16.20 34.49 -15.60
C ALA E 179 15.68 35.69 -16.39
N LEU E 180 14.49 36.16 -16.03
CA LEU E 180 13.99 37.35 -16.70
C LEU E 180 14.45 38.62 -15.98
N ARG E 181 15.29 39.40 -16.68
CA ARG E 181 15.81 40.65 -16.15
C ARG E 181 14.67 41.66 -16.04
N PRO E 182 14.54 42.41 -14.92
CA PRO E 182 13.38 43.26 -14.70
C PRO E 182 13.08 44.23 -15.84
N ASP E 183 14.13 44.72 -16.51
CA ASP E 183 13.95 45.67 -17.60
C ASP E 183 13.28 45.05 -18.83
N ASP E 184 13.45 43.74 -19.02
CA ASP E 184 12.95 43.07 -20.22
C ASP E 184 11.57 42.45 -20.04
N VAL E 185 10.83 42.90 -19.02
CA VAL E 185 9.49 42.39 -18.75
C VAL E 185 8.46 42.78 -19.82
N VAL E 186 7.42 41.96 -19.97
CA VAL E 186 6.32 42.25 -20.87
C VAL E 186 5.59 43.52 -20.42
N ASP E 187 4.98 44.23 -21.38
CA ASP E 187 4.32 45.49 -21.10
C ASP E 187 3.33 45.45 -19.93
N PRO E 188 2.45 44.42 -19.82
CA PRO E 188 1.50 44.35 -18.71
C PRO E 188 2.12 44.45 -17.32
N LEU E 189 3.38 44.02 -17.18
CA LEU E 189 4.04 43.97 -15.89
C LEU E 189 4.83 45.24 -15.57
N LEU E 190 4.72 46.27 -16.43
CA LEU E 190 5.39 47.55 -16.19
C LEU E 190 4.76 48.29 -15.02
N ASP E 191 3.44 48.17 -14.88
CA ASP E 191 2.75 48.81 -13.73
C ASP E 191 1.72 47.85 -13.17
N ARG E 192 1.77 47.58 -11.87
CA ARG E 192 0.71 46.74 -11.24
C ARG E 192 -0.58 47.57 -11.25
N SER E 193 -0.49 48.81 -11.77
CA SER E 193 -1.68 49.67 -11.94
C SER E 193 -2.37 49.26 -13.24
N ASP E 194 -3.42 49.99 -13.63
CA ASP E 194 -4.21 49.63 -14.84
C ASP E 194 -4.92 48.44 -15.50
N GLN E 195 -5.50 47.53 -14.71
CA GLN E 195 -6.26 46.43 -15.34
C GLN E 195 -5.43 45.43 -16.14
N GLN E 196 -4.60 45.93 -17.07
CA GLN E 196 -3.72 45.05 -17.86
C GLN E 196 -3.13 43.98 -16.96
N TYR E 197 -2.41 44.40 -15.92
CA TYR E 197 -1.76 43.42 -15.02
C TYR E 197 -2.78 42.42 -14.62
N GLU E 198 -3.88 42.92 -14.09
CA GLU E 198 -4.85 41.96 -13.60
C GLU E 198 -5.40 41.11 -14.74
N GLU E 199 -5.63 41.73 -15.91
CA GLU E 199 -6.02 41.00 -17.09
C GLU E 199 -4.95 39.99 -17.50
N TYR E 200 -3.69 40.39 -17.39
CA TYR E 200 -2.57 39.53 -17.74
C TYR E 200 -2.53 38.25 -16.89
N VAL E 201 -2.56 38.42 -15.56
CA VAL E 201 -2.52 37.28 -14.66
C VAL E 201 -3.75 36.39 -14.89
N LYS E 202 -4.90 37.04 -15.14
CA LYS E 202 -6.13 36.35 -15.48
C LYS E 202 -5.94 35.52 -16.74
N LEU E 203 -5.25 36.07 -17.74
CA LEU E 203 -4.94 35.36 -18.97
C LEU E 203 -4.11 34.11 -18.68
N GLY E 204 -3.05 34.30 -17.90
CA GLY E 204 -2.23 33.19 -17.45
C GLY E 204 -3.04 32.02 -16.89
N LYS E 205 -4.03 32.35 -16.06
CA LYS E 205 -4.91 31.34 -15.49
C LYS E 205 -5.83 30.72 -16.53
N GLU E 206 -6.35 31.52 -17.46
CA GLU E 206 -7.27 31.07 -18.48
C GLU E 206 -6.63 30.00 -19.36
N TYR E 207 -5.36 30.20 -19.71
CA TYR E 207 -4.62 29.21 -20.49
C TYR E 207 -4.86 27.79 -19.98
N THR E 208 -4.55 27.56 -18.70
CA THR E 208 -4.59 26.24 -18.12
C THR E 208 -5.93 25.53 -18.25
N ASP E 209 -7.01 26.28 -18.46
CA ASP E 209 -8.35 25.72 -18.55
C ASP E 209 -8.64 25.03 -19.90
N PHE E 210 -7.82 25.33 -20.92
CA PHE E 210 -7.99 24.73 -22.22
C PHE E 210 -7.48 23.29 -22.26
N ASP E 211 -7.83 22.57 -23.33
CA ASP E 211 -7.45 21.18 -23.50
C ASP E 211 -6.07 20.98 -24.11
N GLY E 212 -5.37 22.08 -24.39
CA GLY E 212 -4.03 22.03 -24.95
C GLY E 212 -3.62 23.40 -25.49
N ILE E 213 -2.30 23.65 -25.49
CA ILE E 213 -1.80 25.00 -25.92
C ILE E 213 -0.85 24.86 -27.11
N LEU E 214 -1.05 25.67 -28.15
CA LEU E 214 -0.18 25.66 -29.36
C LEU E 214 0.82 26.81 -29.15
N ILE E 215 2.05 26.72 -29.68
CA ILE E 215 3.06 27.76 -29.31
C ILE E 215 3.84 28.42 -30.47
N ASN E 216 3.83 27.92 -31.70
CA ASN E 216 4.51 28.60 -32.84
C ASN E 216 6.03 28.67 -32.68
N THR E 217 6.60 27.90 -31.76
CA THR E 217 8.05 27.75 -31.70
C THR E 217 8.36 26.31 -32.10
N TRP E 218 9.61 25.87 -31.88
CA TRP E 218 9.95 24.47 -32.04
C TRP E 218 11.00 24.02 -31.05
N GLU E 219 11.05 22.70 -30.80
CA GLU E 219 11.82 22.13 -29.72
C GLU E 219 13.27 22.62 -29.72
N ASP E 220 13.91 22.56 -30.89
CA ASP E 220 15.33 22.91 -31.01
C ASP E 220 15.59 24.36 -30.60
N LEU E 221 14.59 25.24 -30.74
CA LEU E 221 14.77 26.62 -30.34
C LEU E 221 14.80 26.78 -28.83
N GLU E 222 13.78 26.22 -28.14
CA GLU E 222 13.65 26.35 -26.70
C GLU E 222 13.49 25.00 -26.01
N PRO E 223 14.51 24.11 -26.03
CA PRO E 223 14.33 22.76 -25.51
C PRO E 223 14.04 22.70 -24.02
N GLU E 224 14.80 23.49 -23.24
CA GLU E 224 14.69 23.54 -21.79
C GLU E 224 13.33 24.07 -21.36
N THR E 225 12.88 25.15 -21.99
CA THR E 225 11.61 25.80 -21.60
C THR E 225 10.46 24.86 -21.83
N ILE E 226 10.48 24.13 -22.93
CA ILE E 226 9.31 23.27 -23.25
C ILE E 226 9.33 22.10 -22.26
N ASN E 227 10.49 21.47 -22.13
CA ASN E 227 10.62 20.37 -21.13
C ASN E 227 10.14 20.93 -19.79
N ALA E 228 10.51 22.16 -19.48
CA ALA E 228 10.02 22.72 -18.22
C ALA E 228 8.50 22.72 -18.17
N LEU E 229 7.88 23.23 -19.25
CA LEU E 229 6.43 23.26 -19.37
C LEU E 229 5.83 21.86 -19.26
N ARG E 230 6.53 20.86 -19.82
CA ARG E 230 6.04 19.49 -19.81
C ARG E 230 6.24 18.78 -18.47
N TYR E 231 7.35 19.05 -17.78
CA TYR E 231 7.78 18.20 -16.67
C TYR E 231 8.14 18.86 -15.34
N ASN E 232 8.52 20.15 -15.36
CA ASN E 232 8.86 20.83 -14.11
C ASN E 232 7.69 20.70 -13.13
N GLU E 233 8.00 20.23 -11.92
CA GLU E 233 6.96 19.92 -10.94
C GLU E 233 6.19 21.18 -10.58
N LYS E 234 6.90 22.27 -10.31
CA LYS E 234 6.26 23.53 -9.93
C LYS E 234 5.28 23.99 -11.01
N LEU E 235 5.76 24.01 -12.26
CA LEU E 235 4.94 24.45 -13.38
C LEU E 235 3.73 23.53 -13.61
N ARG E 236 3.97 22.21 -13.50
CA ARG E 236 2.94 21.23 -13.78
C ARG E 236 1.85 21.17 -12.72
N LEU E 237 2.12 21.76 -11.54
CA LEU E 237 1.09 21.99 -10.55
C LEU E 237 0.03 22.96 -11.06
N LEU E 238 0.42 23.83 -12.00
CA LEU E 238 -0.46 24.84 -12.57
C LEU E 238 -1.04 24.43 -13.93
N LEU E 239 -0.23 23.77 -14.78
CA LEU E 239 -0.58 23.59 -16.18
C LEU E 239 -1.51 22.40 -16.42
N LYS E 240 -0.98 21.18 -16.27
CA LYS E 240 -1.78 19.95 -16.32
C LYS E 240 -2.39 19.52 -17.65
N VAL E 241 -2.03 20.20 -18.76
CA VAL E 241 -2.53 19.84 -20.07
C VAL E 241 -1.39 19.93 -21.09
N PRO E 242 -1.45 19.22 -22.25
CA PRO E 242 -0.31 19.17 -23.16
C PRO E 242 0.02 20.49 -23.86
N VAL E 243 1.28 20.59 -24.32
CA VAL E 243 1.76 21.71 -25.13
C VAL E 243 2.14 21.19 -26.51
N PHE E 244 1.95 22.05 -27.53
CA PHE E 244 2.19 21.68 -28.91
C PHE E 244 3.08 22.71 -29.62
N PRO E 245 4.41 22.49 -29.64
CA PRO E 245 5.30 23.28 -30.49
C PRO E 245 5.14 22.93 -31.97
N ILE E 246 4.44 23.81 -32.70
CA ILE E 246 4.03 23.53 -34.07
C ILE E 246 4.72 24.39 -35.12
N GLY E 247 5.62 25.28 -34.66
CA GLY E 247 6.23 26.27 -35.51
C GLY E 247 7.57 25.85 -36.08
N PRO E 248 8.32 26.76 -36.75
CA PRO E 248 7.86 28.13 -36.98
C PRO E 248 6.98 28.26 -38.22
N LEU E 249 5.73 28.72 -38.00
CA LEU E 249 4.78 28.94 -39.07
C LEU E 249 4.87 30.40 -39.53
N ARG E 250 4.63 30.60 -40.84
CA ARG E 250 4.85 31.89 -41.46
C ARG E 250 4.13 31.97 -42.81
N ARG E 251 3.97 33.22 -43.28
CA ARG E 251 3.32 33.49 -44.55
C ARG E 251 4.08 32.81 -45.68
N LYS E 252 3.37 32.49 -46.77
CA LYS E 252 4.04 32.06 -47.99
C LYS E 252 4.34 33.30 -48.82
N VAL E 253 5.37 33.21 -49.67
CA VAL E 253 5.75 34.32 -50.54
C VAL E 253 4.87 34.32 -51.79
N GLU E 254 4.58 35.51 -52.32
CA GLU E 254 3.72 35.65 -53.49
C GLU E 254 4.47 36.49 -54.52
N THR E 255 4.82 35.85 -55.65
CA THR E 255 5.63 36.49 -56.67
C THR E 255 4.75 37.72 -56.94
N THR E 256 5.38 38.90 -56.85
CA THR E 256 4.68 40.17 -57.01
C THR E 256 5.46 40.90 -58.10
N LEU E 257 4.77 41.54 -59.05
CA LEU E 257 5.52 42.07 -60.23
C LEU E 257 5.87 43.55 -60.22
N ASN E 258 4.89 44.43 -60.44
CA ASN E 258 5.16 45.89 -60.51
C ASN E 258 5.35 46.37 -59.08
N ASP E 259 6.39 45.88 -58.40
CA ASP E 259 6.56 46.21 -57.00
C ASP E 259 7.97 46.77 -57.13
N GLU E 260 8.11 48.10 -56.99
CA GLU E 260 9.36 48.78 -57.32
C GLU E 260 10.46 48.51 -56.29
N VAL E 261 10.06 48.08 -55.08
CA VAL E 261 11.01 47.70 -54.05
C VAL E 261 11.76 46.47 -54.54
N ILE E 262 11.02 45.46 -54.98
CA ILE E 262 11.62 44.22 -55.48
C ILE E 262 12.49 44.50 -56.69
N GLN E 263 12.03 45.42 -57.56
CA GLN E 263 12.79 45.78 -58.75
C GLN E 263 14.09 46.50 -58.39
N TRP E 264 14.01 47.38 -57.37
CA TRP E 264 15.20 48.01 -56.83
C TRP E 264 16.16 46.95 -56.31
N LEU E 265 15.64 46.10 -55.42
CA LEU E 265 16.42 45.04 -54.81
C LEU E 265 17.11 44.16 -55.85
N ASP E 266 16.43 43.91 -56.98
CA ASP E 266 16.99 43.10 -58.06
C ASP E 266 18.27 43.67 -58.64
N LYS E 267 18.47 44.99 -58.50
CA LYS E 267 19.65 45.64 -59.04
C LYS E 267 20.81 45.70 -58.04
N GLN E 268 20.60 45.19 -56.82
CA GLN E 268 21.62 45.22 -55.79
C GLN E 268 22.35 43.88 -55.67
N ASN E 269 23.50 43.90 -54.98
CA ASN E 269 24.30 42.70 -54.77
C ASN E 269 23.72 41.83 -53.67
N ASN E 270 24.19 40.58 -53.60
CA ASN E 270 23.67 39.62 -52.64
C ASN E 270 23.98 40.05 -51.21
N GLU E 271 23.00 39.85 -50.33
CA GLU E 271 23.12 40.14 -48.90
C GLU E 271 23.75 41.50 -48.63
N SER E 272 23.33 42.52 -49.39
CA SER E 272 23.90 43.85 -49.28
C SER E 272 22.93 44.92 -48.82
N VAL E 273 21.66 44.56 -48.62
CA VAL E 273 20.62 45.52 -48.25
C VAL E 273 20.15 45.26 -46.83
N LEU E 274 19.96 46.33 -46.06
CA LEU E 274 19.38 46.25 -44.73
C LEU E 274 17.92 46.68 -44.76
N PHE E 275 17.04 45.75 -44.36
CA PHE E 275 15.62 46.06 -44.26
C PHE E 275 15.33 46.61 -42.87
N VAL E 276 14.66 47.76 -42.81
CA VAL E 276 14.25 48.36 -41.55
C VAL E 276 12.73 48.43 -41.45
N SER E 277 12.16 47.69 -40.49
CA SER E 277 10.72 47.70 -40.26
C SER E 277 10.39 47.48 -38.78
N PHE E 278 9.41 48.24 -38.28
CA PHE E 278 8.96 48.14 -36.91
C PHE E 278 7.57 47.54 -36.79
N GLY E 279 7.24 46.62 -37.71
CA GLY E 279 5.99 45.88 -37.68
C GLY E 279 4.75 46.76 -37.84
N SER E 280 3.58 46.11 -37.89
CA SER E 280 2.34 46.78 -38.26
C SER E 280 2.12 48.12 -37.56
N GLY E 281 2.14 48.11 -36.22
CA GLY E 281 1.75 49.28 -35.44
C GLY E 281 2.89 50.17 -34.94
N GLY E 282 4.13 49.87 -35.35
CA GLY E 282 5.31 50.50 -34.77
C GLY E 282 5.54 51.92 -35.29
N THR E 283 5.88 52.83 -34.36
CA THR E 283 6.30 54.18 -34.68
C THR E 283 7.36 54.68 -33.71
N LEU E 284 8.29 55.50 -34.23
CA LEU E 284 9.34 56.10 -33.43
C LEU E 284 8.98 57.54 -33.03
N SER E 285 9.81 58.10 -32.14
CA SER E 285 9.74 59.52 -31.82
C SER E 285 10.39 60.32 -32.94
N THR E 286 10.09 61.62 -32.99
CA THR E 286 10.70 62.52 -33.95
C THR E 286 12.23 62.50 -33.83
N LYS E 287 12.72 62.59 -32.60
CA LYS E 287 14.15 62.61 -32.33
C LYS E 287 14.80 61.28 -32.71
N GLN E 288 14.16 60.18 -32.31
CA GLN E 288 14.69 58.86 -32.59
C GLN E 288 14.74 58.61 -34.09
N MET E 289 13.69 59.05 -34.79
CA MET E 289 13.57 58.83 -36.23
C MET E 289 14.62 59.64 -36.99
N THR E 290 14.87 60.87 -36.55
CA THR E 290 15.90 61.70 -37.18
C THR E 290 17.28 61.09 -36.99
N GLU E 291 17.56 60.60 -35.76
CA GLU E 291 18.85 59.96 -35.47
C GLU E 291 19.02 58.67 -36.28
N LEU E 292 17.92 57.92 -36.43
CA LEU E 292 17.93 56.72 -37.25
C LEU E 292 18.29 57.08 -38.68
N ALA E 293 17.52 58.01 -39.27
CA ALA E 293 17.75 58.45 -40.63
C ALA E 293 19.23 58.72 -40.87
N TRP E 294 19.82 59.57 -40.02
CA TRP E 294 21.25 59.87 -40.09
C TRP E 294 22.09 58.60 -40.03
N GLY E 295 21.85 57.76 -39.02
CA GLY E 295 22.54 56.48 -38.91
C GLY E 295 22.66 55.70 -40.22
N LEU E 296 21.53 55.57 -40.93
CA LEU E 296 21.48 54.85 -42.19
C LEU E 296 22.30 55.54 -43.29
N GLU E 297 22.29 56.88 -43.28
CA GLU E 297 23.08 57.64 -44.23
C GLU E 297 24.57 57.40 -43.99
N LEU E 298 24.99 57.61 -42.74
CA LEU E 298 26.39 57.56 -42.35
C LEU E 298 26.98 56.16 -42.52
N SER E 299 26.14 55.13 -42.36
CA SER E 299 26.58 53.76 -42.55
C SER E 299 27.13 53.49 -43.94
N GLN E 300 26.69 54.30 -44.92
CA GLN E 300 27.07 54.12 -46.32
C GLN E 300 26.61 52.75 -46.81
N GLN E 301 25.54 52.22 -46.19
CA GLN E 301 25.02 50.91 -46.52
C GLN E 301 23.69 51.06 -47.25
N LYS E 302 23.35 50.08 -48.08
CA LYS E 302 22.11 50.10 -48.82
C LYS E 302 20.97 49.61 -47.94
N PHE E 303 19.81 50.25 -48.06
CA PHE E 303 18.68 49.95 -47.19
C PHE E 303 17.31 50.11 -47.83
N VAL E 304 16.34 49.41 -47.25
CA VAL E 304 14.92 49.62 -47.50
C VAL E 304 14.30 49.95 -46.16
N TRP E 305 13.74 51.16 -46.03
CA TRP E 305 13.18 51.60 -44.77
C TRP E 305 11.67 51.83 -44.88
N VAL E 306 10.89 50.95 -44.24
CA VAL E 306 9.45 51.14 -44.09
C VAL E 306 9.23 52.21 -43.03
N VAL E 307 8.63 53.33 -43.43
CA VAL E 307 8.49 54.49 -42.56
C VAL E 307 7.01 54.83 -42.34
N ARG E 308 6.70 55.25 -41.11
CA ARG E 308 5.40 55.80 -40.75
C ARG E 308 5.64 57.13 -40.03
N PRO E 309 4.63 58.03 -39.92
CA PRO E 309 4.80 59.28 -39.21
C PRO E 309 5.19 59.10 -37.75
N PRO E 310 6.08 59.95 -37.19
CA PRO E 310 6.52 59.81 -35.81
C PRO E 310 5.41 60.08 -34.79
N SER E 311 5.63 59.67 -33.53
CA SER E 311 4.55 59.57 -32.56
C SER E 311 4.63 60.56 -31.40
N ASP E 312 5.69 60.45 -30.58
CA ASP E 312 5.73 61.14 -29.31
C ASP E 312 4.55 60.77 -28.40
N ARG E 328 1.26 63.59 -43.38
CA ARG E 328 2.07 64.45 -44.29
C ARG E 328 2.90 63.57 -45.22
N ASP E 329 3.66 64.20 -46.11
CA ASP E 329 4.56 63.41 -46.97
C ASP E 329 5.79 63.04 -46.15
N MET E 330 6.46 61.95 -46.51
CA MET E 330 7.61 61.52 -45.66
C MET E 330 8.52 62.72 -45.43
N SER E 331 8.93 63.41 -46.49
CA SER E 331 9.91 64.52 -46.35
C SER E 331 9.54 65.42 -45.16
N GLU E 332 8.26 65.53 -44.84
CA GLU E 332 7.86 66.48 -43.78
C GLU E 332 8.43 66.08 -42.41
N TYR E 333 8.95 64.85 -42.26
CA TYR E 333 9.45 64.41 -40.97
C TYR E 333 10.84 63.77 -41.05
N LEU E 334 11.56 64.00 -42.15
CA LEU E 334 12.93 63.57 -42.28
C LEU E 334 13.92 64.73 -42.33
N PRO E 335 15.23 64.47 -42.10
CA PRO E 335 16.26 65.47 -42.37
C PRO E 335 16.17 66.06 -43.77
N GLU E 336 16.21 67.39 -43.86
CA GLU E 336 16.13 68.06 -45.14
C GLU E 336 17.28 67.58 -46.01
N GLY E 337 16.96 67.20 -47.24
CA GLY E 337 17.93 66.71 -48.20
C GLY E 337 18.13 65.20 -48.20
N PHE E 338 17.62 64.54 -47.15
CA PHE E 338 17.87 63.11 -46.96
C PHE E 338 17.67 62.32 -48.25
N LEU E 339 16.46 62.44 -48.82
CA LEU E 339 16.04 61.59 -49.92
C LEU E 339 16.92 61.79 -51.15
N THR E 340 17.39 63.03 -51.38
CA THR E 340 18.26 63.31 -52.51
C THR E 340 19.70 62.84 -52.24
N ARG E 341 20.15 62.94 -50.99
CA ARG E 341 21.49 62.49 -50.63
C ARG E 341 21.56 60.96 -50.64
N THR E 342 20.48 60.31 -50.17
CA THR E 342 20.45 58.86 -50.06
C THR E 342 19.88 58.18 -51.31
N LYS E 343 19.72 58.93 -52.40
CA LYS E 343 19.00 58.40 -53.56
C LYS E 343 19.47 57.10 -54.21
N ASP E 344 20.79 56.95 -54.32
CA ASP E 344 21.34 55.76 -55.01
C ASP E 344 21.55 54.62 -54.00
N MET E 345 21.48 54.91 -52.71
CA MET E 345 21.82 53.85 -51.72
C MET E 345 20.58 53.39 -50.93
N GLY E 346 19.61 54.26 -50.74
CA GLY E 346 18.47 53.83 -49.91
C GLY E 346 17.15 53.79 -50.62
N LEU E 347 16.14 53.25 -49.97
CA LEU E 347 14.80 53.25 -50.53
C LEU E 347 13.83 53.39 -49.36
N VAL E 348 13.09 54.49 -49.34
CA VAL E 348 12.17 54.78 -48.25
C VAL E 348 10.74 54.49 -48.70
N VAL E 349 10.06 53.59 -47.99
CA VAL E 349 8.73 53.13 -48.37
C VAL E 349 7.69 53.50 -47.31
N PRO E 350 6.62 54.25 -47.69
CA PRO E 350 5.60 54.70 -46.71
C PRO E 350 4.71 53.56 -46.23
N MET E 351 4.54 53.45 -44.90
CA MET E 351 3.62 52.44 -44.31
C MET E 351 3.92 51.00 -44.74
N TRP E 352 2.89 50.19 -44.96
CA TRP E 352 3.05 48.74 -45.29
C TRP E 352 3.92 48.48 -46.52
N ALA E 353 4.52 47.29 -46.58
CA ALA E 353 5.29 46.86 -47.77
C ALA E 353 5.09 45.36 -47.92
N ASN E 354 5.88 44.67 -48.72
CA ASN E 354 5.79 43.23 -48.75
C ASN E 354 6.97 42.55 -48.05
N GLN E 355 6.88 42.44 -46.72
CA GLN E 355 7.98 42.03 -45.87
C GLN E 355 8.52 40.66 -46.23
N VAL E 356 7.62 39.68 -46.41
CA VAL E 356 8.00 38.31 -46.64
C VAL E 356 8.76 38.18 -47.96
N GLU E 357 8.31 38.92 -48.97
CA GLU E 357 8.91 38.88 -50.30
C GLU E 357 10.26 39.58 -50.32
N ILE E 358 10.38 40.67 -49.55
CA ILE E 358 11.66 41.33 -49.34
C ILE E 358 12.64 40.36 -48.67
N LEU E 359 12.31 39.93 -47.45
CA LEU E 359 13.20 39.08 -46.65
C LEU E 359 13.69 37.83 -47.38
N SER E 360 12.88 37.29 -48.29
CA SER E 360 13.28 36.14 -49.08
C SER E 360 14.25 36.50 -50.22
N HIS E 361 14.44 37.79 -50.48
CA HIS E 361 15.21 38.24 -51.64
C HIS E 361 16.71 38.18 -51.40
N SER E 362 17.42 37.66 -52.41
CA SER E 362 18.86 37.44 -52.34
C SER E 362 19.66 38.67 -51.90
N SER E 363 19.21 39.85 -52.31
CA SER E 363 19.92 41.08 -51.99
C SER E 363 19.74 41.58 -50.57
N VAL E 364 18.85 40.96 -49.79
CA VAL E 364 18.63 41.37 -48.41
C VAL E 364 19.53 40.58 -47.46
N GLY E 365 20.38 41.29 -46.70
CA GLY E 365 21.37 40.68 -45.83
C GLY E 365 21.31 41.16 -44.38
N GLY E 366 20.16 41.68 -43.95
CA GLY E 366 19.99 42.13 -42.57
C GLY E 366 18.63 42.77 -42.30
N PHE E 367 18.20 42.72 -41.04
CA PHE E 367 16.88 43.20 -40.65
C PHE E 367 16.91 43.93 -39.31
N LEU E 368 16.76 45.26 -39.36
CA LEU E 368 16.51 46.04 -38.16
C LEU E 368 15.04 45.89 -37.83
N THR E 369 14.76 45.19 -36.73
CA THR E 369 13.39 44.79 -36.40
C THR E 369 13.00 45.14 -34.98
N HIS E 370 11.68 45.17 -34.74
CA HIS E 370 11.13 45.44 -33.43
C HIS E 370 10.98 44.15 -32.62
N CYS E 371 11.22 43.01 -33.28
CA CYS E 371 11.28 41.71 -32.65
C CYS E 371 9.89 41.13 -32.35
N GLY E 372 8.88 41.60 -33.08
CA GLY E 372 7.60 40.91 -33.14
C GLY E 372 7.85 39.50 -33.66
N TRP E 373 7.16 38.53 -33.04
CA TRP E 373 7.53 37.15 -33.26
C TRP E 373 7.35 36.72 -34.72
N ASN E 374 6.35 37.27 -35.41
CA ASN E 374 6.14 36.93 -36.81
C ASN E 374 7.27 37.51 -37.68
N SER E 375 7.65 38.77 -37.42
CA SER E 375 8.80 39.36 -38.08
C SER E 375 10.03 38.49 -37.89
N THR E 376 10.31 38.10 -36.63
CA THR E 376 11.47 37.29 -36.31
C THR E 376 11.48 35.93 -37.00
N VAL E 377 10.32 35.26 -36.99
CA VAL E 377 10.19 33.96 -37.64
C VAL E 377 10.40 34.09 -39.15
N GLU E 378 9.82 35.14 -39.74
CA GLU E 378 10.00 35.42 -41.16
C GLU E 378 11.47 35.67 -41.50
N SER E 379 12.20 36.32 -40.59
CA SER E 379 13.61 36.60 -40.78
C SER E 379 14.50 35.36 -40.57
N LEU E 380 14.18 34.56 -39.54
CA LEU E 380 14.97 33.38 -39.22
C LEU E 380 14.76 32.26 -40.25
N THR E 381 13.52 32.05 -40.71
CA THR E 381 13.26 31.11 -41.78
C THR E 381 14.02 31.42 -43.06
N ASN E 382 14.35 32.70 -43.23
CA ASN E 382 15.20 33.17 -44.31
C ASN E 382 16.53 33.22 -43.59
N GLY E 383 17.64 33.45 -44.27
CA GLY E 383 18.93 33.41 -43.58
C GLY E 383 19.24 34.61 -42.68
N VAL E 384 18.27 35.53 -42.48
CA VAL E 384 18.62 36.93 -42.24
C VAL E 384 18.89 37.22 -40.77
N PRO E 385 20.08 37.76 -40.43
CA PRO E 385 20.37 38.23 -39.07
C PRO E 385 19.67 39.55 -38.76
N MET E 386 19.76 40.00 -37.51
CA MET E 386 18.93 41.10 -37.06
C MET E 386 19.61 42.13 -36.16
N ILE E 387 19.06 43.35 -36.16
CA ILE E 387 19.29 44.33 -35.12
C ILE E 387 18.01 44.46 -34.29
N ALA E 388 18.06 43.95 -33.07
CA ALA E 388 16.91 43.92 -32.19
C ALA E 388 16.64 45.32 -31.66
N TRP E 389 15.37 45.72 -31.71
CA TRP E 389 14.94 47.07 -31.38
C TRP E 389 13.56 46.95 -30.76
N PRO E 390 13.42 46.37 -29.55
CA PRO E 390 12.10 46.08 -28.98
C PRO E 390 11.35 47.32 -28.54
N LEU E 391 10.02 47.30 -28.72
CA LEU E 391 9.19 48.47 -28.47
C LEU E 391 8.03 48.19 -27.50
N HIS E 392 7.27 47.11 -27.76
CA HIS E 392 6.09 46.82 -26.98
C HIS E 392 5.91 45.32 -26.76
N ALA E 393 4.85 44.97 -26.00
CA ALA E 393 4.50 43.59 -25.71
C ALA E 393 5.70 42.80 -25.16
N GLU E 394 5.92 41.58 -25.67
CA GLU E 394 7.00 40.72 -25.20
C GLU E 394 8.28 40.88 -26.01
N GLN E 395 8.34 41.94 -26.82
CA GLN E 395 9.44 42.12 -27.76
C GLN E 395 10.80 42.20 -27.07
N LYS E 396 10.80 42.69 -25.82
CA LYS E 396 12.03 42.84 -25.06
C LYS E 396 12.59 41.47 -24.68
N MET E 397 11.71 40.54 -24.29
CA MET E 397 12.08 39.17 -24.01
C MET E 397 12.56 38.46 -25.28
N ASN E 398 11.89 38.74 -26.41
CA ASN E 398 12.28 38.18 -27.69
C ASN E 398 13.67 38.67 -28.11
N ALA E 399 13.91 39.97 -27.95
CA ALA E 399 15.20 40.58 -28.23
C ALA E 399 16.29 39.94 -27.37
N ALA E 400 16.01 39.77 -26.08
CA ALA E 400 16.95 39.12 -25.19
C ALA E 400 17.34 37.75 -25.73
N MET E 401 16.33 36.96 -26.10
CA MET E 401 16.52 35.60 -26.59
C MET E 401 17.39 35.60 -27.85
N LEU E 402 17.05 36.46 -28.81
CA LEU E 402 17.77 36.53 -30.07
C LEU E 402 19.24 36.92 -29.94
N THR E 403 19.53 37.84 -29.02
CA THR E 403 20.87 38.38 -28.86
C THR E 403 21.73 37.52 -27.95
N GLU E 404 21.20 37.21 -26.75
CA GLU E 404 21.96 36.51 -25.74
C GLU E 404 22.07 35.02 -26.07
N GLU E 405 20.93 34.31 -26.09
CA GLU E 405 20.91 32.87 -26.22
C GLU E 405 21.26 32.40 -27.64
N LEU E 406 20.54 32.92 -28.63
CA LEU E 406 20.65 32.42 -29.99
C LEU E 406 21.83 33.00 -30.78
N GLY E 407 22.22 34.24 -30.43
CA GLY E 407 23.33 34.91 -31.08
C GLY E 407 23.10 35.19 -32.57
N VAL E 408 21.86 35.58 -32.91
CA VAL E 408 21.49 35.85 -34.29
C VAL E 408 21.12 37.33 -34.47
N ALA E 409 21.44 38.14 -33.46
CA ALA E 409 21.07 39.54 -33.47
C ALA E 409 22.02 40.35 -32.58
N ILE E 410 22.12 41.65 -32.90
CA ILE E 410 22.83 42.60 -32.06
C ILE E 410 21.84 43.66 -31.61
N ARG E 411 22.21 44.40 -30.56
CA ARG E 411 21.31 45.40 -29.97
C ARG E 411 22.11 46.59 -29.43
N PRO E 412 21.45 47.73 -29.12
CA PRO E 412 22.15 48.85 -28.50
C PRO E 412 22.50 48.59 -27.04
N ALA E 413 23.55 49.27 -26.57
CA ALA E 413 24.05 49.10 -25.22
C ALA E 413 22.92 49.22 -24.19
N VAL E 414 22.12 50.28 -24.35
CA VAL E 414 20.94 50.50 -23.53
C VAL E 414 19.69 50.29 -24.38
N LEU E 415 18.61 49.79 -23.74
CA LEU E 415 17.35 49.55 -24.42
C LEU E 415 16.86 50.83 -25.09
N PRO E 416 16.34 50.76 -26.33
CA PRO E 416 15.85 51.96 -27.03
C PRO E 416 14.67 52.62 -26.32
N THR E 417 13.79 51.78 -25.75
CA THR E 417 12.66 52.25 -24.96
C THR E 417 13.03 53.07 -23.72
N LYS E 418 14.27 52.90 -23.23
CA LYS E 418 14.74 53.64 -22.07
C LYS E 418 15.51 54.90 -22.45
N LYS E 419 16.30 54.82 -23.53
CA LYS E 419 17.20 55.91 -23.90
C LYS E 419 17.32 56.06 -25.42
N LEU E 420 17.56 57.30 -25.86
CA LEU E 420 17.69 57.60 -27.27
C LEU E 420 18.98 56.99 -27.85
N VAL E 421 18.83 56.22 -28.93
CA VAL E 421 19.96 55.67 -29.67
C VAL E 421 20.40 56.71 -30.68
N LYS E 422 21.64 57.22 -30.53
CA LYS E 422 22.18 58.24 -31.41
C LYS E 422 22.76 57.64 -32.69
N ARG E 423 22.93 58.52 -33.69
CA ARG E 423 23.34 58.14 -35.04
C ARG E 423 24.62 57.32 -35.13
N GLU E 424 25.61 57.63 -34.28
CA GLU E 424 26.90 56.95 -34.34
C GLU E 424 26.72 55.47 -33.98
N GLU E 425 25.94 55.22 -32.93
CA GLU E 425 25.67 53.85 -32.48
C GLU E 425 24.95 53.07 -33.58
N ILE E 426 23.95 53.70 -34.18
CA ILE E 426 23.17 53.07 -35.25
C ILE E 426 24.06 52.72 -36.44
N GLN E 427 24.76 53.72 -36.96
CA GLN E 427 25.66 53.54 -38.09
C GLN E 427 26.69 52.45 -37.79
N GLY E 428 27.06 52.33 -36.53
CA GLY E 428 27.99 51.26 -36.18
C GLY E 428 27.27 49.95 -36.33
N MET E 429 26.04 49.90 -35.84
CA MET E 429 25.29 48.63 -35.86
C MET E 429 25.13 48.18 -37.31
N VAL E 430 24.66 49.07 -38.17
CA VAL E 430 24.43 48.68 -39.58
C VAL E 430 25.77 48.25 -40.14
N ARG E 431 26.83 48.90 -39.71
CA ARG E 431 28.13 48.55 -40.24
C ARG E 431 28.56 47.16 -39.76
N ILE E 432 28.46 46.92 -38.45
CA ILE E 432 28.90 45.67 -37.86
C ILE E 432 28.15 44.48 -38.48
N LEU E 433 26.85 44.64 -38.73
CA LEU E 433 26.06 43.57 -39.30
C LEU E 433 26.31 43.38 -40.81
N MET E 434 26.22 44.48 -41.56
CA MET E 434 26.20 44.40 -43.01
C MET E 434 27.56 44.28 -43.69
N GLN E 435 28.65 44.47 -42.94
CA GLN E 435 29.98 44.44 -43.53
C GLN E 435 31.08 43.70 -42.78
N THR E 436 31.07 43.71 -41.44
CA THR E 436 32.14 43.10 -40.68
C THR E 436 32.03 41.58 -40.63
N LYS E 437 33.17 40.93 -40.36
CA LYS E 437 33.23 39.49 -40.22
C LYS E 437 32.31 39.00 -39.11
N GLU E 438 32.26 39.75 -38.00
CA GLU E 438 31.33 39.43 -36.91
C GLU E 438 29.93 39.28 -37.49
N GLY E 439 29.52 40.26 -38.30
CA GLY E 439 28.24 40.21 -39.00
C GLY E 439 27.99 38.92 -39.76
N LYS E 440 29.02 38.44 -40.48
CA LYS E 440 28.92 37.20 -41.24
C LYS E 440 28.78 35.99 -40.33
N ARG E 441 29.45 36.03 -39.17
CA ARG E 441 29.33 34.97 -38.19
C ARG E 441 27.89 34.87 -37.65
N ILE E 442 27.29 36.04 -37.39
CA ILE E 442 25.92 36.10 -36.91
C ILE E 442 24.98 35.53 -37.97
N LYS E 443 25.20 35.95 -39.22
CA LYS E 443 24.45 35.44 -40.36
C LYS E 443 24.50 33.91 -40.44
N GLU E 444 25.70 33.35 -40.29
CA GLU E 444 25.87 31.91 -40.36
C GLU E 444 25.09 31.19 -39.27
N LYS E 445 25.03 31.77 -38.08
CA LYS E 445 24.18 31.22 -37.02
C LYS E 445 22.71 31.25 -37.41
N ALA E 446 22.27 32.35 -38.03
CA ALA E 446 20.89 32.47 -38.48
C ALA E 446 20.54 31.41 -39.53
N LYS E 447 21.49 31.10 -40.41
CA LYS E 447 21.32 30.03 -41.37
C LYS E 447 21.15 28.67 -40.70
N LYS E 448 21.92 28.42 -39.63
CA LYS E 448 21.78 27.18 -38.88
C LYS E 448 20.37 27.08 -38.29
N LEU E 449 19.91 28.18 -37.67
CA LEU E 449 18.55 28.26 -37.17
C LEU E 449 17.53 27.94 -38.27
N LYS E 450 17.73 28.55 -39.45
CA LYS E 450 16.88 28.27 -40.61
C LYS E 450 16.77 26.78 -40.85
N LYS E 451 17.92 26.11 -40.96
CA LYS E 451 17.97 24.68 -41.28
C LYS E 451 17.23 23.87 -40.23
N SER E 452 17.45 24.19 -38.95
CA SER E 452 16.80 23.46 -37.86
C SER E 452 15.27 23.62 -37.92
N ALA E 453 14.83 24.84 -38.28
CA ALA E 453 13.43 25.11 -38.47
C ALA E 453 12.84 24.29 -39.60
N GLU E 454 13.56 24.25 -40.74
CA GLU E 454 13.18 23.42 -41.87
C GLU E 454 13.00 21.96 -41.46
N ASN E 455 13.94 21.46 -40.64
CA ASN E 455 13.92 20.07 -40.21
C ASN E 455 12.79 19.78 -39.22
N ALA E 456 12.35 20.81 -38.49
CA ALA E 456 11.19 20.65 -37.63
C ALA E 456 9.86 20.49 -38.38
N LEU E 457 9.63 21.31 -39.41
CA LEU E 457 8.39 21.25 -40.17
C LEU E 457 8.35 20.15 -41.23
N SER E 458 9.47 19.44 -41.39
CA SER E 458 9.54 18.34 -42.35
C SER E 458 8.86 17.11 -41.77
N ASP E 459 8.48 16.18 -42.64
CA ASP E 459 7.92 14.91 -42.20
C ASP E 459 8.85 14.26 -41.18
N GLY E 460 8.27 13.77 -40.08
CA GLY E 460 9.03 13.18 -38.99
C GLY E 460 9.60 14.19 -38.01
N GLY E 461 9.46 15.48 -38.32
CA GLY E 461 10.05 16.54 -37.47
C GLY E 461 9.16 16.88 -36.28
N SER E 462 9.77 17.41 -35.21
CA SER E 462 9.01 17.74 -33.97
C SER E 462 7.72 18.48 -34.29
N SER E 463 7.81 19.64 -34.97
CA SER E 463 6.60 20.46 -35.25
C SER E 463 5.58 19.61 -36.02
N TYR E 464 6.00 19.01 -37.14
CA TYR E 464 5.09 18.13 -37.91
C TYR E 464 4.48 17.11 -36.96
N ASN E 465 5.31 16.50 -36.10
CA ASN E 465 4.83 15.50 -35.17
C ASN E 465 3.85 16.10 -34.15
N SER E 466 4.15 17.31 -33.66
CA SER E 466 3.27 17.99 -32.73
C SER E 466 1.86 18.18 -33.29
N ILE E 467 1.77 18.54 -34.58
CA ILE E 467 0.46 18.69 -35.22
C ILE E 467 -0.27 17.35 -35.22
N CYS E 468 0.44 16.27 -35.60
CA CYS E 468 -0.18 14.96 -35.64
C CYS E 468 -0.69 14.54 -34.26
N GLU E 469 0.05 14.89 -33.20
CA GLU E 469 -0.38 14.60 -31.85
C GLU E 469 -1.60 15.44 -31.48
N LEU E 470 -1.67 16.66 -32.00
CA LEU E 470 -2.85 17.51 -31.83
C LEU E 470 -4.07 16.83 -32.46
N VAL E 471 -3.95 16.47 -33.74
CA VAL E 471 -5.07 15.85 -34.44
C VAL E 471 -5.49 14.56 -33.74
N LYS E 472 -4.53 13.84 -33.14
CA LYS E 472 -4.85 12.67 -32.35
C LYS E 472 -5.65 13.04 -31.12
N ASP E 473 -5.24 14.12 -30.43
CA ASP E 473 -5.98 14.59 -29.27
C ASP E 473 -7.41 14.97 -29.63
N ILE E 474 -7.60 15.65 -30.76
CA ILE E 474 -8.97 16.13 -31.12
C ILE E 474 -9.86 14.92 -31.40
N ARG E 475 -9.39 14.00 -32.23
CA ARG E 475 -10.22 12.83 -32.62
C ARG E 475 -10.60 12.01 -31.36
N SER E 476 -9.65 11.79 -30.47
CA SER E 476 -9.93 11.06 -29.21
C SER E 476 -11.19 11.64 -28.57
N ARG E 477 -11.32 12.96 -28.56
CA ARG E 477 -12.44 13.58 -27.88
C ARG E 477 -13.78 13.32 -28.57
N GLU E 478 -13.78 12.81 -29.81
CA GLU E 478 -15.00 12.17 -30.34
C GLU E 478 -15.33 10.83 -29.68
N LEU E 479 -16.20 10.91 -28.65
CA LEU E 479 -16.68 9.72 -27.96
C LEU E 479 -17.96 10.02 -27.19
N SER F 6 -8.48 8.07 64.25
CA SER F 6 -8.41 6.65 64.58
C SER F 6 -8.38 5.78 63.33
N GLN F 7 -8.15 4.48 63.53
CA GLN F 7 -8.09 3.51 62.45
C GLN F 7 -8.76 2.19 62.85
N LEU F 8 -9.32 1.48 61.86
CA LEU F 8 -10.12 0.29 62.14
C LEU F 8 -9.25 -0.96 62.26
N HIS F 9 -9.76 -1.94 63.02
CA HIS F 9 -9.23 -3.29 63.03
C HIS F 9 -10.29 -4.22 62.45
N VAL F 10 -9.92 -4.96 61.40
CA VAL F 10 -10.80 -5.96 60.82
C VAL F 10 -10.06 -7.29 60.78
N ALA F 11 -10.83 -8.37 61.01
CA ALA F 11 -10.30 -9.72 60.97
C ALA F 11 -10.95 -10.44 59.81
N ILE F 12 -10.13 -10.98 58.90
CA ILE F 12 -10.64 -11.73 57.77
C ILE F 12 -10.37 -13.22 57.98
N VAL F 13 -11.40 -14.04 57.80
CA VAL F 13 -11.30 -15.47 58.02
C VAL F 13 -11.18 -16.19 56.69
N SER F 14 -10.14 -17.02 56.56
CA SER F 14 -9.86 -17.80 55.37
C SER F 14 -10.14 -19.27 55.60
N SER F 15 -10.62 -19.95 54.54
CA SER F 15 -10.86 -21.38 54.61
C SER F 15 -9.56 -22.15 54.42
N PRO F 16 -9.55 -23.49 54.67
CA PRO F 16 -8.39 -24.30 54.33
C PRO F 16 -8.16 -24.36 52.82
N GLY F 17 -6.88 -24.33 52.43
CA GLY F 17 -6.52 -24.42 51.04
C GLY F 17 -6.02 -23.07 50.52
N MET F 18 -4.80 -23.11 49.93
CA MET F 18 -4.18 -21.91 49.38
C MET F 18 -5.09 -21.15 48.43
N GLY F 19 -5.86 -21.90 47.63
CA GLY F 19 -6.82 -21.30 46.71
C GLY F 19 -7.86 -20.39 47.37
N HIS F 20 -8.09 -20.62 48.68
CA HIS F 20 -8.99 -19.81 49.48
C HIS F 20 -8.26 -18.77 50.34
N LEU F 21 -6.97 -19.02 50.62
CA LEU F 21 -6.15 -18.11 51.40
C LEU F 21 -5.74 -16.89 50.59
N ILE F 22 -5.25 -17.10 49.36
CA ILE F 22 -4.73 -16.02 48.54
C ILE F 22 -5.77 -14.93 48.29
N PRO F 23 -7.02 -15.26 47.90
CA PRO F 23 -8.03 -14.23 47.68
C PRO F 23 -8.30 -13.36 48.91
N VAL F 24 -8.20 -14.00 50.08
CA VAL F 24 -8.40 -13.30 51.35
C VAL F 24 -7.22 -12.38 51.61
N LEU F 25 -6.02 -12.83 51.25
CA LEU F 25 -4.82 -12.00 51.36
C LEU F 25 -4.91 -10.77 50.45
N VAL F 26 -5.42 -10.94 49.23
CA VAL F 26 -5.48 -9.83 48.29
C VAL F 26 -6.48 -8.80 48.82
N LEU F 27 -7.56 -9.27 49.45
CA LEU F 27 -8.52 -8.37 50.08
C LEU F 27 -7.85 -7.61 51.23
N GLY F 28 -7.18 -8.36 52.11
CA GLY F 28 -6.44 -7.77 53.22
C GLY F 28 -5.46 -6.69 52.77
N ASN F 29 -4.64 -7.01 51.76
CA ASN F 29 -3.65 -6.09 51.25
C ASN F 29 -4.30 -4.83 50.68
N ARG F 30 -5.39 -5.02 49.93
CA ARG F 30 -6.15 -3.91 49.37
C ARG F 30 -6.63 -2.95 50.45
N LEU F 31 -7.31 -3.50 51.46
CA LEU F 31 -7.86 -2.69 52.54
C LEU F 31 -6.75 -1.95 53.29
N ALA F 32 -5.70 -2.71 53.63
CA ALA F 32 -4.59 -2.20 54.42
C ALA F 32 -3.90 -1.03 53.72
N THR F 33 -3.52 -1.25 52.46
CA THR F 33 -2.82 -0.24 51.66
C THR F 33 -3.72 0.96 51.37
N HIS F 34 -4.81 0.71 50.65
CA HIS F 34 -5.59 1.78 50.03
C HIS F 34 -6.52 2.50 51.01
N HIS F 35 -6.96 1.80 52.07
CA HIS F 35 -7.95 2.37 52.96
C HIS F 35 -7.53 2.50 54.43
N ASN F 36 -6.26 2.24 54.72
CA ASN F 36 -5.69 2.51 56.04
C ASN F 36 -6.43 1.77 57.17
N ILE F 37 -6.56 0.45 57.00
CA ILE F 37 -7.22 -0.39 58.04
C ILE F 37 -6.26 -1.51 58.46
N LYS F 38 -5.87 -1.55 59.73
CA LYS F 38 -5.02 -2.67 60.20
C LYS F 38 -5.85 -3.95 60.08
N ILE F 39 -5.26 -5.02 59.57
CA ILE F 39 -6.06 -6.26 59.33
C ILE F 39 -5.36 -7.45 60.01
N THR F 40 -6.14 -8.45 60.42
CA THR F 40 -5.53 -9.69 60.95
C THR F 40 -6.19 -10.82 60.22
N ILE F 41 -5.41 -11.69 59.58
CA ILE F 41 -6.03 -12.76 58.76
C ILE F 41 -6.03 -14.03 59.60
N LEU F 42 -7.21 -14.59 59.84
CA LEU F 42 -7.32 -15.83 60.62
C LEU F 42 -7.40 -16.98 59.62
N ALA F 43 -6.31 -17.71 59.44
CA ALA F 43 -6.29 -18.76 58.41
C ALA F 43 -6.63 -20.11 59.02
N ILE F 44 -7.65 -20.78 58.48
CA ILE F 44 -7.94 -22.12 58.94
C ILE F 44 -7.02 -23.06 58.16
N THR F 45 -6.27 -23.90 58.89
CA THR F 45 -5.35 -24.85 58.27
C THR F 45 -6.02 -26.21 58.23
N THR F 46 -5.27 -27.20 57.72
CA THR F 46 -5.70 -28.59 57.70
C THR F 46 -4.65 -29.43 58.41
N THR F 47 -4.69 -30.76 58.26
CA THR F 47 -3.52 -31.60 58.50
C THR F 47 -2.53 -31.70 57.34
N SER F 48 -3.04 -31.89 56.11
CA SER F 48 -2.21 -32.03 54.93
C SER F 48 -2.12 -30.64 54.31
N SER F 49 -1.00 -29.97 54.57
CA SER F 49 -0.87 -28.54 54.35
C SER F 49 -1.40 -27.99 53.04
N SER F 50 -1.16 -28.70 51.92
CA SER F 50 -1.17 -28.10 50.60
C SER F 50 -0.35 -26.81 50.58
N ALA F 51 0.92 -26.94 50.98
CA ALA F 51 1.88 -25.85 51.06
C ALA F 51 1.46 -24.62 51.83
N GLU F 52 0.33 -24.68 52.54
CA GLU F 52 -0.15 -23.58 53.36
C GLU F 52 0.73 -23.41 54.60
N THR F 53 1.01 -24.53 55.27
CA THR F 53 1.82 -24.53 56.48
C THR F 53 3.19 -23.91 56.23
N GLU F 54 3.87 -24.34 55.16
CA GLU F 54 5.16 -23.81 54.78
C GLU F 54 5.04 -22.32 54.44
N PHE F 55 3.92 -21.94 53.84
CA PHE F 55 3.68 -20.56 53.47
C PHE F 55 3.47 -19.69 54.71
N LEU F 56 2.67 -20.19 55.65
CA LEU F 56 2.44 -19.48 56.90
C LEU F 56 3.74 -19.34 57.68
N LYS F 57 4.57 -20.39 57.68
CA LYS F 57 5.84 -20.33 58.39
C LYS F 57 6.72 -19.21 57.84
N LYS F 58 6.83 -19.14 56.51
CA LYS F 58 7.65 -18.13 55.87
C LYS F 58 7.19 -16.69 56.17
N THR F 59 5.89 -16.48 56.18
CA THR F 59 5.33 -15.13 56.33
C THR F 59 5.18 -14.79 57.78
N THR F 60 4.40 -15.59 58.51
CA THR F 60 4.33 -15.35 59.96
C THR F 60 5.75 -15.30 60.48
N LEU F 61 6.08 -14.27 61.26
CA LEU F 61 7.44 -14.12 61.87
C LEU F 61 8.40 -13.53 60.84
N THR F 62 7.90 -13.12 59.66
CA THR F 62 8.73 -12.46 58.62
C THR F 62 8.03 -11.31 57.91
N ASN F 63 6.70 -11.24 57.98
CA ASN F 63 5.88 -10.25 57.20
C ASN F 63 5.94 -8.71 57.21
N GLU F 64 6.34 -8.12 58.35
CA GLU F 64 6.43 -6.64 58.52
C GLU F 64 5.08 -5.96 58.30
N GLU F 65 5.09 -4.76 57.73
CA GLU F 65 3.85 -3.99 57.44
C GLU F 65 3.29 -3.37 58.73
N LYS F 66 3.06 -4.18 59.76
CA LYS F 66 2.39 -3.73 61.01
C LYS F 66 0.89 -3.59 60.76
N THR F 67 0.49 -3.70 59.49
CA THR F 67 -0.93 -3.51 59.16
C THR F 67 -1.47 -4.90 58.90
N ILE F 68 -0.64 -5.85 58.45
CA ILE F 68 -1.20 -7.15 58.12
C ILE F 68 -0.48 -8.18 59.00
N GLU F 69 -1.25 -9.12 59.56
CA GLU F 69 -0.69 -10.13 60.44
C GLU F 69 -1.51 -11.40 60.27
N ILE F 70 -0.84 -12.55 60.08
CA ILE F 70 -1.54 -13.80 59.82
C ILE F 70 -1.52 -14.67 61.08
N ILE F 71 -2.71 -15.17 61.45
CA ILE F 71 -2.87 -16.03 62.61
C ILE F 71 -3.35 -17.39 62.10
N PRO F 72 -2.51 -18.44 62.18
CA PRO F 72 -2.96 -19.78 61.87
C PRO F 72 -3.92 -20.34 62.92
N VAL F 73 -4.99 -20.99 62.43
CA VAL F 73 -5.95 -21.68 63.27
C VAL F 73 -5.95 -23.16 62.85
N PRO F 74 -5.53 -24.11 63.74
CA PRO F 74 -5.47 -25.53 63.36
C PRO F 74 -6.89 -26.07 63.31
N SER F 75 -7.14 -27.13 62.55
CA SER F 75 -8.56 -27.57 62.42
C SER F 75 -8.78 -28.95 63.04
N VAL F 76 -9.76 -29.69 62.53
CA VAL F 76 -10.10 -31.00 63.15
C VAL F 76 -9.89 -32.12 62.12
N ASP F 77 -9.48 -33.29 62.59
CA ASP F 77 -9.23 -34.47 61.71
C ASP F 77 -10.58 -35.07 61.35
N ILE F 78 -11.41 -34.34 60.61
CA ILE F 78 -12.77 -34.80 60.22
C ILE F 78 -12.21 -35.90 59.32
N SER F 79 -12.19 -37.15 59.77
CA SER F 79 -11.65 -38.29 58.99
C SER F 79 -13.01 -38.99 59.11
N HIS F 80 -13.46 -39.27 60.32
CA HIS F 80 -14.70 -40.07 60.52
C HIS F 80 -15.87 -39.50 59.71
N LEU F 81 -15.97 -38.17 59.64
CA LEU F 81 -17.16 -37.57 58.97
C LEU F 81 -17.00 -37.64 57.45
N ILE F 82 -16.00 -38.38 56.96
CA ILE F 82 -15.75 -38.41 55.52
C ILE F 82 -15.46 -39.83 55.03
N ASN F 83 -15.70 -40.01 53.73
CA ASN F 83 -15.23 -41.17 52.99
C ASN F 83 -14.79 -40.67 51.61
N SER F 84 -14.33 -41.59 50.75
CA SER F 84 -13.84 -41.25 49.42
C SER F 84 -14.90 -40.64 48.51
N SER F 85 -16.17 -40.94 48.80
CA SER F 85 -17.30 -40.47 48.00
C SER F 85 -17.86 -39.13 48.46
N THR F 86 -17.47 -38.67 49.66
CA THR F 86 -17.89 -37.36 50.15
C THR F 86 -17.25 -36.27 49.29
N LYS F 87 -18.04 -35.25 48.92
CA LYS F 87 -17.58 -34.24 47.99
C LYS F 87 -16.97 -33.02 48.66
N ILE F 88 -16.17 -32.28 47.89
CA ILE F 88 -15.27 -31.26 48.43
C ILE F 88 -16.04 -30.17 49.17
N PHE F 89 -17.18 -29.76 48.59
CA PHE F 89 -17.97 -28.68 49.17
C PHE F 89 -18.30 -29.00 50.62
N THR F 90 -18.87 -30.20 50.85
CA THR F 90 -19.23 -30.64 52.19
C THR F 90 -17.98 -30.80 53.06
N GLN F 91 -16.89 -31.30 52.45
CA GLN F 91 -15.63 -31.43 53.16
C GLN F 91 -15.26 -30.11 53.82
N LEU F 92 -15.18 -29.05 53.01
CA LEU F 92 -14.88 -27.72 53.52
C LEU F 92 -15.83 -27.36 54.67
N ARG F 93 -17.13 -27.58 54.42
CA ARG F 93 -18.15 -27.28 55.42
C ARG F 93 -17.88 -27.94 56.77
N LEU F 94 -17.52 -29.22 56.76
CA LEU F 94 -17.22 -29.95 57.97
C LEU F 94 -15.93 -29.47 58.62
N LEU F 95 -14.91 -29.20 57.78
CA LEU F 95 -13.62 -28.70 58.26
C LEU F 95 -13.83 -27.46 59.13
N VAL F 96 -14.55 -26.47 58.57
CA VAL F 96 -14.84 -25.24 59.29
C VAL F 96 -15.69 -25.57 60.52
N ARG F 97 -16.76 -26.37 60.31
CA ARG F 97 -17.72 -26.69 61.36
C ARG F 97 -17.04 -27.18 62.62
N GLU F 98 -16.08 -28.10 62.46
CA GLU F 98 -15.38 -28.67 63.59
C GLU F 98 -14.28 -27.76 64.13
N ALA F 99 -13.84 -26.81 63.31
CA ALA F 99 -12.86 -25.81 63.75
C ALA F 99 -13.49 -24.70 64.57
N LEU F 100 -14.83 -24.57 64.52
CA LEU F 100 -15.58 -23.56 65.25
C LEU F 100 -15.06 -23.24 66.65
N PRO F 101 -14.86 -24.24 67.55
CA PRO F 101 -14.37 -23.95 68.89
C PRO F 101 -13.01 -23.25 68.90
N LYS F 102 -12.12 -23.67 68.01
CA LYS F 102 -10.75 -23.09 67.99
C LYS F 102 -10.87 -21.63 67.53
N ILE F 103 -11.66 -21.40 66.48
CA ILE F 103 -11.89 -20.00 66.03
C ILE F 103 -12.33 -19.20 67.26
N HIS F 104 -13.44 -19.60 67.87
CA HIS F 104 -13.92 -18.94 69.11
C HIS F 104 -12.74 -18.61 70.01
N SER F 105 -12.03 -19.66 70.46
CA SER F 105 -10.94 -19.42 71.39
C SER F 105 -9.94 -18.37 70.89
N THR F 106 -9.65 -18.37 69.59
CA THR F 106 -8.62 -17.45 69.07
C THR F 106 -9.16 -16.05 69.02
N ILE F 107 -10.42 -15.89 68.64
CA ILE F 107 -11.05 -14.54 68.64
C ILE F 107 -11.07 -14.00 70.08
N ALA F 108 -11.19 -14.90 71.05
CA ALA F 108 -11.26 -14.48 72.46
C ALA F 108 -9.91 -13.96 72.95
N SER F 109 -8.87 -14.75 72.77
CA SER F 109 -7.53 -14.37 73.28
C SER F 109 -7.02 -13.12 72.57
N MET F 110 -7.71 -12.69 71.51
CA MET F 110 -7.20 -11.58 70.73
C MET F 110 -6.86 -10.31 71.47
N THR F 111 -5.58 -9.90 71.36
CA THR F 111 -5.05 -8.73 72.03
C THR F 111 -5.77 -7.41 71.72
N HIS F 112 -5.92 -7.10 70.43
CA HIS F 112 -6.68 -5.95 69.99
C HIS F 112 -7.90 -6.45 69.23
N ARG F 113 -9.06 -6.48 69.91
CA ARG F 113 -10.25 -7.10 69.35
C ARG F 113 -10.70 -6.45 68.04
N PRO F 114 -11.24 -7.25 67.09
CA PRO F 114 -11.63 -6.71 65.80
C PRO F 114 -12.94 -5.93 65.84
N ASP F 115 -12.94 -4.74 65.25
CA ASP F 115 -14.13 -3.91 65.12
C ASP F 115 -15.12 -4.54 64.13
N ALA F 116 -14.60 -5.36 63.22
CA ALA F 116 -15.43 -6.08 62.27
C ALA F 116 -14.78 -7.39 61.87
N LEU F 117 -15.58 -8.30 61.31
CA LEU F 117 -15.13 -9.63 60.93
C LEU F 117 -15.69 -9.98 59.56
N ILE F 118 -14.78 -10.24 58.61
CA ILE F 118 -15.15 -10.67 57.27
C ILE F 118 -14.80 -12.15 57.07
N VAL F 119 -15.80 -12.93 56.64
CA VAL F 119 -15.64 -14.37 56.50
C VAL F 119 -15.72 -14.76 55.03
N ASP F 120 -14.97 -15.81 54.69
CA ASP F 120 -14.97 -16.44 53.39
C ASP F 120 -16.31 -17.09 53.08
N ILE F 121 -16.54 -17.47 51.82
CA ILE F 121 -17.77 -18.16 51.44
C ILE F 121 -18.04 -19.40 52.29
N PHE F 122 -16.99 -20.15 52.61
CA PHE F 122 -17.13 -21.39 53.35
C PHE F 122 -17.16 -21.20 54.86
N CYS F 123 -16.72 -20.03 55.35
CA CYS F 123 -16.64 -19.79 56.77
C CYS F 123 -17.88 -19.06 57.30
N THR F 124 -19.01 -19.21 56.59
CA THR F 124 -20.26 -18.60 57.00
C THR F 124 -20.79 -19.07 58.36
N GLN F 125 -20.27 -20.20 58.84
CA GLN F 125 -20.78 -20.77 60.11
C GLN F 125 -20.06 -20.11 61.29
N ILE F 126 -19.40 -18.98 61.06
CA ILE F 126 -18.73 -18.24 62.17
C ILE F 126 -19.72 -17.17 62.67
N LEU F 127 -20.74 -16.85 61.88
CA LEU F 127 -21.80 -15.91 62.34
C LEU F 127 -22.14 -16.22 63.81
N PRO F 128 -22.43 -17.47 64.22
CA PRO F 128 -22.62 -17.81 65.65
C PRO F 128 -21.56 -17.17 66.51
N ILE F 129 -20.28 -17.28 66.14
CA ILE F 129 -19.15 -16.75 66.98
C ILE F 129 -19.23 -15.22 66.93
N ALA F 130 -19.78 -14.66 65.86
CA ALA F 130 -20.04 -13.21 65.86
C ALA F 130 -21.06 -12.44 66.69
N GLU F 131 -22.35 -12.77 66.55
CA GLU F 131 -23.38 -12.14 67.38
C GLU F 131 -22.87 -12.16 68.82
N GLU F 132 -22.53 -13.35 69.28
CA GLU F 132 -22.08 -13.54 70.69
C GLU F 132 -21.10 -12.44 71.08
N PHE F 133 -20.04 -12.26 70.29
CA PHE F 133 -19.01 -11.27 70.72
C PHE F 133 -19.46 -9.88 70.32
N ASN F 134 -20.63 -9.77 69.68
CA ASN F 134 -21.16 -8.45 69.25
C ASN F 134 -20.14 -7.80 68.31
N ILE F 135 -19.83 -8.47 67.20
CA ILE F 135 -18.85 -7.92 66.21
C ILE F 135 -19.55 -7.78 64.85
N SER F 136 -19.41 -6.63 64.18
CA SER F 136 -19.93 -6.49 62.84
C SER F 136 -19.44 -7.62 61.94
N LYS F 137 -20.38 -8.22 61.18
CA LYS F 137 -20.13 -9.45 60.44
C LYS F 137 -20.48 -9.31 58.96
N TYR F 138 -19.56 -9.74 58.09
CA TYR F 138 -19.74 -9.66 56.65
C TYR F 138 -19.22 -10.92 55.98
N THR F 139 -19.81 -11.30 54.83
CA THR F 139 -19.26 -12.39 54.05
C THR F 139 -18.62 -11.88 52.77
N TYR F 140 -17.63 -12.64 52.28
CA TYR F 140 -16.95 -12.36 51.03
C TYR F 140 -17.30 -13.47 50.03
N HIS F 141 -18.20 -13.14 49.11
CA HIS F 141 -18.50 -14.00 47.97
C HIS F 141 -17.52 -13.68 46.85
N PRO F 142 -16.46 -14.52 46.66
CA PRO F 142 -15.37 -14.17 45.75
C PRO F 142 -15.58 -14.60 44.29
N THR F 143 -16.82 -14.53 43.81
CA THR F 143 -17.08 -14.69 42.37
C THR F 143 -18.41 -13.96 42.07
N THR F 144 -19.00 -14.27 40.92
CA THR F 144 -20.06 -13.46 40.35
C THR F 144 -21.28 -13.12 41.20
N ALA F 145 -21.88 -11.96 40.93
CA ALA F 145 -23.13 -11.58 41.57
C ALA F 145 -24.24 -12.55 41.17
N TRP F 146 -24.16 -13.06 39.94
CA TRP F 146 -25.16 -13.99 39.43
C TRP F 146 -25.24 -15.26 40.29
N THR F 147 -24.07 -15.80 40.64
CA THR F 147 -24.00 -17.01 41.46
C THR F 147 -24.44 -16.74 42.90
N LEU F 148 -24.23 -15.50 43.38
CA LEU F 148 -24.73 -15.09 44.67
C LEU F 148 -26.27 -15.13 44.63
N ALA F 149 -26.85 -14.46 43.64
CA ALA F 149 -28.30 -14.44 43.45
C ALA F 149 -28.87 -15.85 43.39
N LEU F 150 -28.18 -16.75 42.67
CA LEU F 150 -28.58 -18.14 42.59
C LEU F 150 -28.63 -18.71 44.01
N ALA F 151 -27.50 -18.64 44.72
CA ALA F 151 -27.39 -19.22 46.05
C ALA F 151 -28.51 -18.77 46.99
N ILE F 152 -28.79 -17.47 47.02
CA ILE F 152 -29.79 -16.92 47.92
C ILE F 152 -31.17 -17.40 47.52
N TYR F 153 -31.52 -17.27 46.22
CA TYR F 153 -32.85 -17.64 45.76
C TYR F 153 -33.05 -19.14 45.63
N CYS F 154 -31.99 -19.92 45.90
CA CYS F 154 -32.04 -21.38 45.78
C CYS F 154 -33.00 -21.99 46.80
N GLN F 155 -33.15 -21.32 47.95
CA GLN F 155 -34.08 -21.76 48.98
C GLN F 155 -35.53 -21.76 48.50
N VAL F 156 -35.86 -20.86 47.57
CA VAL F 156 -37.19 -20.79 46.99
C VAL F 156 -37.36 -21.87 45.92
N PHE F 157 -36.36 -21.99 45.04
CA PHE F 157 -36.33 -23.05 44.04
C PHE F 157 -36.52 -24.43 44.66
N ASP F 158 -35.89 -24.63 45.83
CA ASP F 158 -36.03 -25.86 46.59
C ASP F 158 -37.49 -26.28 46.78
N LYS F 159 -38.34 -25.31 47.10
CA LYS F 159 -39.76 -25.56 47.31
C LYS F 159 -40.57 -25.57 46.01
N GLU F 160 -40.21 -24.67 45.10
CA GLU F 160 -40.97 -24.52 43.84
C GLU F 160 -40.73 -25.72 42.94
N ILE F 161 -39.53 -26.28 42.97
CA ILE F 161 -39.18 -27.39 42.05
C ILE F 161 -39.07 -28.70 42.86
N GLU F 162 -39.68 -29.77 42.35
CA GLU F 162 -39.64 -31.07 43.06
C GLU F 162 -38.58 -31.94 42.40
N GLY F 163 -38.63 -32.06 41.07
CA GLY F 163 -37.69 -32.93 40.39
C GLY F 163 -36.26 -32.41 40.44
N GLU F 164 -35.33 -33.15 39.83
CA GLU F 164 -33.93 -32.79 39.74
C GLU F 164 -33.73 -31.65 38.75
N TYR F 165 -33.02 -30.59 39.16
CA TYR F 165 -32.88 -29.37 38.37
C TYR F 165 -32.36 -29.60 36.96
N VAL F 166 -31.44 -30.57 36.82
CA VAL F 166 -30.70 -30.80 35.60
C VAL F 166 -31.57 -31.30 34.44
N GLU F 167 -32.77 -31.82 34.75
CA GLU F 167 -33.63 -32.43 33.73
C GLU F 167 -34.74 -31.51 33.23
N LEU F 168 -34.76 -30.26 33.72
CA LEU F 168 -35.83 -29.33 33.42
C LEU F 168 -35.71 -28.87 31.97
N LYS F 169 -36.86 -28.65 31.31
CA LYS F 169 -36.92 -28.23 29.92
C LYS F 169 -36.94 -26.70 29.75
N GLU F 170 -37.16 -26.00 30.87
CA GLU F 170 -37.27 -24.56 30.91
C GLU F 170 -36.10 -24.00 31.72
N PRO F 171 -35.55 -22.82 31.33
CA PRO F 171 -34.56 -22.15 32.16
C PRO F 171 -35.08 -21.73 33.53
N LEU F 172 -34.18 -21.69 34.52
CA LEU F 172 -34.49 -21.16 35.84
C LEU F 172 -34.49 -19.63 35.77
N LYS F 173 -35.61 -19.04 36.22
CA LYS F 173 -35.74 -17.59 36.30
C LYS F 173 -35.44 -17.12 37.72
N ILE F 174 -34.29 -16.47 37.89
CA ILE F 174 -33.95 -15.79 39.12
C ILE F 174 -34.55 -14.39 39.00
N PRO F 175 -35.35 -13.92 39.99
CA PRO F 175 -36.25 -12.79 39.80
C PRO F 175 -35.84 -11.52 39.07
N GLY F 176 -34.57 -11.15 39.09
CA GLY F 176 -34.24 -9.85 38.46
C GLY F 176 -33.03 -10.12 37.61
N CYS F 177 -32.60 -11.39 37.51
CA CYS F 177 -31.32 -11.64 36.82
C CYS F 177 -31.47 -12.57 35.61
N LYS F 178 -30.33 -12.92 34.97
CA LYS F 178 -30.32 -13.76 33.75
C LYS F 178 -30.99 -15.10 33.95
N ALA F 179 -31.40 -15.73 32.84
CA ALA F 179 -32.07 -17.01 32.89
C ALA F 179 -31.00 -18.11 32.88
N LEU F 180 -31.07 -19.02 33.86
CA LEU F 180 -30.04 -20.04 34.02
C LEU F 180 -30.47 -21.32 33.31
N ARG F 181 -29.73 -21.69 32.26
CA ARG F 181 -29.97 -22.94 31.53
C ARG F 181 -29.66 -24.13 32.45
N PRO F 182 -30.53 -25.16 32.50
CA PRO F 182 -30.34 -26.26 33.46
C PRO F 182 -28.96 -26.91 33.43
N ASP F 183 -28.36 -26.98 32.24
CA ASP F 183 -27.05 -27.59 32.07
C ASP F 183 -25.93 -26.79 32.72
N ASP F 184 -26.12 -25.47 32.85
CA ASP F 184 -25.08 -24.59 33.35
C ASP F 184 -25.16 -24.33 34.86
N VAL F 185 -25.88 -25.21 35.59
CA VAL F 185 -26.02 -25.08 37.03
C VAL F 185 -24.71 -25.37 37.77
N VAL F 186 -24.57 -24.78 38.96
CA VAL F 186 -23.44 -25.03 39.84
C VAL F 186 -23.44 -26.50 40.27
N ASP F 187 -22.23 -27.02 40.58
CA ASP F 187 -22.07 -28.42 40.94
C ASP F 187 -23.04 -28.92 42.02
N PRO F 188 -23.26 -28.17 43.13
CA PRO F 188 -24.19 -28.63 44.17
C PRO F 188 -25.58 -28.99 43.67
N LEU F 189 -26.04 -28.36 42.58
CA LEU F 189 -27.39 -28.60 42.06
C LEU F 189 -27.47 -29.73 41.05
N LEU F 190 -26.36 -30.43 40.80
CA LEU F 190 -26.35 -31.56 39.88
C LEU F 190 -27.11 -32.75 40.44
N ASP F 191 -27.02 -32.96 41.76
CA ASP F 191 -27.73 -34.04 42.44
C ASP F 191 -28.24 -33.56 43.78
N ARG F 192 -29.57 -33.57 43.93
CA ARG F 192 -30.24 -33.11 45.13
C ARG F 192 -30.15 -34.12 46.27
N SER F 193 -29.92 -35.39 45.92
CA SER F 193 -29.76 -36.44 46.92
C SER F 193 -28.39 -36.39 47.60
N ASP F 194 -27.47 -35.57 47.09
CA ASP F 194 -26.14 -35.46 47.65
C ASP F 194 -26.12 -34.35 48.69
N GLN F 195 -25.42 -34.60 49.80
CA GLN F 195 -25.42 -33.73 50.96
C GLN F 195 -24.98 -32.30 50.68
N GLN F 196 -24.17 -32.13 49.62
CA GLN F 196 -23.64 -30.82 49.27
C GLN F 196 -24.77 -29.88 48.84
N TYR F 197 -25.85 -30.44 48.27
CA TYR F 197 -27.03 -29.65 47.91
C TYR F 197 -27.64 -28.98 49.15
N GLU F 198 -27.90 -29.77 50.19
CA GLU F 198 -28.47 -29.25 51.42
C GLU F 198 -27.54 -28.21 52.05
N GLU F 199 -26.23 -28.48 52.00
CA GLU F 199 -25.25 -27.53 52.47
C GLU F 199 -25.31 -26.23 51.66
N TYR F 200 -25.51 -26.36 50.34
CA TYR F 200 -25.58 -25.22 49.45
C TYR F 200 -26.75 -24.31 49.80
N VAL F 201 -27.96 -24.86 49.92
CA VAL F 201 -29.14 -24.07 50.22
C VAL F 201 -28.98 -23.44 51.61
N LYS F 202 -28.39 -24.21 52.54
CA LYS F 202 -28.06 -23.72 53.87
C LYS F 202 -27.14 -22.50 53.79
N LEU F 203 -26.15 -22.58 52.90
CA LEU F 203 -25.23 -21.46 52.68
C LEU F 203 -25.99 -20.24 52.19
N GLY F 204 -26.82 -20.45 51.17
CA GLY F 204 -27.68 -19.39 50.64
C GLY F 204 -28.44 -18.64 51.72
N LYS F 205 -28.99 -19.39 52.70
CA LYS F 205 -29.71 -18.79 53.81
C LYS F 205 -28.77 -18.04 54.76
N GLU F 206 -27.59 -18.62 55.01
CA GLU F 206 -26.64 -18.04 55.94
C GLU F 206 -26.18 -16.65 55.49
N TYR F 207 -25.96 -16.50 54.17
CA TYR F 207 -25.61 -15.21 53.60
C TYR F 207 -26.45 -14.08 54.17
N THR F 208 -27.77 -14.20 54.02
CA THR F 208 -28.70 -13.13 54.37
C THR F 208 -28.59 -12.67 55.82
N ASP F 209 -28.05 -13.53 56.70
CA ASP F 209 -27.94 -13.21 58.11
C ASP F 209 -26.81 -12.25 58.45
N PHE F 210 -25.86 -12.07 57.53
CA PHE F 210 -24.75 -11.16 57.74
C PHE F 210 -25.18 -9.71 57.55
N ASP F 211 -24.31 -8.79 57.95
CA ASP F 211 -24.58 -7.36 57.89
C ASP F 211 -24.25 -6.74 56.53
N GLY F 212 -23.76 -7.57 55.60
CA GLY F 212 -23.43 -7.12 54.27
C GLY F 212 -22.59 -8.16 53.52
N ILE F 213 -22.68 -8.14 52.19
CA ILE F 213 -22.04 -9.15 51.37
C ILE F 213 -21.11 -8.51 50.34
N LEU F 214 -19.81 -8.80 50.46
CA LEU F 214 -18.80 -8.33 49.53
C LEU F 214 -18.77 -9.31 48.36
N ILE F 215 -18.55 -8.78 47.15
CA ILE F 215 -18.54 -9.58 45.94
C ILE F 215 -17.40 -9.04 45.09
N ASN F 216 -16.48 -9.91 44.70
CA ASN F 216 -15.37 -9.51 43.84
C ASN F 216 -15.82 -9.44 42.38
N THR F 217 -16.78 -8.55 42.09
CA THR F 217 -17.08 -8.12 40.74
C THR F 217 -17.14 -6.58 40.77
N TRP F 218 -17.66 -5.98 39.72
CA TRP F 218 -17.93 -4.54 39.73
C TRP F 218 -19.17 -4.19 38.93
N GLU F 219 -19.77 -3.04 39.25
CA GLU F 219 -21.08 -2.66 38.75
C GLU F 219 -21.16 -2.77 37.23
N ASP F 220 -20.16 -2.23 36.53
CA ASP F 220 -20.18 -2.19 35.07
C ASP F 220 -20.22 -3.60 34.47
N LEU F 221 -19.70 -4.60 35.19
CA LEU F 221 -19.74 -5.98 34.71
C LEU F 221 -21.15 -6.56 34.76
N GLU F 222 -21.79 -6.45 35.93
CA GLU F 222 -23.12 -7.02 36.16
C GLU F 222 -24.11 -5.99 36.70
N PRO F 223 -24.47 -4.94 35.93
CA PRO F 223 -25.29 -3.86 36.45
C PRO F 223 -26.69 -4.29 36.88
N GLU F 224 -27.33 -5.10 36.01
CA GLU F 224 -28.68 -5.58 36.23
C GLU F 224 -28.76 -6.50 37.45
N THR F 225 -27.79 -7.39 37.60
CA THR F 225 -27.81 -8.32 38.72
C THR F 225 -27.65 -7.51 39.98
N ILE F 226 -26.60 -6.72 40.09
CA ILE F 226 -26.36 -6.00 41.38
C ILE F 226 -27.61 -5.18 41.72
N ASN F 227 -28.24 -4.57 40.73
CA ASN F 227 -29.45 -3.74 40.98
C ASN F 227 -30.55 -4.68 41.43
N ALA F 228 -30.68 -5.82 40.76
CA ALA F 228 -31.67 -6.80 41.19
C ALA F 228 -31.50 -7.13 42.67
N LEU F 229 -30.26 -7.43 43.08
CA LEU F 229 -29.96 -7.70 44.47
C LEU F 229 -30.36 -6.55 45.38
N ARG F 230 -30.18 -5.32 44.90
CA ARG F 230 -30.49 -4.14 45.69
C ARG F 230 -31.99 -3.84 45.76
N TYR F 231 -32.72 -4.06 44.66
CA TYR F 231 -34.06 -3.51 44.53
C TYR F 231 -35.20 -4.44 44.12
N ASN F 232 -34.90 -5.55 43.44
CA ASN F 232 -35.96 -6.48 43.06
C ASN F 232 -36.75 -6.89 44.31
N GLU F 233 -38.08 -6.74 44.22
CA GLU F 233 -38.94 -6.95 45.38
C GLU F 233 -38.84 -8.40 45.85
N LYS F 234 -38.92 -9.35 44.92
CA LYS F 234 -38.86 -10.76 45.26
C LYS F 234 -37.56 -11.09 45.98
N LEU F 235 -36.42 -10.65 45.43
CA LEU F 235 -35.12 -10.90 46.02
C LEU F 235 -34.97 -10.22 47.39
N ARG F 236 -35.46 -8.99 47.50
CA ARG F 236 -35.30 -8.21 48.71
C ARG F 236 -36.17 -8.71 49.87
N LEU F 237 -37.17 -9.56 49.55
CA LEU F 237 -37.90 -10.30 50.57
C LEU F 237 -36.98 -11.27 51.30
N LEU F 238 -35.90 -11.71 50.62
CA LEU F 238 -34.95 -12.65 51.18
C LEU F 238 -33.69 -11.98 51.73
N LEU F 239 -33.19 -10.94 51.04
CA LEU F 239 -31.86 -10.42 51.30
C LEU F 239 -31.84 -9.42 52.47
N LYS F 240 -32.39 -8.23 52.26
CA LYS F 240 -32.55 -7.22 53.31
C LYS F 240 -31.29 -6.54 53.86
N VAL F 241 -30.11 -6.78 53.28
CA VAL F 241 -28.88 -6.15 53.73
C VAL F 241 -28.04 -5.73 52.54
N PRO F 242 -27.11 -4.75 52.64
CA PRO F 242 -26.40 -4.23 51.48
C PRO F 242 -25.43 -5.20 50.82
N VAL F 243 -25.13 -4.93 49.54
CA VAL F 243 -24.13 -5.66 48.77
C VAL F 243 -23.01 -4.70 48.38
N PHE F 244 -21.78 -5.22 48.30
CA PHE F 244 -20.60 -4.41 48.07
C PHE F 244 -19.73 -4.98 46.94
N PRO F 245 -19.89 -4.49 45.70
CA PRO F 245 -19.00 -4.88 44.59
C PRO F 245 -17.64 -4.23 44.81
N ILE F 246 -16.64 -5.02 45.23
CA ILE F 246 -15.32 -4.44 45.59
C ILE F 246 -14.26 -4.88 44.58
N GLY F 247 -14.64 -5.50 43.48
CA GLY F 247 -13.62 -6.05 42.56
C GLY F 247 -13.37 -5.20 41.35
N PRO F 248 -12.60 -5.68 40.34
CA PRO F 248 -11.96 -6.98 40.40
C PRO F 248 -10.60 -6.97 41.09
N LEU F 249 -10.48 -7.75 42.16
CA LEU F 249 -9.24 -7.87 42.92
C LEU F 249 -8.44 -9.07 42.41
N ARG F 250 -7.11 -8.98 42.49
CA ARG F 250 -6.27 -10.02 41.90
C ARG F 250 -4.87 -10.07 42.51
N ARG F 251 -4.19 -11.20 42.28
CA ARG F 251 -2.84 -11.38 42.79
C ARG F 251 -1.90 -10.34 42.18
N LYS F 252 -0.81 -10.03 42.88
CA LYS F 252 0.23 -9.18 42.32
C LYS F 252 1.22 -10.03 41.55
N VAL F 253 1.89 -9.43 40.56
CA VAL F 253 2.97 -10.07 39.81
C VAL F 253 4.25 -9.94 40.61
N GLU F 254 5.15 -10.90 40.41
CA GLU F 254 6.51 -10.88 40.94
C GLU F 254 7.46 -11.08 39.76
N THR F 255 8.32 -10.11 39.48
CA THR F 255 9.41 -10.29 38.54
C THR F 255 10.07 -11.52 39.14
N THR F 256 10.23 -12.57 38.31
CA THR F 256 10.73 -13.87 38.75
C THR F 256 11.95 -14.16 37.88
N LEU F 257 12.96 -14.76 38.50
CA LEU F 257 14.27 -14.95 37.89
C LEU F 257 14.39 -16.28 37.13
N ASN F 258 15.01 -16.19 35.94
CA ASN F 258 15.41 -17.34 35.15
C ASN F 258 14.29 -18.36 34.99
N ASP F 259 13.12 -17.88 34.57
CA ASP F 259 11.99 -18.74 34.28
C ASP F 259 11.91 -18.88 32.77
N GLU F 260 12.07 -20.11 32.27
CA GLU F 260 12.28 -20.35 30.85
C GLU F 260 11.03 -20.15 30.01
N VAL F 261 9.86 -20.18 30.67
CA VAL F 261 8.61 -19.91 29.98
C VAL F 261 8.62 -18.44 29.55
N ILE F 262 8.92 -17.56 30.50
CA ILE F 262 8.97 -16.13 30.23
C ILE F 262 10.04 -15.82 29.19
N GLN F 263 11.18 -16.53 29.26
CA GLN F 263 12.25 -16.34 28.29
C GLN F 263 11.84 -16.79 26.90
N TRP F 264 11.10 -17.91 26.83
CA TRP F 264 10.50 -18.35 25.58
C TRP F 264 9.58 -17.28 25.04
N LEU F 265 8.62 -16.87 25.88
CA LEU F 265 7.64 -15.86 25.52
C LEU F 265 8.30 -14.58 25.00
N ASP F 266 9.44 -14.20 25.60
CA ASP F 266 10.16 -13.00 25.19
C ASP F 266 10.63 -13.05 23.73
N LYS F 267 10.75 -14.25 23.17
CA LYS F 267 11.21 -14.41 21.81
C LYS F 267 10.06 -14.44 20.79
N GLN F 268 8.81 -14.36 21.29
CA GLN F 268 7.64 -14.42 20.43
C GLN F 268 7.07 -13.03 20.14
N ASN F 269 6.20 -12.97 19.13
CA ASN F 269 5.58 -11.71 18.74
C ASN F 269 4.42 -11.36 19.67
N ASN F 270 3.97 -10.12 19.61
CA ASN F 270 2.92 -9.63 20.50
C ASN F 270 1.60 -10.36 20.24
N GLU F 271 0.89 -10.66 21.33
CA GLU F 271 -0.40 -11.31 21.29
C GLU F 271 -0.46 -12.48 20.32
N SER F 272 0.59 -13.31 20.33
CA SER F 272 0.70 -14.43 19.40
C SER F 272 0.70 -15.80 20.06
N VAL F 273 0.66 -15.84 21.40
CA VAL F 273 0.73 -17.08 22.13
C VAL F 273 -0.61 -17.36 22.82
N LEU F 274 -1.04 -18.62 22.78
CA LEU F 274 -2.23 -19.07 23.50
C LEU F 274 -1.81 -19.81 24.76
N PHE F 275 -2.24 -19.29 25.92
CA PHE F 275 -1.99 -19.95 27.18
C PHE F 275 -3.13 -20.92 27.47
N VAL F 276 -2.79 -22.17 27.77
CA VAL F 276 -3.77 -23.18 28.14
C VAL F 276 -3.55 -23.64 29.58
N SER F 277 -4.54 -23.37 30.44
CA SER F 277 -4.49 -23.79 31.84
C SER F 277 -5.89 -24.07 32.39
N PHE F 278 -6.01 -25.16 33.15
CA PHE F 278 -7.27 -25.55 33.77
C PHE F 278 -7.24 -25.39 35.28
N GLY F 279 -6.49 -24.38 35.75
CA GLY F 279 -6.38 -24.05 37.17
C GLY F 279 -5.84 -25.17 38.05
N SER F 280 -5.67 -24.87 39.34
CA SER F 280 -4.98 -25.74 40.27
C SER F 280 -5.36 -27.21 40.14
N GLY F 281 -6.65 -27.51 40.30
CA GLY F 281 -7.11 -28.89 40.40
C GLY F 281 -7.65 -29.52 39.12
N GLY F 282 -7.50 -28.84 37.98
CA GLY F 282 -8.12 -29.28 36.73
C GLY F 282 -7.37 -30.46 36.09
N THR F 283 -8.14 -31.45 35.59
CA THR F 283 -7.58 -32.57 34.86
C THR F 283 -8.55 -33.09 33.80
N LEU F 284 -8.00 -33.48 32.65
CA LEU F 284 -8.79 -33.96 31.52
C LEU F 284 -8.79 -35.48 31.46
N SER F 285 -9.63 -36.02 30.57
CA SER F 285 -9.57 -37.45 30.24
C SER F 285 -8.40 -37.68 29.28
N THR F 286 -7.98 -38.95 29.19
CA THR F 286 -6.94 -39.34 28.26
C THR F 286 -7.32 -38.98 26.83
N LYS F 287 -8.57 -39.30 26.46
CA LYS F 287 -9.07 -39.05 25.12
C LYS F 287 -9.16 -37.56 24.84
N GLN F 288 -9.70 -36.80 25.80
CA GLN F 288 -9.86 -35.37 25.64
C GLN F 288 -8.50 -34.70 25.52
N MET F 289 -7.52 -35.17 26.30
CA MET F 289 -6.20 -34.58 26.32
C MET F 289 -5.47 -34.85 25.00
N THR F 290 -5.62 -36.06 24.45
CA THR F 290 -5.03 -36.39 23.18
C THR F 290 -5.62 -35.54 22.05
N GLU F 291 -6.95 -35.37 22.05
CA GLU F 291 -7.62 -34.55 21.06
C GLU F 291 -7.22 -33.09 21.17
N LEU F 292 -7.05 -32.61 22.41
CA LEU F 292 -6.58 -31.26 22.66
C LEU F 292 -5.19 -31.10 22.05
N ALA F 293 -4.25 -31.97 22.44
CA ALA F 293 -2.90 -31.92 21.94
C ALA F 293 -2.90 -31.75 20.42
N TRP F 294 -3.60 -32.63 19.72
CA TRP F 294 -3.73 -32.55 18.28
C TRP F 294 -4.25 -31.17 17.85
N GLY F 295 -5.38 -30.75 18.42
CA GLY F 295 -5.92 -29.42 18.14
C GLY F 295 -4.88 -28.30 18.12
N LEU F 296 -4.03 -28.26 19.14
CA LEU F 296 -2.98 -27.24 19.23
C LEU F 296 -1.93 -27.38 18.14
N GLU F 297 -1.61 -28.62 17.76
CA GLU F 297 -0.67 -28.86 16.68
C GLU F 297 -1.25 -28.33 15.37
N LEU F 298 -2.47 -28.77 15.05
CA LEU F 298 -3.11 -28.46 13.78
C LEU F 298 -3.40 -26.98 13.62
N SER F 299 -3.64 -26.29 14.74
CA SER F 299 -3.86 -24.85 14.71
C SER F 299 -2.70 -24.07 14.11
N GLN F 300 -1.49 -24.65 14.18
CA GLN F 300 -0.29 -23.98 13.71
C GLN F 300 -0.07 -22.68 14.49
N GLN F 301 -0.59 -22.65 15.72
CA GLN F 301 -0.49 -21.47 16.57
C GLN F 301 0.49 -21.74 17.70
N LYS F 302 1.11 -20.67 18.22
CA LYS F 302 2.07 -20.80 19.30
C LYS F 302 1.32 -20.87 20.62
N PHE F 303 1.82 -21.73 21.53
CA PHE F 303 1.14 -21.97 22.79
C PHE F 303 2.05 -22.28 23.97
N VAL F 304 1.51 -22.03 25.17
CA VAL F 304 2.08 -22.51 26.41
C VAL F 304 1.00 -23.36 27.08
N TRP F 305 1.27 -24.65 27.26
CA TRP F 305 0.28 -25.56 27.81
C TRP F 305 0.73 -26.13 29.15
N VAL F 306 0.05 -25.70 30.23
CA VAL F 306 0.25 -26.28 31.55
C VAL F 306 -0.47 -27.63 31.57
N VAL F 307 0.30 -28.71 31.75
CA VAL F 307 -0.24 -30.06 31.65
C VAL F 307 -0.09 -30.80 32.98
N ARG F 308 -1.11 -31.60 33.30
CA ARG F 308 -1.10 -32.54 34.41
C ARG F 308 -1.52 -33.91 33.90
N PRO F 309 -1.26 -35.01 34.64
CA PRO F 309 -1.70 -36.33 34.20
C PRO F 309 -3.22 -36.44 34.08
N PRO F 310 -3.74 -37.19 33.08
CA PRO F 310 -5.18 -37.36 32.90
C PRO F 310 -5.85 -38.13 34.04
N SER F 311 -7.19 -38.08 34.06
CA SER F 311 -7.96 -38.67 35.14
C SER F 311 -8.72 -39.95 34.78
N ASP F 312 -9.66 -39.85 33.84
CA ASP F 312 -10.54 -40.96 33.52
C ASP F 312 -11.41 -41.32 34.72
N ARG F 328 6.60 -39.33 36.83
CA ARG F 328 5.68 -39.52 35.71
C ARG F 328 5.81 -38.38 34.70
N ASP F 329 6.36 -38.70 33.52
CA ASP F 329 6.68 -37.70 32.49
C ASP F 329 5.53 -37.48 31.50
N MET F 330 5.42 -36.24 31.05
CA MET F 330 4.30 -35.84 30.17
C MET F 330 4.65 -36.17 28.74
N SER F 331 5.15 -37.38 28.51
CA SER F 331 5.38 -37.79 27.10
C SER F 331 4.62 -39.11 26.97
N GLU F 332 4.27 -39.66 28.12
CA GLU F 332 3.57 -40.95 28.13
C GLU F 332 2.13 -40.75 27.73
N TYR F 333 1.50 -39.68 28.22
CA TYR F 333 0.07 -39.54 27.99
C TYR F 333 -0.22 -38.61 26.82
N LEU F 334 0.78 -38.36 25.96
CA LEU F 334 0.58 -37.49 24.80
C LEU F 334 0.83 -38.26 23.52
N PRO F 335 0.35 -37.75 22.35
CA PRO F 335 0.70 -38.32 21.06
C PRO F 335 2.21 -38.47 20.87
N GLU F 336 2.63 -39.66 20.44
CA GLU F 336 4.05 -39.94 20.32
C GLU F 336 4.59 -39.00 19.25
N GLY F 337 5.72 -38.36 19.58
CA GLY F 337 6.36 -37.40 18.68
C GLY F 337 5.91 -35.96 18.89
N PHE F 338 4.82 -35.75 19.65
CA PHE F 338 4.25 -34.42 19.80
C PHE F 338 5.30 -33.37 20.09
N LEU F 339 6.06 -33.60 21.15
CA LEU F 339 6.98 -32.60 21.69
C LEU F 339 8.06 -32.22 20.68
N THR F 340 8.51 -33.19 19.88
CA THR F 340 9.52 -32.93 18.86
C THR F 340 8.92 -32.24 17.63
N ARG F 341 7.67 -32.59 17.28
CA ARG F 341 6.99 -31.96 16.17
C ARG F 341 6.62 -30.51 16.50
N THR F 342 6.17 -30.28 17.74
CA THR F 342 5.70 -28.98 18.19
C THR F 342 6.81 -28.13 18.80
N LYS F 343 8.07 -28.55 18.65
CA LYS F 343 9.16 -27.91 19.39
C LYS F 343 9.36 -26.39 19.27
N ASP F 344 9.38 -25.81 18.08
CA ASP F 344 9.56 -24.36 17.96
C ASP F 344 8.25 -23.58 18.09
N MET F 345 7.14 -24.31 18.24
CA MET F 345 5.80 -23.73 18.07
C MET F 345 5.12 -23.61 19.43
N GLY F 346 5.20 -24.68 20.23
CA GLY F 346 4.58 -24.72 21.54
C GLY F 346 5.58 -24.84 22.69
N LEU F 347 5.04 -24.89 23.91
CA LEU F 347 5.83 -25.06 25.10
C LEU F 347 4.96 -25.76 26.13
N VAL F 348 5.33 -27.00 26.50
CA VAL F 348 4.54 -27.79 27.41
C VAL F 348 5.18 -27.78 28.80
N VAL F 349 4.42 -27.31 29.79
CA VAL F 349 4.93 -27.11 31.14
C VAL F 349 4.22 -28.02 32.13
N PRO F 350 4.97 -28.98 32.75
CA PRO F 350 4.36 -29.99 33.63
C PRO F 350 3.98 -29.35 34.94
N MET F 351 2.81 -29.74 35.44
CA MET F 351 2.30 -29.18 36.70
C MET F 351 2.16 -27.67 36.58
N TRP F 352 2.39 -26.92 37.66
CA TRP F 352 2.15 -25.46 37.76
C TRP F 352 3.06 -24.56 36.94
N ALA F 353 2.56 -23.37 36.57
CA ALA F 353 3.29 -22.30 35.92
C ALA F 353 2.78 -20.94 36.44
N ASN F 354 3.60 -19.88 36.29
CA ASN F 354 3.24 -18.61 36.90
C ASN F 354 2.24 -17.82 36.04
N GLN F 355 0.96 -18.13 36.26
CA GLN F 355 -0.13 -17.67 35.42
C GLN F 355 -0.20 -16.15 35.29
N VAL F 356 -0.11 -15.45 36.41
CA VAL F 356 -0.29 -14.00 36.44
C VAL F 356 0.80 -13.31 35.60
N GLU F 357 2.03 -13.83 35.74
CA GLU F 357 3.19 -13.26 35.07
C GLU F 357 3.17 -13.59 33.56
N ILE F 358 2.69 -14.77 33.22
CA ILE F 358 2.43 -15.12 31.83
C ILE F 358 1.38 -14.17 31.22
N LEU F 359 0.17 -14.19 31.77
CA LEU F 359 -0.94 -13.41 31.25
C LEU F 359 -0.64 -11.93 31.06
N SER F 360 0.24 -11.37 31.90
CA SER F 360 0.66 -9.99 31.77
C SER F 360 1.65 -9.77 30.62
N HIS F 361 2.18 -10.85 30.05
CA HIS F 361 3.24 -10.74 29.06
C HIS F 361 2.72 -10.39 27.66
N SER F 362 3.41 -9.45 27.01
CA SER F 362 3.02 -8.91 25.72
C SER F 362 2.74 -9.97 24.66
N SER F 363 3.50 -11.06 24.70
CA SER F 363 3.37 -12.11 23.69
C SER F 363 2.16 -13.02 23.88
N VAL F 364 1.44 -12.88 25.01
CA VAL F 364 0.26 -13.72 25.25
C VAL F 364 -1.00 -13.02 24.74
N GLY F 365 -1.70 -13.68 23.81
CA GLY F 365 -2.86 -13.10 23.15
C GLY F 365 -4.11 -13.97 23.18
N GLY F 366 -4.19 -14.87 24.17
CA GLY F 366 -5.36 -15.70 24.35
C GLY F 366 -5.22 -16.70 25.49
N PHE F 367 -6.35 -17.11 26.06
CA PHE F 367 -6.35 -17.98 27.23
C PHE F 367 -7.46 -19.03 27.15
N LEU F 368 -7.07 -20.29 26.92
CA LEU F 368 -7.97 -21.42 27.05
C LEU F 368 -8.04 -21.73 28.54
N THR F 369 -9.20 -21.45 29.14
CA THR F 369 -9.35 -21.49 30.59
C THR F 369 -10.56 -22.30 31.02
N HIS F 370 -10.53 -22.72 32.29
CA HIS F 370 -11.61 -23.46 32.90
C HIS F 370 -12.67 -22.53 33.49
N CYS F 371 -12.36 -21.22 33.51
CA CYS F 371 -13.29 -20.17 33.89
C CYS F 371 -13.46 -20.04 35.40
N GLY F 372 -12.46 -20.49 36.15
CA GLY F 372 -12.35 -20.13 37.56
C GLY F 372 -12.31 -18.61 37.69
N TRP F 373 -13.00 -18.05 38.68
CA TRP F 373 -13.16 -16.62 38.73
C TRP F 373 -11.83 -15.86 38.84
N ASN F 374 -10.86 -16.44 39.55
CA ASN F 374 -9.56 -15.79 39.68
C ASN F 374 -8.81 -15.82 38.35
N SER F 375 -8.84 -16.97 37.67
CA SER F 375 -8.29 -17.06 36.31
C SER F 375 -8.90 -15.99 35.41
N THR F 376 -10.25 -15.91 35.41
CA THR F 376 -10.96 -14.97 34.56
C THR F 376 -10.61 -13.51 34.86
N VAL F 377 -10.56 -13.16 36.15
CA VAL F 377 -10.22 -11.81 36.56
C VAL F 377 -8.78 -11.47 36.13
N GLU F 378 -7.87 -12.42 36.34
CA GLU F 378 -6.49 -12.27 35.92
C GLU F 378 -6.37 -12.06 34.41
N SER F 379 -7.24 -12.73 33.64
CA SER F 379 -7.25 -12.61 32.19
C SER F 379 -7.89 -11.31 31.71
N LEU F 380 -9.00 -10.91 32.35
CA LEU F 380 -9.72 -9.71 31.95
C LEU F 380 -8.97 -8.42 32.31
N THR F 381 -8.36 -8.40 33.51
CA THR F 381 -7.51 -7.28 33.90
C THR F 381 -6.34 -7.06 32.95
N ASN F 382 -5.94 -8.14 32.26
CA ASN F 382 -4.93 -8.07 31.22
C ASN F 382 -5.43 -7.87 29.78
N GLY F 383 -6.74 -7.89 29.54
CA GLY F 383 -7.22 -7.66 28.18
C GLY F 383 -7.07 -8.87 27.26
N VAL F 384 -6.73 -10.01 27.87
CA VAL F 384 -6.68 -11.28 27.17
C VAL F 384 -8.06 -11.92 26.99
N PRO F 385 -8.47 -12.23 25.74
CA PRO F 385 -9.70 -12.97 25.49
C PRO F 385 -9.56 -14.46 25.80
N MET F 386 -10.66 -15.21 25.74
CA MET F 386 -10.67 -16.56 26.28
C MET F 386 -11.40 -17.61 25.44
N ILE F 387 -11.00 -18.86 25.63
CA ILE F 387 -11.79 -20.02 25.24
C ILE F 387 -12.30 -20.68 26.51
N ALA F 388 -13.62 -20.56 26.74
CA ALA F 388 -14.25 -21.06 27.95
C ALA F 388 -14.35 -22.58 27.87
N TRP F 389 -13.96 -23.23 28.97
CA TRP F 389 -13.86 -24.68 29.05
C TRP F 389 -14.22 -25.08 30.47
N PRO F 390 -15.50 -24.90 30.90
CA PRO F 390 -15.86 -25.09 32.30
C PRO F 390 -15.87 -26.55 32.73
N LEU F 391 -15.44 -26.79 33.98
CA LEU F 391 -15.29 -28.14 34.51
C LEU F 391 -16.09 -28.38 35.79
N HIS F 392 -15.93 -27.50 36.79
CA HIS F 392 -16.51 -27.70 38.11
C HIS F 392 -17.01 -26.40 38.75
N ALA F 393 -17.58 -26.50 39.95
CA ALA F 393 -18.09 -25.35 40.69
C ALA F 393 -19.07 -24.52 39.83
N GLU F 394 -18.92 -23.19 39.85
CA GLU F 394 -19.79 -22.30 39.11
C GLU F 394 -19.21 -21.94 37.74
N GLN F 395 -18.20 -22.69 37.29
CA GLN F 395 -17.47 -22.36 36.08
C GLN F 395 -18.37 -22.32 34.85
N LYS F 396 -19.44 -23.13 34.86
CA LYS F 396 -20.37 -23.21 33.73
C LYS F 396 -21.16 -21.91 33.61
N MET F 397 -21.59 -21.36 34.75
CA MET F 397 -22.25 -20.07 34.79
C MET F 397 -21.31 -18.94 34.38
N ASN F 398 -20.05 -19.03 34.80
CA ASN F 398 -19.03 -18.07 34.43
C ASN F 398 -18.78 -18.08 32.92
N ALA F 399 -18.66 -19.29 32.38
CA ALA F 399 -18.48 -19.48 30.94
C ALA F 399 -19.65 -18.87 30.17
N ALA F 400 -20.87 -19.15 30.63
CA ALA F 400 -22.06 -18.58 30.01
C ALA F 400 -21.96 -17.06 29.95
N MET F 401 -21.62 -16.46 31.09
CA MET F 401 -21.52 -15.01 31.21
C MET F 401 -20.48 -14.43 30.25
N LEU F 402 -19.30 -15.05 30.23
CA LEU F 402 -18.20 -14.57 29.39
C LEU F 402 -18.52 -14.62 27.90
N THR F 403 -19.21 -15.68 27.46
CA THR F 403 -19.48 -15.92 26.06
C THR F 403 -20.71 -15.17 25.58
N GLU F 404 -21.82 -15.35 26.30
CA GLU F 404 -23.11 -14.82 25.88
C GLU F 404 -23.18 -13.31 26.14
N GLU F 405 -23.13 -12.93 27.42
CA GLU F 405 -23.36 -11.55 27.82
C GLU F 405 -22.20 -10.62 27.45
N LEU F 406 -20.99 -10.99 27.89
CA LEU F 406 -19.84 -10.10 27.79
C LEU F 406 -19.16 -10.14 26.43
N GLY F 407 -19.24 -11.29 25.75
CA GLY F 407 -18.65 -11.46 24.43
C GLY F 407 -17.12 -11.33 24.42
N VAL F 408 -16.48 -11.88 25.46
CA VAL F 408 -15.02 -11.84 25.59
C VAL F 408 -14.44 -13.25 25.50
N ALA F 409 -15.26 -14.21 25.08
CA ALA F 409 -14.84 -15.60 25.04
C ALA F 409 -15.66 -16.38 24.03
N ILE F 410 -15.07 -17.47 23.53
CA ILE F 410 -15.78 -18.42 22.68
C ILE F 410 -15.75 -19.79 23.37
N ARG F 411 -16.61 -20.70 22.92
CA ARG F 411 -16.75 -22.00 23.56
C ARG F 411 -17.14 -23.07 22.53
N PRO F 412 -17.03 -24.38 22.87
CA PRO F 412 -17.49 -25.42 21.96
C PRO F 412 -19.02 -25.50 21.90
N ALA F 413 -19.53 -25.99 20.77
CA ALA F 413 -20.96 -26.10 20.54
C ALA F 413 -21.66 -26.78 21.70
N VAL F 414 -21.10 -27.92 22.14
CA VAL F 414 -21.56 -28.65 23.30
C VAL F 414 -20.56 -28.49 24.45
N LEU F 415 -21.08 -28.47 25.68
CA LEU F 415 -20.23 -28.35 26.85
C LEU F 415 -19.20 -29.48 26.87
N PRO F 416 -17.92 -29.19 27.22
CA PRO F 416 -16.90 -30.23 27.24
C PRO F 416 -17.16 -31.33 28.27
N THR F 417 -17.73 -30.93 29.42
CA THR F 417 -18.11 -31.86 30.47
C THR F 417 -19.18 -32.87 30.05
N LYS F 418 -19.95 -32.56 29.00
CA LYS F 418 -20.98 -33.45 28.51
C LYS F 418 -20.49 -34.33 27.35
N LYS F 419 -19.66 -33.76 26.47
CA LYS F 419 -19.24 -34.44 25.25
C LYS F 419 -17.81 -34.11 24.87
N LEU F 420 -17.14 -35.08 24.22
CA LEU F 420 -15.76 -34.93 23.80
C LEU F 420 -15.63 -33.87 22.70
N VAL F 421 -14.73 -32.92 22.91
CA VAL F 421 -14.36 -31.91 21.93
C VAL F 421 -13.26 -32.52 21.08
N LYS F 422 -13.52 -32.70 19.78
CA LYS F 422 -12.54 -33.28 18.88
C LYS F 422 -11.58 -32.23 18.33
N ARG F 423 -10.45 -32.72 17.80
CA ARG F 423 -9.34 -31.88 17.36
C ARG F 423 -9.70 -30.78 16.37
N GLU F 424 -10.62 -31.06 15.43
CA GLU F 424 -10.96 -30.09 14.41
C GLU F 424 -11.63 -28.87 15.03
N GLU F 425 -12.55 -29.13 15.97
CA GLU F 425 -13.26 -28.06 16.67
C GLU F 425 -12.27 -27.20 17.46
N ILE F 426 -11.35 -27.86 18.17
CA ILE F 426 -10.35 -27.17 18.97
C ILE F 426 -9.47 -26.28 18.08
N GLN F 427 -8.85 -26.90 17.07
CA GLN F 427 -7.99 -26.19 16.14
C GLN F 427 -8.73 -25.00 15.52
N GLY F 428 -10.01 -25.17 15.24
CA GLY F 428 -10.77 -24.02 14.73
C GLY F 428 -10.84 -22.93 15.76
N MET F 429 -11.16 -23.28 16.99
CA MET F 429 -11.32 -22.29 18.08
C MET F 429 -10.03 -21.49 18.30
N VAL F 430 -8.91 -22.19 18.44
CA VAL F 430 -7.62 -21.50 18.70
C VAL F 430 -7.35 -20.58 17.51
N ARG F 431 -7.69 -21.02 16.31
CA ARG F 431 -7.51 -20.18 15.12
C ARG F 431 -8.46 -18.99 15.22
N ILE F 432 -9.75 -19.26 15.37
CA ILE F 432 -10.70 -18.16 15.38
C ILE F 432 -10.26 -17.08 16.35
N LEU F 433 -9.62 -17.42 17.47
CA LEU F 433 -9.30 -16.38 18.48
C LEU F 433 -7.92 -15.78 18.24
N MET F 434 -6.96 -16.58 17.81
CA MET F 434 -5.56 -16.09 17.69
C MET F 434 -5.26 -15.47 16.33
N GLN F 435 -6.09 -15.67 15.30
CA GLN F 435 -5.76 -15.17 13.95
C GLN F 435 -6.91 -14.42 13.28
N THR F 436 -8.16 -14.85 13.43
CA THR F 436 -9.22 -14.24 12.66
C THR F 436 -9.63 -12.86 13.19
N LYS F 437 -10.24 -12.07 12.32
CA LYS F 437 -10.74 -10.75 12.69
C LYS F 437 -11.74 -10.83 13.84
N GLU F 438 -12.62 -11.83 13.80
CA GLU F 438 -13.54 -12.06 14.89
C GLU F 438 -12.78 -12.10 16.21
N GLY F 439 -11.71 -12.89 16.24
CA GLY F 439 -10.83 -12.97 17.39
C GLY F 439 -10.34 -11.62 17.90
N LYS F 440 -9.94 -10.75 16.97
CA LYS F 440 -9.47 -9.42 17.30
C LYS F 440 -10.60 -8.55 17.88
N ARG F 441 -11.81 -8.74 17.37
CA ARG F 441 -12.98 -8.04 17.90
C ARG F 441 -13.24 -8.43 19.36
N ILE F 442 -13.11 -9.74 19.64
CA ILE F 442 -13.30 -10.25 20.99
C ILE F 442 -12.24 -9.66 21.91
N LYS F 443 -10.99 -9.66 21.44
CA LYS F 443 -9.88 -9.06 22.16
C LYS F 443 -10.16 -7.61 22.53
N GLU F 444 -10.65 -6.83 21.55
CA GLU F 444 -10.94 -5.43 21.76
C GLU F 444 -11.99 -5.23 22.85
N LYS F 445 -13.00 -6.12 22.89
CA LYS F 445 -13.98 -6.09 23.98
C LYS F 445 -13.34 -6.34 25.33
N ALA F 446 -12.41 -7.32 25.38
CA ALA F 446 -11.70 -7.63 26.61
C ALA F 446 -10.86 -6.46 27.11
N LYS F 447 -10.26 -5.70 26.18
CA LYS F 447 -9.54 -4.50 26.54
C LYS F 447 -10.46 -3.43 27.14
N LYS F 448 -11.67 -3.31 26.59
CA LYS F 448 -12.65 -2.37 27.13
C LYS F 448 -13.00 -2.77 28.56
N LEU F 449 -13.26 -4.06 28.78
CA LEU F 449 -13.48 -4.60 30.12
C LEU F 449 -12.33 -4.25 31.05
N LYS F 450 -11.09 -4.45 30.58
CA LYS F 450 -9.91 -4.07 31.34
C LYS F 450 -10.02 -2.62 31.83
N LYS F 451 -10.25 -1.72 30.88
CA LYS F 451 -10.30 -0.30 31.19
C LYS F 451 -11.40 0.04 32.20
N SER F 452 -12.57 -0.56 32.03
CA SER F 452 -13.68 -0.34 32.95
C SER F 452 -13.37 -0.83 34.35
N ALA F 453 -12.64 -1.95 34.44
CA ALA F 453 -12.18 -2.47 35.71
C ALA F 453 -11.19 -1.51 36.37
N GLU F 454 -10.23 -0.99 35.59
CA GLU F 454 -9.31 0.03 36.07
C GLU F 454 -10.05 1.22 36.66
N ASN F 455 -11.11 1.66 35.96
CA ASN F 455 -11.87 2.83 36.36
C ASN F 455 -12.72 2.57 37.60
N ALA F 456 -13.08 1.31 37.83
CA ALA F 456 -13.77 0.94 39.05
C ALA F 456 -12.90 1.02 40.31
N LEU F 457 -11.67 0.50 40.25
CA LEU F 457 -10.78 0.51 41.40
C LEU F 457 -10.06 1.82 41.63
N SER F 458 -10.26 2.78 40.72
CA SER F 458 -9.65 4.10 40.85
C SER F 458 -10.43 4.92 41.86
N ASP F 459 -9.79 5.96 42.42
CA ASP F 459 -10.46 6.88 43.32
C ASP F 459 -11.74 7.40 42.65
N GLY F 460 -12.84 7.40 43.40
CA GLY F 460 -14.14 7.83 42.84
C GLY F 460 -14.84 6.67 42.15
N GLY F 461 -14.11 5.59 41.85
CA GLY F 461 -14.68 4.44 41.12
C GLY F 461 -15.70 3.70 41.96
N SER F 462 -16.74 3.15 41.32
CA SER F 462 -17.83 2.43 42.04
C SER F 462 -17.25 1.43 43.04
N SER F 463 -16.33 0.57 42.59
CA SER F 463 -15.79 -0.48 43.48
C SER F 463 -15.07 0.18 44.68
N TYR F 464 -14.16 1.12 44.41
CA TYR F 464 -13.49 1.85 45.51
C TYR F 464 -14.58 2.44 46.41
N ASN F 465 -15.56 3.11 45.79
CA ASN F 465 -16.68 3.67 46.54
C ASN F 465 -17.38 2.63 47.39
N SER F 466 -17.54 1.41 46.88
CA SER F 466 -18.26 0.34 47.62
C SER F 466 -17.52 0.02 48.92
N ILE F 467 -16.20 0.15 48.91
CA ILE F 467 -15.40 -0.17 50.11
C ILE F 467 -15.53 0.98 51.11
N CYS F 468 -15.72 2.19 50.61
CA CYS F 468 -15.85 3.37 51.49
C CYS F 468 -17.25 3.31 52.12
N GLU F 469 -18.21 2.76 51.39
CA GLU F 469 -19.54 2.56 51.95
C GLU F 469 -19.51 1.44 53.00
N LEU F 470 -18.65 0.43 52.77
CA LEU F 470 -18.44 -0.61 53.76
C LEU F 470 -17.88 0.00 55.04
N VAL F 471 -16.77 0.75 54.94
CA VAL F 471 -16.17 1.37 56.10
C VAL F 471 -17.16 2.27 56.83
N LYS F 472 -18.05 2.93 56.07
CA LYS F 472 -19.12 3.72 56.67
C LYS F 472 -20.07 2.84 57.47
N ASP F 473 -20.48 1.70 56.90
CA ASP F 473 -21.42 0.79 57.60
C ASP F 473 -20.73 0.35 58.88
N ILE F 474 -19.50 -0.15 58.80
CA ILE F 474 -18.79 -0.39 60.07
C ILE F 474 -18.59 1.03 60.61
N ARG F 475 -18.31 1.24 61.88
CA ARG F 475 -18.28 2.64 62.42
C ARG F 475 -19.69 3.25 62.44
N SER F 476 -20.68 2.55 61.90
CA SER F 476 -22.08 2.98 62.11
C SER F 476 -22.64 1.90 63.04
N ARG F 477 -21.72 1.12 63.61
CA ARG F 477 -22.11 0.00 64.51
C ARG F 477 -21.13 0.01 65.69
N GLU F 478 -20.04 0.77 65.54
CA GLU F 478 -19.06 0.89 66.66
C GLU F 478 -19.55 2.00 67.58
N LEU F 479 -20.85 2.01 67.87
CA LEU F 479 -21.43 3.02 68.79
C LEU F 479 -21.34 2.47 70.22
N SER G 6 17.85 40.26 -3.84
CA SER G 6 17.64 38.84 -4.09
C SER G 6 17.08 38.19 -2.83
N GLN G 7 15.84 37.69 -2.91
CA GLN G 7 15.26 36.87 -1.83
C GLN G 7 15.24 37.42 -0.40
N LEU G 8 15.58 36.54 0.56
CA LEU G 8 15.56 36.92 2.00
C LEU G 8 16.84 36.33 2.59
N HIS G 9 17.42 37.00 3.58
CA HIS G 9 18.72 36.52 4.13
C HIS G 9 18.71 36.60 5.65
N VAL G 10 18.07 35.64 6.30
CA VAL G 10 18.14 35.64 7.78
C VAL G 10 19.58 35.32 8.19
N ALA G 11 19.89 35.51 9.46
CA ALA G 11 21.23 35.17 9.97
C ALA G 11 21.06 34.56 11.36
N ILE G 12 21.69 33.42 11.59
CA ILE G 12 21.48 32.70 12.88
C ILE G 12 22.77 32.74 13.72
N VAL G 13 22.63 32.91 15.04
CA VAL G 13 23.82 32.97 15.94
C VAL G 13 23.83 31.70 16.82
N SER G 14 24.95 30.99 16.85
CA SER G 14 25.07 29.73 17.65
C SER G 14 26.04 29.93 18.81
N SER G 15 25.72 29.35 19.98
CA SER G 15 26.61 29.43 21.12
C SER G 15 27.82 28.53 20.91
N PRO G 16 28.80 28.49 21.85
CA PRO G 16 30.06 27.79 21.66
C PRO G 16 30.04 26.33 21.28
N GLY G 17 29.45 25.44 22.07
CA GLY G 17 29.66 24.01 21.94
C GLY G 17 28.82 23.34 20.85
N MET G 18 29.31 22.19 20.37
CA MET G 18 28.68 21.42 19.32
C MET G 18 27.19 21.17 19.61
N GLY G 19 26.88 20.87 20.88
CA GLY G 19 25.52 20.64 21.31
C GLY G 19 24.56 21.80 21.05
N HIS G 20 25.16 22.99 20.86
CA HIS G 20 24.36 24.20 20.60
C HIS G 20 24.62 24.64 19.16
N LEU G 21 25.37 23.82 18.43
CA LEU G 21 25.62 24.13 17.00
C LEU G 21 24.61 23.37 16.15
N ILE G 22 24.62 22.04 16.23
CA ILE G 22 23.70 21.23 15.37
C ILE G 22 22.28 21.80 15.46
N PRO G 23 21.66 22.03 16.64
CA PRO G 23 20.26 22.50 16.69
C PRO G 23 20.09 23.69 15.78
N VAL G 24 21.13 24.51 15.68
CA VAL G 24 21.05 25.72 14.88
C VAL G 24 21.22 25.37 13.40
N LEU G 25 22.13 24.42 13.12
CA LEU G 25 22.31 23.94 11.76
C LEU G 25 21.05 23.27 11.22
N VAL G 26 20.37 22.47 12.06
CA VAL G 26 19.20 21.75 11.60
C VAL G 26 18.09 22.75 11.29
N LEU G 27 18.01 23.84 12.08
CA LEU G 27 17.06 24.90 11.81
C LEU G 27 17.40 25.57 10.47
N GLY G 28 18.67 25.95 10.31
CA GLY G 28 19.16 26.53 9.07
C GLY G 28 18.81 25.69 7.85
N ASN G 29 19.13 24.39 7.91
CA ASN G 29 18.88 23.47 6.82
C ASN G 29 17.40 23.37 6.50
N ARG G 30 16.57 23.29 7.55
CA ARG G 30 15.12 23.24 7.41
C ARG G 30 14.60 24.45 6.64
N LEU G 31 14.97 25.65 7.10
CA LEU G 31 14.49 26.87 6.48
C LEU G 31 14.96 26.97 5.03
N ALA G 32 16.25 26.69 4.82
CA ALA G 32 16.88 26.82 3.52
C ALA G 32 16.23 25.90 2.50
N THR G 33 16.11 24.62 2.84
CA THR G 33 15.53 23.61 1.97
C THR G 33 14.04 23.86 1.73
N HIS G 34 13.26 23.81 2.82
CA HIS G 34 11.80 23.75 2.71
C HIS G 34 11.14 25.09 2.41
N HIS G 35 11.74 26.18 2.88
CA HIS G 35 11.08 27.50 2.73
C HIS G 35 11.96 28.42 1.89
N ASN G 36 13.02 27.88 1.29
CA ASN G 36 13.85 28.67 0.34
C ASN G 36 14.42 30.00 0.79
N ILE G 37 15.04 30.05 1.97
CA ILE G 37 15.73 31.30 2.42
C ILE G 37 17.25 31.17 2.49
N LYS G 38 18.00 32.05 1.82
CA LYS G 38 19.47 31.93 1.79
C LYS G 38 20.04 32.51 3.09
N ILE G 39 20.84 31.74 3.82
CA ILE G 39 21.32 32.20 5.17
C ILE G 39 22.85 32.13 5.25
N THR G 40 23.42 32.82 6.25
CA THR G 40 24.87 32.76 6.50
C THR G 40 24.99 32.76 8.01
N ILE G 41 25.44 31.65 8.59
CA ILE G 41 25.37 31.55 10.07
C ILE G 41 26.46 30.64 10.65
N LEU G 42 27.05 31.06 11.76
CA LEU G 42 27.91 30.12 12.50
C LEU G 42 28.11 30.79 13.86
N ALA G 43 29.08 30.34 14.65
CA ALA G 43 29.06 30.83 16.03
C ALA G 43 30.38 31.11 16.70
N ILE G 44 30.30 31.12 18.04
CA ILE G 44 31.48 31.41 18.90
C ILE G 44 32.36 30.18 19.08
N THR G 45 33.67 30.33 18.91
CA THR G 45 34.57 29.19 19.17
C THR G 45 35.36 29.46 20.42
N THR G 46 35.23 28.58 21.40
CA THR G 46 36.08 28.72 22.59
C THR G 46 37.46 28.29 22.17
N THR G 47 38.44 29.18 22.28
CA THR G 47 39.81 28.87 21.83
C THR G 47 40.45 27.98 22.86
N SER G 48 39.66 27.42 23.77
CA SER G 48 40.20 26.56 24.85
C SER G 48 39.62 25.15 24.71
N SER G 49 38.29 25.02 24.75
CA SER G 49 37.65 23.69 24.68
C SER G 49 37.86 23.06 23.30
N SER G 50 38.06 23.88 22.27
CA SER G 50 38.19 23.35 20.88
C SER G 50 37.06 22.35 20.63
N ALA G 51 37.39 21.13 20.18
CA ALA G 51 36.38 20.06 20.02
C ALA G 51 35.25 20.51 19.11
N GLU G 52 35.37 21.69 18.50
CA GLU G 52 34.35 22.11 17.50
C GLU G 52 35.20 22.79 16.43
N THR G 53 36.14 23.63 16.87
CA THR G 53 36.99 24.37 15.92
C THR G 53 37.46 23.52 14.78
N GLU G 54 38.14 22.42 15.08
CA GLU G 54 38.75 21.65 13.97
C GLU G 54 37.57 21.19 13.12
N PHE G 55 36.47 20.81 13.76
CA PHE G 55 35.30 20.29 13.01
C PHE G 55 34.89 21.32 11.99
N LEU G 56 34.57 22.53 12.42
CA LEU G 56 34.05 23.55 11.46
C LEU G 56 35.17 23.86 10.46
N LYS G 57 36.42 23.82 10.92
CA LYS G 57 37.56 24.10 10.02
C LYS G 57 37.56 23.05 8.90
N LYS G 58 37.42 21.77 9.24
CA LYS G 58 37.54 20.71 8.21
C LYS G 58 36.30 20.64 7.30
N THR G 59 35.28 21.47 7.53
CA THR G 59 34.05 21.37 6.71
C THR G 59 33.67 22.75 6.22
N THR G 60 34.51 23.75 6.45
CA THR G 60 34.13 25.14 6.11
C THR G 60 33.34 25.19 4.83
N LEU G 61 33.80 24.52 3.78
CA LEU G 61 33.11 24.66 2.48
C LEU G 61 32.81 23.26 1.93
N THR G 62 31.59 22.77 2.19
CA THR G 62 31.15 21.45 1.67
C THR G 62 29.76 22.03 1.63
N ASN G 63 29.54 23.07 0.82
CA ASN G 63 28.18 23.68 0.68
C ASN G 63 27.66 23.48 -0.75
N GLU G 64 26.92 22.39 -0.98
CA GLU G 64 26.31 22.17 -2.31
C GLU G 64 25.23 23.23 -2.52
N GLU G 65 24.78 23.42 -3.75
CA GLU G 65 23.77 24.46 -4.08
C GLU G 65 24.27 25.83 -3.59
N LYS G 66 23.36 26.73 -3.22
CA LYS G 66 23.74 28.10 -2.82
C LYS G 66 22.74 28.61 -1.79
N THR G 67 22.96 28.35 -0.51
CA THR G 67 21.99 28.74 0.53
C THR G 67 22.88 29.18 1.66
N ILE G 68 23.76 28.31 2.16
CA ILE G 68 24.56 28.65 3.32
C ILE G 68 25.98 29.17 3.28
N GLU G 69 26.43 29.73 4.42
CA GLU G 69 27.86 30.13 4.56
C GLU G 69 28.14 30.14 6.08
N ILE G 70 29.24 29.52 6.49
CA ILE G 70 29.64 29.50 7.93
C ILE G 70 30.56 30.69 8.21
N ILE G 71 30.34 31.40 9.31
CA ILE G 71 31.15 32.60 9.64
C ILE G 71 31.70 32.43 11.06
N PRO G 72 32.85 31.76 11.24
CA PRO G 72 33.42 31.50 12.59
C PRO G 72 33.66 32.79 13.35
N VAL G 73 33.42 32.79 14.67
CA VAL G 73 33.73 34.00 15.51
C VAL G 73 34.42 33.53 16.80
N PRO G 74 35.68 33.95 17.06
CA PRO G 74 36.42 33.55 18.24
C PRO G 74 35.90 34.18 19.54
N SER G 75 35.94 33.42 20.63
CA SER G 75 35.68 34.00 21.94
C SER G 75 36.94 34.59 22.56
N VAL G 76 36.83 35.02 23.81
CA VAL G 76 38.03 35.58 24.51
C VAL G 76 38.38 34.65 25.69
N ASP G 77 39.63 34.72 26.15
CA ASP G 77 40.07 33.83 27.26
C ASP G 77 39.97 34.60 28.58
N ILE G 78 38.91 34.33 29.35
CA ILE G 78 38.70 35.05 30.64
C ILE G 78 39.60 34.62 31.81
N SER G 79 39.40 33.41 32.34
CA SER G 79 40.17 32.93 33.52
C SER G 79 40.39 34.03 34.56
N HIS G 80 39.48 35.00 34.63
CA HIS G 80 39.60 36.09 35.63
C HIS G 80 38.27 36.25 36.37
N LEU G 81 37.18 35.78 35.76
CA LEU G 81 35.85 35.91 36.39
C LEU G 81 35.20 34.52 36.56
N ILE G 82 36.00 33.45 36.42
CA ILE G 82 35.45 32.06 36.54
C ILE G 82 36.07 31.37 37.76
N ASN G 83 35.21 30.90 38.68
CA ASN G 83 35.70 30.24 39.92
C ASN G 83 35.47 28.74 39.82
N SER G 84 36.17 27.98 40.66
CA SER G 84 36.06 26.50 40.61
C SER G 84 34.61 26.07 40.88
N SER G 85 33.84 26.91 41.57
CA SER G 85 32.47 26.53 41.91
C SER G 85 31.44 27.02 40.90
N THR G 86 31.88 27.81 39.92
CA THR G 86 30.98 28.48 38.99
C THR G 86 30.39 27.42 38.06
N LYS G 87 29.12 27.63 37.69
CA LYS G 87 28.41 26.64 36.84
C LYS G 87 28.36 27.08 35.37
N ILE G 88 28.07 26.14 34.46
CA ILE G 88 28.05 26.41 33.00
C ILE G 88 27.05 27.52 32.66
N PHE G 89 25.84 27.46 33.19
CA PHE G 89 24.84 28.49 32.78
C PHE G 89 25.54 29.83 32.82
N THR G 90 26.32 30.07 33.88
CA THR G 90 27.08 31.32 34.00
C THR G 90 28.22 31.29 33.01
N GLN G 91 29.06 30.26 33.08
CA GLN G 91 30.20 30.12 32.13
C GLN G 91 29.71 30.50 30.73
N LEU G 92 28.65 29.85 30.25
CA LEU G 92 28.16 30.11 28.87
C LEU G 92 28.01 31.58 28.48
N ARG G 93 27.32 32.36 29.30
CA ARG G 93 27.03 33.76 28.88
C ARG G 93 28.28 34.56 29.23
N LEU G 94 28.97 34.26 30.33
CA LEU G 94 30.19 35.09 30.57
C LEU G 94 31.13 34.84 29.39
N LEU G 95 31.21 33.59 28.91
CA LEU G 95 32.04 33.26 27.73
C LEU G 95 31.59 34.12 26.55
N VAL G 96 30.33 34.56 26.55
CA VAL G 96 29.85 35.46 25.46
C VAL G 96 29.89 36.91 25.95
N ARG G 97 29.60 37.17 27.23
CA ARG G 97 29.56 38.57 27.75
C ARG G 97 30.91 39.22 27.45
N GLU G 98 31.92 38.41 27.11
CA GLU G 98 33.23 38.91 26.75
C GLU G 98 33.50 38.84 25.24
N ALA G 99 32.72 38.00 24.54
CA ALA G 99 32.79 37.92 23.08
C ALA G 99 32.05 39.06 22.38
N LEU G 100 31.19 39.78 23.13
CA LEU G 100 30.45 40.93 22.63
C LEU G 100 31.19 41.82 21.63
N PRO G 101 32.42 42.30 21.91
CA PRO G 101 33.14 43.14 20.96
C PRO G 101 33.38 42.46 19.61
N LYS G 102 33.70 41.16 19.67
CA LYS G 102 33.98 40.39 18.47
C LYS G 102 32.71 40.25 17.63
N ILE G 103 31.57 40.05 18.30
CA ILE G 103 30.31 39.99 17.58
C ILE G 103 30.08 41.37 16.94
N HIS G 104 30.25 42.44 17.71
CA HIS G 104 30.00 43.77 17.19
C HIS G 104 30.88 44.04 15.96
N SER G 105 32.10 43.49 16.01
CA SER G 105 33.03 43.62 14.86
C SER G 105 32.64 42.61 13.76
N THR G 106 32.11 41.45 14.16
CA THR G 106 31.74 40.43 13.17
C THR G 106 30.54 40.87 12.37
N ILE G 107 29.76 41.77 12.94
CA ILE G 107 28.61 42.33 12.19
C ILE G 107 29.17 43.66 11.68
N ALA G 108 28.41 44.35 10.83
CA ALA G 108 28.89 45.60 10.22
C ALA G 108 29.93 45.21 9.18
N SER G 109 30.88 44.33 9.53
CA SER G 109 31.81 43.95 8.46
C SER G 109 31.15 43.05 7.42
N MET G 110 29.86 42.75 7.60
CA MET G 110 29.05 42.08 6.60
C MET G 110 28.82 42.97 5.39
N THR G 111 29.22 42.48 4.21
CA THR G 111 28.88 43.09 2.94
C THR G 111 27.38 43.26 2.70
N HIS G 112 26.62 42.17 2.85
CA HIS G 112 25.22 42.13 2.43
C HIS G 112 24.37 41.87 3.68
N ARG G 113 23.73 42.93 4.18
CA ARG G 113 23.14 42.92 5.50
C ARG G 113 22.12 41.80 5.69
N PRO G 114 22.00 41.24 6.92
CA PRO G 114 20.86 40.39 7.25
C PRO G 114 19.56 41.15 7.47
N ASP G 115 18.49 40.74 6.79
CA ASP G 115 17.18 41.34 7.00
C ASP G 115 16.62 40.96 8.37
N ALA G 116 17.17 39.90 8.95
CA ALA G 116 16.72 39.46 10.28
C ALA G 116 17.83 38.67 10.95
N LEU G 117 17.76 38.56 12.28
CA LEU G 117 18.77 37.72 12.95
C LEU G 117 18.07 36.88 14.02
N ILE G 118 18.36 35.58 14.08
CA ILE G 118 17.76 34.69 15.10
C ILE G 118 18.88 34.27 16.06
N VAL G 119 18.66 34.44 17.35
CA VAL G 119 19.74 34.13 18.34
C VAL G 119 19.34 32.90 19.16
N ASP G 120 20.30 32.31 19.88
CA ASP G 120 20.01 31.06 20.62
C ASP G 120 19.70 31.38 22.09
N ILE G 121 19.17 30.40 22.80
CA ILE G 121 18.80 30.59 24.23
C ILE G 121 19.91 31.36 24.95
N PHE G 122 21.17 31.14 24.58
CA PHE G 122 22.24 31.75 25.33
C PHE G 122 22.76 33.05 24.70
N CYS G 123 22.42 33.28 23.43
CA CYS G 123 22.93 34.46 22.74
C CYS G 123 21.95 35.61 22.77
N THR G 124 21.08 35.65 23.79
CA THR G 124 20.10 36.70 23.94
C THR G 124 20.69 38.12 24.13
N GLN G 125 21.97 38.18 24.51
CA GLN G 125 22.63 39.45 24.80
C GLN G 125 23.15 40.13 23.52
N ILE G 126 22.81 39.56 22.38
CA ILE G 126 23.24 40.17 21.09
C ILE G 126 22.07 41.01 20.59
N LEU G 127 21.21 41.43 21.51
CA LEU G 127 20.02 42.24 21.14
C LEU G 127 20.42 43.66 20.74
N PRO G 128 21.22 44.40 21.53
CA PRO G 128 21.72 45.73 21.12
C PRO G 128 22.12 45.66 19.65
N ILE G 129 22.96 44.66 19.37
CA ILE G 129 23.46 44.48 18.00
C ILE G 129 22.28 44.56 17.01
N ALA G 130 21.08 44.22 17.46
CA ALA G 130 19.94 44.15 16.52
C ALA G 130 19.20 45.48 16.57
N GLU G 131 19.20 46.09 17.75
CA GLU G 131 18.59 47.44 17.81
C GLU G 131 19.50 48.37 17.00
N GLU G 132 20.82 48.23 17.15
CA GLU G 132 21.71 49.05 16.33
C GLU G 132 21.56 48.33 15.00
N PHE G 133 21.78 49.03 13.90
CA PHE G 133 21.61 48.48 12.56
C PHE G 133 20.15 48.11 12.26
N ASN G 134 19.28 48.24 13.27
CA ASN G 134 17.84 48.16 13.10
C ASN G 134 17.41 46.92 12.32
N ILE G 135 17.62 45.74 12.92
CA ILE G 135 17.29 44.48 12.27
C ILE G 135 16.33 43.68 13.15
N SER G 136 15.39 42.99 12.49
CA SER G 136 14.42 42.12 13.13
C SER G 136 15.11 41.02 13.93
N LYS G 137 14.64 40.84 15.18
CA LYS G 137 15.33 40.00 16.16
C LYS G 137 14.41 38.95 16.75
N TYR G 138 14.87 37.68 16.80
CA TYR G 138 14.09 36.58 17.33
C TYR G 138 14.97 35.64 18.14
N THR G 139 14.39 34.99 19.17
CA THR G 139 15.16 34.00 19.92
C THR G 139 14.63 32.60 19.66
N TYR G 140 15.53 31.61 19.77
CA TYR G 140 15.21 30.21 19.58
C TYR G 140 15.34 29.46 20.90
N HIS G 141 14.20 29.17 21.53
CA HIS G 141 14.15 28.31 22.69
C HIS G 141 14.05 26.85 22.22
N PRO G 142 15.14 26.05 22.26
CA PRO G 142 15.12 24.69 21.67
C PRO G 142 14.60 23.65 22.64
N THR G 143 13.49 23.91 23.32
CA THR G 143 13.02 22.96 24.34
C THR G 143 11.54 23.19 24.62
N THR G 144 11.00 22.66 25.71
CA THR G 144 9.55 22.70 26.01
C THR G 144 8.97 24.07 26.23
N ALA G 145 7.81 24.35 25.63
CA ALA G 145 7.07 25.57 25.88
C ALA G 145 6.91 25.79 27.38
N TRP G 146 6.80 24.69 28.14
CA TRP G 146 6.64 24.75 29.58
C TRP G 146 7.81 25.45 30.24
N THR G 147 9.02 25.11 29.83
CA THR G 147 10.23 25.72 30.38
C THR G 147 10.38 27.17 29.96
N LEU G 148 9.85 27.51 28.77
CA LEU G 148 9.80 28.90 28.34
C LEU G 148 8.90 29.68 29.29
N ALA G 149 7.67 29.19 29.50
CA ALA G 149 6.72 29.80 30.40
C ALA G 149 7.32 29.99 31.79
N LEU G 150 8.04 28.97 32.27
CA LEU G 150 8.73 29.06 33.55
C LEU G 150 9.68 30.25 33.51
N ALA G 151 10.59 30.28 32.54
CA ALA G 151 11.58 31.37 32.48
C ALA G 151 10.90 32.73 32.64
N ILE G 152 9.90 33.01 31.81
CA ILE G 152 9.29 34.36 31.85
C ILE G 152 8.69 34.61 33.24
N TYR G 153 7.73 33.79 33.67
CA TYR G 153 7.06 34.08 34.96
C TYR G 153 8.06 33.99 36.07
N CYS G 154 9.29 33.57 35.78
CA CYS G 154 10.19 33.41 36.89
C CYS G 154 10.48 34.75 37.57
N GLN G 155 10.42 35.84 36.80
CA GLN G 155 10.60 37.18 37.34
C GLN G 155 9.54 37.55 38.36
N VAL G 156 8.33 36.99 38.21
CA VAL G 156 7.24 37.23 39.14
C VAL G 156 7.42 36.36 40.39
N PHE G 157 7.73 35.07 40.17
CA PHE G 157 8.04 34.15 41.25
C PHE G 157 9.13 34.69 42.18
N ASP G 158 10.15 35.32 41.56
CA ASP G 158 11.24 35.96 42.28
C ASP G 158 10.74 36.85 43.41
N LYS G 159 9.71 37.66 43.11
CA LYS G 159 9.16 38.61 44.06
C LYS G 159 8.12 37.97 44.98
N GLU G 160 7.36 37.01 44.47
CA GLU G 160 6.27 36.45 45.32
C GLU G 160 6.83 35.42 46.30
N ILE G 161 7.87 34.67 45.90
CA ILE G 161 8.39 33.58 46.78
C ILE G 161 9.68 34.06 47.47
N GLU G 162 9.73 33.94 48.80
CA GLU G 162 10.90 34.36 49.55
C GLU G 162 12.00 33.30 49.63
N GLY G 163 11.60 32.04 49.85
CA GLY G 163 12.54 30.92 49.96
C GLY G 163 13.17 30.49 48.64
N GLU G 164 14.06 29.50 48.71
CA GLU G 164 14.94 29.16 47.60
C GLU G 164 14.29 28.19 46.60
N TYR G 165 13.01 27.96 46.82
CA TYR G 165 12.13 27.22 45.91
C TYR G 165 12.16 25.70 45.88
N VAL G 166 13.09 25.10 46.64
CA VAL G 166 13.40 23.68 46.47
C VAL G 166 12.74 23.03 47.70
N GLU G 167 12.44 23.83 48.72
CA GLU G 167 11.91 23.34 49.98
C GLU G 167 10.40 23.48 50.11
N LEU G 168 9.75 24.05 49.09
CA LEU G 168 8.29 24.31 49.19
C LEU G 168 7.52 22.99 49.26
N LYS G 169 6.38 22.98 49.94
CA LYS G 169 5.53 21.76 49.98
C LYS G 169 4.39 21.98 48.98
N GLU G 170 4.15 23.24 48.61
CA GLU G 170 3.12 23.54 47.61
C GLU G 170 3.81 23.74 46.25
N PRO G 171 3.18 23.38 45.12
CA PRO G 171 3.81 23.48 43.78
C PRO G 171 3.82 24.89 43.26
N LEU G 172 4.60 25.12 42.20
CA LEU G 172 4.62 26.42 41.54
C LEU G 172 3.54 26.45 40.47
N LYS G 173 2.67 27.47 40.55
CA LYS G 173 1.55 27.61 39.63
C LYS G 173 1.90 28.65 38.58
N ILE G 174 2.20 28.19 37.35
CA ILE G 174 2.45 29.10 36.24
C ILE G 174 1.08 29.38 35.63
N PRO G 175 0.70 30.67 35.43
CA PRO G 175 -0.70 31.05 35.20
C PRO G 175 -1.54 30.12 34.35
N GLY G 176 -1.11 29.76 33.14
CA GLY G 176 -2.00 28.95 32.29
C GLY G 176 -1.41 27.61 31.95
N CYS G 177 -0.36 27.20 32.64
CA CYS G 177 0.33 25.94 32.29
C CYS G 177 0.17 24.91 33.42
N LYS G 178 1.06 23.92 33.48
CA LYS G 178 0.94 22.84 34.49
C LYS G 178 1.44 23.33 35.84
N ALA G 179 1.35 22.47 36.85
CA ALA G 179 1.89 22.85 38.14
C ALA G 179 3.25 22.19 38.30
N LEU G 180 4.27 23.00 38.64
CA LEU G 180 5.63 22.52 38.71
C LEU G 180 5.98 22.09 40.14
N ARG G 181 6.23 20.79 40.33
CA ARG G 181 6.62 20.25 41.62
C ARG G 181 8.02 20.76 41.97
N PRO G 182 8.26 21.22 43.21
CA PRO G 182 9.54 21.82 43.58
C PRO G 182 10.77 20.99 43.21
N ASP G 183 10.64 19.66 43.31
CA ASP G 183 11.75 18.76 43.01
C ASP G 183 12.14 18.77 41.53
N ASP G 184 11.18 19.06 40.65
CA ASP G 184 11.40 18.99 39.22
C ASP G 184 11.82 20.31 38.59
N VAL G 185 12.32 21.25 39.40
CA VAL G 185 12.73 22.56 38.90
C VAL G 185 14.02 22.49 38.07
N VAL G 186 14.17 23.46 37.16
CA VAL G 186 15.39 23.59 36.37
C VAL G 186 16.58 23.88 37.27
N ASP G 187 17.78 23.48 36.82
CA ASP G 187 18.99 23.64 37.60
C ASP G 187 19.21 25.03 38.19
N PRO G 188 19.01 26.14 37.43
CA PRO G 188 19.19 27.47 37.97
C PRO G 188 18.40 27.78 39.25
N LEU G 189 17.26 27.12 39.44
CA LEU G 189 16.41 27.36 40.60
C LEU G 189 16.74 26.49 41.82
N LEU G 190 17.78 25.66 41.70
CA LEU G 190 18.19 24.81 42.82
C LEU G 190 18.83 25.62 43.94
N ASP G 191 19.59 26.67 43.58
CA ASP G 191 20.16 27.57 44.56
C ASP G 191 20.01 29.01 44.10
N ARG G 192 19.26 29.80 44.88
CA ARG G 192 19.03 31.21 44.58
C ARG G 192 20.24 32.09 44.89
N SER G 193 21.08 31.61 45.79
CA SER G 193 22.34 32.25 46.15
C SER G 193 23.47 31.71 45.27
N ASP G 194 23.16 31.36 44.03
CA ASP G 194 24.16 31.10 43.01
C ASP G 194 23.84 32.04 41.85
N GLN G 195 24.89 32.60 41.24
CA GLN G 195 24.77 33.63 40.23
C GLN G 195 23.95 33.22 39.00
N GLN G 196 23.87 31.90 38.76
CA GLN G 196 23.14 31.38 37.62
C GLN G 196 21.64 31.68 37.74
N TYR G 197 21.14 31.76 38.98
CA TYR G 197 19.75 32.12 39.22
C TYR G 197 19.44 33.51 38.69
N GLU G 198 20.27 34.49 39.08
CA GLU G 198 20.09 35.87 38.63
C GLU G 198 20.19 35.95 37.11
N GLU G 199 21.14 35.20 36.54
CA GLU G 199 21.28 35.12 35.09
C GLU G 199 20.02 34.54 34.46
N TYR G 200 19.44 33.52 35.12
CA TYR G 200 18.24 32.88 34.63
C TYR G 200 17.06 33.84 34.53
N VAL G 201 16.77 34.55 35.62
CA VAL G 201 15.64 35.48 35.65
C VAL G 201 15.90 36.61 34.63
N LYS G 202 17.17 37.03 34.53
CA LYS G 202 17.58 38.00 33.53
C LYS G 202 17.26 37.51 32.13
N LEU G 203 17.54 36.23 31.89
CA LEU G 203 17.26 35.60 30.60
C LEU G 203 15.76 35.63 30.30
N GLY G 204 14.96 35.23 31.29
CA GLY G 204 13.52 35.29 31.21
C GLY G 204 13.01 36.64 30.74
N LYS G 205 13.59 37.72 31.30
CA LYS G 205 13.23 39.07 30.91
C LYS G 205 13.68 39.41 29.49
N GLU G 206 14.89 38.95 29.13
CA GLU G 206 15.46 39.25 27.82
C GLU G 206 14.59 38.69 26.69
N TYR G 207 14.07 37.48 26.89
CA TYR G 207 13.15 36.88 25.92
C TYR G 207 12.12 37.87 25.42
N THR G 208 11.34 38.45 26.35
CA THR G 208 10.23 39.30 26.00
C THR G 208 10.58 40.49 25.10
N ASP G 209 11.86 40.88 25.11
CA ASP G 209 12.32 42.03 24.33
C ASP G 209 12.47 41.75 22.85
N PHE G 210 12.52 40.47 22.46
CA PHE G 210 12.62 40.09 21.07
C PHE G 210 11.29 40.24 20.35
N ASP G 211 11.34 40.18 19.00
CA ASP G 211 10.17 40.34 18.16
C ASP G 211 9.37 39.05 17.97
N GLY G 212 9.83 37.96 18.59
CA GLY G 212 9.15 36.68 18.50
C GLY G 212 10.04 35.55 19.01
N ILE G 213 9.40 34.49 19.51
CA ILE G 213 10.13 33.40 20.14
C ILE G 213 9.80 32.06 19.50
N LEU G 214 10.86 31.36 19.06
CA LEU G 214 10.69 30.05 18.38
C LEU G 214 10.83 28.92 19.41
N ILE G 215 10.03 27.86 19.27
CA ILE G 215 10.09 26.71 20.22
C ILE G 215 10.10 25.40 19.43
N ASN G 216 11.14 24.60 19.60
CA ASN G 216 11.24 23.29 18.90
C ASN G 216 10.18 22.58 19.74
N THR G 217 8.90 22.66 19.38
CA THR G 217 7.91 21.83 20.04
C THR G 217 6.84 21.97 18.96
N TRP G 218 5.67 21.39 19.21
CA TRP G 218 4.52 21.62 18.33
C TRP G 218 3.22 21.63 19.11
N GLU G 219 2.21 22.29 18.54
CA GLU G 219 0.96 22.59 19.23
C GLU G 219 0.35 21.35 19.88
N ASP G 220 0.26 20.26 19.11
CA ASP G 220 -0.36 19.04 19.58
C ASP G 220 0.32 18.45 20.81
N LEU G 221 1.62 18.74 20.99
CA LEU G 221 2.36 18.26 22.15
C LEU G 221 1.95 19.02 23.41
N GLU G 222 1.97 20.36 23.35
CA GLU G 222 1.67 21.20 24.49
C GLU G 222 0.60 22.25 24.18
N PRO G 223 -0.66 21.83 23.90
CA PRO G 223 -1.66 22.78 23.43
C PRO G 223 -2.03 23.85 24.45
N GLU G 224 -2.21 23.43 25.71
CA GLU G 224 -2.60 24.35 26.78
C GLU G 224 -1.50 25.38 27.06
N THR G 225 -0.25 24.90 27.13
CA THR G 225 0.88 25.75 27.47
C THR G 225 1.10 26.81 26.40
N ILE G 226 1.01 26.41 25.12
CA ILE G 226 1.19 27.34 24.02
C ILE G 226 0.05 28.35 24.01
N ASN G 227 -1.19 27.84 24.17
CA ASN G 227 -2.35 28.73 24.23
C ASN G 227 -2.22 29.71 25.40
N ALA G 228 -1.68 29.22 26.52
CA ALA G 228 -1.42 30.07 27.67
C ALA G 228 -0.45 31.21 27.30
N LEU G 229 0.65 30.85 26.65
CA LEU G 229 1.64 31.82 26.19
C LEU G 229 1.00 32.87 25.28
N ARG G 230 0.06 32.42 24.44
CA ARG G 230 -0.59 33.32 23.49
C ARG G 230 -1.66 34.21 24.12
N TYR G 231 -2.41 33.68 25.08
CA TYR G 231 -3.66 34.32 25.50
C TYR G 231 -3.89 34.54 27.00
N ASN G 232 -3.25 33.76 27.88
CA ASN G 232 -3.41 33.95 29.31
C ASN G 232 -3.10 35.40 29.66
N GLU G 233 -4.04 36.06 30.37
CA GLU G 233 -3.93 37.48 30.64
C GLU G 233 -2.67 37.76 31.46
N LYS G 234 -2.45 36.98 32.53
CA LYS G 234 -1.30 37.18 33.41
C LYS G 234 0.00 37.08 32.62
N LEU G 235 0.13 36.02 31.82
CA LEU G 235 1.34 35.81 31.03
C LEU G 235 1.53 36.90 29.97
N ARG G 236 0.44 37.30 29.32
CA ARG G 236 0.50 38.27 28.23
C ARG G 236 0.80 39.69 28.72
N LEU G 237 0.65 39.92 30.02
CA LEU G 237 1.13 41.14 30.65
C LEU G 237 2.66 41.24 30.57
N LEU G 238 3.32 40.08 30.49
CA LEU G 238 4.77 40.00 30.43
C LEU G 238 5.31 39.79 29.01
N LEU G 239 4.61 39.00 28.19
CA LEU G 239 5.17 38.52 26.93
C LEU G 239 5.00 39.52 25.80
N LYS G 240 3.76 39.72 25.33
CA LYS G 240 3.42 40.77 24.36
C LYS G 240 3.94 40.61 22.92
N VAL G 241 4.51 39.44 22.58
CA VAL G 241 5.03 39.19 21.24
C VAL G 241 4.69 37.76 20.83
N PRO G 242 4.64 37.42 19.52
CA PRO G 242 4.22 36.08 19.09
C PRO G 242 5.18 34.96 19.45
N VAL G 243 4.64 33.74 19.50
CA VAL G 243 5.39 32.52 19.70
C VAL G 243 5.26 31.65 18.45
N PHE G 244 6.31 30.88 18.14
CA PHE G 244 6.38 30.08 16.92
C PHE G 244 6.81 28.65 17.22
N PRO G 245 5.82 27.72 17.41
CA PRO G 245 6.13 26.28 17.53
C PRO G 245 6.58 25.77 16.18
N ILE G 246 7.87 25.47 16.03
CA ILE G 246 8.37 25.10 14.68
C ILE G 246 8.90 23.67 14.68
N GLY G 247 8.69 22.91 15.75
CA GLY G 247 9.29 21.57 15.82
C GLY G 247 8.31 20.47 15.55
N PRO G 248 8.68 19.19 15.72
CA PRO G 248 9.99 18.83 16.26
C PRO G 248 11.08 18.68 15.20
N LEU G 249 12.14 19.48 15.32
CA LEU G 249 13.27 19.44 14.40
C LEU G 249 14.36 18.52 14.95
N ARG G 250 15.09 17.85 14.06
CA ARG G 250 16.14 16.92 14.46
C ARG G 250 17.09 16.62 13.30
N ARG G 251 18.26 16.06 13.65
CA ARG G 251 19.24 15.63 12.66
C ARG G 251 18.66 14.65 11.66
N LYS G 252 19.29 14.59 10.48
CA LYS G 252 18.98 13.58 9.49
C LYS G 252 19.73 12.29 9.76
N VAL G 253 19.18 11.21 9.22
CA VAL G 253 19.71 9.87 9.35
C VAL G 253 20.69 9.63 8.20
N GLU G 254 21.42 8.51 8.26
CA GLU G 254 22.31 8.07 7.19
C GLU G 254 22.03 6.70 6.55
N THR G 255 22.99 6.22 5.75
CA THR G 255 23.03 4.84 5.28
C THR G 255 24.26 4.09 5.81
N THR G 256 24.42 4.08 7.13
CA THR G 256 25.58 3.53 7.79
C THR G 256 25.35 2.10 8.29
N LEU G 257 26.41 1.31 8.30
CA LEU G 257 26.29 0.00 8.96
C LEU G 257 27.22 0.10 10.16
N ASN G 258 27.50 1.34 10.59
CA ASN G 258 28.34 1.63 11.79
C ASN G 258 29.66 0.92 11.99
N ASP G 259 29.84 0.35 13.17
CA ASP G 259 31.06 -0.45 13.39
C ASP G 259 30.30 -1.75 13.56
N GLU G 260 29.37 -2.01 12.63
CA GLU G 260 28.55 -3.25 12.78
C GLU G 260 27.50 -3.15 13.90
N VAL G 261 27.38 -2.01 14.56
CA VAL G 261 26.29 -1.88 15.56
C VAL G 261 25.00 -2.13 14.78
N ILE G 262 24.84 -1.45 13.66
CA ILE G 262 23.67 -1.62 12.83
C ILE G 262 23.58 -3.07 12.36
N GLN G 263 24.72 -3.68 12.06
CA GLN G 263 24.76 -5.08 11.64
C GLN G 263 24.35 -6.01 12.78
N TRP G 264 24.76 -5.71 14.00
CA TRP G 264 24.30 -6.41 15.17
C TRP G 264 22.79 -6.30 15.27
N LEU G 265 22.31 -5.05 15.28
CA LEU G 265 20.89 -4.75 15.37
C LEU G 265 20.07 -5.49 14.31
N ASP G 266 20.63 -5.61 13.09
CA ASP G 266 19.97 -6.32 12.00
C ASP G 266 19.69 -7.78 12.30
N LYS G 267 20.43 -8.37 13.24
CA LYS G 267 20.26 -9.77 13.59
C LYS G 267 19.23 -9.97 14.70
N GLN G 268 18.70 -8.87 15.27
CA GLN G 268 17.73 -8.95 16.34
C GLN G 268 16.30 -8.79 15.82
N ASN G 269 15.33 -9.14 16.66
CA ASN G 269 13.92 -9.03 16.34
C ASN G 269 13.45 -7.58 16.47
N ASN G 270 12.26 -7.29 15.90
CA ASN G 270 11.73 -5.95 15.91
C ASN G 270 11.41 -5.50 17.34
N GLU G 271 11.70 -4.22 17.61
CA GLU G 271 11.41 -3.60 18.90
C GLU G 271 11.83 -4.47 20.09
N SER G 272 13.02 -5.07 20.00
CA SER G 272 13.51 -5.98 21.02
C SER G 272 14.79 -5.51 21.73
N VAL G 273 15.33 -4.37 21.30
CA VAL G 273 16.57 -3.87 21.86
C VAL G 273 16.32 -2.59 22.65
N LEU G 274 16.98 -2.47 23.81
CA LEU G 274 16.92 -1.27 24.62
C LEU G 274 18.19 -0.46 24.44
N PHE G 275 18.05 0.77 23.97
CA PHE G 275 19.17 1.68 23.83
C PHE G 275 19.34 2.47 25.13
N VAL G 276 20.57 2.48 25.68
CA VAL G 276 20.86 3.24 26.88
C VAL G 276 21.91 4.32 26.58
N SER G 277 21.49 5.59 26.74
CA SER G 277 22.38 6.73 26.56
C SER G 277 21.98 7.92 27.43
N PHE G 278 23.00 8.50 28.07
CA PHE G 278 22.77 9.61 29.05
C PHE G 278 23.14 10.94 28.42
N GLY G 279 23.38 10.97 27.12
CA GLY G 279 23.57 12.26 26.43
C GLY G 279 24.92 12.88 26.54
N SER G 280 25.65 13.00 25.44
CA SER G 280 26.94 13.72 25.40
C SER G 280 27.77 13.36 26.64
N GLY G 281 28.11 14.35 27.46
CA GLY G 281 28.80 14.03 28.73
C GLY G 281 28.12 13.40 29.92
N GLY G 282 26.86 13.01 29.74
CA GLY G 282 26.16 12.32 30.82
C GLY G 282 27.01 11.21 31.37
N THR G 283 27.22 11.21 32.67
CA THR G 283 28.01 10.19 33.35
C THR G 283 27.41 9.87 34.72
N LEU G 284 27.49 8.58 35.10
CA LEU G 284 26.94 8.09 36.36
C LEU G 284 28.01 7.98 37.43
N SER G 285 27.58 7.66 38.66
CA SER G 285 28.48 7.26 39.72
C SER G 285 28.93 5.83 39.51
N THR G 286 30.03 5.46 40.17
CA THR G 286 30.54 4.10 40.12
C THR G 286 29.48 3.11 40.61
N LYS G 287 28.84 3.45 41.73
CA LYS G 287 27.82 2.59 42.32
C LYS G 287 26.59 2.48 41.41
N GLN G 288 26.15 3.62 40.88
CA GLN G 288 24.98 3.65 40.03
C GLN G 288 25.24 2.86 38.75
N MET G 289 26.46 2.98 38.21
CA MET G 289 26.82 2.33 36.97
C MET G 289 26.90 0.81 37.16
N THR G 290 27.44 0.37 38.30
CA THR G 290 27.50 -1.06 38.60
C THR G 290 26.09 -1.65 38.74
N GLU G 291 25.21 -0.93 39.44
CA GLU G 291 23.83 -1.37 39.61
C GLU G 291 23.08 -1.41 38.29
N LEU G 292 23.36 -0.42 37.42
CA LEU G 292 22.79 -0.39 36.08
C LEU G 292 23.23 -1.63 35.32
N ALA G 293 24.54 -1.83 35.23
CA ALA G 293 25.10 -2.98 34.53
C ALA G 293 24.36 -4.25 34.91
N TRP G 294 24.28 -4.51 36.22
CA TRP G 294 23.56 -5.67 36.71
C TRP G 294 22.12 -5.68 36.21
N GLY G 295 21.39 -4.59 36.42
CA GLY G 295 20.03 -4.46 35.93
C GLY G 295 19.81 -4.96 34.50
N LEU G 296 20.69 -4.53 33.58
CA LEU G 296 20.62 -4.93 32.19
C LEU G 296 20.88 -6.43 31.99
N GLU G 297 21.78 -6.99 32.79
CA GLU G 297 22.07 -8.41 32.74
C GLU G 297 20.84 -9.20 33.18
N LEU G 298 20.32 -8.85 34.37
CA LEU G 298 19.24 -9.58 35.00
C LEU G 298 17.94 -9.49 34.20
N SER G 299 17.75 -8.38 33.48
CA SER G 299 16.58 -8.22 32.64
C SER G 299 16.46 -9.29 31.57
N GLN G 300 17.59 -9.89 31.19
CA GLN G 300 17.63 -10.88 30.12
C GLN G 300 17.13 -10.27 28.82
N GLN G 301 17.28 -8.96 28.69
CA GLN G 301 16.84 -8.22 27.52
C GLN G 301 18.06 -7.79 26.71
N LYS G 302 17.84 -7.61 25.40
CA LYS G 302 18.91 -7.19 24.51
C LYS G 302 19.07 -5.69 24.58
N PHE G 303 20.33 -5.23 24.54
CA PHE G 303 20.62 -3.81 24.73
C PHE G 303 21.84 -3.31 23.96
N VAL G 304 21.84 -2.00 23.72
CA VAL G 304 23.02 -1.26 23.27
C VAL G 304 23.27 -0.19 24.33
N TRP G 305 24.43 -0.26 24.99
CA TRP G 305 24.74 0.67 26.07
C TRP G 305 25.94 1.55 25.71
N VAL G 306 25.68 2.85 25.48
CA VAL G 306 26.75 3.83 25.33
C VAL G 306 27.35 4.11 26.72
N VAL G 307 28.63 3.77 26.90
CA VAL G 307 29.27 3.85 28.20
C VAL G 307 30.41 4.88 28.20
N ARG G 308 30.51 5.65 29.29
CA ARG G 308 31.65 6.49 29.57
C ARG G 308 32.18 6.17 30.96
N PRO G 309 33.41 6.59 31.32
CA PRO G 309 33.90 6.41 32.69
C PRO G 309 33.04 7.13 33.73
N PRO G 310 32.84 6.54 34.93
CA PRO G 310 32.02 7.16 35.97
C PRO G 310 32.62 8.44 36.53
N SER G 311 31.82 9.20 37.29
CA SER G 311 32.21 10.50 37.79
C SER G 311 32.51 10.57 39.28
N ASP G 312 31.52 10.26 40.12
CA ASP G 312 31.66 10.39 41.57
C ASP G 312 31.85 11.84 41.93
N THR G 327 43.25 7.53 30.19
CA THR G 327 43.57 6.14 29.88
C THR G 327 42.46 5.22 30.36
N ARG G 328 41.23 5.50 29.96
CA ARG G 328 40.12 4.69 30.52
C ARG G 328 39.64 3.65 29.50
N ASP G 329 40.04 2.39 29.66
CA ASP G 329 39.47 1.33 28.80
C ASP G 329 38.08 1.07 29.35
N MET G 330 37.26 0.28 28.67
CA MET G 330 35.88 0.15 29.19
C MET G 330 35.84 -1.08 30.12
N SER G 331 36.84 -1.96 30.01
CA SER G 331 36.91 -3.16 30.88
C SER G 331 36.88 -2.76 32.34
N GLU G 332 37.34 -1.56 32.66
CA GLU G 332 37.38 -1.20 34.10
C GLU G 332 36.01 -0.70 34.52
N TYR G 333 35.83 -0.47 35.82
CA TYR G 333 34.58 0.14 36.33
C TYR G 333 33.33 -0.65 35.88
N LEU G 334 33.45 -1.95 35.65
CA LEU G 334 32.25 -2.77 35.33
C LEU G 334 32.34 -4.11 36.05
N PRO G 335 31.22 -4.78 36.39
CA PRO G 335 31.29 -6.12 36.97
C PRO G 335 32.21 -7.05 36.20
N GLU G 336 33.11 -7.72 36.91
CA GLU G 336 34.11 -8.54 36.24
C GLU G 336 33.32 -9.67 35.57
N GLY G 337 33.65 -9.94 34.30
CA GLY G 337 32.98 -10.97 33.53
C GLY G 337 31.75 -10.49 32.75
N PHE G 338 31.34 -9.24 33.00
CA PHE G 338 30.15 -8.69 32.36
C PHE G 338 30.11 -9.01 30.86
N LEU G 339 31.17 -8.62 30.15
CA LEU G 339 31.18 -8.66 28.70
C LEU G 339 31.04 -10.08 28.17
N THR G 340 31.61 -11.06 28.89
CA THR G 340 31.52 -12.46 28.50
C THR G 340 30.15 -13.05 28.86
N ARG G 341 29.56 -12.62 29.98
CA ARG G 341 28.24 -13.07 30.38
C ARG G 341 27.16 -12.50 29.47
N THR G 342 27.32 -11.21 29.10
CA THR G 342 26.35 -10.50 28.29
C THR G 342 26.61 -10.60 26.79
N LYS G 343 27.54 -11.49 26.41
CA LYS G 343 27.89 -11.68 25.02
C LYS G 343 26.66 -12.29 24.36
N ASP G 344 26.33 -11.76 23.19
CA ASP G 344 25.17 -12.17 22.40
C ASP G 344 23.84 -11.61 22.90
N MET G 345 23.84 -10.96 24.06
CA MET G 345 22.64 -10.37 24.61
C MET G 345 22.72 -8.85 24.48
N GLY G 346 23.85 -8.29 24.91
CA GLY G 346 24.06 -6.85 24.89
C GLY G 346 25.17 -6.41 23.94
N LEU G 347 25.39 -5.10 23.90
CA LEU G 347 26.44 -4.52 23.10
C LEU G 347 26.85 -3.22 23.78
N VAL G 348 28.09 -3.19 24.29
CA VAL G 348 28.56 -2.06 25.07
C VAL G 348 29.50 -1.22 24.21
N VAL G 349 29.04 -0.02 23.87
CA VAL G 349 29.80 0.83 22.91
C VAL G 349 30.50 1.97 23.65
N PRO G 350 31.84 2.11 23.57
CA PRO G 350 32.55 3.13 24.36
C PRO G 350 32.24 4.55 23.90
N MET G 351 32.25 5.48 24.85
CA MET G 351 32.12 6.91 24.53
C MET G 351 30.92 7.04 23.58
N TRP G 352 31.06 7.70 22.45
CA TRP G 352 29.88 8.00 21.59
C TRP G 352 29.40 7.01 20.53
N ALA G 353 28.12 7.11 20.15
CA ALA G 353 27.57 6.26 19.09
C ALA G 353 26.54 7.01 18.26
N ASN G 354 26.15 6.44 17.13
CA ASN G 354 25.25 7.11 16.20
C ASN G 354 23.79 6.95 16.61
N GLN G 355 23.36 7.83 17.52
CA GLN G 355 22.09 7.71 18.22
C GLN G 355 20.90 7.71 17.25
N VAL G 356 20.90 8.66 16.31
CA VAL G 356 19.78 8.82 15.40
C VAL G 356 19.60 7.58 14.52
N GLU G 357 20.72 6.99 14.09
CA GLU G 357 20.70 5.83 13.22
C GLU G 357 20.29 4.57 13.99
N ILE G 358 20.71 4.48 15.25
CA ILE G 358 20.22 3.44 16.15
C ILE G 358 18.71 3.54 16.32
N LEU G 359 18.26 4.66 16.90
CA LEU G 359 16.86 4.88 17.21
C LEU G 359 15.91 4.64 16.05
N SER G 360 16.36 4.90 14.83
CA SER G 360 15.57 4.65 13.63
C SER G 360 15.48 3.17 13.26
N HIS G 361 16.30 2.34 13.90
CA HIS G 361 16.40 0.93 13.51
C HIS G 361 15.26 0.08 14.06
N SER G 362 14.70 -0.77 13.19
CA SER G 362 13.50 -1.54 13.52
C SER G 362 13.63 -2.37 14.79
N SER G 363 14.83 -2.86 15.06
CA SER G 363 15.09 -3.69 16.22
C SER G 363 15.16 -2.93 17.55
N VAL G 364 15.13 -1.60 17.52
CA VAL G 364 15.18 -0.80 18.74
C VAL G 364 13.76 -0.51 19.24
N GLY G 365 13.46 -0.96 20.47
CA GLY G 365 12.12 -0.83 21.01
C GLY G 365 12.05 -0.22 22.41
N GLY G 366 13.06 0.58 22.74
CA GLY G 366 13.08 1.31 24.00
C GLY G 366 14.34 2.14 24.19
N PHE G 367 14.21 3.21 24.99
CA PHE G 367 15.31 4.14 25.20
C PHE G 367 15.38 4.61 26.65
N LEU G 368 16.40 4.12 27.38
CA LEU G 368 16.73 4.65 28.70
C LEU G 368 17.52 5.93 28.44
N THR G 369 16.89 7.06 28.78
CA THR G 369 17.44 8.36 28.41
C THR G 369 17.48 9.33 29.58
N HIS G 370 18.31 10.37 29.43
CA HIS G 370 18.44 11.43 30.42
C HIS G 370 17.42 12.54 30.20
N CYS G 371 16.70 12.45 29.06
CA CYS G 371 15.58 13.33 28.74
C CYS G 371 16.01 14.70 28.24
N GLY G 372 17.24 14.79 27.71
CA GLY G 372 17.63 15.93 26.91
C GLY G 372 16.67 16.08 25.73
N TRP G 373 16.28 17.31 25.42
CA TRP G 373 15.19 17.53 24.48
C TRP G 373 15.49 16.95 23.09
N ASN G 374 16.76 17.00 22.66
CA ASN G 374 17.12 16.45 21.37
C ASN G 374 17.02 14.93 21.37
N SER G 375 17.52 14.29 22.45
CA SER G 375 17.33 12.87 22.63
C SER G 375 15.85 12.49 22.55
N THR G 376 15.03 13.21 23.31
CA THR G 376 13.60 12.94 23.37
C THR G 376 12.90 13.09 22.02
N VAL G 377 13.22 14.17 21.29
CA VAL G 377 12.64 14.41 19.98
C VAL G 377 13.05 13.31 19.01
N GLU G 378 14.34 12.93 19.06
CA GLU G 378 14.85 11.85 18.23
C GLU G 378 14.14 10.53 18.52
N SER G 379 13.80 10.29 19.79
CA SER G 379 13.11 9.09 20.20
C SER G 379 11.62 9.11 19.86
N LEU G 380 10.97 10.26 20.04
CA LEU G 380 9.54 10.38 19.77
C LEU G 380 9.23 10.37 18.28
N THR G 381 10.06 11.05 17.48
CA THR G 381 9.92 11.00 16.03
C THR G 381 10.04 9.59 15.47
N ASN G 382 10.74 8.72 16.21
CA ASN G 382 10.84 7.31 15.89
C ASN G 382 9.82 6.38 16.54
N GLY G 383 8.96 6.87 17.44
CA GLY G 383 7.97 5.98 18.03
C GLY G 383 8.52 5.05 19.11
N VAL G 384 9.77 5.31 19.51
CA VAL G 384 10.40 4.62 20.63
C VAL G 384 9.96 5.18 21.99
N PRO G 385 9.48 4.28 22.90
CA PRO G 385 9.14 4.65 24.29
C PRO G 385 10.40 4.85 25.11
N MET G 386 10.28 5.37 26.33
CA MET G 386 11.51 5.71 27.08
C MET G 386 11.48 5.37 28.58
N ILE G 387 12.64 5.30 29.22
CA ILE G 387 12.76 5.18 30.71
C ILE G 387 13.45 6.49 31.13
N ALA G 388 12.69 7.45 31.63
CA ALA G 388 13.17 8.79 31.96
C ALA G 388 14.12 8.68 33.13
N TRP G 389 15.26 9.37 33.01
CA TRP G 389 16.35 9.33 33.97
C TRP G 389 17.00 10.70 33.99
N PRO G 390 16.29 11.74 34.48
CA PRO G 390 16.78 13.12 34.36
C PRO G 390 17.96 13.41 35.28
N LEU G 391 18.89 14.24 34.78
CA LEU G 391 20.14 14.53 35.50
C LEU G 391 20.35 16.03 35.73
N HIS G 392 20.26 16.83 34.66
CA HIS G 392 20.59 18.26 34.74
C HIS G 392 19.67 19.12 33.88
N ALA G 393 19.90 20.43 33.88
CA ALA G 393 19.11 21.39 33.11
C ALA G 393 17.62 21.23 33.39
N GLU G 394 16.80 21.24 32.33
CA GLU G 394 15.36 21.12 32.45
C GLU G 394 14.88 19.69 32.30
N GLN G 395 15.81 18.73 32.38
CA GLN G 395 15.51 17.33 32.10
C GLN G 395 14.44 16.78 33.03
N LYS G 396 14.37 17.30 34.26
CA LYS G 396 13.40 16.85 35.25
C LYS G 396 11.98 17.24 34.85
N MET G 397 11.84 18.46 34.33
CA MET G 397 10.57 18.92 33.79
C MET G 397 10.17 18.12 32.55
N ASN G 398 11.15 17.80 31.70
CA ASN G 398 10.93 16.99 30.52
C ASN G 398 10.45 15.59 30.89
N ALA G 399 11.13 14.99 31.88
CA ALA G 399 10.77 13.69 32.39
C ALA G 399 9.34 13.69 32.94
N ALA G 400 9.01 14.73 33.71
CA ALA G 400 7.66 14.89 34.24
C ALA G 400 6.63 14.86 33.11
N MET G 401 6.89 15.66 32.08
CA MET G 401 6.00 15.77 30.95
C MET G 401 5.80 14.44 30.24
N LEU G 402 6.92 13.75 29.95
CA LEU G 402 6.89 12.47 29.25
C LEU G 402 6.11 11.39 29.98
N THR G 403 6.26 11.33 31.31
CA THR G 403 5.67 10.27 32.11
C THR G 403 4.22 10.58 32.49
N GLU G 404 4.02 11.78 33.06
CA GLU G 404 2.71 12.15 33.59
C GLU G 404 1.74 12.48 32.47
N GLU G 405 2.02 13.55 31.73
CA GLU G 405 1.10 14.09 30.75
C GLU G 405 1.00 13.22 29.49
N LEU G 406 2.14 12.91 28.87
CA LEU G 406 2.16 12.26 27.57
C LEU G 406 2.01 10.74 27.65
N GLY G 407 2.49 10.15 28.75
CA GLY G 407 2.40 8.72 28.97
C GLY G 407 3.21 7.89 27.98
N VAL G 408 4.40 8.39 27.63
CA VAL G 408 5.28 7.72 26.67
C VAL G 408 6.57 7.26 27.34
N ALA G 409 6.60 7.31 28.68
CA ALA G 409 7.79 6.96 29.43
C ALA G 409 7.45 6.49 30.84
N ILE G 410 8.36 5.71 31.43
CA ILE G 410 8.26 5.31 32.83
C ILE G 410 9.50 5.81 33.55
N ARG G 411 9.45 5.84 34.89
CA ARG G 411 10.56 6.34 35.69
C ARG G 411 10.68 5.59 37.01
N PRO G 412 11.80 5.73 37.74
CA PRO G 412 11.93 5.12 39.06
C PRO G 412 11.08 5.82 40.11
N ALA G 413 10.70 5.07 41.16
CA ALA G 413 9.86 5.57 42.22
C ALA G 413 10.40 6.88 42.78
N VAL G 414 11.71 6.90 43.06
CA VAL G 414 12.41 8.10 43.49
C VAL G 414 13.31 8.61 42.37
N LEU G 415 13.50 9.93 42.32
CA LEU G 415 14.38 10.54 41.33
C LEU G 415 15.78 9.93 41.44
N PRO G 416 16.47 9.62 40.32
CA PRO G 416 17.81 9.04 40.39
C PRO G 416 18.83 9.99 41.01
N THR G 417 18.67 11.30 40.72
CA THR G 417 19.51 12.34 41.29
C THR G 417 19.42 12.45 42.82
N LYS G 418 18.33 11.94 43.41
CA LYS G 418 18.15 11.97 44.85
C LYS G 418 18.62 10.68 45.53
N LYS G 419 18.39 9.53 44.87
CA LYS G 419 18.65 8.24 45.48
C LYS G 419 19.15 7.21 44.45
N LEU G 420 19.98 6.29 44.90
CA LEU G 420 20.52 5.23 44.06
C LEU G 420 19.44 4.27 43.61
N VAL G 421 19.33 4.06 42.28
CA VAL G 421 18.43 3.09 41.69
C VAL G 421 19.16 1.74 41.69
N LYS G 422 18.63 0.77 42.42
CA LYS G 422 19.23 -0.56 42.51
C LYS G 422 18.83 -1.46 41.35
N ARG G 423 19.59 -2.54 41.19
CA ARG G 423 19.48 -3.45 40.05
C ARG G 423 18.09 -4.04 39.84
N GLU G 424 17.38 -4.36 40.93
CA GLU G 424 16.08 -5.00 40.82
C GLU G 424 15.08 -4.04 40.17
N GLU G 425 15.11 -2.77 40.61
CA GLU G 425 14.24 -1.75 40.06
C GLU G 425 14.51 -1.56 38.57
N ILE G 426 15.80 -1.49 38.21
CA ILE G 426 16.20 -1.30 36.82
C ILE G 426 15.71 -2.46 35.95
N GLN G 427 16.09 -3.68 36.34
CA GLN G 427 15.70 -4.88 35.62
C GLN G 427 14.17 -4.95 35.48
N GLY G 428 13.45 -4.37 36.41
CA GLY G 428 12.00 -4.36 36.20
C GLY G 428 11.67 -3.36 35.14
N MET G 429 12.08 -2.12 35.35
CA MET G 429 11.79 -1.04 34.38
C MET G 429 11.97 -1.56 32.94
N VAL G 430 13.14 -2.10 32.60
CA VAL G 430 13.39 -2.65 31.24
C VAL G 430 12.44 -3.82 30.98
N ARG G 431 12.18 -4.64 31.98
CA ARG G 431 11.22 -5.69 31.72
C ARG G 431 9.84 -5.10 31.39
N ILE G 432 9.38 -4.16 32.22
CA ILE G 432 8.06 -3.56 32.05
C ILE G 432 7.92 -2.90 30.68
N LEU G 433 8.97 -2.31 30.11
CA LEU G 433 8.80 -1.55 28.82
C LEU G 433 9.04 -2.45 27.61
N MET G 434 9.88 -3.46 27.76
CA MET G 434 10.26 -4.23 26.57
C MET G 434 9.41 -5.48 26.40
N GLN G 435 8.77 -5.97 27.45
CA GLN G 435 8.02 -7.23 27.33
C GLN G 435 6.64 -7.16 27.99
N THR G 436 6.30 -6.10 28.73
CA THR G 436 4.99 -6.14 29.40
C THR G 436 3.95 -5.51 28.51
N LYS G 437 2.70 -5.93 28.63
CA LYS G 437 1.62 -5.39 27.78
C LYS G 437 1.43 -3.91 28.08
N GLU G 438 1.88 -3.45 29.24
CA GLU G 438 1.80 -2.00 29.54
C GLU G 438 2.85 -1.29 28.70
N GLY G 439 4.01 -1.91 28.56
CA GLY G 439 5.07 -1.32 27.72
C GLY G 439 4.61 -1.19 26.29
N LYS G 440 3.86 -2.17 25.80
CA LYS G 440 3.35 -2.07 24.44
C LYS G 440 2.33 -0.93 24.31
N ARG G 441 1.54 -0.70 25.37
CA ARG G 441 0.60 0.40 25.38
C ARG G 441 1.33 1.74 25.32
N ILE G 442 2.42 1.85 26.07
CA ILE G 442 3.25 3.05 26.08
C ILE G 442 3.83 3.29 24.70
N LYS G 443 4.37 2.22 24.10
CA LYS G 443 4.89 2.25 22.74
C LYS G 443 3.86 2.79 21.75
N GLU G 444 2.63 2.28 21.83
CA GLU G 444 1.58 2.70 20.93
C GLU G 444 1.27 4.19 21.06
N LYS G 445 1.33 4.72 22.29
CA LYS G 445 1.18 6.15 22.50
C LYS G 445 2.32 6.93 21.82
N ALA G 446 3.55 6.42 21.94
CA ALA G 446 4.70 7.05 21.30
C ALA G 446 4.58 7.09 19.78
N LYS G 447 4.00 6.03 19.20
CA LYS G 447 3.72 6.01 17.77
C LYS G 447 2.71 7.08 17.37
N LYS G 448 1.68 7.29 18.21
CA LYS G 448 0.70 8.33 17.97
C LYS G 448 1.38 9.70 17.97
N LEU G 449 2.23 9.94 18.96
CA LEU G 449 3.04 11.14 19.03
C LEU G 449 3.85 11.32 17.75
N LYS G 450 4.51 10.24 17.30
CA LYS G 450 5.26 10.26 16.05
C LYS G 450 4.41 10.81 14.91
N LYS G 451 3.23 10.20 14.72
CA LYS G 451 2.35 10.56 13.63
C LYS G 451 1.94 12.03 13.70
N SER G 452 1.59 12.50 14.91
CA SER G 452 1.19 13.89 15.10
C SER G 452 2.32 14.86 14.76
N ALA G 453 3.55 14.45 15.11
CA ALA G 453 4.74 15.22 14.76
C ALA G 453 4.91 15.31 13.24
N GLU G 454 4.78 14.16 12.56
CA GLU G 454 4.81 14.12 11.11
C GLU G 454 3.80 15.08 10.49
N ASN G 455 2.59 15.09 11.06
CA ASN G 455 1.50 15.91 10.54
C ASN G 455 1.71 17.40 10.81
N ALA G 456 2.48 17.71 11.86
CA ALA G 456 2.86 19.10 12.10
C ALA G 456 3.84 19.68 11.09
N LEU G 457 4.89 18.93 10.74
CA LEU G 457 5.89 19.42 9.80
C LEU G 457 5.49 19.29 8.34
N SER G 458 4.33 18.67 8.08
CA SER G 458 3.83 18.53 6.73
C SER G 458 3.21 19.83 6.26
N ASP G 459 3.08 20.01 4.95
CA ASP G 459 2.39 21.16 4.39
C ASP G 459 1.01 21.31 5.03
N GLY G 460 0.68 22.53 5.46
CA GLY G 460 -0.60 22.76 6.14
C GLY G 460 -0.56 22.24 7.57
N GLY G 461 0.64 22.08 8.12
CA GLY G 461 0.80 21.59 9.51
C GLY G 461 1.14 22.73 10.45
N SER G 462 0.76 22.60 11.73
CA SER G 462 1.01 23.68 12.73
C SER G 462 2.42 24.26 12.59
N SER G 463 3.46 23.42 12.72
CA SER G 463 4.85 23.92 12.66
C SER G 463 5.14 24.53 11.29
N TYR G 464 4.91 23.77 10.22
CA TYR G 464 5.07 24.32 8.89
C TYR G 464 4.46 25.71 8.83
N ASN G 465 3.20 25.81 9.29
CA ASN G 465 2.50 27.08 9.27
C ASN G 465 3.19 28.13 10.15
N SER G 466 3.67 27.72 11.33
CA SER G 466 4.38 28.63 12.21
C SER G 466 5.57 29.29 11.53
N ILE G 467 6.33 28.50 10.76
CA ILE G 467 7.47 29.03 10.04
C ILE G 467 7.02 30.07 9.02
N CYS G 468 5.96 29.76 8.28
CA CYS G 468 5.42 30.68 7.29
C CYS G 468 4.96 31.98 7.92
N GLU G 469 4.38 31.91 9.12
CA GLU G 469 3.97 33.10 9.85
C GLU G 469 5.19 33.90 10.30
N LEU G 470 6.28 33.18 10.63
CA LEU G 470 7.54 33.84 10.95
C LEU G 470 8.04 34.63 9.73
N VAL G 471 8.15 33.95 8.58
CA VAL G 471 8.64 34.61 7.37
C VAL G 471 7.75 35.80 7.02
N LYS G 472 6.44 35.70 7.31
CA LYS G 472 5.54 36.82 7.09
C LYS G 472 5.89 37.97 8.02
N ASP G 473 6.17 37.66 9.29
CA ASP G 473 6.58 38.69 10.25
C ASP G 473 7.86 39.39 9.80
N ILE G 474 8.83 38.62 9.30
CA ILE G 474 10.07 39.19 8.82
C ILE G 474 9.91 40.14 7.64
N ARG G 475 9.10 39.71 6.67
CA ARG G 475 8.74 40.61 5.56
C ARG G 475 7.79 41.63 6.19
N SER G 476 7.51 42.75 5.53
CA SER G 476 6.68 43.82 6.14
C SER G 476 7.47 44.47 7.27
N ARG G 477 8.18 43.70 8.09
CA ARG G 477 9.05 44.30 9.13
C ARG G 477 9.95 44.93 8.06
N GLU G 478 9.86 46.24 7.87
CA GLU G 478 10.82 46.99 7.03
C GLU G 478 10.46 48.38 7.60
N LEU G 479 11.39 49.34 7.57
CA LEU G 479 11.15 50.69 8.12
C LEU G 479 12.49 51.33 8.55
C1 U2F H . 16.20 -50.22 -29.77
O1 U2F H . 14.93 -50.37 -30.36
PB U2F H . 13.66 -50.94 -29.59
O1B U2F H . 13.79 -50.80 -28.11
O2B U2F H . 12.44 -50.34 -30.19
O3A U2F H . 13.71 -52.47 -30.04
PA U2F H . 13.95 -53.86 -29.31
O1A U2F H . 15.40 -54.08 -29.13
O2A U2F H . 13.16 -54.90 -30.02
O5' U2F H . 13.26 -53.57 -27.91
C5' U2F H . 11.83 -53.41 -27.89
C4' U2F H . 11.25 -54.25 -26.80
O4' U2F H . 9.82 -53.99 -26.70
C1' U2F H . 9.09 -55.12 -27.13
C2' U2F H . 10.09 -56.07 -27.79
C3' U2F H . 11.36 -55.77 -27.01
O3' U2F H . 11.38 -56.52 -25.81
O2' U2F H . 9.61 -57.37 -27.59
N1 U2F H . 8.06 -54.68 -28.08
C6' U2F H . 6.89 -55.41 -28.09
O6' U2F H . 6.69 -56.35 -27.34
N3 U2F H . 5.95 -54.98 -28.99
C7' U2F H . 6.06 -53.93 -29.87
O7' U2F H . 5.12 -53.67 -30.63
C8' U2F H . 7.31 -53.24 -29.81
C9' U2F H . 8.25 -53.63 -28.94
C2 U2F H . 17.27 -50.57 -30.77
F1 U2F H . 16.71 -51.33 -31.82
C3 U2F H . 18.34 -51.40 -30.12
O3 U2F H . 19.48 -51.41 -30.97
C4 U2F H . 18.71 -50.78 -28.78
O4 U2F H . 19.66 -51.61 -28.12
C5 U2F H . 17.49 -50.69 -27.88
C6 U2F H . 17.24 -49.30 -27.36
O6 U2F H . 18.01 -48.33 -28.07
O5 U2F H . 16.34 -51.04 -28.64
CAA T83 I . 18.60 -44.97 -27.40
CAD T83 I . 24.86 -47.31 -29.97
CAE T83 I . 23.82 -46.49 -30.14
CAF T83 I . 21.58 -47.75 -27.49
CAG T83 I . 21.54 -45.75 -29.44
CAJ T83 I . 20.48 -46.91 -27.61
CAK T83 I . 20.48 -45.87 -28.56
CAL T83 I . 24.85 -48.33 -28.98
CAM T83 I . 22.67 -46.58 -29.32
CAN T83 I . 22.65 -47.55 -28.34
OAB T83 I . 25.72 -49.12 -28.76
OAC T83 I . 19.52 -47.20 -26.70
OAH T83 I . 19.32 -45.14 -28.61
OAI T83 I . 23.73 -48.41 -28.19
C1 U2F J . 30.25 -7.51 -27.77
O1 U2F J . 31.45 -8.10 -27.27
PB U2F J . 32.78 -8.19 -28.29
O1B U2F J . 34.05 -8.13 -27.49
O2B U2F J . 32.70 -9.46 -29.13
O3A U2F J . 32.70 -6.92 -29.30
PA U2F J . 32.87 -5.40 -28.73
O1A U2F J . 32.90 -5.45 -27.20
O2A U2F J . 31.80 -4.51 -29.28
O5' U2F J . 34.36 -4.82 -29.23
C5' U2F J . 35.57 -5.41 -28.69
C4' U2F J . 36.03 -4.71 -27.48
O4' U2F J . 37.52 -5.29 -27.05
C1' U2F J . 38.46 -4.54 -27.54
C2' U2F J . 37.69 -3.27 -28.17
C3' U2F J . 36.26 -3.38 -27.66
O3' U2F J . 36.14 -2.63 -26.38
O2' U2F J . 38.22 -2.15 -27.71
N1 U2F J . 39.30 -5.28 -28.51
C6' U2F J . 40.60 -5.04 -28.65
O6' U2F J . 41.11 -4.16 -28.02
N3 U2F J . 41.39 -5.73 -29.49
C7' U2F J . 40.91 -6.71 -30.22
O7' U2F J . 41.71 -7.43 -31.11
C8' U2F J . 39.56 -7.02 -30.12
C9' U2F J . 38.78 -6.28 -29.24
C2 U2F J . 29.92 -6.23 -27.06
F1 U2F J . 30.75 -6.08 -25.87
C3 U2F J . 28.50 -6.16 -26.70
O3 U2F J . 28.13 -4.81 -26.20
C4 U2F J . 27.67 -6.50 -27.87
O4 U2F J . 26.30 -6.32 -27.50
C5 U2F J . 27.86 -7.98 -28.30
C6 U2F J . 27.95 -8.10 -29.73
O6 U2F J . 28.64 -9.29 -29.97
O5 U2F J . 29.16 -8.50 -27.67
CAA T83 K . 20.48 -7.50 -27.03
CAD T83 K . 25.13 -12.92 -26.24
CAE T83 K . 23.90 -12.57 -26.62
CAF T83 K . 23.96 -9.00 -25.62
CAG T83 K . 22.15 -10.78 -26.80
CAJ T83 K . 22.70 -8.57 -26.00
CAK T83 K . 21.79 -9.45 -26.63
CAL T83 K . 26.02 -11.99 -25.65
CAM T83 K . 23.43 -11.22 -26.44
CAN T83 K . 24.30 -10.31 -25.85
OAB T83 K . 27.16 -12.22 -25.28
OAC T83 K . 22.48 -7.26 -25.73
OAH T83 K . 20.57 -8.92 -26.92
OAI T83 K . 25.57 -10.70 -25.46
C1 U2F L . -27.41 -8.78 -9.17
O1 U2F L . -27.57 -7.98 -10.33
PB U2F L . -26.62 -6.65 -10.73
O1B U2F L . -25.23 -6.72 -10.12
O2B U2F L . -26.46 -6.67 -12.23
O3A U2F L . -27.40 -5.28 -10.25
PA U2F L . -28.19 -4.25 -11.28
O1A U2F L . -29.30 -3.47 -10.58
O2A U2F L . -28.78 -5.03 -12.40
O5' U2F L . -27.07 -3.16 -11.87
C5' U2F L . -25.81 -3.69 -12.34
C4' U2F L . -24.93 -4.15 -11.24
O4' U2F L . -23.38 -3.60 -11.47
C1' U2F L . -23.30 -2.46 -10.85
C2' U2F L . -24.73 -2.26 -10.08
C3' U2F L . -25.23 -3.69 -10.01
O3' U2F L . -24.47 -4.46 -8.99
O2' U2F L . -24.62 -1.88 -8.83
N1 U2F L . -22.88 -1.43 -11.83
C6' U2F L . -21.61 -1.03 -11.84
O6' U2F L . -20.82 -1.47 -11.09
N3 U2F L . -21.13 -0.11 -12.66
C7' U2F L . -21.94 0.42 -13.53
O7' U2F L . -21.39 1.37 -14.37
C8' U2F L . -23.27 0.03 -13.60
C9' U2F L . -23.72 -0.91 -12.70
C2 U2F L . -28.20 -8.18 -8.04
F1 U2F L . -29.40 -7.52 -8.55
C3 U2F L . -27.45 -7.22 -7.27
O3 U2F L . -28.31 -6.82 -6.16
C4 U2F L . -26.24 -7.86 -6.73
O4 U2F L . -25.57 -6.95 -5.83
C5 U2F L . -25.23 -8.32 -7.80
C6 U2F L . -24.22 -9.17 -7.22
O6 U2F L . -24.81 -10.06 -6.33
O5 U2F L . -25.98 -9.09 -8.89
CAA T83 M . -30.52 -11.43 -11.34
CAD T83 M . -30.15 -14.04 -4.64
CAE T83 M . -30.96 -13.68 -5.64
CAF T83 M . -28.44 -12.46 -8.06
CAG T83 M . -31.22 -12.72 -7.94
CAJ T83 M . -29.23 -12.07 -9.13
CAK T83 M . -30.63 -12.21 -9.08
CAL T83 M . -28.73 -13.90 -4.73
CAM T83 M . -30.43 -13.13 -6.84
CAN T83 M . -29.06 -12.98 -6.94
OAB T83 M . -27.92 -14.20 -3.89
OAC T83 M . -28.50 -11.57 -10.17
OAH T83 M . -31.31 -11.77 -10.20
OAI T83 M . -28.24 -13.36 -5.90
C1 U2F N . -34.35 28.95 31.26
O1 U2F N . -33.95 29.91 30.28
PB U2F N . -34.14 29.64 28.62
O1B U2F N . -35.59 29.79 28.22
O2B U2F N . -33.28 30.55 27.78
O3A U2F N . -33.66 28.10 28.39
PA U2F N . -33.02 27.54 27.00
O1A U2F N . -33.09 26.04 27.15
O2A U2F N . -31.58 27.92 26.87
O5' U2F N . -34.02 28.08 25.78
C5' U2F N . -33.64 27.87 24.40
C4' U2F N . -34.71 27.09 23.74
O4' U2F N . -35.33 27.96 22.47
C1' U2F N . -34.82 27.50 21.36
C2' U2F N . -33.75 26.39 21.81
C3' U2F N . -34.27 25.94 23.18
O3' U2F N . -35.41 25.00 22.99
O2' U2F N . -33.72 25.37 20.97
N1 U2F N . -34.20 28.61 20.60
C6' U2F N . -34.14 28.60 19.28
O6' U2F N . -34.57 27.68 18.65
N3 U2F N . -33.60 29.61 18.59
C7' U2F N . -33.10 30.65 19.20
O7' U2F N . -32.54 31.69 18.48
C8' U2F N . -33.15 30.72 20.57
C9' U2F N . -33.72 29.65 21.26
C2 U2F N . -33.30 28.87 32.34
F1 U2F N . -32.01 29.29 31.84
C3 U2F N . -33.13 27.56 32.97
O3 U2F N . -34.31 27.21 33.77
C4 U2F N . -32.92 26.42 32.05
O4 U2F N . -31.60 26.53 31.50
C5 U2F N . -33.98 26.32 30.91
C6 U2F N . -34.96 25.29 31.20
O6 U2F N . -35.96 25.77 32.05
O5 U2F N . -34.73 27.65 30.64
CAA T83 O . -36.21 30.77 34.54
CAD T83 O . -32.86 28.04 40.31
CAE T83 O . -33.35 29.15 39.73
CAF T83 O . -34.91 27.62 36.73
CAG T83 O . -34.62 30.18 37.83
CAJ T83 O . -35.43 28.74 36.08
CAK T83 O . -35.27 30.02 36.62
CAL T83 O . -33.02 26.76 39.72
CAM T83 O . -34.07 29.07 38.49
CAN T83 O . -34.23 27.82 37.92
OAB T83 O . -32.62 25.71 40.16
OAC T83 O . -36.07 28.42 34.93
OAH T83 O . -35.85 31.04 35.89
OAI T83 O . -33.72 26.69 38.53
C1 U2F P . 3.35 41.56 -32.59
O1 U2F P . 3.95 42.64 -33.30
PB U2F P . 3.17 43.14 -34.70
O1B U2F P . 4.01 44.19 -35.37
O2B U2F P . 1.78 43.63 -34.36
O3A U2F P . 2.99 41.86 -35.67
PA U2F P . 4.17 40.75 -35.95
O1A U2F P . 3.47 39.81 -36.92
O2A U2F P . 4.59 39.93 -34.79
O5' U2F P . 5.54 41.46 -36.60
C5' U2F P . 5.73 41.33 -38.03
C4' U2F P . 4.44 41.57 -38.67
O4' U2F P . 4.33 43.14 -39.18
C1' U2F P . 3.33 43.11 -40.02
C2' U2F P . 2.84 41.57 -40.04
C3' U2F P . 4.18 40.89 -39.82
O3' U2F P . 3.98 39.43 -39.78
O2' U2F P . 2.04 41.36 -39.01
N1 U2F P . 3.79 43.56 -41.33
C6' U2F P . 4.02 42.74 -42.35
O6' U2F P . 3.90 41.55 -42.27
N3 U2F P . 4.41 43.23 -43.52
C7' U2F P . 4.58 44.53 -43.68
O7' U2F P . 4.99 45.02 -44.89
C8' U2F P . 4.35 45.44 -42.66
C9' U2F P . 3.94 44.89 -41.47
C2 U2F P . 2.95 42.02 -31.22
F1 U2F P . 4.12 42.53 -30.51
C3 U2F P . 2.36 40.91 -30.49
O3 U2F P . 1.06 40.56 -31.09
C4 U2F P . 3.26 39.74 -30.45
O4 U2F P . 4.51 40.16 -29.88
C5 U2F P . 3.68 39.16 -31.83
C6 U2F P . 2.62 38.53 -32.61
O6 U2F P . 1.60 38.02 -31.80
O5 U2F P . 4.25 40.40 -32.55
C1 U2F Q . -12.27 -22.59 41.98
O1 U2F Q . -11.46 -22.91 40.83
PB U2F Q . -9.82 -23.27 41.02
O1B U2F Q . -9.64 -24.19 42.21
O2B U2F Q . -9.21 -23.96 39.84
O3A U2F Q . -9.02 -21.86 41.29
PA U2F Q . -8.97 -20.60 40.23
O1A U2F Q . -10.27 -19.82 40.17
O2A U2F Q . -8.65 -21.12 38.86
O5' U2F Q . -7.77 -19.58 40.75
C5' U2F Q . -6.42 -19.99 40.40
C4' U2F Q . -5.46 -19.11 41.06
O4' U2F Q . -3.99 -19.90 41.13
C1' U2F Q . -3.16 -19.31 40.33
C2' U2F Q . -4.01 -18.23 39.53
C3' U2F Q . -5.26 -17.96 40.38
O3' U2F Q . -5.08 -16.83 41.34
O2' U2F Q . -3.26 -17.15 39.38
N1 U2F Q . -2.53 -20.27 39.41
C6' U2F Q . -3.15 -21.37 39.03
O6' U2F Q . -4.24 -21.61 39.42
N3 U2F Q . -2.61 -22.27 38.21
C7' U2F Q . -1.40 -22.08 37.75
O7' U2F Q . -0.82 -23.01 36.89
C8' U2F Q . -0.70 -20.92 38.14
C9' U2F Q . -1.30 -20.01 38.98
C2 U2F Q . -13.58 -21.97 41.61
F1 U2F Q . -14.13 -22.60 40.43
C3 U2F Q . -13.46 -20.54 41.37
O3 U2F Q . -14.73 -20.01 40.84
C4 U2F Q . -13.10 -19.84 42.62
O4 U2F Q . -13.09 -18.42 42.41
C5 U2F Q . -11.68 -20.27 43.12
C6 U2F Q . -11.54 -19.92 44.52
O6 U2F Q . -10.24 -19.44 44.75
O5 U2F Q . -11.45 -21.79 42.93
CAA T83 R . -14.55 -24.91 45.57
CAD T83 R . -21.32 -22.94 44.18
CAE T83 R . -20.47 -23.97 44.33
CAF T83 R . -17.29 -22.09 44.67
CAG T83 R . -18.12 -24.77 44.67
CAJ T83 R . -16.37 -23.11 44.83
CAK T83 R . -16.79 -24.46 44.86
CAL T83 R . -20.86 -21.60 44.18
CAM T83 R . -19.07 -23.75 44.51
CAN T83 R . -18.62 -22.43 44.51
OAB T83 R . -21.55 -20.60 44.06
OAC T83 R . -15.10 -22.66 44.99
OAH T83 R . -15.78 -25.37 45.02
OAI T83 R . -19.51 -21.38 44.35
C1 U2F S . 20.37 18.71 25.82
O1 U2F S . 20.85 17.38 25.80
PB U2F S . 22.44 16.89 25.51
O1B U2F S . 23.18 17.86 24.63
O2B U2F S . 23.21 16.69 26.81
O3A U2F S . 22.30 15.45 24.76
PA U2F S . 20.98 15.05 23.85
O1A U2F S . 19.66 15.30 24.55
O2A U2F S . 21.05 13.58 23.57
O5' U2F S . 20.99 15.93 22.41
C5' U2F S . 22.20 16.39 21.76
C4' U2F S . 22.67 15.47 20.69
O4' U2F S . 23.69 14.33 21.34
C1' U2F S . 23.62 13.35 20.50
C2' U2F S . 22.03 13.30 20.23
C3' U2F S . 21.66 14.79 20.09
O3' U2F S . 21.57 15.23 18.66
O2' U2F S . 21.72 12.59 19.14
N1 U2F S . 24.25 12.11 21.02
C6' U2F S . 24.57 11.13 20.18
O6' U2F S . 24.33 11.26 19.04
N3 U2F S . 25.18 10.00 20.58
C7' U2F S . 25.48 9.81 21.85
O7' U2F S . 26.10 8.64 22.27
C8' U2F S . 25.16 10.80 22.76
C9' U2F S . 24.54 11.97 22.31
C2 U2F S . 20.40 19.32 24.47
F1 U2F S . 20.59 18.28 23.46
C3 U2F S . 21.44 20.33 24.30
O3 U2F S . 21.34 20.91 22.94
C4 U2F S . 21.38 21.42 25.33
O4 U2F S . 22.72 21.94 25.45
C5 U2F S . 20.91 20.98 26.75
C6 U2F S . 19.53 21.33 26.99
O6 U2F S . 19.06 20.53 28.03
O5 U2F S . 21.11 19.47 26.85
#